data_7RZ4
#
_entry.id   7RZ4
#
_cell.length_a   1.00
_cell.length_b   1.00
_cell.length_c   1.00
_cell.angle_alpha   90.00
_cell.angle_beta   90.00
_cell.angle_gamma   90.00
#
_symmetry.space_group_name_H-M   'P 1'
#
loop_
_entity.id
_entity.type
_entity.pdbx_description
1 polymer 'Glutamate receptor 2'
2 non-polymer '{[7-morpholin-4-yl-2,3-dioxo-6-(trifluoromethyl)-3,4-dihydroquinoxalin-1(2H)-yl]methyl}phosphonic acid'
3 non-polymer 2-acetamido-2-deoxy-beta-D-glucopyranose
4 non-polymer 1,2-DIOLEOYL-SN-GLYCERO-3-PHOSPHOCHOLINE
#
_entity_poly.entity_id   1
_entity_poly.type   'polypeptide(L)'
_entity_poly.pdbx_seq_one_letter_code
;NSIQIGGLFPRGADQEYSAFRVGMVQFSTSEFRLTPHIDNLEVANSFAVTNAFCSQFSRGVYAIFGFYDKKSVNTITSFC
GTLHVSFITPSFPTDGTHPFVIQMRPDLKGALLSLIEYYQWDKFAYLYDSDRGLSTLQAVLDSAAEKKWQVTAINVGNIN
NDKKDETYRSLFQDLELKKERRVILDCERDKVNDIVDQVITIGKHVKGYHYIIANLGFTDGDLLKIQFGGAEVSGFQIVD
YDDSLVSKFIERWSTLEEKEYPGAHTATIKYTSALTYDAVQVMTEAFRNLRKQRIEISRRGNAGDCLANPAVPWGQGVEI
ERALKQVQVEGLSGNIKFDQNGKRINYTINIMELKTNGPRKIGYWSEVDKMVLTEDDTSGLEQKTVVVTTILESPYVMMK
KNHEMLEGNERYEGYCVDLAAEIAKHCGFKYKLTIVGDGKYGARDADTKIWNGMVGELVYGKADIAIAPLTITLVREEVI
DFSKPFMSLGISIMIKKPQKSKPGVFSFLDPLAYEIWMCIVFAYIGVSVVLFLVSRFSPYEWHTEEFEDGRETQSSESTN
EFGIFNSLWFSLGAFMQQGCDISPRSLSGRIVGGVWWFFTLIIISSYTANLAAFLTVERMVSPIESAEDLSKQTEIAYGT
LDSGSTKEFFRRSKIAVFDKMWTYMRSAEPSVFVRTTAEGVARVRKSKGKYAYLLESTMNEYIEQRKPCDTMKVGGNLDS
KGYGIATPKGSSLGTPVNLAVLKLSEQGVLDKLKNKWWYDKGECGAKDSGSKEKTSALSLSNVAGVFYILVGGLGLAMLV
ALIEFCYKSRAEAKRMKGTGSACGRKALTLLSSVFAVCGLGLLGIAVSTDYWLYLEEGIILPQNQSTEVKMSLHSGLWRV
CFLAGEERGRCFTIEYVMPMNSQMTSESTVNVLKMIRSATPFPLVSLFFMFIGFILSNIGHIRPHRTILAFVSGIFFILS
GLSLVVGLVLYISSINDEMLNRTKDAETYFNYKYGWSFAFAAISFLLTESAGVMSVYLFMKRYTAETGGLVPRGSAAA
;
_entity_poly.pdbx_strand_id   A,B,C,D
#
# COMPACT_ATOMS: atom_id res chain seq x y z
N ASN A 1 -12.62 -97.40 18.21
CA ASN A 1 -12.03 -96.18 18.76
C ASN A 1 -12.52 -94.97 17.96
N SER A 2 -13.53 -94.29 18.49
CA SER A 2 -14.11 -93.12 17.86
C SER A 2 -14.08 -91.96 18.85
N ILE A 3 -13.48 -90.84 18.44
CA ILE A 3 -13.34 -89.70 19.34
C ILE A 3 -14.62 -88.88 19.34
N GLN A 4 -14.77 -88.03 20.35
CA GLN A 4 -16.00 -87.27 20.57
C GLN A 4 -15.72 -85.77 20.50
N ILE A 5 -16.45 -85.07 19.64
CA ILE A 5 -16.39 -83.62 19.55
C ILE A 5 -17.79 -83.05 19.69
N GLY A 6 -17.86 -81.76 20.00
CA GLY A 6 -19.12 -81.08 20.24
C GLY A 6 -19.35 -79.98 19.22
N GLY A 7 -20.62 -79.69 18.94
CA GLY A 7 -20.95 -78.67 17.97
C GLY A 7 -21.95 -77.64 18.47
N LEU A 8 -21.61 -76.36 18.35
CA LEU A 8 -22.51 -75.26 18.70
C LEU A 8 -22.91 -74.55 17.41
N PHE A 9 -24.11 -74.85 16.91
CA PHE A 9 -24.58 -74.29 15.66
C PHE A 9 -25.76 -73.34 15.91
N PRO A 10 -25.72 -72.13 15.37
CA PRO A 10 -26.85 -71.21 15.53
C PRO A 10 -28.06 -71.68 14.73
N ARG A 11 -29.23 -71.23 15.17
CA ARG A 11 -30.46 -71.55 14.45
C ARG A 11 -30.52 -70.77 13.15
N GLY A 12 -30.84 -71.46 12.06
CA GLY A 12 -30.85 -70.87 10.74
C GLY A 12 -29.57 -71.05 9.95
N ALA A 13 -28.61 -71.81 10.46
CA ALA A 13 -27.36 -72.09 9.76
C ALA A 13 -27.45 -73.37 8.96
N ASP A 14 -28.30 -73.35 7.92
CA ASP A 14 -28.60 -74.57 7.16
C ASP A 14 -27.42 -74.97 6.28
N GLN A 15 -26.80 -73.99 5.61
CA GLN A 15 -25.71 -74.31 4.69
C GLN A 15 -24.43 -74.67 5.45
N GLU A 16 -24.23 -74.07 6.62
CA GLU A 16 -23.08 -74.41 7.43
C GLU A 16 -23.20 -75.81 8.01
N TYR A 17 -24.41 -76.23 8.37
CA TYR A 17 -24.62 -77.59 8.86
C TYR A 17 -24.53 -78.60 7.73
N SER A 18 -24.96 -78.21 6.52
CA SER A 18 -24.87 -79.12 5.38
C SER A 18 -23.43 -79.30 4.94
N ALA A 19 -22.63 -78.24 4.97
CA ALA A 19 -21.22 -78.34 4.61
C ALA A 19 -20.43 -79.09 5.67
N PHE A 20 -20.93 -79.12 6.91
CA PHE A 20 -20.28 -79.89 7.96
C PHE A 20 -20.42 -81.38 7.72
N ARG A 21 -21.58 -81.82 7.24
CA ARG A 21 -21.81 -83.25 7.00
C ARG A 21 -21.03 -83.74 5.79
N VAL A 22 -20.96 -82.93 4.73
CA VAL A 22 -20.22 -83.31 3.52
C VAL A 22 -18.72 -83.38 3.82
N GLY A 23 -18.24 -82.48 4.68
CA GLY A 23 -16.84 -82.54 5.09
C GLY A 23 -16.55 -83.73 5.99
N MET A 24 -17.55 -84.18 6.76
CA MET A 24 -17.36 -85.34 7.61
C MET A 24 -17.26 -86.63 6.80
N VAL A 25 -18.01 -86.70 5.70
CA VAL A 25 -18.02 -87.91 4.87
C VAL A 25 -16.69 -88.06 4.12
N GLN A 26 -16.25 -86.97 3.48
CA GLN A 26 -15.11 -87.08 2.56
C GLN A 26 -13.79 -87.26 3.30
N PHE A 27 -13.66 -86.67 4.48
CA PHE A 27 -12.42 -86.80 5.24
C PHE A 27 -12.45 -87.95 6.23
N SER A 28 -13.47 -88.82 6.17
CA SER A 28 -13.54 -89.97 7.06
C SER A 28 -12.45 -90.98 6.74
N THR A 29 -11.96 -91.65 7.78
CA THR A 29 -10.95 -92.69 7.65
C THR A 29 -11.50 -93.99 8.23
N SER A 30 -10.99 -95.11 7.69
CA SER A 30 -11.36 -96.41 8.24
C SER A 30 -10.69 -96.66 9.59
N GLU A 31 -9.54 -96.02 9.83
CA GLU A 31 -8.82 -96.22 11.08
C GLU A 31 -9.53 -95.53 12.25
N PHE A 32 -9.73 -94.22 12.15
CA PHE A 32 -10.34 -93.44 13.21
C PHE A 32 -11.53 -92.66 12.66
N ARG A 33 -12.59 -92.54 13.45
CA ARG A 33 -13.81 -91.88 13.05
C ARG A 33 -14.17 -90.79 14.05
N LEU A 34 -14.68 -89.68 13.53
CA LEU A 34 -15.09 -88.54 14.34
C LEU A 34 -16.60 -88.65 14.59
N THR A 35 -17.00 -88.50 15.86
CA THR A 35 -18.41 -88.55 16.21
C THR A 35 -18.87 -87.16 16.64
N PRO A 36 -19.71 -86.50 15.86
CA PRO A 36 -20.17 -85.16 16.26
C PRO A 36 -21.44 -85.18 17.11
N HIS A 37 -21.46 -84.41 18.18
CA HIS A 37 -22.66 -84.17 18.96
C HIS A 37 -23.08 -82.72 18.71
N ILE A 38 -24.26 -82.53 18.11
CA ILE A 38 -24.69 -81.24 17.59
C ILE A 38 -25.78 -80.68 18.48
N ASP A 39 -25.62 -79.42 18.87
CA ASP A 39 -26.62 -78.69 19.64
C ASP A 39 -26.95 -77.39 18.92
N ASN A 40 -28.21 -76.97 19.00
CA ASN A 40 -28.69 -75.74 18.36
C ASN A 40 -29.05 -74.73 19.45
N LEU A 41 -28.44 -73.55 19.36
CA LEU A 41 -28.61 -72.51 20.36
C LEU A 41 -28.71 -71.15 19.69
N GLU A 42 -29.30 -70.18 20.39
CA GLU A 42 -29.22 -68.79 19.96
C GLU A 42 -27.91 -68.21 20.45
N VAL A 43 -27.19 -67.54 19.56
CA VAL A 43 -25.79 -67.21 19.81
C VAL A 43 -25.69 -65.92 20.62
N ALA A 44 -26.74 -65.09 20.60
CA ALA A 44 -26.67 -63.79 21.26
C ALA A 44 -26.84 -63.91 22.77
N ASN A 45 -27.64 -64.87 23.21
CA ASN A 45 -27.93 -65.02 24.63
C ASN A 45 -26.75 -65.70 25.33
N SER A 46 -26.21 -65.06 26.37
CA SER A 46 -25.05 -65.63 27.05
C SER A 46 -25.44 -66.74 28.01
N PHE A 47 -26.70 -66.75 28.46
CA PHE A 47 -27.18 -67.83 29.31
C PHE A 47 -27.25 -69.15 28.55
N ALA A 48 -27.69 -69.11 27.29
CA ALA A 48 -27.82 -70.33 26.50
C ALA A 48 -26.47 -70.88 26.08
N VAL A 49 -25.48 -70.01 25.87
CA VAL A 49 -24.13 -70.45 25.52
C VAL A 49 -23.48 -71.15 26.70
N THR A 50 -23.75 -70.66 27.92
CA THR A 50 -23.15 -71.23 29.13
C THR A 50 -23.67 -72.63 29.39
N ASN A 51 -24.95 -72.88 29.10
CA ASN A 51 -25.54 -74.20 29.32
C ASN A 51 -24.97 -75.24 28.37
N ALA A 52 -24.88 -74.90 27.08
CA ALA A 52 -24.45 -75.88 26.10
C ALA A 52 -22.97 -76.18 26.19
N PHE A 53 -22.19 -75.23 26.73
CA PHE A 53 -20.76 -75.48 26.94
C PHE A 53 -20.54 -76.49 28.06
N CYS A 54 -21.28 -76.37 29.16
CA CYS A 54 -21.04 -77.21 30.32
C CYS A 54 -21.64 -78.60 30.13
N SER A 55 -22.72 -78.70 29.35
CA SER A 55 -23.34 -80.00 29.08
C SER A 55 -22.42 -80.88 28.23
N GLN A 56 -21.77 -80.28 27.23
CA GLN A 56 -20.81 -81.04 26.44
C GLN A 56 -19.52 -81.28 27.21
N PHE A 57 -19.21 -80.42 28.18
CA PHE A 57 -18.05 -80.64 29.03
C PHE A 57 -18.27 -81.81 29.97
N SER A 58 -19.52 -82.05 30.36
CA SER A 58 -19.85 -83.23 31.15
C SER A 58 -19.74 -84.49 30.31
N ARG A 59 -20.04 -84.39 29.01
CA ARG A 59 -19.95 -85.55 28.11
C ARG A 59 -18.52 -85.98 27.86
N GLY A 60 -17.54 -85.12 28.13
CA GLY A 60 -16.15 -85.48 27.91
C GLY A 60 -15.73 -85.40 26.47
N VAL A 61 -15.76 -84.19 25.90
CA VAL A 61 -15.42 -83.95 24.50
C VAL A 61 -13.98 -83.46 24.44
N TYR A 62 -13.32 -83.73 23.31
CA TYR A 62 -11.94 -83.28 23.14
C TYR A 62 -11.88 -81.83 22.68
N ALA A 63 -12.63 -81.48 21.64
CA ALA A 63 -12.62 -80.14 21.10
C ALA A 63 -14.06 -79.74 20.74
N ILE A 64 -14.28 -78.43 20.68
CA ILE A 64 -15.60 -77.85 20.46
C ILE A 64 -15.56 -76.95 19.24
N PHE A 65 -16.46 -77.18 18.29
CA PHE A 65 -16.61 -76.39 17.09
C PHE A 65 -17.87 -75.55 17.20
N GLY A 66 -17.75 -74.24 17.02
CA GLY A 66 -18.92 -73.40 17.20
C GLY A 66 -18.72 -72.00 16.67
N PHE A 67 -19.80 -71.23 16.72
CA PHE A 67 -19.81 -69.82 16.33
C PHE A 67 -20.05 -68.98 17.57
N TYR A 68 -19.51 -67.76 17.58
CA TYR A 68 -19.82 -66.80 18.65
C TYR A 68 -20.13 -65.43 18.06
N ASP A 69 -20.87 -64.65 18.84
CA ASP A 69 -21.25 -63.28 18.50
C ASP A 69 -20.44 -62.33 19.37
N LYS A 70 -20.70 -61.03 19.26
CA LYS A 70 -20.03 -60.05 20.12
C LYS A 70 -20.54 -60.13 21.55
N LYS A 71 -21.75 -60.67 21.75
CA LYS A 71 -22.29 -60.77 23.09
C LYS A 71 -21.67 -61.93 23.87
N SER A 72 -21.33 -63.02 23.19
CA SER A 72 -20.83 -64.22 23.83
C SER A 72 -19.36 -64.49 23.54
N VAL A 73 -18.63 -63.52 23.01
CA VAL A 73 -17.20 -63.71 22.78
C VAL A 73 -16.44 -63.79 24.10
N ASN A 74 -16.92 -63.06 25.12
CA ASN A 74 -16.22 -63.02 26.40
C ASN A 74 -16.48 -64.28 27.20
N THR A 75 -17.63 -64.92 26.99
CA THR A 75 -17.95 -66.15 27.71
C THR A 75 -17.09 -67.31 27.23
N ILE A 76 -16.86 -67.39 25.91
CA ILE A 76 -16.15 -68.52 25.33
C ILE A 76 -14.67 -68.49 25.68
N THR A 77 -14.04 -67.32 25.51
CA THR A 77 -12.59 -67.21 25.70
C THR A 77 -12.21 -67.33 27.17
N SER A 78 -13.14 -66.98 28.08
CA SER A 78 -12.87 -67.12 29.50
C SER A 78 -13.01 -68.57 29.96
N PHE A 79 -14.03 -69.27 29.46
CA PHE A 79 -14.24 -70.66 29.85
C PHE A 79 -13.17 -71.57 29.28
N CYS A 80 -12.85 -71.42 27.99
CA CYS A 80 -11.87 -72.29 27.35
C CYS A 80 -10.46 -72.01 27.85
N GLY A 81 -10.20 -70.77 28.28
CA GLY A 81 -8.91 -70.46 28.86
C GLY A 81 -8.70 -71.09 30.23
N THR A 82 -9.78 -71.13 31.03
CA THR A 82 -9.66 -71.68 32.37
C THR A 82 -9.70 -73.21 32.35
N LEU A 83 -10.66 -73.79 31.64
CA LEU A 83 -10.86 -75.23 31.64
C LEU A 83 -10.00 -75.95 30.61
N HIS A 84 -9.21 -75.22 29.82
CA HIS A 84 -8.15 -75.76 28.96
C HIS A 84 -8.70 -76.70 27.88
N VAL A 85 -9.76 -76.26 27.21
CA VAL A 85 -10.35 -76.98 26.08
C VAL A 85 -10.18 -76.13 24.82
N SER A 86 -9.93 -76.78 23.70
CA SER A 86 -9.71 -76.07 22.46
C SER A 86 -11.03 -75.70 21.80
N PHE A 87 -11.06 -74.53 21.15
CA PHE A 87 -12.24 -74.01 20.49
C PHE A 87 -11.87 -73.58 19.08
N ILE A 88 -12.49 -74.21 18.09
CA ILE A 88 -12.20 -73.96 16.68
C ILE A 88 -13.41 -73.25 16.08
N THR A 89 -13.19 -72.08 15.48
CA THR A 89 -14.29 -71.24 15.07
C THR A 89 -14.03 -70.58 13.71
N PRO A 90 -15.06 -70.51 12.86
CA PRO A 90 -14.99 -69.66 11.66
C PRO A 90 -15.49 -68.24 11.84
N SER A 91 -15.70 -67.78 13.08
CA SER A 91 -16.21 -66.44 13.33
C SER A 91 -15.08 -65.42 13.24
N PHE A 92 -15.41 -64.18 13.60
CA PHE A 92 -14.45 -63.09 13.50
C PHE A 92 -13.33 -63.27 14.53
N PRO A 93 -12.10 -62.86 14.19
CA PRO A 93 -11.00 -63.01 15.15
C PRO A 93 -11.13 -62.04 16.32
N THR A 94 -10.69 -62.49 17.48
CA THR A 94 -10.75 -61.66 18.67
C THR A 94 -9.64 -60.62 18.66
N ASP A 95 -9.94 -59.46 19.24
CA ASP A 95 -8.93 -58.42 19.41
C ASP A 95 -8.02 -58.76 20.59
N GLY A 96 -6.72 -58.79 20.34
CA GLY A 96 -5.79 -59.28 21.34
C GLY A 96 -5.45 -60.74 21.13
N THR A 97 -4.86 -61.33 22.16
CA THR A 97 -4.47 -62.74 22.12
C THR A 97 -5.22 -63.50 23.22
N HIS A 98 -5.79 -64.64 22.85
CA HIS A 98 -6.44 -65.55 23.79
C HIS A 98 -6.00 -66.97 23.51
N PRO A 99 -5.51 -67.71 24.50
CA PRO A 99 -5.13 -69.11 24.26
C PRO A 99 -6.35 -69.99 24.06
N PHE A 100 -6.09 -71.18 23.50
CA PHE A 100 -7.03 -72.28 23.29
C PHE A 100 -8.16 -71.95 22.33
N VAL A 101 -8.02 -70.90 21.52
CA VAL A 101 -9.02 -70.53 20.52
C VAL A 101 -8.33 -70.55 19.16
N ILE A 102 -8.94 -71.25 18.21
CA ILE A 102 -8.40 -71.39 16.86
C ILE A 102 -9.32 -70.62 15.91
N GLN A 103 -8.83 -69.51 15.38
CA GLN A 103 -9.57 -68.72 14.41
C GLN A 103 -9.31 -69.24 13.01
N MET A 104 -10.38 -69.43 12.24
CA MET A 104 -10.27 -69.89 10.87
C MET A 104 -10.43 -68.77 9.86
N ARG A 105 -10.92 -67.60 10.28
CA ARG A 105 -11.14 -66.47 9.40
C ARG A 105 -9.93 -65.56 9.39
N PRO A 106 -9.40 -65.20 8.23
CA PRO A 106 -8.26 -64.30 8.17
C PRO A 106 -8.65 -62.87 8.53
N ASP A 107 -7.64 -62.05 8.80
CA ASP A 107 -7.88 -60.65 9.13
C ASP A 107 -8.13 -59.85 7.86
N LEU A 108 -8.64 -58.63 8.02
CA LEU A 108 -8.99 -57.80 6.88
C LEU A 108 -8.49 -56.36 7.00
N LYS A 109 -7.90 -55.99 8.14
CA LYS A 109 -7.54 -54.60 8.37
C LYS A 109 -6.38 -54.15 7.50
N GLY A 110 -5.48 -55.07 7.16
CA GLY A 110 -4.41 -54.74 6.23
C GLY A 110 -4.90 -54.58 4.81
N ALA A 111 -5.93 -55.34 4.43
CA ALA A 111 -6.42 -55.29 3.05
C ALA A 111 -7.17 -54.00 2.76
N LEU A 112 -7.88 -53.46 3.75
CA LEU A 112 -8.58 -52.19 3.55
C LEU A 112 -7.60 -51.03 3.42
N LEU A 113 -6.57 -51.00 4.26
CA LEU A 113 -5.66 -49.86 4.27
C LEU A 113 -4.77 -49.87 3.03
N SER A 114 -4.60 -51.02 2.39
CA SER A 114 -3.89 -51.06 1.11
C SER A 114 -4.77 -50.55 -0.02
N LEU A 115 -6.03 -50.98 -0.05
CA LEU A 115 -6.90 -50.65 -1.18
C LEU A 115 -7.33 -49.17 -1.16
N ILE A 116 -7.49 -48.61 0.04
CA ILE A 116 -7.79 -47.18 0.15
C ILE A 116 -6.60 -46.34 -0.31
N GLU A 117 -5.39 -46.76 0.10
CA GLU A 117 -4.18 -46.06 -0.32
C GLU A 117 -3.91 -46.23 -1.82
N TYR A 118 -4.30 -47.37 -2.38
CA TYR A 118 -4.11 -47.61 -3.80
C TYR A 118 -5.02 -46.72 -4.65
N TYR A 119 -6.27 -46.55 -4.23
CA TYR A 119 -7.18 -45.66 -4.93
C TYR A 119 -6.91 -44.19 -4.62
N GLN A 120 -6.03 -43.91 -3.64
CA GLN A 120 -5.60 -42.58 -3.24
C GLN A 120 -6.77 -41.71 -2.79
N TRP A 121 -7.45 -42.12 -1.73
CA TRP A 121 -8.57 -41.38 -1.18
C TRP A 121 -8.10 -40.51 -0.03
N ASP A 122 -8.72 -39.34 0.09
CA ASP A 122 -8.51 -38.47 1.23
C ASP A 122 -9.78 -38.12 1.98
N LYS A 123 -10.94 -38.18 1.34
CA LYS A 123 -12.21 -37.89 1.96
C LYS A 123 -13.24 -38.94 1.56
N PHE A 124 -13.82 -39.62 2.53
CA PHE A 124 -14.81 -40.66 2.27
C PHE A 124 -15.71 -40.82 3.49
N ALA A 125 -16.76 -41.63 3.32
CA ALA A 125 -17.71 -41.92 4.38
C ALA A 125 -17.66 -43.40 4.72
N TYR A 126 -17.75 -43.72 6.01
CA TYR A 126 -17.61 -45.08 6.50
C TYR A 126 -18.90 -45.49 7.19
N LEU A 127 -19.59 -46.49 6.65
CA LEU A 127 -20.82 -47.01 7.21
C LEU A 127 -20.54 -48.37 7.83
N TYR A 128 -20.91 -48.53 9.11
CA TYR A 128 -20.53 -49.72 9.84
C TYR A 128 -21.71 -50.28 10.63
N ASP A 129 -21.66 -51.59 10.83
CA ASP A 129 -22.57 -52.30 11.73
C ASP A 129 -21.75 -52.83 12.89
N SER A 130 -22.36 -52.86 14.06
CA SER A 130 -21.64 -53.07 15.32
C SER A 130 -21.42 -54.53 15.66
N ASP A 131 -21.82 -55.46 14.80
CA ASP A 131 -21.99 -56.85 15.21
C ASP A 131 -20.66 -57.58 15.37
N ARG A 132 -19.66 -57.22 14.58
CA ARG A 132 -18.35 -57.87 14.66
C ARG A 132 -17.38 -57.09 15.54
N GLY A 133 -17.89 -56.24 16.43
CA GLY A 133 -17.04 -55.37 17.21
C GLY A 133 -16.74 -54.08 16.48
N LEU A 134 -15.98 -53.22 17.16
CA LEU A 134 -15.60 -51.93 16.61
C LEU A 134 -14.12 -51.86 16.30
N SER A 135 -13.46 -53.01 16.15
CA SER A 135 -12.01 -53.04 16.00
C SER A 135 -11.59 -52.55 14.62
N THR A 136 -12.46 -52.69 13.62
CA THR A 136 -12.13 -52.21 12.29
C THR A 136 -12.24 -50.69 12.21
N LEU A 137 -13.21 -50.11 12.92
CA LEU A 137 -13.35 -48.65 12.96
C LEU A 137 -12.18 -48.01 13.69
N GLN A 138 -11.66 -48.67 14.72
CA GLN A 138 -10.54 -48.11 15.48
C GLN A 138 -9.25 -48.15 14.66
N ALA A 139 -9.16 -49.07 13.70
CA ALA A 139 -7.99 -49.09 12.81
C ALA A 139 -8.03 -47.94 11.82
N VAL A 140 -9.21 -47.64 11.26
CA VAL A 140 -9.30 -46.63 10.22
C VAL A 140 -9.45 -45.24 10.81
N LEU A 141 -9.66 -45.13 12.12
CA LEU A 141 -9.61 -43.80 12.74
C LEU A 141 -8.21 -43.45 13.20
N ASP A 142 -7.43 -44.43 13.65
CA ASP A 142 -6.05 -44.15 14.05
C ASP A 142 -5.16 -43.93 12.84
N SER A 143 -5.42 -44.64 11.75
CA SER A 143 -4.62 -44.45 10.54
C SER A 143 -5.00 -43.16 9.83
N ALA A 144 -6.22 -42.66 10.06
CA ALA A 144 -6.66 -41.42 9.43
C ALA A 144 -5.93 -40.22 10.00
N ALA A 145 -5.70 -40.23 11.32
CA ALA A 145 -4.97 -39.13 11.96
C ALA A 145 -3.52 -39.10 11.52
N GLU A 146 -2.92 -40.28 11.30
CA GLU A 146 -1.52 -40.36 10.90
C GLU A 146 -1.33 -39.93 9.45
N LYS A 147 -2.28 -40.29 8.58
CA LYS A 147 -2.12 -40.11 7.15
C LYS A 147 -3.04 -39.05 6.54
N LYS A 148 -3.66 -38.20 7.37
CA LYS A 148 -4.48 -37.06 6.95
C LYS A 148 -5.67 -37.48 6.08
N TRP A 149 -6.64 -38.14 6.69
CA TRP A 149 -7.90 -38.47 6.04
C TRP A 149 -9.03 -37.74 6.74
N GLN A 150 -10.14 -37.56 6.02
CA GLN A 150 -11.37 -37.02 6.59
C GLN A 150 -12.44 -38.11 6.53
N VAL A 151 -12.63 -38.80 7.65
CA VAL A 151 -13.49 -39.98 7.72
C VAL A 151 -14.79 -39.58 8.42
N THR A 152 -15.92 -39.80 7.74
CA THR A 152 -17.24 -39.59 8.33
C THR A 152 -17.82 -40.96 8.67
N ALA A 153 -18.08 -41.19 9.96
CA ALA A 153 -18.56 -42.48 10.44
C ALA A 153 -20.01 -42.34 10.89
N ILE A 154 -20.88 -43.16 10.32
CA ILE A 154 -22.31 -43.16 10.64
C ILE A 154 -22.69 -44.58 11.02
N ASN A 155 -23.36 -44.73 12.17
CA ASN A 155 -23.78 -46.03 12.68
C ASN A 155 -25.13 -46.37 12.07
N VAL A 156 -25.15 -47.37 11.18
CA VAL A 156 -26.35 -47.75 10.44
C VAL A 156 -27.03 -48.97 11.06
N GLY A 157 -26.46 -49.55 12.13
CA GLY A 157 -26.92 -50.85 12.60
C GLY A 157 -28.22 -50.80 13.38
N ASN A 158 -28.53 -49.66 13.99
CA ASN A 158 -29.66 -49.56 14.91
C ASN A 158 -30.98 -49.19 14.22
N ILE A 159 -31.06 -49.25 12.90
CA ILE A 159 -32.30 -48.92 12.21
C ILE A 159 -33.28 -50.08 12.37
N ASN A 160 -34.49 -49.75 12.84
CA ASN A 160 -35.53 -50.74 13.05
C ASN A 160 -36.34 -51.02 11.79
N ASN A 161 -37.12 -52.10 11.82
CA ASN A 161 -37.67 -52.68 10.60
C ASN A 161 -38.87 -51.90 10.07
N ASP A 162 -39.54 -51.13 10.93
CA ASP A 162 -40.76 -50.46 10.49
C ASP A 162 -40.45 -49.17 9.72
N LYS A 163 -39.37 -48.47 10.09
CA LYS A 163 -39.05 -47.15 9.57
C LYS A 163 -37.82 -47.17 8.66
N LYS A 164 -37.73 -48.16 7.78
CA LYS A 164 -36.58 -48.32 6.88
C LYS A 164 -36.45 -47.15 5.91
N ASP A 165 -37.49 -46.90 5.11
CA ASP A 165 -37.37 -46.05 3.94
C ASP A 165 -37.23 -44.57 4.32
N GLU A 166 -37.74 -44.20 5.49
CA GLU A 166 -37.53 -42.83 5.96
C GLU A 166 -36.10 -42.62 6.43
N THR A 167 -35.55 -43.58 7.18
CA THR A 167 -34.25 -43.39 7.82
C THR A 167 -33.12 -43.53 6.80
N TYR A 168 -33.24 -44.47 5.86
CA TYR A 168 -32.22 -44.59 4.81
C TYR A 168 -32.24 -43.41 3.86
N ARG A 169 -33.40 -42.75 3.71
CA ARG A 169 -33.43 -41.50 2.96
C ARG A 169 -32.76 -40.38 3.76
N SER A 170 -32.78 -40.48 5.08
CA SER A 170 -32.34 -39.37 5.93
C SER A 170 -30.82 -39.19 5.90
N LEU A 171 -30.06 -40.28 6.00
CA LEU A 171 -28.61 -40.13 6.02
C LEU A 171 -28.05 -39.97 4.61
N PHE A 172 -28.73 -40.51 3.60
CA PHE A 172 -28.24 -40.40 2.23
C PHE A 172 -28.36 -38.97 1.70
N GLN A 173 -29.38 -38.23 2.15
CA GLN A 173 -29.44 -36.82 1.77
C GLN A 173 -28.42 -36.00 2.56
N ASP A 174 -28.09 -36.45 3.78
CA ASP A 174 -27.11 -35.74 4.59
C ASP A 174 -25.71 -35.84 3.99
N LEU A 175 -25.39 -36.98 3.37
CA LEU A 175 -24.15 -37.09 2.62
C LEU A 175 -24.17 -36.24 1.37
N GLU A 176 -25.37 -35.99 0.82
CA GLU A 176 -25.47 -35.23 -0.42
C GLU A 176 -25.24 -33.74 -0.19
N LEU A 177 -25.67 -33.23 0.98
CA LEU A 177 -25.42 -31.82 1.29
C LEU A 177 -23.95 -31.54 1.54
N LYS A 178 -23.22 -32.49 2.12
CA LYS A 178 -21.78 -32.33 2.29
C LYS A 178 -20.98 -32.91 1.13
N LYS A 179 -21.67 -33.47 0.13
CA LYS A 179 -21.09 -33.98 -1.14
C LYS A 179 -20.05 -35.07 -0.90
N GLU A 180 -20.50 -36.19 -0.33
CA GLU A 180 -19.66 -37.37 -0.19
C GLU A 180 -19.88 -38.29 -1.39
N ARG A 181 -18.78 -38.76 -1.97
CA ARG A 181 -18.81 -39.55 -3.19
C ARG A 181 -18.25 -40.96 -3.01
N ARG A 182 -17.62 -41.24 -1.89
CA ARG A 182 -16.89 -42.48 -1.68
C ARG A 182 -17.38 -43.13 -0.38
N VAL A 183 -18.00 -44.29 -0.49
CA VAL A 183 -18.71 -44.93 0.62
C VAL A 183 -18.14 -46.33 0.83
N ILE A 184 -17.78 -46.63 2.07
CA ILE A 184 -17.33 -47.97 2.45
C ILE A 184 -18.45 -48.64 3.24
N LEU A 185 -18.84 -49.84 2.83
CA LEU A 185 -19.90 -50.60 3.49
C LEU A 185 -19.27 -51.71 4.31
N ASP A 186 -19.46 -51.66 5.62
CA ASP A 186 -18.94 -52.68 6.54
C ASP A 186 -20.13 -53.32 7.24
N CYS A 187 -20.73 -54.31 6.60
CA CYS A 187 -21.93 -54.96 7.12
C CYS A 187 -21.93 -56.42 6.69
N GLU A 188 -22.89 -57.17 7.21
CA GLU A 188 -23.11 -58.54 6.77
C GLU A 188 -23.97 -58.54 5.50
N ARG A 189 -24.10 -59.72 4.89
CA ARG A 189 -24.69 -59.81 3.55
C ARG A 189 -26.18 -59.52 3.55
N ASP A 190 -26.84 -59.64 4.70
CA ASP A 190 -28.24 -59.24 4.78
C ASP A 190 -28.38 -57.72 4.78
N LYS A 191 -27.47 -57.02 5.45
CA LYS A 191 -27.56 -55.56 5.51
C LYS A 191 -26.97 -54.92 4.27
N VAL A 192 -25.96 -55.56 3.65
CA VAL A 192 -25.37 -55.04 2.42
C VAL A 192 -26.38 -55.05 1.28
N ASN A 193 -27.10 -56.17 1.13
CA ASN A 193 -28.12 -56.26 0.08
C ASN A 193 -29.31 -55.34 0.36
N ASP A 194 -29.51 -54.95 1.62
CA ASP A 194 -30.59 -54.05 1.96
C ASP A 194 -30.24 -52.60 1.59
N ILE A 195 -28.98 -52.22 1.76
CA ILE A 195 -28.57 -50.84 1.47
C ILE A 195 -28.52 -50.61 -0.04
N VAL A 196 -28.04 -51.62 -0.79
CA VAL A 196 -27.93 -51.52 -2.25
C VAL A 196 -29.30 -51.32 -2.90
N ASP A 197 -30.35 -51.91 -2.32
CA ASP A 197 -31.70 -51.69 -2.82
C ASP A 197 -32.16 -50.26 -2.56
N GLN A 198 -31.78 -49.70 -1.42
CA GLN A 198 -32.17 -48.32 -1.10
C GLN A 198 -31.35 -47.31 -1.91
N VAL A 199 -30.16 -47.72 -2.36
CA VAL A 199 -29.35 -46.86 -3.21
C VAL A 199 -30.00 -46.68 -4.58
N ILE A 200 -30.43 -47.79 -5.19
CA ILE A 200 -30.99 -47.75 -6.54
C ILE A 200 -32.35 -47.05 -6.56
N THR A 201 -33.07 -47.11 -5.44
CA THR A 201 -34.39 -46.50 -5.34
C THR A 201 -34.31 -44.98 -5.46
N ILE A 202 -33.36 -44.34 -4.77
CA ILE A 202 -33.23 -42.89 -4.83
C ILE A 202 -32.22 -42.49 -5.90
N GLY A 203 -31.82 -43.45 -6.73
CA GLY A 203 -31.03 -43.15 -7.91
C GLY A 203 -29.60 -42.71 -7.65
N LYS A 204 -28.90 -43.39 -6.74
CA LYS A 204 -27.49 -43.14 -6.50
C LYS A 204 -26.59 -44.26 -7.01
N HIS A 205 -26.94 -44.84 -8.16
CA HIS A 205 -26.08 -45.82 -8.82
C HIS A 205 -25.46 -45.27 -10.09
N VAL A 206 -25.54 -43.95 -10.29
CA VAL A 206 -25.06 -43.27 -11.49
C VAL A 206 -23.54 -43.13 -11.46
N LYS A 207 -22.98 -42.70 -12.58
CA LYS A 207 -21.54 -42.45 -12.71
C LYS A 207 -21.06 -41.39 -11.73
N GLY A 208 -19.89 -41.64 -11.13
CA GLY A 208 -19.30 -40.74 -10.18
C GLY A 208 -19.28 -41.23 -8.75
N TYR A 209 -19.87 -42.40 -8.48
CA TYR A 209 -20.01 -42.94 -7.14
C TYR A 209 -19.18 -44.21 -7.06
N HIS A 210 -18.45 -44.38 -5.95
CA HIS A 210 -17.58 -45.54 -5.78
C HIS A 210 -17.88 -46.19 -4.43
N TYR A 211 -18.09 -47.51 -4.45
CA TYR A 211 -18.45 -48.27 -3.27
C TYR A 211 -17.44 -49.38 -3.04
N ILE A 212 -17.02 -49.57 -1.78
CA ILE A 212 -16.24 -50.71 -1.36
C ILE A 212 -17.05 -51.51 -0.36
N ILE A 213 -17.21 -52.80 -0.62
CA ILE A 213 -17.96 -53.70 0.24
C ILE A 213 -16.94 -54.51 1.03
N ALA A 214 -16.80 -54.18 2.31
CA ALA A 214 -15.69 -54.68 3.13
C ALA A 214 -16.08 -55.96 3.86
N ASN A 215 -16.19 -57.02 3.07
CA ASN A 215 -16.31 -58.38 3.60
C ASN A 215 -15.66 -59.35 2.63
N LEU A 216 -15.47 -60.59 3.09
CA LEU A 216 -14.78 -61.60 2.30
C LEU A 216 -15.73 -62.39 1.40
N GLY A 217 -16.95 -61.90 1.21
CA GLY A 217 -18.00 -62.59 0.47
C GLY A 217 -18.59 -61.78 -0.68
N PHE A 218 -17.72 -61.13 -1.47
CA PHE A 218 -18.17 -60.15 -2.45
C PHE A 218 -19.06 -60.77 -3.53
N THR A 219 -18.69 -61.95 -4.03
CA THR A 219 -19.48 -62.57 -5.09
C THR A 219 -20.76 -63.24 -4.57
N ASP A 220 -20.96 -63.28 -3.26
CA ASP A 220 -22.12 -63.98 -2.71
C ASP A 220 -23.41 -63.19 -2.91
N GLY A 221 -23.35 -61.88 -2.68
CA GLY A 221 -24.54 -61.05 -2.76
C GLY A 221 -24.99 -60.81 -4.18
N ASP A 222 -26.20 -60.25 -4.30
CA ASP A 222 -26.79 -59.95 -5.59
C ASP A 222 -26.24 -58.63 -6.10
N LEU A 223 -25.23 -58.70 -6.98
CA LEU A 223 -24.59 -57.52 -7.54
C LEU A 223 -25.10 -57.18 -8.94
N LEU A 224 -26.10 -57.90 -9.44
CA LEU A 224 -26.54 -57.71 -10.83
C LEU A 224 -27.31 -56.41 -10.99
N LYS A 225 -27.93 -55.92 -9.93
CA LYS A 225 -28.80 -54.74 -10.05
C LYS A 225 -27.97 -53.46 -10.13
N ILE A 226 -26.87 -53.40 -9.37
CA ILE A 226 -26.04 -52.20 -9.38
C ILE A 226 -25.10 -52.21 -10.59
N GLN A 227 -25.01 -53.33 -11.29
CA GLN A 227 -24.04 -53.49 -12.37
C GLN A 227 -24.39 -52.65 -13.59
N PHE A 228 -25.68 -52.38 -13.80
CA PHE A 228 -26.16 -51.66 -14.98
C PHE A 228 -26.39 -50.18 -14.74
N GLY A 229 -25.62 -49.56 -13.83
CA GLY A 229 -25.86 -48.18 -13.48
C GLY A 229 -24.73 -47.23 -13.80
N GLY A 230 -23.50 -47.70 -13.76
CA GLY A 230 -22.34 -46.89 -14.04
C GLY A 230 -21.47 -46.57 -12.85
N ALA A 231 -21.88 -46.93 -11.65
CA ALA A 231 -21.03 -46.76 -10.49
C ALA A 231 -20.01 -47.89 -10.41
N GLU A 232 -18.94 -47.65 -9.66
CA GLU A 232 -17.83 -48.60 -9.56
C GLU A 232 -17.85 -49.27 -8.19
N VAL A 233 -17.87 -50.60 -8.18
CA VAL A 233 -17.96 -51.38 -6.96
C VAL A 233 -16.73 -52.28 -6.88
N SER A 234 -16.08 -52.29 -5.72
CA SER A 234 -14.92 -53.15 -5.47
C SER A 234 -15.23 -54.07 -4.30
N GLY A 235 -14.37 -55.04 -4.07
CA GLY A 235 -14.61 -55.98 -2.99
C GLY A 235 -13.46 -56.94 -2.79
N PHE A 236 -13.69 -57.92 -1.91
CA PHE A 236 -12.68 -58.85 -1.43
C PHE A 236 -13.21 -60.28 -1.54
N GLN A 237 -12.32 -61.23 -1.81
CA GLN A 237 -12.72 -62.61 -2.03
C GLN A 237 -11.66 -63.55 -1.48
N ILE A 238 -12.10 -64.69 -0.94
CA ILE A 238 -11.18 -65.64 -0.33
C ILE A 238 -11.12 -66.98 -1.09
N VAL A 239 -12.21 -67.39 -1.75
CA VAL A 239 -12.22 -68.65 -2.51
C VAL A 239 -12.14 -68.32 -3.99
N ASP A 240 -11.29 -69.07 -4.70
CA ASP A 240 -11.05 -68.85 -6.12
C ASP A 240 -11.76 -69.96 -6.89
N TYR A 241 -12.75 -69.60 -7.70
CA TYR A 241 -13.51 -70.59 -8.44
C TYR A 241 -12.70 -71.15 -9.61
N ASP A 242 -11.66 -70.44 -10.05
CA ASP A 242 -10.89 -70.89 -11.20
C ASP A 242 -9.96 -72.04 -10.83
N ASP A 243 -9.56 -72.14 -9.56
CA ASP A 243 -8.65 -73.19 -9.12
C ASP A 243 -9.25 -74.59 -9.22
N SER A 244 -8.40 -75.61 -9.17
CA SER A 244 -8.83 -76.98 -9.42
C SER A 244 -9.55 -77.58 -8.22
N LEU A 245 -9.06 -77.32 -7.01
CA LEU A 245 -9.62 -77.97 -5.82
C LEU A 245 -11.01 -77.45 -5.51
N VAL A 246 -11.26 -76.17 -5.79
CA VAL A 246 -12.59 -75.61 -5.59
C VAL A 246 -13.55 -76.13 -6.65
N SER A 247 -13.08 -76.21 -7.91
CA SER A 247 -13.96 -76.56 -9.03
C SER A 247 -14.41 -78.01 -8.96
N LYS A 248 -13.59 -78.89 -8.38
CA LYS A 248 -14.03 -80.27 -8.16
C LYS A 248 -15.09 -80.34 -7.07
N PHE A 249 -15.01 -79.43 -6.09
CA PHE A 249 -16.00 -79.43 -5.02
C PHE A 249 -17.35 -78.90 -5.51
N ILE A 250 -17.34 -77.89 -6.37
CA ILE A 250 -18.58 -77.29 -6.87
C ILE A 250 -19.34 -78.27 -7.75
N GLU A 251 -18.62 -79.13 -8.47
CA GLU A 251 -19.26 -80.23 -9.21
C GLU A 251 -19.95 -81.19 -8.26
N ARG A 252 -19.28 -81.54 -7.15
CA ARG A 252 -19.91 -82.35 -6.11
C ARG A 252 -21.02 -81.57 -5.40
N TRP A 253 -20.83 -80.26 -5.23
CA TRP A 253 -21.82 -79.43 -4.59
C TRP A 253 -23.08 -79.30 -5.44
N SER A 254 -22.93 -79.34 -6.77
CA SER A 254 -24.08 -79.21 -7.66
C SER A 254 -24.87 -80.52 -7.74
N THR A 255 -24.20 -81.67 -7.63
CA THR A 255 -24.88 -82.95 -7.79
C THR A 255 -25.69 -83.37 -6.56
N LEU A 256 -25.68 -82.59 -5.49
CA LEU A 256 -26.45 -82.94 -4.30
C LEU A 256 -27.91 -82.52 -4.47
N GLU A 257 -28.72 -82.80 -3.46
CA GLU A 257 -30.17 -82.60 -3.52
C GLU A 257 -30.61 -81.63 -2.44
N GLU A 258 -31.63 -80.83 -2.73
CA GLU A 258 -32.10 -79.83 -1.78
C GLU A 258 -32.81 -80.49 -0.60
N LYS A 259 -33.43 -81.65 -0.83
CA LYS A 259 -34.26 -82.27 0.20
C LYS A 259 -33.42 -82.87 1.32
N GLU A 260 -32.37 -83.62 0.96
CA GLU A 260 -31.49 -84.19 1.96
C GLU A 260 -30.55 -83.12 2.53
N TYR A 261 -29.95 -82.31 1.67
CA TYR A 261 -28.99 -81.28 2.07
C TYR A 261 -29.57 -79.92 1.71
N PRO A 262 -30.13 -79.18 2.66
CA PRO A 262 -30.79 -77.91 2.32
C PRO A 262 -29.80 -76.81 2.01
N GLY A 263 -30.13 -76.00 1.01
CA GLY A 263 -29.27 -74.91 0.58
C GLY A 263 -27.95 -75.36 -0.02
N ALA A 264 -27.98 -76.42 -0.84
CA ALA A 264 -26.75 -76.99 -1.37
C ALA A 264 -26.68 -77.06 -2.89
N HIS A 265 -27.82 -77.05 -3.59
CA HIS A 265 -27.81 -77.18 -5.05
C HIS A 265 -27.61 -75.82 -5.68
N THR A 266 -26.37 -75.33 -5.58
CA THR A 266 -25.97 -74.07 -6.22
C THR A 266 -24.61 -74.28 -6.87
N ALA A 267 -24.12 -73.23 -7.53
CA ALA A 267 -22.77 -73.19 -8.06
C ALA A 267 -21.84 -72.32 -7.21
N THR A 268 -22.37 -71.72 -6.15
CA THR A 268 -21.61 -70.83 -5.28
C THR A 268 -21.72 -71.31 -3.84
N ILE A 269 -20.70 -71.01 -3.04
CA ILE A 269 -20.67 -71.33 -1.62
C ILE A 269 -20.25 -70.07 -0.87
N LYS A 270 -20.87 -69.84 0.29
CA LYS A 270 -20.50 -68.69 1.10
C LYS A 270 -19.17 -68.95 1.81
N TYR A 271 -18.52 -67.87 2.25
CA TYR A 271 -17.19 -67.98 2.83
C TYR A 271 -17.24 -68.60 4.22
N THR A 272 -18.36 -68.44 4.93
CA THR A 272 -18.51 -69.07 6.24
C THR A 272 -18.67 -70.58 6.10
N SER A 273 -19.35 -71.02 5.05
CA SER A 273 -19.52 -72.45 4.83
C SER A 273 -18.23 -73.11 4.37
N ALA A 274 -17.40 -72.37 3.63
CA ALA A 274 -16.14 -72.91 3.15
C ALA A 274 -15.14 -73.11 4.29
N LEU A 275 -15.19 -72.23 5.30
CA LEU A 275 -14.31 -72.38 6.45
C LEU A 275 -14.76 -73.53 7.34
N THR A 276 -16.06 -73.86 7.30
CA THR A 276 -16.55 -75.03 8.01
C THR A 276 -16.03 -76.32 7.39
N TYR A 277 -15.97 -76.37 6.06
CA TYR A 277 -15.44 -77.54 5.36
C TYR A 277 -13.96 -77.73 5.62
N ASP A 278 -13.20 -76.62 5.73
CA ASP A 278 -11.76 -76.73 5.97
C ASP A 278 -11.48 -77.11 7.43
N ALA A 279 -12.37 -76.72 8.34
CA ALA A 279 -12.13 -76.97 9.76
C ALA A 279 -12.26 -78.46 10.09
N VAL A 280 -13.09 -79.19 9.34
CA VAL A 280 -13.18 -80.63 9.50
C VAL A 280 -11.87 -81.29 9.09
N GLN A 281 -11.24 -80.76 8.03
CA GLN A 281 -9.93 -81.25 7.60
C GLN A 281 -8.86 -80.95 8.64
N VAL A 282 -8.98 -79.83 9.35
CA VAL A 282 -7.99 -79.47 10.37
C VAL A 282 -8.06 -80.43 11.55
N MET A 283 -9.29 -80.77 11.98
CA MET A 283 -9.46 -81.68 13.11
C MET A 283 -9.01 -83.10 12.76
N THR A 284 -9.37 -83.56 11.56
CA THR A 284 -9.07 -84.94 11.15
C THR A 284 -7.57 -85.15 10.99
N GLU A 285 -6.87 -84.14 10.44
CA GLU A 285 -5.42 -84.23 10.29
C GLU A 285 -4.72 -84.14 11.65
N ALA A 286 -5.33 -83.44 12.60
CA ALA A 286 -4.69 -83.24 13.90
C ALA A 286 -4.72 -84.51 14.74
N PHE A 287 -5.86 -85.21 14.76
CA PHE A 287 -5.92 -86.47 15.51
C PHE A 287 -5.13 -87.58 14.82
N ARG A 288 -4.97 -87.46 13.50
CA ARG A 288 -4.15 -88.42 12.77
C ARG A 288 -2.68 -88.34 13.18
N ASN A 289 -2.12 -87.13 13.17
CA ASN A 289 -0.69 -86.97 13.45
C ASN A 289 -0.40 -87.16 14.94
N LEU A 290 -1.38 -86.88 15.80
CA LEU A 290 -1.16 -86.96 17.24
C LEU A 290 -1.18 -88.42 17.70
N ARG A 291 -2.07 -89.23 17.09
CA ARG A 291 -2.15 -90.65 17.41
C ARG A 291 -0.90 -91.40 16.94
N LYS A 292 -0.40 -91.06 15.74
CA LYS A 292 0.77 -91.72 15.20
C LYS A 292 2.03 -91.35 15.98
N GLN A 293 2.02 -90.19 16.64
CA GLN A 293 3.13 -89.81 17.52
C GLN A 293 3.15 -90.66 18.79
N ARG A 294 2.03 -91.32 19.12
CA ARG A 294 1.79 -92.24 20.24
C ARG A 294 1.80 -91.53 21.59
N ILE A 295 1.76 -90.20 21.60
CA ILE A 295 1.56 -89.47 22.84
C ILE A 295 0.11 -89.63 23.28
N GLU A 296 -0.09 -89.77 24.59
CA GLU A 296 -1.33 -90.35 25.12
C GLU A 296 -2.46 -89.31 25.15
N ILE A 297 -3.57 -89.65 24.50
CA ILE A 297 -4.80 -88.87 24.60
C ILE A 297 -6.00 -89.79 24.85
N SER A 298 -6.42 -89.88 26.12
CA SER A 298 -7.60 -90.64 26.48
C SER A 298 -8.23 -90.04 27.73
N ARG A 299 -9.53 -90.29 27.90
CA ARG A 299 -10.26 -89.78 29.06
C ARG A 299 -10.07 -90.74 30.22
N ARG A 300 -9.37 -90.28 31.26
CA ARG A 300 -9.18 -91.11 32.45
C ARG A 300 -10.48 -91.25 33.23
N GLY A 301 -11.28 -90.19 33.28
CA GLY A 301 -12.54 -90.21 33.99
C GLY A 301 -13.43 -89.08 33.51
N ASN A 302 -14.58 -88.96 34.16
CA ASN A 302 -15.49 -87.85 33.88
C ASN A 302 -14.88 -86.56 34.40
N ALA A 303 -15.03 -85.49 33.61
CA ALA A 303 -14.44 -84.20 33.98
C ALA A 303 -15.12 -83.60 35.20
N GLY A 304 -16.44 -83.66 35.25
CA GLY A 304 -17.21 -83.05 36.32
C GLY A 304 -17.96 -81.83 35.84
N ASP A 305 -18.44 -81.05 36.80
CA ASP A 305 -19.15 -79.83 36.47
C ASP A 305 -18.17 -78.74 36.08
N CYS A 306 -18.61 -77.84 35.19
CA CYS A 306 -17.80 -76.70 34.80
C CYS A 306 -17.66 -75.70 35.95
N LEU A 307 -18.70 -75.56 36.76
CA LEU A 307 -18.71 -74.60 37.86
C LEU A 307 -18.21 -75.20 39.17
N ALA A 308 -17.38 -76.23 39.13
CA ALA A 308 -16.81 -76.79 40.34
C ALA A 308 -15.80 -75.82 40.94
N ASN A 309 -15.87 -75.67 42.26
CA ASN A 309 -15.07 -74.68 42.97
C ASN A 309 -14.11 -75.37 43.93
N PRO A 310 -12.79 -75.29 43.72
CA PRO A 310 -12.15 -74.77 42.51
C PRO A 310 -12.07 -75.83 41.41
N ALA A 311 -12.12 -75.40 40.15
CA ALA A 311 -11.98 -76.33 39.04
C ALA A 311 -10.51 -76.66 38.82
N VAL A 312 -10.26 -77.81 38.18
CA VAL A 312 -8.91 -78.30 37.93
C VAL A 312 -8.77 -78.55 36.44
N PRO A 313 -7.67 -78.11 35.82
CA PRO A 313 -7.43 -78.45 34.41
C PRO A 313 -7.06 -79.91 34.26
N TRP A 314 -7.42 -80.48 33.11
CA TRP A 314 -7.00 -81.83 32.76
C TRP A 314 -5.79 -81.76 31.82
N GLY A 315 -4.68 -82.35 32.24
CA GLY A 315 -3.40 -82.13 31.59
C GLY A 315 -3.14 -82.91 30.32
N GLN A 316 -4.09 -82.86 29.39
CA GLN A 316 -3.88 -83.40 28.05
C GLN A 316 -4.33 -82.37 27.01
N GLY A 317 -4.97 -81.29 27.49
CA GLY A 317 -5.41 -80.24 26.58
C GLY A 317 -4.25 -79.47 25.96
N VAL A 318 -3.12 -79.41 26.67
CA VAL A 318 -1.94 -78.72 26.15
C VAL A 318 -1.36 -79.51 24.97
N GLU A 319 -1.41 -80.83 25.04
CA GLU A 319 -0.95 -81.65 23.92
C GLU A 319 -1.92 -81.59 22.75
N ILE A 320 -3.21 -81.37 23.01
CA ILE A 320 -4.20 -81.31 21.93
C ILE A 320 -4.06 -79.99 21.16
N GLU A 321 -3.85 -78.88 21.87
CA GLU A 321 -3.78 -77.59 21.19
C GLU A 321 -2.51 -77.46 20.35
N ARG A 322 -1.43 -78.14 20.75
CA ARG A 322 -0.20 -78.10 19.96
C ARG A 322 -0.32 -78.94 18.70
N ALA A 323 -1.25 -79.89 18.70
CA ALA A 323 -1.56 -80.64 17.48
C ALA A 323 -2.36 -79.79 16.50
N LEU A 324 -3.30 -79.00 17.02
CA LEU A 324 -4.17 -78.20 16.16
C LEU A 324 -3.43 -77.01 15.56
N LYS A 325 -2.49 -76.43 16.31
CA LYS A 325 -1.79 -75.24 15.81
C LYS A 325 -0.78 -75.60 14.74
N GLN A 326 -0.29 -76.84 14.74
CA GLN A 326 0.71 -77.27 13.78
C GLN A 326 0.12 -77.93 12.53
N VAL A 327 -1.19 -77.80 12.30
CA VAL A 327 -1.80 -78.38 11.11
C VAL A 327 -1.36 -77.61 9.87
N GLN A 328 -0.90 -78.32 8.86
CA GLN A 328 -0.52 -77.73 7.59
C GLN A 328 -1.22 -78.49 6.46
N VAL A 329 -2.25 -77.88 5.89
CA VAL A 329 -3.05 -78.52 4.84
C VAL A 329 -3.36 -77.50 3.74
N GLU A 330 -4.02 -77.95 2.69
CA GLU A 330 -4.59 -77.09 1.66
C GLU A 330 -6.10 -77.31 1.64
N GLY A 331 -6.85 -76.24 1.37
CA GLY A 331 -8.29 -76.33 1.38
C GLY A 331 -8.97 -75.43 0.37
N LEU A 332 -10.27 -75.15 0.59
CA LEU A 332 -10.99 -74.25 -0.28
C LEU A 332 -10.47 -72.82 -0.16
N SER A 333 -10.18 -72.39 1.06
CA SER A 333 -9.70 -71.02 1.26
C SER A 333 -8.25 -70.87 0.82
N GLY A 334 -7.46 -71.93 0.92
CA GLY A 334 -6.09 -71.90 0.45
C GLY A 334 -5.17 -72.53 1.46
N ASN A 335 -3.95 -72.00 1.51
CA ASN A 335 -2.94 -72.52 2.44
C ASN A 335 -3.30 -72.14 3.87
N ILE A 336 -3.33 -73.14 4.75
CA ILE A 336 -3.70 -72.97 6.14
C ILE A 336 -2.47 -73.15 7.00
N LYS A 337 -2.06 -72.09 7.69
CA LYS A 337 -0.94 -72.13 8.63
C LYS A 337 -1.28 -71.25 9.83
N PHE A 338 -1.00 -71.78 11.02
CA PHE A 338 -1.45 -71.16 12.26
C PHE A 338 -0.26 -70.68 13.08
N ASP A 339 -0.45 -69.55 13.76
CA ASP A 339 0.52 -69.06 14.72
C ASP A 339 0.26 -69.73 16.08
N GLN A 340 1.13 -69.47 17.05
CA GLN A 340 0.93 -70.00 18.39
C GLN A 340 -0.23 -69.32 19.10
N ASN A 341 -0.59 -68.11 18.66
CA ASN A 341 -1.80 -67.47 19.18
C ASN A 341 -3.06 -68.12 18.63
N GLY A 342 -2.96 -68.78 17.48
CA GLY A 342 -4.10 -69.40 16.83
C GLY A 342 -4.56 -68.68 15.57
N LYS A 343 -4.07 -67.48 15.32
CA LYS A 343 -4.52 -66.72 14.16
C LYS A 343 -3.86 -67.23 12.88
N ARG A 344 -4.65 -67.32 11.82
CA ARG A 344 -4.19 -67.88 10.56
C ARG A 344 -3.23 -66.94 9.85
N ILE A 345 -2.12 -67.50 9.35
CA ILE A 345 -1.09 -66.73 8.64
C ILE A 345 -0.82 -67.40 7.29
N ASN A 346 -0.02 -66.72 6.48
CA ASN A 346 0.39 -67.15 5.13
C ASN A 346 -0.82 -67.40 4.22
N TYR A 347 -1.60 -66.35 4.02
CA TYR A 347 -2.85 -66.41 3.26
C TYR A 347 -2.84 -65.36 2.15
N THR A 348 -3.82 -65.48 1.26
CA THR A 348 -3.91 -64.61 0.08
C THR A 348 -5.37 -64.21 -0.12
N ILE A 349 -5.61 -62.91 -0.26
CA ILE A 349 -6.94 -62.35 -0.48
C ILE A 349 -6.96 -61.70 -1.87
N ASN A 350 -7.96 -62.05 -2.67
CA ASN A 350 -8.02 -61.62 -4.07
C ASN A 350 -8.91 -60.38 -4.18
N ILE A 351 -8.29 -59.23 -4.46
CA ILE A 351 -9.05 -58.01 -4.71
C ILE A 351 -9.77 -58.13 -6.05
N MET A 352 -11.07 -57.85 -6.06
CA MET A 352 -11.86 -57.95 -7.27
C MET A 352 -12.49 -56.59 -7.57
N GLU A 353 -13.12 -56.49 -8.73
CA GLU A 353 -13.78 -55.27 -9.17
C GLU A 353 -14.89 -55.66 -10.14
N LEU A 354 -15.98 -54.90 -10.12
CA LEU A 354 -17.20 -55.25 -10.85
C LEU A 354 -17.24 -54.50 -12.17
N LYS A 355 -17.14 -55.24 -13.27
CA LYS A 355 -17.28 -54.69 -14.61
C LYS A 355 -18.67 -55.00 -15.18
N THR A 356 -18.88 -54.59 -16.44
CA THR A 356 -20.17 -54.78 -17.08
C THR A 356 -20.42 -56.25 -17.42
N ASN A 357 -19.36 -56.98 -17.78
CA ASN A 357 -19.54 -58.41 -18.07
C ASN A 357 -19.73 -59.22 -16.80
N GLY A 358 -19.10 -58.79 -15.70
CA GLY A 358 -19.18 -59.50 -14.45
C GLY A 358 -18.04 -59.15 -13.52
N PRO A 359 -17.96 -59.82 -12.36
CA PRO A 359 -16.83 -59.57 -11.45
C PRO A 359 -15.52 -60.10 -12.02
N ARG A 360 -14.45 -59.37 -11.76
CA ARG A 360 -13.16 -59.65 -12.38
C ARG A 360 -12.06 -59.45 -11.36
N LYS A 361 -11.07 -60.33 -11.40
CA LYS A 361 -9.92 -60.29 -10.49
C LYS A 361 -8.89 -59.31 -11.01
N ILE A 362 -8.52 -58.34 -10.18
CA ILE A 362 -7.55 -57.31 -10.57
C ILE A 362 -6.30 -57.34 -9.72
N GLY A 363 -6.11 -58.38 -8.91
CA GLY A 363 -4.89 -58.48 -8.13
C GLY A 363 -5.06 -59.45 -6.98
N TYR A 364 -4.13 -59.35 -6.03
CA TYR A 364 -4.18 -60.14 -4.81
C TYR A 364 -3.44 -59.40 -3.70
N TRP A 365 -3.76 -59.75 -2.46
CA TRP A 365 -3.15 -59.17 -1.27
C TRP A 365 -2.46 -60.27 -0.50
N SER A 366 -1.23 -60.00 -0.04
CA SER A 366 -0.50 -60.93 0.80
C SER A 366 0.20 -60.15 1.90
N GLU A 367 0.76 -60.87 2.87
CA GLU A 367 1.38 -60.22 4.01
C GLU A 367 2.75 -59.65 3.66
N VAL A 368 3.59 -60.44 3.00
CA VAL A 368 4.97 -60.00 2.74
C VAL A 368 5.03 -59.19 1.44
N ASP A 369 4.11 -59.45 0.52
CA ASP A 369 4.18 -58.91 -0.84
C ASP A 369 3.07 -57.92 -1.15
N LYS A 370 2.85 -56.92 -0.28
CA LYS A 370 1.56 -56.33 0.17
C LYS A 370 0.51 -56.34 -0.94
N MET A 371 0.71 -55.61 -2.03
CA MET A 371 -0.26 -55.60 -3.12
C MET A 371 0.47 -55.71 -4.46
N VAL A 372 0.24 -56.81 -5.16
CA VAL A 372 0.81 -57.05 -6.48
C VAL A 372 -0.35 -57.20 -7.46
N LEU A 373 -0.34 -56.38 -8.50
CA LEU A 373 -1.39 -56.45 -9.51
C LEU A 373 -1.21 -57.68 -10.38
N THR A 374 -2.30 -58.11 -11.00
CA THR A 374 -2.27 -59.23 -11.92
C THR A 374 -1.89 -58.72 -13.31
N GLU A 375 -2.06 -59.56 -14.34
CA GLU A 375 -1.72 -59.17 -15.70
C GLU A 375 -2.64 -58.08 -16.22
N ASP A 376 -3.91 -58.08 -15.77
CA ASP A 376 -4.97 -57.18 -16.25
C ASP A 376 -5.13 -57.23 -17.76
N ASP A 377 -5.03 -58.44 -18.32
CA ASP A 377 -5.24 -58.66 -19.75
C ASP A 377 -6.73 -58.80 -19.99
N THR A 378 -7.34 -57.73 -20.50
CA THR A 378 -8.78 -57.68 -20.67
C THR A 378 -9.24 -58.65 -21.77
N SER A 379 -10.23 -59.48 -21.45
CA SER A 379 -10.79 -60.38 -22.44
C SER A 379 -11.57 -59.62 -23.49
N GLY A 380 -12.39 -58.66 -23.06
CA GLY A 380 -13.07 -57.77 -23.98
C GLY A 380 -12.84 -56.32 -23.58
N LEU A 381 -12.30 -55.53 -24.50
CA LEU A 381 -11.92 -54.15 -24.21
C LEU A 381 -12.59 -53.22 -25.21
N GLU A 382 -13.57 -52.45 -24.74
CA GLU A 382 -14.18 -51.38 -25.51
C GLU A 382 -13.98 -50.09 -24.72
N GLN A 383 -13.36 -49.10 -25.35
CA GLN A 383 -13.09 -47.84 -24.67
C GLN A 383 -14.38 -47.07 -24.45
N LYS A 384 -14.59 -46.64 -23.21
CA LYS A 384 -15.84 -46.01 -22.82
C LYS A 384 -15.94 -44.60 -23.39
N THR A 385 -17.18 -44.14 -23.54
CA THR A 385 -17.44 -42.82 -24.11
C THR A 385 -17.09 -41.74 -23.11
N VAL A 386 -16.10 -40.91 -23.46
CA VAL A 386 -15.72 -39.78 -22.61
C VAL A 386 -16.82 -38.73 -22.63
N VAL A 387 -17.22 -38.26 -21.46
CA VAL A 387 -18.30 -37.29 -21.32
C VAL A 387 -17.69 -35.90 -21.36
N VAL A 388 -18.19 -35.06 -22.27
CA VAL A 388 -17.71 -33.70 -22.45
C VAL A 388 -18.78 -32.75 -21.94
N THR A 389 -18.40 -31.85 -21.03
CA THR A 389 -19.32 -30.84 -20.53
C THR A 389 -18.97 -29.48 -21.13
N THR A 390 -20.01 -28.72 -21.48
CA THR A 390 -19.86 -27.46 -22.20
C THR A 390 -21.01 -26.54 -21.76
N ILE A 391 -20.88 -25.24 -22.05
CA ILE A 391 -21.91 -24.25 -21.78
C ILE A 391 -22.25 -23.57 -23.10
N LEU A 392 -23.49 -23.08 -23.19
CA LEU A 392 -24.01 -22.49 -24.43
C LEU A 392 -23.61 -21.02 -24.50
N GLU A 393 -22.62 -20.71 -25.33
CA GLU A 393 -22.24 -19.34 -25.64
C GLU A 393 -21.93 -19.22 -27.12
N SER A 394 -22.29 -18.08 -27.69
CA SER A 394 -21.99 -17.78 -29.08
C SER A 394 -20.69 -17.01 -29.16
N PRO A 395 -19.82 -17.30 -30.16
CA PRO A 395 -19.97 -18.35 -31.16
C PRO A 395 -19.32 -19.66 -30.76
N TYR A 396 -19.17 -19.90 -29.46
CA TYR A 396 -18.45 -21.08 -29.01
C TYR A 396 -19.25 -22.35 -29.24
N VAL A 397 -20.47 -22.42 -28.68
CA VAL A 397 -21.39 -23.53 -28.90
C VAL A 397 -22.79 -22.96 -29.10
N MET A 398 -23.40 -23.31 -30.23
CA MET A 398 -24.71 -22.78 -30.58
C MET A 398 -25.63 -23.93 -30.97
N MET A 399 -26.93 -23.71 -30.81
CA MET A 399 -27.93 -24.67 -31.27
C MET A 399 -28.08 -24.56 -32.78
N LYS A 400 -28.05 -25.71 -33.46
CA LYS A 400 -28.35 -25.73 -34.89
C LYS A 400 -29.85 -25.54 -35.08
N LYS A 401 -30.24 -25.13 -36.30
CA LYS A 401 -31.63 -24.77 -36.57
C LYS A 401 -32.57 -25.98 -36.48
N ASN A 402 -32.09 -27.14 -36.92
CA ASN A 402 -32.90 -28.37 -36.88
C ASN A 402 -32.58 -29.17 -35.61
N HIS A 403 -32.69 -28.50 -34.46
CA HIS A 403 -32.29 -29.13 -33.21
C HIS A 403 -33.37 -30.07 -32.68
N GLU A 404 -34.62 -29.90 -33.17
CA GLU A 404 -35.65 -30.88 -32.83
C GLU A 404 -35.47 -32.17 -33.60
N MET A 405 -35.11 -32.08 -34.89
CA MET A 405 -35.10 -33.24 -35.77
C MET A 405 -33.80 -34.02 -35.76
N LEU A 406 -32.81 -33.60 -35.00
CA LEU A 406 -31.51 -34.28 -34.94
C LEU A 406 -31.28 -34.86 -33.55
N GLU A 407 -30.57 -35.98 -33.51
CA GLU A 407 -30.22 -36.64 -32.25
C GLU A 407 -28.71 -36.80 -32.14
N GLY A 408 -28.19 -36.62 -30.95
CA GLY A 408 -26.79 -36.89 -30.67
C GLY A 408 -25.92 -35.66 -30.70
N ASN A 409 -24.65 -35.88 -31.05
CA ASN A 409 -23.67 -34.80 -31.13
C ASN A 409 -23.93 -33.86 -32.29
N GLU A 410 -24.75 -34.28 -33.27
CA GLU A 410 -24.98 -33.46 -34.47
C GLU A 410 -25.90 -32.27 -34.20
N ARG A 411 -26.46 -32.15 -33.00
CA ARG A 411 -27.33 -31.02 -32.69
C ARG A 411 -26.54 -29.72 -32.55
N TYR A 412 -25.25 -29.81 -32.23
CA TYR A 412 -24.47 -28.66 -31.85
C TYR A 412 -23.46 -28.27 -32.93
N GLU A 413 -23.17 -26.97 -33.00
CA GLU A 413 -22.11 -26.45 -33.85
C GLU A 413 -21.46 -25.28 -33.12
N GLY A 414 -20.25 -24.94 -33.56
CA GLY A 414 -19.57 -23.78 -33.01
C GLY A 414 -18.07 -24.00 -32.99
N TYR A 415 -17.40 -23.08 -32.27
CA TYR A 415 -15.94 -23.11 -32.17
C TYR A 415 -15.46 -24.29 -31.34
N CYS A 416 -16.08 -24.51 -30.17
CA CYS A 416 -15.62 -25.58 -29.28
C CYS A 416 -16.03 -26.95 -29.81
N VAL A 417 -17.11 -27.01 -30.61
CA VAL A 417 -17.54 -28.26 -31.21
C VAL A 417 -16.50 -28.75 -32.22
N ASP A 418 -15.95 -27.83 -33.03
CA ASP A 418 -14.88 -28.20 -33.95
C ASP A 418 -13.58 -28.46 -33.21
N LEU A 419 -13.37 -27.78 -32.07
CA LEU A 419 -12.16 -28.02 -31.29
C LEU A 419 -12.22 -29.38 -30.59
N ALA A 420 -13.42 -29.82 -30.21
CA ALA A 420 -13.57 -31.12 -29.57
C ALA A 420 -13.29 -32.26 -30.54
N ALA A 421 -13.65 -32.08 -31.81
CA ALA A 421 -13.40 -33.11 -32.81
C ALA A 421 -11.91 -33.25 -33.11
N GLU A 422 -11.17 -32.14 -33.06
CA GLU A 422 -9.75 -32.16 -33.36
C GLU A 422 -8.95 -32.84 -32.25
N ILE A 423 -9.34 -32.60 -30.98
CA ILE A 423 -8.62 -33.20 -29.87
C ILE A 423 -8.89 -34.70 -29.79
N ALA A 424 -10.12 -35.11 -30.13
CA ALA A 424 -10.46 -36.52 -30.15
C ALA A 424 -9.70 -37.27 -31.25
N LYS A 425 -9.37 -36.57 -32.34
CA LYS A 425 -8.65 -37.20 -33.44
C LYS A 425 -7.19 -37.46 -33.08
N HIS A 426 -6.55 -36.49 -32.40
CA HIS A 426 -5.15 -36.66 -32.05
C HIS A 426 -4.97 -37.60 -30.86
N CYS A 427 -5.94 -37.61 -29.93
CA CYS A 427 -5.82 -38.44 -28.74
C CYS A 427 -6.43 -39.83 -28.92
N GLY A 428 -7.48 -39.96 -29.73
CA GLY A 428 -8.04 -41.27 -30.02
C GLY A 428 -9.06 -41.77 -29.04
N PHE A 429 -10.16 -41.05 -28.85
CA PHE A 429 -11.25 -41.52 -28.01
C PHE A 429 -12.57 -41.11 -28.65
N LYS A 430 -13.65 -41.72 -28.17
CA LYS A 430 -15.01 -41.38 -28.57
C LYS A 430 -15.65 -40.53 -27.49
N TYR A 431 -16.42 -39.52 -27.91
CA TYR A 431 -16.94 -38.53 -26.97
C TYR A 431 -18.44 -38.35 -27.13
N LYS A 432 -19.09 -38.00 -26.03
CA LYS A 432 -20.49 -37.60 -25.99
C LYS A 432 -20.57 -36.21 -25.38
N LEU A 433 -21.31 -35.32 -26.01
CA LEU A 433 -21.31 -33.91 -25.63
C LEU A 433 -22.58 -33.57 -24.87
N THR A 434 -22.42 -32.91 -23.72
CA THR A 434 -23.53 -32.53 -22.86
C THR A 434 -23.44 -31.05 -22.54
N ILE A 435 -24.51 -30.53 -21.94
CA ILE A 435 -24.59 -29.14 -21.50
C ILE A 435 -24.75 -29.14 -19.98
N VAL A 436 -24.04 -28.23 -19.31
CA VAL A 436 -24.18 -28.08 -17.87
C VAL A 436 -25.59 -27.57 -17.54
N GLY A 437 -26.20 -28.18 -16.52
CA GLY A 437 -27.57 -27.85 -16.20
C GLY A 437 -27.72 -26.50 -15.51
N ASP A 438 -26.72 -26.11 -14.72
CA ASP A 438 -26.81 -24.88 -13.95
C ASP A 438 -26.66 -23.66 -14.84
N GLY A 439 -25.67 -23.66 -15.72
CA GLY A 439 -25.42 -22.50 -16.56
C GLY A 439 -24.39 -21.54 -16.00
N LYS A 440 -23.56 -21.99 -15.07
CA LYS A 440 -22.51 -21.19 -14.48
C LYS A 440 -21.16 -21.77 -14.87
N TYR A 441 -20.12 -20.93 -14.85
CA TYR A 441 -18.78 -21.41 -15.19
C TYR A 441 -18.15 -22.14 -14.01
N GLY A 442 -18.27 -21.58 -12.82
CA GLY A 442 -17.73 -22.24 -11.65
C GLY A 442 -17.22 -21.30 -10.58
N ALA A 443 -17.71 -21.48 -9.35
CA ALA A 443 -17.31 -20.67 -8.21
C ALA A 443 -17.59 -21.45 -6.95
N ARG A 444 -16.95 -21.04 -5.85
CA ARG A 444 -17.14 -21.67 -4.55
C ARG A 444 -18.11 -20.84 -3.73
N ASP A 445 -19.15 -21.49 -3.23
CA ASP A 445 -20.02 -20.86 -2.25
C ASP A 445 -19.27 -20.76 -0.93
N ALA A 446 -19.24 -19.55 -0.35
CA ALA A 446 -18.42 -19.32 0.83
C ALA A 446 -18.98 -20.01 2.06
N ASP A 447 -20.30 -20.16 2.13
CA ASP A 447 -20.92 -20.76 3.30
C ASP A 447 -20.78 -22.28 3.29
N THR A 448 -21.05 -22.91 2.15
CA THR A 448 -21.15 -24.36 2.08
C THR A 448 -19.91 -25.04 1.51
N LYS A 449 -18.98 -24.28 0.94
CA LYS A 449 -17.68 -24.76 0.42
C LYS A 449 -17.84 -25.83 -0.66
N ILE A 450 -18.84 -25.67 -1.52
CA ILE A 450 -19.07 -26.59 -2.64
C ILE A 450 -19.03 -25.79 -3.93
N TRP A 451 -18.58 -26.44 -5.01
CA TRP A 451 -18.50 -25.83 -6.31
C TRP A 451 -19.81 -26.01 -7.08
N ASN A 452 -19.98 -25.20 -8.13
CA ASN A 452 -21.09 -25.36 -9.05
C ASN A 452 -20.59 -25.23 -10.49
N GLY A 453 -21.46 -25.52 -11.44
CA GLY A 453 -21.13 -25.33 -12.83
C GLY A 453 -20.22 -26.42 -13.38
N MET A 454 -19.44 -26.04 -14.38
CA MET A 454 -18.55 -26.99 -15.06
C MET A 454 -17.37 -27.38 -14.18
N VAL A 455 -16.96 -26.48 -13.28
CA VAL A 455 -15.90 -26.83 -12.33
C VAL A 455 -16.42 -27.84 -11.31
N GLY A 456 -17.71 -27.73 -10.96
CA GLY A 456 -18.31 -28.69 -10.05
C GLY A 456 -18.44 -30.08 -10.65
N GLU A 457 -18.74 -30.17 -11.95
CA GLU A 457 -18.92 -31.47 -12.57
C GLU A 457 -17.59 -32.20 -12.74
N LEU A 458 -16.49 -31.44 -12.87
CA LEU A 458 -15.18 -32.08 -12.99
C LEU A 458 -14.70 -32.61 -11.65
N VAL A 459 -14.97 -31.89 -10.57
CA VAL A 459 -14.48 -32.31 -9.25
C VAL A 459 -15.25 -33.51 -8.73
N TYR A 460 -16.58 -33.47 -8.86
CA TYR A 460 -17.41 -34.51 -8.27
C TYR A 460 -17.71 -35.67 -9.21
N GLY A 461 -17.12 -35.69 -10.41
CA GLY A 461 -17.01 -36.91 -11.19
C GLY A 461 -18.04 -37.08 -12.29
N LYS A 462 -18.96 -36.14 -12.49
CA LYS A 462 -20.04 -36.35 -13.46
C LYS A 462 -19.55 -36.23 -14.90
N ALA A 463 -18.40 -35.60 -15.13
CA ALA A 463 -17.84 -35.45 -16.46
C ALA A 463 -16.36 -35.76 -16.44
N ASP A 464 -15.78 -35.94 -17.63
CA ASP A 464 -14.38 -36.32 -17.75
C ASP A 464 -13.48 -35.24 -18.36
N ILE A 465 -14.04 -34.30 -19.12
CA ILE A 465 -13.24 -33.23 -19.72
C ILE A 465 -14.18 -32.08 -20.01
N ALA A 466 -13.64 -30.85 -19.97
CA ALA A 466 -14.42 -29.64 -20.19
C ALA A 466 -13.74 -28.82 -21.27
N ILE A 467 -14.37 -28.74 -22.44
CA ILE A 467 -13.87 -27.93 -23.56
C ILE A 467 -14.80 -26.73 -23.68
N ALA A 468 -14.40 -25.62 -23.09
CA ALA A 468 -15.27 -24.46 -22.92
C ALA A 468 -14.39 -23.25 -22.63
N PRO A 469 -14.92 -22.02 -22.82
CA PRO A 469 -14.17 -20.81 -22.39
C PRO A 469 -14.04 -20.70 -20.87
N LEU A 470 -13.09 -21.43 -20.33
CA LEU A 470 -12.88 -21.51 -18.88
C LEU A 470 -11.58 -20.79 -18.56
N THR A 471 -11.66 -19.73 -17.75
CA THR A 471 -10.51 -18.88 -17.51
C THR A 471 -9.57 -19.53 -16.50
N ILE A 472 -8.27 -19.46 -16.78
CA ILE A 472 -7.25 -20.03 -15.91
C ILE A 472 -7.05 -19.06 -14.75
N THR A 473 -7.51 -19.45 -13.56
CA THR A 473 -7.34 -18.67 -12.35
C THR A 473 -6.58 -19.48 -11.31
N LEU A 474 -6.32 -18.84 -10.16
CA LEU A 474 -5.57 -19.50 -9.10
C LEU A 474 -6.43 -20.48 -8.33
N VAL A 475 -7.65 -20.08 -7.97
CA VAL A 475 -8.49 -20.91 -7.11
C VAL A 475 -9.02 -22.13 -7.86
N ARG A 476 -9.08 -22.05 -9.20
CA ARG A 476 -9.46 -23.21 -9.98
C ARG A 476 -8.28 -24.13 -10.22
N GLU A 477 -7.06 -23.60 -10.13
CA GLU A 477 -5.87 -24.39 -10.42
C GLU A 477 -5.61 -25.43 -9.33
N GLU A 478 -6.05 -25.16 -8.10
CA GLU A 478 -5.78 -26.07 -6.99
C GLU A 478 -6.61 -27.35 -7.08
N VAL A 479 -7.82 -27.25 -7.62
CA VAL A 479 -8.74 -28.39 -7.60
C VAL A 479 -8.69 -29.19 -8.90
N ILE A 480 -8.58 -28.55 -10.06
CA ILE A 480 -8.52 -29.27 -11.33
C ILE A 480 -7.23 -28.91 -12.06
N ASP A 481 -7.03 -29.50 -13.24
CA ASP A 481 -5.81 -29.30 -14.02
C ASP A 481 -6.15 -28.61 -15.33
N PHE A 482 -5.39 -27.56 -15.64
CA PHE A 482 -5.57 -26.81 -16.88
C PHE A 482 -4.42 -27.10 -17.84
N SER A 483 -4.74 -27.12 -19.13
CA SER A 483 -3.73 -27.25 -20.17
C SER A 483 -3.10 -25.90 -20.47
N LYS A 484 -2.20 -25.89 -21.46
CA LYS A 484 -1.65 -24.64 -21.95
C LYS A 484 -2.74 -23.86 -22.69
N PRO A 485 -2.70 -22.52 -22.64
CA PRO A 485 -3.80 -21.72 -23.18
C PRO A 485 -3.89 -21.80 -24.70
N PHE A 486 -5.12 -21.95 -25.20
CA PHE A 486 -5.38 -21.94 -26.62
C PHE A 486 -5.91 -20.62 -27.13
N MET A 487 -6.18 -19.66 -26.24
CA MET A 487 -6.66 -18.35 -26.65
C MET A 487 -6.25 -17.33 -25.60
N SER A 488 -5.86 -16.14 -26.05
CA SER A 488 -5.42 -15.06 -25.18
C SER A 488 -6.38 -13.89 -25.32
N LEU A 489 -6.68 -13.23 -24.21
CA LEU A 489 -7.70 -12.20 -24.17
C LEU A 489 -7.37 -11.19 -23.08
N GLY A 490 -8.23 -10.18 -22.96
CA GLY A 490 -8.09 -9.17 -21.92
C GLY A 490 -9.29 -8.25 -21.92
N ILE A 491 -9.19 -7.19 -21.10
CA ILE A 491 -10.23 -6.17 -21.07
C ILE A 491 -10.03 -5.20 -22.22
N SER A 492 -11.12 -4.84 -22.91
CA SER A 492 -11.05 -3.94 -24.05
C SER A 492 -12.15 -2.90 -23.93
N ILE A 493 -12.17 -1.97 -24.88
CA ILE A 493 -13.05 -0.80 -24.87
C ILE A 493 -13.97 -0.87 -26.07
N MET A 494 -15.27 -0.64 -25.85
CA MET A 494 -16.26 -0.57 -26.92
C MET A 494 -16.87 0.82 -26.97
N ILE A 495 -16.81 1.46 -28.14
CA ILE A 495 -17.45 2.75 -28.37
C ILE A 495 -18.28 2.66 -29.64
N LYS A 496 -19.16 3.64 -29.81
CA LYS A 496 -19.97 3.72 -31.02
C LYS A 496 -19.11 4.15 -32.21
N LYS A 497 -19.38 3.55 -33.37
CA LYS A 497 -18.62 3.86 -34.57
C LYS A 497 -18.92 5.28 -35.04
N PRO A 498 -17.90 6.06 -35.39
CA PRO A 498 -18.15 7.43 -35.90
C PRO A 498 -18.77 7.38 -37.28
N GLN A 499 -19.84 8.16 -37.47
CA GLN A 499 -20.55 8.22 -38.73
C GLN A 499 -20.44 9.63 -39.31
N LYS A 500 -20.51 9.72 -40.64
CA LYS A 500 -20.39 11.00 -41.32
C LYS A 500 -21.75 11.70 -41.35
N SER A 501 -21.75 12.98 -40.98
CA SER A 501 -22.94 13.81 -41.04
C SER A 501 -22.80 14.78 -42.20
N LYS A 502 -23.80 14.83 -43.06
CA LYS A 502 -23.76 15.73 -44.20
C LYS A 502 -24.04 17.16 -43.74
N PRO A 503 -23.17 18.11 -44.07
CA PRO A 503 -23.44 19.50 -43.71
C PRO A 503 -24.58 20.08 -44.54
N GLY A 504 -25.16 21.16 -44.04
CA GLY A 504 -26.17 21.87 -44.79
C GLY A 504 -25.59 22.54 -46.03
N VAL A 505 -26.48 22.84 -46.97
CA VAL A 505 -26.03 23.46 -48.21
C VAL A 505 -25.67 24.93 -47.97
N PHE A 506 -26.30 25.57 -46.98
CA PHE A 506 -25.97 26.94 -46.63
C PHE A 506 -25.13 27.02 -45.36
N SER A 507 -24.19 26.09 -45.20
CA SER A 507 -23.33 26.09 -44.02
C SER A 507 -22.22 27.12 -44.14
N PHE A 508 -22.02 27.71 -45.31
CA PHE A 508 -21.01 28.76 -45.45
C PHE A 508 -21.46 30.07 -44.81
N LEU A 509 -22.77 30.21 -44.56
CA LEU A 509 -23.34 31.38 -43.92
C LEU A 509 -23.25 31.34 -42.40
N ASP A 510 -22.66 30.30 -41.84
CA ASP A 510 -22.56 30.07 -40.39
C ASP A 510 -21.59 30.91 -39.56
N PRO A 511 -20.41 31.37 -40.05
CA PRO A 511 -19.57 32.23 -39.18
C PRO A 511 -20.20 33.54 -38.75
N LEU A 512 -21.15 34.07 -39.50
CA LEU A 512 -21.94 35.20 -39.06
C LEU A 512 -23.36 34.75 -38.74
N ALA A 513 -23.97 35.42 -37.76
CA ALA A 513 -25.34 35.08 -37.39
C ALA A 513 -26.31 35.66 -38.42
N TYR A 514 -27.53 35.10 -38.43
CA TYR A 514 -28.52 35.52 -39.42
C TYR A 514 -29.02 36.93 -39.16
N GLU A 515 -28.87 37.40 -37.92
CA GLU A 515 -29.24 38.77 -37.59
C GLU A 515 -28.29 39.77 -38.24
N ILE A 516 -27.04 39.36 -38.47
CA ILE A 516 -26.08 40.23 -39.14
C ILE A 516 -26.37 40.30 -40.64
N TRP A 517 -26.71 39.16 -41.25
CA TRP A 517 -26.96 39.11 -42.69
C TRP A 517 -28.20 39.92 -43.08
N MET A 518 -29.15 40.05 -42.15
CA MET A 518 -30.31 40.91 -42.40
C MET A 518 -29.90 42.39 -42.36
N CYS A 519 -29.02 42.76 -41.44
CA CYS A 519 -28.66 44.17 -41.27
C CYS A 519 -27.71 44.66 -42.36
N ILE A 520 -27.01 43.73 -43.02
CA ILE A 520 -26.16 44.11 -44.15
C ILE A 520 -27.02 44.56 -45.33
N VAL A 521 -28.15 43.87 -45.55
CA VAL A 521 -29.06 44.24 -46.62
C VAL A 521 -29.76 45.55 -46.31
N PHE A 522 -30.13 45.75 -45.03
CA PHE A 522 -30.74 47.01 -44.61
C PHE A 522 -29.75 48.17 -44.73
N ALA A 523 -28.48 47.92 -44.44
CA ALA A 523 -27.46 48.96 -44.61
C ALA A 523 -27.14 49.19 -46.07
N TYR A 524 -27.36 48.18 -46.92
CA TYR A 524 -27.11 48.32 -48.35
C TYR A 524 -28.14 49.25 -48.99
N ILE A 525 -29.42 49.06 -48.64
CA ILE A 525 -30.48 49.90 -49.18
C ILE A 525 -30.36 51.32 -48.65
N GLY A 526 -29.98 51.45 -47.37
CA GLY A 526 -29.95 52.76 -46.74
C GLY A 526 -28.89 53.69 -47.31
N VAL A 527 -27.73 53.14 -47.65
CA VAL A 527 -26.65 53.96 -48.22
C VAL A 527 -26.99 54.41 -49.64
N SER A 528 -27.56 53.51 -50.44
CA SER A 528 -27.84 53.82 -51.85
C SER A 528 -28.95 54.85 -52.00
N VAL A 529 -29.91 54.85 -51.06
CA VAL A 529 -30.95 55.88 -51.07
C VAL A 529 -30.37 57.23 -50.68
N VAL A 530 -29.54 57.26 -49.63
CA VAL A 530 -28.95 58.51 -49.15
C VAL A 530 -27.96 59.07 -50.17
N LEU A 531 -27.22 58.19 -50.85
CA LEU A 531 -26.23 58.64 -51.83
C LEU A 531 -26.90 59.24 -53.06
N PHE A 532 -28.09 58.73 -53.42
CA PHE A 532 -28.83 59.33 -54.52
C PHE A 532 -29.38 60.70 -54.16
N LEU A 533 -29.94 60.82 -52.95
CA LEU A 533 -30.52 62.08 -52.52
C LEU A 533 -29.46 63.16 -52.35
N VAL A 534 -28.30 62.79 -51.82
CA VAL A 534 -27.27 63.78 -51.49
C VAL A 534 -26.53 64.23 -52.74
N SER A 535 -26.65 63.47 -53.83
CA SER A 535 -25.97 63.81 -55.07
C SER A 535 -26.88 64.60 -56.01
N ARG A 536 -28.10 64.11 -56.22
CA ARG A 536 -29.09 64.79 -57.06
C ARG A 536 -29.89 65.79 -56.23
N PHE A 537 -29.29 66.95 -56.00
CA PHE A 537 -30.00 68.03 -55.33
C PHE A 537 -30.59 68.93 -56.42
N SER A 538 -31.18 70.07 -56.04
CA SER A 538 -31.87 70.89 -57.03
C SER A 538 -30.94 71.66 -57.98
N PRO A 539 -29.82 72.25 -57.56
CA PRO A 539 -28.82 72.68 -58.56
C PRO A 539 -27.79 71.62 -58.93
N TYR A 540 -28.07 70.34 -58.65
CA TYR A 540 -27.16 69.20 -58.84
C TYR A 540 -25.85 69.39 -58.08
N SER A 558 -20.94 70.64 -62.69
CA SER A 558 -22.20 69.91 -62.73
C SER A 558 -22.04 68.62 -63.52
N THR A 559 -23.07 68.30 -64.33
CA THR A 559 -23.15 67.08 -65.14
C THR A 559 -22.98 65.84 -64.26
N ASN A 560 -23.95 65.61 -63.36
CA ASN A 560 -23.88 64.50 -62.44
C ASN A 560 -24.46 63.25 -63.07
N GLU A 561 -24.01 62.08 -62.59
CA GLU A 561 -24.39 60.81 -63.19
C GLU A 561 -25.02 59.84 -62.18
N PHE A 562 -24.93 60.15 -60.89
CA PHE A 562 -25.39 59.24 -59.83
C PHE A 562 -26.92 59.21 -59.80
N GLY A 563 -27.50 58.34 -60.61
CA GLY A 563 -28.89 57.95 -60.49
C GLY A 563 -29.02 56.79 -59.52
N ILE A 564 -30.27 56.32 -59.35
CA ILE A 564 -30.52 55.25 -58.39
C ILE A 564 -30.00 53.91 -58.93
N PHE A 565 -29.91 53.78 -60.25
CA PHE A 565 -29.37 52.55 -60.81
C PHE A 565 -27.85 52.55 -60.74
N ASN A 566 -27.25 53.74 -60.79
CA ASN A 566 -25.80 53.85 -60.58
C ASN A 566 -25.46 53.74 -59.10
N SER A 567 -26.33 54.23 -58.21
CA SER A 567 -26.02 54.25 -56.79
C SER A 567 -26.10 52.85 -56.17
N LEU A 568 -27.03 52.03 -56.64
CA LEU A 568 -27.05 50.63 -56.23
C LEU A 568 -25.86 49.87 -56.80
N TRP A 569 -25.40 50.26 -57.99
CA TRP A 569 -24.25 49.58 -58.59
C TRP A 569 -22.93 50.01 -57.95
N PHE A 570 -22.86 51.26 -57.48
CA PHE A 570 -21.65 51.71 -56.78
C PHE A 570 -21.52 51.03 -55.42
N SER A 571 -22.63 50.90 -54.69
CA SER A 571 -22.59 50.29 -53.36
C SER A 571 -22.36 48.78 -53.45
N LEU A 572 -22.77 48.14 -54.53
CA LEU A 572 -22.54 46.71 -54.69
C LEU A 572 -21.08 46.43 -54.99
N GLY A 573 -20.45 47.31 -55.78
CA GLY A 573 -19.04 47.12 -56.08
C GLY A 573 -18.13 47.43 -54.91
N ALA A 574 -18.56 48.35 -54.04
CA ALA A 574 -17.73 48.73 -52.90
C ALA A 574 -17.73 47.65 -51.83
N PHE A 575 -18.84 46.94 -51.66
CA PHE A 575 -18.90 45.88 -50.66
C PHE A 575 -18.09 44.67 -51.08
N MET A 576 -18.09 44.34 -52.37
CA MET A 576 -17.40 43.17 -52.86
C MET A 576 -15.92 43.41 -53.11
N GLN A 577 -15.45 44.65 -52.93
CA GLN A 577 -14.04 45.07 -53.11
C GLN A 577 -13.53 44.77 -54.51
N GLN A 578 -14.39 44.97 -55.51
CA GLN A 578 -14.04 44.71 -56.90
C GLN A 578 -13.89 45.99 -57.71
N GLY A 579 -13.94 47.16 -57.07
CA GLY A 579 -13.76 48.42 -57.76
C GLY A 579 -15.06 49.02 -58.26
N CYS A 580 -14.92 50.15 -58.96
CA CYS A 580 -16.06 50.88 -59.48
C CYS A 580 -15.66 51.59 -60.76
N ASP A 581 -16.66 51.84 -61.61
CA ASP A 581 -16.40 52.57 -62.85
C ASP A 581 -16.23 54.06 -62.59
N ILE A 582 -17.01 54.60 -61.66
CA ILE A 582 -17.05 56.03 -61.39
C ILE A 582 -17.08 56.28 -59.89
N SER A 583 -16.57 57.45 -59.50
CA SER A 583 -16.41 57.85 -58.12
C SER A 583 -17.18 59.14 -57.85
N PRO A 584 -17.59 59.38 -56.61
CA PRO A 584 -18.21 60.67 -56.28
C PRO A 584 -17.20 61.81 -56.34
N ARG A 585 -17.66 62.95 -56.84
CA ARG A 585 -16.82 64.14 -56.95
C ARG A 585 -17.25 65.27 -56.02
N SER A 586 -18.45 65.20 -55.46
CA SER A 586 -18.90 66.17 -54.47
C SER A 586 -18.49 65.72 -53.08
N LEU A 587 -18.30 66.68 -52.18
CA LEU A 587 -17.76 66.38 -50.86
C LEU A 587 -18.73 65.56 -50.03
N SER A 588 -20.04 65.84 -50.14
CA SER A 588 -21.02 65.04 -49.45
C SER A 588 -21.15 63.65 -50.07
N GLY A 589 -20.80 63.53 -51.35
CA GLY A 589 -20.73 62.21 -51.97
C GLY A 589 -19.52 61.42 -51.52
N ARG A 590 -18.41 62.11 -51.24
CA ARG A 590 -17.20 61.41 -50.81
C ARG A 590 -17.30 60.97 -49.35
N ILE A 591 -18.09 61.69 -48.55
CA ILE A 591 -18.30 61.29 -47.16
C ILE A 591 -19.10 59.99 -47.08
N VAL A 592 -20.18 59.90 -47.85
CA VAL A 592 -21.04 58.73 -47.79
C VAL A 592 -20.36 57.54 -48.44
N GLY A 593 -19.43 57.80 -49.37
CA GLY A 593 -18.65 56.70 -49.93
C GLY A 593 -17.61 56.16 -48.96
N GLY A 594 -16.94 57.04 -48.22
CA GLY A 594 -15.81 56.62 -47.42
C GLY A 594 -16.21 55.84 -46.18
N VAL A 595 -17.38 56.16 -45.61
CA VAL A 595 -17.83 55.45 -44.42
C VAL A 595 -18.27 54.04 -44.78
N TRP A 596 -18.86 53.87 -45.97
CA TRP A 596 -19.23 52.54 -46.43
C TRP A 596 -18.00 51.68 -46.74
N TRP A 597 -16.88 52.32 -47.10
CA TRP A 597 -15.64 51.59 -47.26
C TRP A 597 -15.12 51.05 -45.93
N PHE A 598 -15.31 51.80 -44.85
CA PHE A 598 -14.89 51.33 -43.54
C PHE A 598 -15.81 50.25 -43.01
N PHE A 599 -17.07 50.26 -43.46
CA PHE A 599 -18.01 49.21 -43.07
C PHE A 599 -17.62 47.87 -43.68
N THR A 600 -17.30 47.86 -44.98
CA THR A 600 -17.05 46.60 -45.67
C THR A 600 -15.67 46.04 -45.32
N LEU A 601 -14.79 46.85 -44.75
CA LEU A 601 -13.46 46.36 -44.37
C LEU A 601 -13.53 45.48 -43.13
N ILE A 602 -14.37 45.88 -42.16
CA ILE A 602 -14.45 45.15 -40.90
C ILE A 602 -15.24 43.85 -41.06
N ILE A 603 -16.29 43.89 -41.87
CA ILE A 603 -17.20 42.74 -42.01
C ILE A 603 -16.50 41.58 -42.74
N ILE A 604 -15.73 41.89 -43.78
CA ILE A 604 -15.02 40.85 -44.52
C ILE A 604 -13.90 40.26 -43.68
N SER A 605 -13.19 41.11 -42.93
CA SER A 605 -12.12 40.61 -42.06
C SER A 605 -12.67 39.82 -40.88
N SER A 606 -13.91 40.10 -40.47
CA SER A 606 -14.53 39.31 -39.42
C SER A 606 -14.96 37.94 -39.93
N TYR A 607 -15.31 37.86 -41.21
CA TYR A 607 -15.76 36.58 -41.78
C TYR A 607 -14.60 35.62 -41.96
N THR A 608 -13.46 36.12 -42.45
CA THR A 608 -12.31 35.26 -42.70
C THR A 608 -11.71 34.74 -41.40
N ALA A 609 -11.69 35.59 -40.36
CA ALA A 609 -11.07 35.20 -39.10
C ALA A 609 -11.94 34.22 -38.32
N ASN A 610 -13.27 34.41 -38.36
CA ASN A 610 -14.15 33.51 -37.63
C ASN A 610 -14.24 32.16 -38.32
N LEU A 611 -14.12 32.13 -39.64
CA LEU A 611 -14.09 30.86 -40.38
C LEU A 611 -12.82 30.09 -40.05
N ALA A 612 -11.71 30.79 -39.84
CA ALA A 612 -10.48 30.12 -39.42
C ALA A 612 -10.57 29.61 -37.99
N ALA A 613 -11.45 30.22 -37.19
CA ALA A 613 -11.67 29.73 -35.83
C ALA A 613 -12.45 28.42 -35.84
N PHE A 614 -13.37 28.26 -36.79
CA PHE A 614 -14.16 27.04 -36.87
C PHE A 614 -13.31 25.86 -37.30
N LEU A 615 -12.48 26.03 -38.33
CA LEU A 615 -11.77 24.91 -38.91
C LEU A 615 -10.60 24.47 -38.03
N THR A 616 -10.07 25.38 -37.20
CA THR A 616 -8.97 25.02 -36.33
C THR A 616 -9.45 24.20 -35.14
N VAL A 617 -10.55 24.63 -34.51
CA VAL A 617 -11.10 23.91 -33.35
C VAL A 617 -11.64 22.55 -33.79
N GLU A 618 -12.22 22.47 -34.98
CA GLU A 618 -12.69 21.19 -35.52
C GLU A 618 -11.53 20.25 -35.81
N ARG A 619 -10.36 20.80 -36.14
CA ARG A 619 -9.20 19.97 -36.42
C ARG A 619 -8.56 19.46 -35.12
N MET A 620 -8.70 20.22 -34.03
CA MET A 620 -8.09 19.80 -32.77
C MET A 620 -8.88 18.72 -32.06
N VAL A 621 -10.12 18.44 -32.51
CA VAL A 621 -10.92 17.40 -31.89
C VAL A 621 -10.31 16.03 -32.21
N SER A 622 -9.94 15.30 -31.17
CA SER A 622 -9.24 14.04 -31.31
C SER A 622 -10.05 12.91 -30.67
N PRO A 623 -10.11 11.75 -31.30
CA PRO A 623 -10.85 10.62 -30.72
C PRO A 623 -10.08 9.95 -29.60
N ILE A 624 -10.73 8.98 -28.99
CA ILE A 624 -10.14 8.18 -27.91
C ILE A 624 -9.50 6.94 -28.52
N GLU A 625 -8.25 6.67 -28.14
CA GLU A 625 -7.56 5.48 -28.63
C GLU A 625 -6.89 4.64 -27.55
N SER A 626 -7.08 4.96 -26.27
CA SER A 626 -6.48 4.19 -25.19
C SER A 626 -7.29 4.39 -23.92
N ALA A 627 -6.93 3.63 -22.89
CA ALA A 627 -7.57 3.79 -21.59
C ALA A 627 -7.06 5.02 -20.87
N GLU A 628 -5.85 5.47 -21.22
CA GLU A 628 -5.30 6.70 -20.65
C GLU A 628 -6.12 7.91 -21.08
N ASP A 629 -6.60 7.92 -22.32
CA ASP A 629 -7.41 9.03 -22.81
C ASP A 629 -8.79 9.04 -22.17
N LEU A 630 -9.29 7.88 -21.77
CA LEU A 630 -10.55 7.83 -21.02
C LEU A 630 -10.38 8.40 -19.62
N SER A 631 -9.18 8.30 -19.06
CA SER A 631 -8.98 8.62 -17.64
C SER A 631 -9.00 10.13 -17.40
N LYS A 632 -8.44 10.91 -18.31
CA LYS A 632 -8.31 12.35 -18.13
C LYS A 632 -9.53 13.12 -18.62
N GLN A 633 -10.49 12.47 -19.25
CA GLN A 633 -11.51 13.12 -20.05
C GLN A 633 -12.89 12.68 -19.58
N THR A 634 -13.79 13.65 -19.37
CA THR A 634 -15.00 13.38 -18.59
C THR A 634 -16.26 13.96 -19.26
N GLU A 635 -16.30 14.06 -20.59
CA GLU A 635 -17.61 14.27 -21.19
C GLU A 635 -18.25 12.96 -21.61
N ILE A 636 -17.46 11.88 -21.67
CA ILE A 636 -17.96 10.54 -21.99
C ILE A 636 -17.88 9.69 -20.74
N ALA A 637 -19.00 9.09 -20.36
CA ALA A 637 -19.07 8.25 -19.18
C ALA A 637 -18.80 6.79 -19.55
N TYR A 638 -18.15 6.06 -18.66
CA TYR A 638 -17.76 4.68 -18.89
C TYR A 638 -18.14 3.83 -17.68
N GLY A 639 -18.58 2.60 -17.95
CA GLY A 639 -18.98 1.69 -16.89
C GLY A 639 -18.75 0.25 -17.30
N THR A 640 -18.85 -0.63 -16.30
CA THR A 640 -18.68 -2.06 -16.47
C THR A 640 -19.93 -2.79 -16.00
N LEU A 641 -19.91 -4.12 -16.11
CA LEU A 641 -21.03 -4.93 -15.66
C LEU A 641 -21.03 -4.99 -14.13
N ASP A 642 -22.22 -5.19 -13.55
CA ASP A 642 -22.41 -4.95 -12.12
C ASP A 642 -21.76 -6.03 -11.26
N SER A 643 -21.61 -7.25 -11.77
CA SER A 643 -20.98 -8.33 -11.03
C SER A 643 -20.17 -9.22 -11.95
N GLY A 644 -18.88 -9.33 -11.69
CA GLY A 644 -18.01 -10.16 -12.50
C GLY A 644 -16.56 -9.87 -12.19
N SER A 645 -15.70 -10.54 -12.97
CA SER A 645 -14.25 -10.37 -12.80
C SER A 645 -13.79 -9.04 -13.38
N THR A 646 -14.61 -8.42 -14.24
CA THR A 646 -14.24 -7.14 -14.82
C THR A 646 -14.31 -6.03 -13.79
N LYS A 647 -15.38 -6.00 -12.98
CA LYS A 647 -15.51 -5.01 -11.93
C LYS A 647 -14.50 -5.23 -10.81
N GLU A 648 -14.21 -6.50 -10.49
CA GLU A 648 -13.27 -6.81 -9.42
C GLU A 648 -11.84 -6.48 -9.81
N PHE A 649 -11.57 -6.35 -11.11
CA PHE A 649 -10.24 -5.96 -11.57
C PHE A 649 -9.93 -4.52 -11.19
N PHE A 650 -10.88 -3.61 -11.41
CA PHE A 650 -10.63 -2.20 -11.12
C PHE A 650 -10.68 -1.91 -9.63
N ARG A 651 -11.36 -2.77 -8.85
CA ARG A 651 -11.49 -2.54 -7.42
C ARG A 651 -10.16 -2.76 -6.69
N ARG A 652 -9.56 -3.93 -6.88
CA ARG A 652 -8.34 -4.29 -6.16
C ARG A 652 -7.06 -3.84 -6.86
N SER A 653 -7.17 -3.06 -7.93
CA SER A 653 -5.98 -2.65 -8.68
C SER A 653 -5.18 -1.61 -7.91
N LYS A 654 -3.88 -1.53 -8.20
CA LYS A 654 -3.00 -0.54 -7.62
C LYS A 654 -2.26 0.28 -8.68
N ILE A 655 -2.60 0.13 -9.95
CA ILE A 655 -2.02 0.95 -11.00
C ILE A 655 -2.69 2.32 -10.97
N ALA A 656 -1.88 3.37 -11.13
CA ALA A 656 -2.36 4.74 -10.92
C ALA A 656 -3.38 5.15 -11.99
N VAL A 657 -3.25 4.60 -13.19
CA VAL A 657 -4.26 4.80 -14.23
C VAL A 657 -5.57 4.15 -13.84
N PHE A 658 -5.49 2.93 -13.28
CA PHE A 658 -6.70 2.17 -13.00
C PHE A 658 -7.33 2.60 -11.67
N ASP A 659 -6.53 3.17 -10.77
CA ASP A 659 -7.06 3.72 -9.52
C ASP A 659 -7.97 4.91 -9.78
N LYS A 660 -7.61 5.75 -10.75
CA LYS A 660 -8.41 6.93 -11.05
C LYS A 660 -9.68 6.56 -11.79
N MET A 661 -9.65 5.49 -12.59
CA MET A 661 -10.84 5.05 -13.30
C MET A 661 -11.87 4.44 -12.36
N TRP A 662 -11.42 3.78 -11.30
CA TRP A 662 -12.36 3.21 -10.33
C TRP A 662 -12.95 4.29 -9.43
N THR A 663 -12.19 5.36 -9.20
CA THR A 663 -12.67 6.46 -8.37
C THR A 663 -13.84 7.18 -9.04
N TYR A 664 -13.78 7.34 -10.37
CA TYR A 664 -14.88 7.97 -11.10
C TYR A 664 -16.11 7.08 -11.14
N MET A 665 -15.90 5.77 -11.37
CA MET A 665 -17.05 4.87 -11.50
C MET A 665 -17.69 4.59 -10.15
N ARG A 666 -16.94 4.75 -9.05
CA ARG A 666 -17.54 4.65 -7.73
C ARG A 666 -18.49 5.81 -7.45
N SER A 667 -18.00 7.03 -7.58
CA SER A 667 -18.79 8.23 -7.29
C SER A 667 -19.31 8.83 -8.59
N ALA A 668 -20.38 8.23 -9.10
CA ALA A 668 -21.02 8.72 -10.32
C ALA A 668 -22.53 8.57 -10.20
N GLU A 669 -23.24 9.63 -10.56
CA GLU A 669 -24.70 9.62 -10.58
C GLU A 669 -25.16 10.18 -11.92
N PRO A 670 -25.98 9.44 -12.69
CA PRO A 670 -26.57 8.12 -12.45
C PRO A 670 -25.59 6.96 -12.60
N SER A 671 -26.05 5.74 -12.33
CA SER A 671 -25.16 4.58 -12.30
C SER A 671 -24.66 4.22 -13.69
N VAL A 672 -23.35 4.11 -13.82
CA VAL A 672 -22.76 3.71 -15.09
C VAL A 672 -22.76 2.19 -15.23
N PHE A 673 -22.96 1.48 -14.11
CA PHE A 673 -22.96 0.02 -14.15
C PHE A 673 -24.28 -0.49 -14.72
N VAL A 674 -24.20 -1.59 -15.47
CA VAL A 674 -25.36 -2.18 -16.13
C VAL A 674 -25.59 -3.59 -15.57
N ARG A 675 -26.79 -4.10 -15.81
CA ARG A 675 -27.17 -5.40 -15.25
C ARG A 675 -26.62 -6.54 -16.10
N THR A 676 -26.71 -6.44 -17.42
CA THR A 676 -26.30 -7.53 -18.30
C THR A 676 -25.54 -6.96 -19.49
N THR A 677 -24.97 -7.87 -20.29
CA THR A 677 -24.17 -7.47 -21.45
C THR A 677 -25.04 -6.87 -22.54
N ALA A 678 -26.24 -7.43 -22.75
CA ALA A 678 -27.14 -6.93 -23.79
C ALA A 678 -27.65 -5.53 -23.46
N GLU A 679 -27.80 -5.22 -22.17
CA GLU A 679 -28.13 -3.85 -21.77
C GLU A 679 -26.95 -2.92 -22.00
N GLY A 680 -25.72 -3.42 -21.81
CA GLY A 680 -24.55 -2.58 -21.98
C GLY A 680 -24.30 -2.20 -23.43
N VAL A 681 -24.52 -3.13 -24.35
CA VAL A 681 -24.40 -2.82 -25.77
C VAL A 681 -25.54 -1.92 -26.21
N ALA A 682 -26.70 -2.04 -25.55
CA ALA A 682 -27.85 -1.21 -25.90
C ALA A 682 -27.63 0.25 -25.52
N ARG A 683 -26.91 0.50 -24.42
CA ARG A 683 -26.66 1.89 -24.02
C ARG A 683 -25.67 2.57 -24.96
N VAL A 684 -24.72 1.81 -25.50
CA VAL A 684 -23.70 2.38 -26.40
C VAL A 684 -24.33 2.87 -27.69
N ARG A 685 -25.31 2.12 -28.21
CA ARG A 685 -25.88 2.44 -29.52
C ARG A 685 -26.80 3.65 -29.46
N LYS A 686 -27.42 3.91 -28.30
CA LYS A 686 -28.44 4.94 -28.20
C LYS A 686 -27.99 6.21 -27.49
N SER A 687 -26.79 6.23 -26.92
CA SER A 687 -26.33 7.41 -26.18
C SER A 687 -25.57 8.41 -27.04
N LYS A 688 -25.53 8.19 -28.36
CA LYS A 688 -24.98 9.14 -29.34
C LYS A 688 -23.50 9.44 -29.10
N GLY A 689 -22.74 8.41 -28.74
CA GLY A 689 -21.32 8.57 -28.55
C GLY A 689 -20.89 9.09 -27.19
N LYS A 690 -21.75 9.01 -26.17
CA LYS A 690 -21.44 9.50 -24.85
C LYS A 690 -21.13 8.39 -23.85
N TYR A 691 -21.26 7.13 -24.24
CA TYR A 691 -21.05 6.01 -23.33
C TYR A 691 -20.11 4.99 -23.94
N ALA A 692 -19.16 4.52 -23.13
CA ALA A 692 -18.20 3.50 -23.53
C ALA A 692 -18.30 2.33 -22.57
N TYR A 693 -18.30 1.11 -23.11
CA TYR A 693 -18.51 -0.09 -22.32
C TYR A 693 -17.24 -0.93 -22.29
N LEU A 694 -16.89 -1.40 -21.10
CA LEU A 694 -15.66 -2.16 -20.87
C LEU A 694 -16.01 -3.64 -20.71
N LEU A 695 -15.55 -4.46 -21.66
CA LEU A 695 -15.89 -5.88 -21.66
C LEU A 695 -14.67 -6.67 -22.11
N GLU A 696 -14.88 -7.99 -22.25
CA GLU A 696 -13.81 -8.89 -22.65
C GLU A 696 -13.42 -8.66 -24.11
N SER A 697 -12.23 -9.15 -24.48
CA SER A 697 -11.70 -8.88 -25.81
C SER A 697 -12.43 -9.68 -26.88
N THR A 698 -12.77 -10.93 -26.60
CA THR A 698 -13.33 -11.81 -27.63
C THR A 698 -14.80 -11.49 -27.90
N MET A 699 -15.54 -11.07 -26.88
CA MET A 699 -16.91 -10.62 -27.10
C MET A 699 -16.95 -9.29 -27.84
N ASN A 700 -15.92 -8.46 -27.66
CA ASN A 700 -15.88 -7.16 -28.34
C ASN A 700 -15.68 -7.34 -29.84
N GLU A 701 -14.95 -8.39 -30.23
CA GLU A 701 -14.72 -8.62 -31.66
C GLU A 701 -15.92 -9.28 -32.32
N TYR A 702 -16.71 -10.04 -31.56
CA TYR A 702 -17.85 -10.73 -32.15
C TYR A 702 -19.04 -9.80 -32.34
N ILE A 703 -19.29 -8.92 -31.38
CA ILE A 703 -20.42 -7.98 -31.48
C ILE A 703 -20.14 -6.94 -32.57
N GLU A 704 -18.86 -6.62 -32.77
CA GLU A 704 -18.47 -5.68 -33.82
C GLU A 704 -18.78 -6.22 -35.22
N GLN A 705 -18.75 -7.54 -35.40
CA GLN A 705 -18.97 -8.18 -36.69
C GLN A 705 -20.41 -8.60 -36.92
N ARG A 706 -21.38 -7.93 -36.28
CA ARG A 706 -22.79 -8.25 -36.46
C ARG A 706 -23.56 -6.98 -36.80
N LYS A 707 -24.70 -7.17 -37.47
CA LYS A 707 -25.56 -6.05 -37.80
C LYS A 707 -26.21 -5.48 -36.54
N PRO A 708 -26.45 -4.16 -36.48
CA PRO A 708 -26.35 -3.11 -37.50
C PRO A 708 -24.97 -2.51 -37.78
N CYS A 709 -23.88 -3.15 -37.33
CA CYS A 709 -22.50 -2.78 -37.65
C CYS A 709 -22.17 -1.35 -37.20
N ASP A 710 -22.47 -1.03 -35.95
CA ASP A 710 -22.36 0.34 -35.46
C ASP A 710 -21.51 0.46 -34.20
N THR A 711 -20.68 -0.54 -33.90
CA THR A 711 -19.75 -0.48 -32.77
C THR A 711 -18.34 -0.73 -33.25
N MET A 712 -17.36 -0.27 -32.48
CA MET A 712 -15.96 -0.33 -32.88
C MET A 712 -15.10 -0.57 -31.65
N LYS A 713 -14.03 -1.35 -31.84
CA LYS A 713 -13.07 -1.66 -30.80
C LYS A 713 -11.85 -0.76 -30.92
N VAL A 714 -11.50 -0.09 -29.82
CA VAL A 714 -10.37 0.84 -29.80
C VAL A 714 -9.37 0.39 -28.74
N GLY A 715 -8.10 0.71 -28.96
CA GLY A 715 -7.09 0.50 -27.96
C GLY A 715 -6.50 -0.89 -27.96
N GLY A 716 -5.89 -1.23 -26.83
CA GLY A 716 -5.29 -2.53 -26.62
C GLY A 716 -5.81 -3.21 -25.38
N ASN A 717 -5.39 -4.45 -25.16
CA ASN A 717 -5.83 -5.20 -23.99
C ASN A 717 -5.22 -4.62 -22.72
N LEU A 718 -6.03 -4.50 -21.67
CA LEU A 718 -5.55 -3.92 -20.42
C LEU A 718 -4.79 -4.96 -19.60
N ASP A 719 -5.29 -6.19 -19.54
CA ASP A 719 -4.63 -7.27 -18.84
C ASP A 719 -4.51 -8.50 -19.75
N SER A 720 -3.90 -9.55 -19.22
CA SER A 720 -3.69 -10.78 -19.96
C SER A 720 -4.30 -11.95 -19.22
N LYS A 721 -5.12 -12.72 -19.93
CA LYS A 721 -5.76 -13.92 -19.39
C LYS A 721 -5.67 -15.02 -20.43
N GLY A 722 -6.21 -16.18 -20.09
CA GLY A 722 -6.18 -17.31 -21.00
C GLY A 722 -7.38 -18.22 -20.81
N TYR A 723 -7.63 -19.02 -21.84
CA TYR A 723 -8.65 -20.07 -21.81
C TYR A 723 -7.95 -21.42 -21.93
N GLY A 724 -8.37 -22.39 -21.12
CA GLY A 724 -7.70 -23.68 -21.08
C GLY A 724 -8.67 -24.84 -21.06
N ILE A 725 -8.18 -25.97 -21.56
CA ILE A 725 -8.93 -27.22 -21.47
C ILE A 725 -8.70 -27.84 -20.10
N ALA A 726 -9.78 -28.24 -19.44
CA ALA A 726 -9.72 -28.66 -18.04
C ALA A 726 -10.10 -30.12 -17.90
N THR A 727 -9.29 -30.86 -17.16
CA THR A 727 -9.50 -32.25 -16.80
C THR A 727 -9.40 -32.38 -15.28
N PRO A 728 -10.05 -33.38 -14.69
CA PRO A 728 -9.90 -33.60 -13.25
C PRO A 728 -8.49 -34.03 -12.87
N LYS A 729 -8.16 -33.84 -11.60
CA LYS A 729 -6.80 -34.09 -11.13
C LYS A 729 -6.52 -35.59 -11.08
N GLY A 730 -5.33 -35.96 -11.53
CA GLY A 730 -4.95 -37.37 -11.57
C GLY A 730 -5.70 -38.19 -12.59
N SER A 731 -5.77 -37.70 -13.83
CA SER A 731 -6.44 -38.41 -14.92
C SER A 731 -5.43 -38.73 -16.00
N SER A 732 -5.71 -39.81 -16.74
CA SER A 732 -4.82 -40.24 -17.81
C SER A 732 -4.92 -39.31 -19.02
N LEU A 733 -6.01 -38.54 -19.13
CA LEU A 733 -6.19 -37.64 -20.26
C LEU A 733 -5.39 -36.36 -20.12
N GLY A 734 -4.67 -36.18 -19.02
CA GLY A 734 -4.02 -34.91 -18.76
C GLY A 734 -2.87 -34.61 -19.70
N THR A 735 -1.96 -35.58 -19.87
CA THR A 735 -0.81 -35.35 -20.74
C THR A 735 -1.07 -35.44 -22.26
N PRO A 736 -1.94 -36.31 -22.81
CA PRO A 736 -2.16 -36.24 -24.27
C PRO A 736 -2.89 -35.00 -24.74
N VAL A 737 -3.80 -34.45 -23.92
CA VAL A 737 -4.51 -33.22 -24.30
C VAL A 737 -3.56 -32.03 -24.32
N ASN A 738 -2.59 -32.01 -23.40
CA ASN A 738 -1.62 -30.93 -23.34
C ASN A 738 -0.70 -30.92 -24.57
N LEU A 739 -0.30 -32.10 -25.04
CA LEU A 739 0.50 -32.17 -26.25
C LEU A 739 -0.35 -31.91 -27.49
N ALA A 740 -1.66 -32.15 -27.40
CA ALA A 740 -2.53 -31.92 -28.54
C ALA A 740 -2.74 -30.43 -28.80
N VAL A 741 -2.88 -29.64 -27.73
CA VAL A 741 -3.11 -28.20 -27.89
C VAL A 741 -1.85 -27.52 -28.42
N LEU A 742 -0.68 -27.95 -27.96
CA LEU A 742 0.57 -27.38 -28.45
C LEU A 742 0.83 -27.76 -29.90
N LYS A 743 0.29 -28.90 -30.35
CA LYS A 743 0.42 -29.27 -31.75
C LYS A 743 -0.54 -28.48 -32.62
N LEU A 744 -1.78 -28.28 -32.14
CA LEU A 744 -2.76 -27.51 -32.91
C LEU A 744 -2.41 -26.03 -32.96
N SER A 745 -1.65 -25.55 -31.97
CA SER A 745 -1.27 -24.15 -31.95
C SER A 745 -0.18 -23.86 -32.98
N GLU A 746 0.78 -24.77 -33.13
CA GLU A 746 1.92 -24.52 -34.00
C GLU A 746 1.62 -24.78 -35.47
N GLN A 747 0.57 -25.54 -35.78
CA GLN A 747 0.16 -25.77 -37.15
C GLN A 747 -0.85 -24.74 -37.64
N GLY A 748 -1.19 -23.76 -36.81
CA GLY A 748 -2.13 -22.73 -37.20
C GLY A 748 -3.58 -23.18 -37.30
N VAL A 749 -3.92 -24.35 -36.76
CA VAL A 749 -5.29 -24.82 -36.84
C VAL A 749 -6.19 -24.03 -35.90
N LEU A 750 -5.65 -23.55 -34.78
CA LEU A 750 -6.39 -22.65 -33.91
C LEU A 750 -6.59 -21.30 -34.58
N ASP A 751 -5.60 -20.83 -35.33
CA ASP A 751 -5.75 -19.58 -36.08
C ASP A 751 -6.70 -19.76 -37.25
N LYS A 752 -6.79 -20.98 -37.79
CA LYS A 752 -7.69 -21.24 -38.91
C LYS A 752 -9.15 -21.25 -38.46
N LEU A 753 -9.41 -21.84 -37.29
CA LEU A 753 -10.78 -21.88 -36.78
C LEU A 753 -11.24 -20.50 -36.32
N LYS A 754 -10.32 -19.68 -35.79
CA LYS A 754 -10.70 -18.36 -35.30
C LYS A 754 -11.08 -17.42 -36.45
N ASN A 755 -10.41 -17.54 -37.60
CA ASN A 755 -10.72 -16.70 -38.75
C ASN A 755 -12.07 -17.07 -39.36
N LYS A 756 -12.45 -18.35 -39.25
CA LYS A 756 -13.65 -18.82 -39.93
C LYS A 756 -14.91 -18.46 -39.14
N TRP A 757 -14.87 -18.61 -37.81
CA TRP A 757 -16.08 -18.40 -37.01
C TRP A 757 -16.34 -16.92 -36.72
N TRP A 758 -15.27 -16.15 -36.50
CA TRP A 758 -15.45 -14.73 -36.21
C TRP A 758 -15.70 -13.91 -37.48
N TYR A 759 -14.93 -14.17 -38.54
CA TYR A 759 -14.97 -13.26 -39.69
C TYR A 759 -15.80 -13.80 -40.85
N ASP A 760 -15.66 -15.10 -41.17
CA ASP A 760 -16.33 -15.62 -42.36
C ASP A 760 -17.83 -15.75 -42.17
N LYS A 761 -18.29 -15.96 -40.93
CA LYS A 761 -19.70 -15.85 -40.62
C LYS A 761 -20.09 -14.44 -40.21
N GLY A 762 -19.30 -13.44 -40.57
CA GLY A 762 -19.56 -12.08 -40.15
C GLY A 762 -20.52 -11.40 -41.10
N GLU A 763 -21.45 -10.63 -40.53
CA GLU A 763 -22.41 -9.89 -41.34
C GLU A 763 -21.82 -8.58 -41.84
N CYS A 764 -20.95 -7.96 -41.04
CA CYS A 764 -20.25 -6.73 -41.44
C CYS A 764 -19.14 -7.11 -42.39
N GLY A 765 -19.49 -7.31 -43.66
CA GLY A 765 -18.56 -7.85 -44.63
C GLY A 765 -17.47 -6.91 -45.08
N ALA A 766 -16.21 -7.27 -44.77
CA ALA A 766 -15.00 -6.49 -45.11
C ALA A 766 -15.09 -5.07 -44.57
N LYS A 767 -15.55 -4.94 -43.32
CA LYS A 767 -15.76 -3.63 -42.71
C LYS A 767 -14.43 -2.94 -42.39
N ASP A 768 -13.35 -3.72 -42.25
CA ASP A 768 -12.05 -3.17 -41.88
C ASP A 768 -11.47 -2.28 -42.97
N SER A 769 -11.91 -2.47 -44.23
CA SER A 769 -11.41 -1.66 -45.33
C SER A 769 -11.93 -0.22 -45.24
N GLY A 770 -13.14 -0.04 -44.72
CA GLY A 770 -13.72 1.30 -44.66
C GLY A 770 -13.09 2.19 -43.62
N SER A 771 -12.40 1.59 -42.64
CA SER A 771 -11.82 2.37 -41.55
C SER A 771 -10.53 3.07 -41.96
N LYS A 772 -10.00 2.75 -43.14
CA LYS A 772 -8.70 3.27 -43.54
C LYS A 772 -8.76 4.74 -43.95
N GLU A 773 -9.77 5.12 -44.73
CA GLU A 773 -9.75 6.39 -45.43
C GLU A 773 -10.00 7.55 -44.47
N LYS A 774 -9.17 8.59 -44.60
CA LYS A 774 -9.27 9.79 -43.76
C LYS A 774 -8.53 10.92 -44.45
N THR A 775 -9.22 12.03 -44.68
CA THR A 775 -8.60 13.22 -45.25
C THR A 775 -9.34 14.45 -44.73
N SER A 776 -8.66 15.59 -44.81
CA SER A 776 -9.21 16.85 -44.27
C SER A 776 -8.98 17.96 -45.29
N ALA A 777 -10.05 18.36 -45.98
CA ALA A 777 -10.03 19.46 -46.92
C ALA A 777 -11.48 19.87 -47.15
N LEU A 778 -11.66 21.04 -47.76
CA LEU A 778 -12.99 21.45 -48.17
C LEU A 778 -13.45 20.61 -49.36
N SER A 779 -14.72 20.24 -49.35
CA SER A 779 -15.34 19.45 -50.41
C SER A 779 -16.49 20.24 -51.02
N LEU A 780 -17.20 19.59 -51.94
CA LEU A 780 -18.36 20.23 -52.56
C LEU A 780 -19.51 20.38 -51.59
N SER A 781 -19.60 19.51 -50.59
CA SER A 781 -20.72 19.55 -49.65
C SER A 781 -20.67 20.78 -48.76
N ASN A 782 -19.46 21.30 -48.49
CA ASN A 782 -19.34 22.47 -47.65
C ASN A 782 -19.76 23.74 -48.38
N VAL A 783 -19.42 23.85 -49.66
CA VAL A 783 -19.61 25.06 -50.44
C VAL A 783 -20.66 24.87 -51.54
N ALA A 784 -21.64 24.00 -51.32
CA ALA A 784 -22.62 23.70 -52.38
C ALA A 784 -23.60 24.84 -52.59
N GLY A 785 -23.92 25.60 -51.54
CA GLY A 785 -24.94 26.64 -51.67
C GLY A 785 -24.46 27.85 -52.46
N VAL A 786 -23.15 28.03 -52.55
CA VAL A 786 -22.61 29.15 -53.32
C VAL A 786 -22.81 28.90 -54.82
N PHE A 787 -22.66 27.64 -55.25
CA PHE A 787 -22.93 27.29 -56.64
C PHE A 787 -24.43 27.40 -56.96
N TYR A 788 -25.29 27.13 -55.97
CA TYR A 788 -26.72 27.21 -56.22
C TYR A 788 -27.18 28.65 -56.38
N ILE A 789 -26.52 29.58 -55.71
CA ILE A 789 -26.79 31.01 -55.93
C ILE A 789 -26.26 31.43 -57.30
N LEU A 790 -25.14 30.83 -57.74
CA LEU A 790 -24.54 31.18 -59.02
C LEU A 790 -25.42 30.76 -60.19
N VAL A 791 -25.99 29.56 -60.11
CA VAL A 791 -26.90 29.11 -61.17
C VAL A 791 -28.21 29.89 -61.12
N GLY A 792 -28.72 30.15 -59.91
CA GLY A 792 -29.93 30.94 -59.77
C GLY A 792 -29.74 32.39 -60.16
N GLY A 793 -28.50 32.89 -60.04
CA GLY A 793 -28.21 34.23 -60.51
C GLY A 793 -28.21 34.34 -62.03
N LEU A 794 -27.65 33.32 -62.71
CA LEU A 794 -27.62 33.33 -64.16
C LEU A 794 -29.00 33.09 -64.76
N GLY A 795 -29.83 32.29 -64.09
CA GLY A 795 -31.17 32.03 -64.60
C GLY A 795 -32.07 33.25 -64.53
N LEU A 796 -31.93 34.06 -63.48
CA LEU A 796 -32.72 35.28 -63.38
C LEU A 796 -32.26 36.31 -64.41
N ALA A 797 -30.98 36.32 -64.73
CA ALA A 797 -30.46 37.26 -65.74
C ALA A 797 -30.97 36.91 -67.13
N MET A 798 -31.16 35.62 -67.40
CA MET A 798 -31.79 35.20 -68.66
C MET A 798 -33.23 35.69 -68.76
N LEU A 799 -33.97 35.59 -67.65
CA LEU A 799 -35.39 35.94 -67.68
C LEU A 799 -35.59 37.44 -67.80
N VAL A 800 -34.71 38.24 -67.20
CA VAL A 800 -34.84 39.69 -67.28
C VAL A 800 -34.47 40.18 -68.68
N ALA A 801 -33.47 39.56 -69.30
CA ALA A 801 -33.02 39.98 -70.63
C ALA A 801 -34.08 39.68 -71.69
N LEU A 802 -34.90 38.65 -71.47
CA LEU A 802 -35.94 38.31 -72.43
C LEU A 802 -37.13 39.26 -72.33
N ILE A 803 -37.56 39.58 -71.11
CA ILE A 803 -38.78 40.36 -70.95
C ILE A 803 -38.52 41.83 -71.27
N GLU A 804 -37.31 42.31 -71.03
CA GLU A 804 -36.97 43.69 -71.40
C GLU A 804 -36.84 43.83 -72.91
N PHE A 805 -36.40 42.77 -73.59
CA PHE A 805 -36.28 42.81 -75.05
C PHE A 805 -37.64 42.86 -75.71
N CYS A 806 -38.62 42.12 -75.17
CA CYS A 806 -39.98 42.19 -75.68
C CYS A 806 -40.63 43.53 -75.33
N TYR A 807 -40.20 44.13 -74.22
CA TYR A 807 -40.75 45.42 -73.82
C TYR A 807 -40.24 46.56 -74.71
N LYS A 808 -38.96 46.50 -75.10
CA LYS A 808 -38.40 47.55 -75.93
C LYS A 808 -38.89 47.44 -77.37
N SER A 809 -39.17 46.22 -77.84
CA SER A 809 -39.67 46.04 -79.19
C SER A 809 -41.10 46.56 -79.34
N ARG A 810 -41.90 46.44 -78.29
CA ARG A 810 -43.25 46.98 -78.32
C ARG A 810 -43.24 48.50 -78.21
N ALA A 811 -42.30 49.05 -77.42
CA ALA A 811 -42.25 50.49 -77.22
C ALA A 811 -41.79 51.21 -78.47
N GLU A 812 -40.90 50.59 -79.26
CA GLU A 812 -40.50 51.16 -80.54
C GLU A 812 -41.65 51.10 -81.54
N ALA A 813 -42.39 49.99 -81.56
CA ALA A 813 -43.53 49.85 -82.45
C ALA A 813 -44.77 50.46 -81.83
N ALA A 822 -48.68 63.20 -69.41
CA ALA A 822 -48.29 63.03 -68.02
C ALA A 822 -48.77 61.69 -67.49
N CYS A 823 -48.65 60.65 -68.32
CA CYS A 823 -49.01 59.30 -67.88
C CYS A 823 -48.01 58.77 -66.86
N GLY A 824 -46.73 59.09 -67.05
CA GLY A 824 -45.74 58.72 -66.05
C GLY A 824 -45.87 59.52 -64.76
N ARG A 825 -46.25 60.79 -64.88
CA ARG A 825 -46.44 61.64 -63.70
C ARG A 825 -47.66 61.21 -62.91
N LYS A 826 -48.69 60.70 -63.60
CA LYS A 826 -49.88 60.23 -62.91
C LYS A 826 -49.61 58.93 -62.16
N ALA A 827 -48.91 58.00 -62.80
CA ALA A 827 -48.63 56.70 -62.18
C ALA A 827 -47.65 56.83 -61.02
N LEU A 828 -46.72 57.78 -61.11
CA LEU A 828 -45.78 58.01 -60.02
C LEU A 828 -46.48 58.62 -58.81
N THR A 829 -47.54 59.40 -59.06
CA THR A 829 -48.31 59.98 -57.98
C THR A 829 -49.10 58.91 -57.23
N LEU A 830 -49.74 58.00 -57.98
CA LEU A 830 -50.60 57.00 -57.36
C LEU A 830 -49.78 55.92 -56.65
N LEU A 831 -48.65 55.51 -57.23
CA LEU A 831 -47.82 54.48 -56.61
C LEU A 831 -47.16 54.98 -55.34
N SER A 832 -46.83 56.28 -55.28
CA SER A 832 -46.27 56.85 -54.06
C SER A 832 -47.32 56.91 -52.95
N SER A 833 -48.60 57.09 -53.33
CA SER A 833 -49.66 57.20 -52.33
C SER A 833 -49.99 55.85 -51.72
N VAL A 834 -50.05 54.79 -52.53
CA VAL A 834 -50.43 53.46 -52.05
C VAL A 834 -49.37 52.90 -51.11
N PHE A 835 -48.09 53.16 -51.43
CA PHE A 835 -47.00 52.70 -50.57
C PHE A 835 -46.99 53.44 -49.23
N ALA A 836 -47.38 54.72 -49.24
CA ALA A 836 -47.38 55.50 -48.00
C ALA A 836 -48.51 55.08 -47.08
N VAL A 837 -49.71 54.86 -47.64
CA VAL A 837 -50.85 54.39 -46.85
C VAL A 837 -50.57 53.00 -46.29
N CYS A 838 -49.98 52.12 -47.10
CA CYS A 838 -49.53 50.82 -46.61
C CYS A 838 -48.39 50.98 -45.60
N GLY A 839 -47.56 52.00 -45.77
CA GLY A 839 -46.44 52.19 -44.87
C GLY A 839 -46.86 52.67 -43.48
N LEU A 840 -47.85 53.57 -43.43
CA LEU A 840 -48.33 54.06 -42.13
C LEU A 840 -49.14 52.99 -41.42
N GLY A 841 -49.92 52.21 -42.16
CA GLY A 841 -50.79 51.22 -41.53
C GLY A 841 -50.03 50.03 -40.97
N LEU A 842 -48.93 49.65 -41.61
CA LEU A 842 -48.18 48.46 -41.19
C LEU A 842 -47.43 48.69 -39.87
N LEU A 843 -46.91 49.91 -39.66
CA LEU A 843 -46.24 50.18 -38.39
C LEU A 843 -47.25 50.37 -37.27
N GLY A 844 -48.42 50.95 -37.58
CA GLY A 844 -49.42 51.22 -36.55
C GLY A 844 -50.01 49.95 -35.98
N ILE A 845 -50.15 48.90 -36.80
CA ILE A 845 -50.52 47.59 -36.29
C ILE A 845 -49.41 47.03 -35.42
N ALA A 846 -48.15 47.29 -35.80
CA ALA A 846 -47.01 46.68 -35.13
C ALA A 846 -46.78 47.27 -33.74
N VAL A 847 -46.87 48.59 -33.62
CA VAL A 847 -46.63 49.25 -32.33
C VAL A 847 -47.77 48.98 -31.36
N SER A 848 -49.01 48.87 -31.88
CA SER A 848 -50.15 48.63 -31.02
C SER A 848 -50.18 47.20 -30.49
N THR A 849 -49.96 46.22 -31.36
CA THR A 849 -49.97 44.83 -30.95
C THR A 849 -48.71 44.48 -30.14
N ASP A 850 -48.75 43.30 -29.52
CA ASP A 850 -47.70 42.87 -28.60
C ASP A 850 -47.11 41.50 -28.97
N TYR A 851 -47.12 41.12 -30.24
CA TYR A 851 -46.50 39.86 -30.67
C TYR A 851 -45.14 40.13 -31.30
N TRP A 852 -44.17 40.41 -30.44
CA TRP A 852 -42.81 40.76 -30.85
C TRP A 852 -41.80 39.64 -30.57
N LEU A 853 -41.77 39.12 -29.35
CA LEU A 853 -40.75 38.17 -28.94
C LEU A 853 -41.40 36.96 -28.29
N TYR A 854 -40.94 35.78 -28.67
CA TYR A 854 -41.38 34.52 -28.07
C TYR A 854 -40.22 33.92 -27.30
N LEU A 855 -40.40 33.76 -25.98
CA LEU A 855 -39.36 33.20 -25.13
C LEU A 855 -39.87 31.92 -24.48
N GLU A 856 -39.04 30.88 -24.52
CA GLU A 856 -39.37 29.58 -23.92
C GLU A 856 -38.23 29.12 -23.05
N GLU A 857 -38.55 28.65 -21.85
CA GLU A 857 -37.58 28.10 -20.91
C GLU A 857 -38.09 26.75 -20.43
N GLY A 858 -37.19 25.77 -20.36
CA GLY A 858 -37.59 24.43 -19.98
C GLY A 858 -36.42 23.62 -19.47
N ILE A 859 -36.75 22.48 -18.87
CA ILE A 859 -35.78 21.55 -18.30
C ILE A 859 -35.94 20.20 -18.99
N ILE A 860 -34.82 19.56 -19.34
CA ILE A 860 -34.88 18.30 -20.05
C ILE A 860 -35.08 17.15 -19.07
N LEU A 861 -35.44 15.99 -19.61
CA LEU A 861 -35.46 14.75 -18.87
C LEU A 861 -34.38 13.83 -19.41
N PRO A 862 -33.34 13.52 -18.63
CA PRO A 862 -32.23 12.73 -19.17
C PRO A 862 -32.60 11.26 -19.35
N GLN A 863 -31.91 10.61 -20.28
CA GLN A 863 -31.97 9.19 -20.65
C GLN A 863 -33.31 8.78 -21.27
N ASN A 864 -34.19 9.73 -21.60
CA ASN A 864 -35.47 9.42 -22.22
C ASN A 864 -35.67 10.15 -23.54
N GLN A 865 -34.81 11.11 -23.88
CA GLN A 865 -34.91 11.98 -25.05
C GLN A 865 -36.27 12.70 -25.08
N SER A 866 -36.55 13.42 -24.00
CA SER A 866 -37.79 14.17 -23.86
C SER A 866 -37.52 15.48 -23.15
N THR A 867 -38.27 16.52 -23.52
CA THR A 867 -38.15 17.83 -22.92
C THR A 867 -39.50 18.27 -22.38
N GLU A 868 -39.47 18.93 -21.22
CA GLU A 868 -40.67 19.46 -20.58
C GLU A 868 -40.48 20.93 -20.28
N VAL A 869 -41.39 21.76 -20.80
CA VAL A 869 -41.29 23.21 -20.58
C VAL A 869 -41.69 23.54 -19.15
N LYS A 870 -41.21 24.68 -18.66
CA LYS A 870 -41.65 25.20 -17.38
C LYS A 870 -42.39 26.52 -17.52
N MET A 871 -42.10 27.29 -18.56
CA MET A 871 -42.71 28.60 -18.74
C MET A 871 -42.64 28.97 -20.23
N SER A 872 -43.63 29.73 -20.68
CA SER A 872 -43.67 30.26 -22.04
C SER A 872 -44.49 31.54 -22.05
N LEU A 873 -44.09 32.49 -22.88
CA LEU A 873 -44.76 33.78 -22.94
C LEU A 873 -44.44 34.47 -24.27
N HIS A 874 -45.27 35.45 -24.61
CA HIS A 874 -45.00 36.37 -25.69
C HIS A 874 -45.07 37.80 -25.14
N SER A 875 -44.23 38.68 -25.68
CA SER A 875 -44.13 40.03 -25.15
C SER A 875 -44.14 41.07 -26.26
N GLY A 876 -44.48 42.30 -25.87
CA GLY A 876 -44.46 43.45 -26.75
C GLY A 876 -43.74 44.62 -26.10
N LEU A 877 -43.93 45.82 -26.65
CA LEU A 877 -43.25 46.99 -26.11
C LEU A 877 -43.83 47.43 -24.76
N TRP A 878 -45.10 47.12 -24.51
CA TRP A 878 -45.72 47.51 -23.25
C TRP A 878 -46.55 46.40 -22.58
N ARG A 879 -46.92 45.34 -23.29
CA ARG A 879 -47.86 44.37 -22.76
C ARG A 879 -47.29 42.96 -22.90
N VAL A 880 -47.41 42.19 -21.82
CA VAL A 880 -46.92 40.82 -21.76
C VAL A 880 -48.10 39.92 -21.43
N CYS A 881 -48.30 38.87 -22.22
CA CYS A 881 -49.32 37.86 -21.96
C CYS A 881 -48.69 36.49 -21.99
N PHE A 882 -48.95 35.68 -20.96
CA PHE A 882 -48.32 34.38 -20.79
C PHE A 882 -49.09 33.36 -21.61
N LEU A 883 -48.39 32.69 -22.53
CA LEU A 883 -49.01 31.60 -23.27
C LEU A 883 -49.12 30.34 -22.42
N ALA A 884 -48.10 30.06 -21.62
CA ALA A 884 -48.11 28.89 -20.73
C ALA A 884 -47.64 29.23 -19.32
N GLY A 885 -47.53 30.51 -18.98
CA GLY A 885 -47.21 30.89 -17.61
C GLY A 885 -48.42 30.66 -16.72
N GLU A 886 -48.25 29.80 -15.70
CA GLU A 886 -49.31 29.30 -14.83
C GLU A 886 -50.41 28.58 -15.62
N GLU A 887 -50.02 28.01 -16.79
CA GLU A 887 -50.89 27.45 -17.85
C GLU A 887 -52.15 28.28 -18.09
N ARG A 888 -51.97 29.60 -18.15
CA ARG A 888 -53.07 30.54 -18.11
C ARG A 888 -52.73 31.75 -18.97
N GLY A 889 -53.75 32.27 -19.66
CA GLY A 889 -53.65 33.44 -20.51
C GLY A 889 -53.63 34.78 -19.79
N ARG A 890 -53.01 34.84 -18.62
CA ARG A 890 -52.96 36.07 -17.82
C ARG A 890 -52.05 37.09 -18.48
N CYS A 891 -52.42 38.37 -18.34
CA CYS A 891 -51.71 39.47 -18.98
C CYS A 891 -51.34 40.53 -17.96
N PHE A 892 -50.03 40.83 -17.86
CA PHE A 892 -49.51 41.92 -17.05
C PHE A 892 -48.74 42.90 -17.93
N THR A 893 -48.75 44.17 -17.54
CA THR A 893 -47.84 45.12 -18.16
C THR A 893 -46.42 44.91 -17.65
N ILE A 894 -45.46 45.52 -18.34
CA ILE A 894 -44.05 45.39 -17.96
C ILE A 894 -43.79 46.09 -16.62
N GLU A 895 -44.57 47.15 -16.33
CA GLU A 895 -44.44 47.85 -15.06
C GLU A 895 -44.87 46.97 -13.89
N TYR A 896 -45.84 46.09 -14.11
CA TYR A 896 -46.28 45.14 -13.08
C TYR A 896 -45.38 43.92 -13.14
N VAL A 897 -44.21 44.04 -12.50
CA VAL A 897 -43.25 42.94 -12.49
C VAL A 897 -43.71 41.86 -11.52
N MET A 898 -43.32 40.62 -11.83
CA MET A 898 -43.64 39.35 -11.12
C MET A 898 -45.04 39.23 -10.51
N GLU A 907 -36.08 37.16 -12.63
CA GLU A 907 -34.80 36.65 -13.10
C GLU A 907 -34.43 37.21 -14.49
N SER A 908 -33.84 36.37 -15.34
CA SER A 908 -33.38 36.82 -16.65
C SER A 908 -34.55 37.22 -17.55
N THR A 909 -35.71 36.59 -17.37
CA THR A 909 -36.89 36.94 -18.16
C THR A 909 -37.39 38.34 -17.82
N VAL A 910 -37.19 38.77 -16.57
CA VAL A 910 -37.48 40.15 -16.19
C VAL A 910 -36.48 41.10 -16.85
N ASN A 911 -35.22 40.69 -16.91
CA ASN A 911 -34.15 41.55 -17.42
C ASN A 911 -34.27 41.74 -18.93
N VAL A 912 -34.79 40.74 -19.63
CA VAL A 912 -35.12 40.89 -21.04
C VAL A 912 -36.25 41.92 -21.22
N LEU A 913 -37.24 41.89 -20.32
CA LEU A 913 -38.41 42.75 -20.43
C LEU A 913 -38.05 44.21 -20.20
N LYS A 914 -37.05 44.47 -19.36
CA LYS A 914 -36.61 45.84 -19.12
C LYS A 914 -35.90 46.41 -20.34
N MET A 915 -35.21 45.56 -21.10
CA MET A 915 -34.50 46.03 -22.29
C MET A 915 -35.45 46.31 -23.44
N ILE A 916 -36.57 45.59 -23.50
CA ILE A 916 -37.60 45.87 -24.49
C ILE A 916 -38.23 47.23 -24.23
N ARG A 917 -38.44 47.56 -22.95
CA ARG A 917 -38.93 48.88 -22.57
C ARG A 917 -37.87 49.95 -22.84
N SER A 918 -36.58 49.57 -22.82
CA SER A 918 -35.51 50.52 -23.05
C SER A 918 -35.45 50.97 -24.52
N ALA A 919 -35.74 50.06 -25.44
CA ALA A 919 -35.66 50.34 -26.88
C ALA A 919 -36.94 50.95 -27.45
N THR A 920 -37.84 51.43 -26.60
CA THR A 920 -39.13 52.03 -26.94
C THR A 920 -39.12 53.23 -27.91
N PRO A 921 -38.30 54.33 -27.70
CA PRO A 921 -38.59 55.60 -28.40
C PRO A 921 -38.46 55.62 -29.92
N PHE A 922 -37.49 54.89 -30.47
CA PHE A 922 -37.15 55.01 -31.89
C PHE A 922 -38.24 54.57 -32.87
N PRO A 923 -39.06 53.54 -32.62
CA PRO A 923 -40.23 53.37 -33.50
C PRO A 923 -41.26 54.49 -33.38
N LEU A 924 -41.38 55.12 -32.22
CA LEU A 924 -42.33 56.22 -32.06
C LEU A 924 -41.86 57.46 -32.82
N VAL A 925 -40.54 57.65 -32.94
CA VAL A 925 -40.00 58.76 -33.72
C VAL A 925 -40.26 58.53 -35.20
N SER A 926 -40.18 57.28 -35.64
CA SER A 926 -40.36 56.95 -37.06
C SER A 926 -41.80 57.16 -37.51
N LEU A 927 -42.76 56.83 -36.63
CA LEU A 927 -44.18 57.03 -36.97
C LEU A 927 -44.52 58.51 -37.01
N PHE A 928 -43.86 59.31 -36.18
CA PHE A 928 -44.13 60.75 -36.13
C PHE A 928 -43.64 61.45 -37.41
N PHE A 929 -42.55 60.96 -37.98
CA PHE A 929 -41.99 61.62 -39.16
C PHE A 929 -42.71 61.22 -40.44
N MET A 930 -43.26 59.99 -40.49
CA MET A 930 -44.07 59.61 -41.63
C MET A 930 -45.39 60.36 -41.65
N PHE A 931 -45.95 60.67 -40.48
CA PHE A 931 -47.24 61.35 -40.41
C PHE A 931 -47.13 62.78 -40.89
N ILE A 932 -45.99 63.43 -40.65
CA ILE A 932 -45.74 64.74 -41.24
C ILE A 932 -45.51 64.61 -42.74
N GLY A 933 -44.79 63.55 -43.15
CA GLY A 933 -44.53 63.34 -44.57
C GLY A 933 -45.78 62.95 -45.33
N PHE A 934 -46.74 62.31 -44.66
CA PHE A 934 -47.98 61.93 -45.31
C PHE A 934 -48.87 63.14 -45.57
N ILE A 935 -48.89 64.10 -44.64
CA ILE A 935 -49.75 65.28 -44.78
C ILE A 935 -49.24 66.18 -45.90
N LEU A 936 -47.92 66.42 -45.94
CA LEU A 936 -47.36 67.29 -46.97
C LEU A 936 -47.40 66.63 -48.35
N SER A 937 -47.48 65.31 -48.39
CA SER A 937 -47.61 64.62 -49.67
C SER A 937 -49.00 64.82 -50.28
N ASN A 938 -50.05 64.75 -49.45
CA ASN A 938 -51.41 64.83 -49.98
C ASN A 938 -51.78 66.27 -50.34
N ILE A 939 -51.32 67.26 -49.57
CA ILE A 939 -51.65 68.65 -49.88
C ILE A 939 -50.84 69.12 -51.09
N GLY A 940 -49.73 68.46 -51.38
CA GLY A 940 -49.05 68.68 -52.64
C GLY A 940 -49.83 68.10 -53.81
N HIS A 941 -50.60 67.05 -53.57
CA HIS A 941 -51.44 66.48 -54.61
C HIS A 941 -52.68 67.33 -54.85
N ILE A 942 -53.14 68.03 -53.80
CA ILE A 942 -54.27 68.95 -53.95
C ILE A 942 -53.86 70.17 -54.78
N ARG A 943 -52.71 70.76 -54.44
CA ARG A 943 -52.21 71.95 -55.14
C ARG A 943 -50.92 71.60 -55.87
N PRO A 944 -50.97 71.38 -57.19
CA PRO A 944 -49.74 71.07 -57.94
C PRO A 944 -48.75 72.21 -58.01
N HIS A 945 -49.20 73.45 -57.83
CA HIS A 945 -48.27 74.58 -57.73
C HIS A 945 -47.53 74.55 -56.39
N ARG A 946 -46.51 75.39 -56.28
CA ARG A 946 -45.57 75.44 -55.16
C ARG A 946 -44.91 74.08 -54.96
N THR A 947 -44.02 73.71 -55.88
CA THR A 947 -43.51 72.34 -56.04
C THR A 947 -42.63 71.84 -54.90
N ILE A 948 -42.43 72.62 -53.83
CA ILE A 948 -41.50 72.24 -52.79
C ILE A 948 -42.08 71.19 -51.83
N LEU A 949 -43.38 70.88 -51.94
CA LEU A 949 -44.02 70.03 -50.96
C LEU A 949 -43.63 68.56 -51.14
N ALA A 950 -43.36 68.14 -52.38
CA ALA A 950 -42.97 66.75 -52.62
C ALA A 950 -41.55 66.48 -52.14
N PHE A 951 -40.65 67.47 -52.27
CA PHE A 951 -39.26 67.24 -51.93
C PHE A 951 -39.05 67.16 -50.42
N VAL A 952 -39.75 68.02 -49.66
CA VAL A 952 -39.62 68.01 -48.20
C VAL A 952 -40.23 66.74 -47.62
N SER A 953 -41.32 66.27 -48.23
CA SER A 953 -41.97 65.04 -47.77
C SER A 953 -41.10 63.81 -48.03
N GLY A 954 -40.24 63.88 -49.06
CA GLY A 954 -39.31 62.81 -49.31
C GLY A 954 -38.25 62.68 -48.23
N ILE A 955 -37.87 63.81 -47.62
CA ILE A 955 -36.85 63.80 -46.57
C ILE A 955 -37.42 63.18 -45.28
N PHE A 956 -38.70 63.44 -44.98
CA PHE A 956 -39.32 62.85 -43.79
C PHE A 956 -39.47 61.34 -43.92
N PHE A 957 -39.63 60.84 -45.15
CA PHE A 957 -39.72 59.39 -45.34
C PHE A 957 -38.37 58.72 -45.16
N ILE A 958 -37.29 59.37 -45.62
CA ILE A 958 -35.95 58.78 -45.51
C ILE A 958 -35.46 58.82 -44.07
N LEU A 959 -35.74 59.92 -43.36
CA LEU A 959 -35.36 60.01 -41.95
C LEU A 959 -36.21 59.08 -41.09
N SER A 960 -37.38 58.67 -41.60
CA SER A 960 -38.21 57.71 -40.87
C SER A 960 -37.56 56.33 -40.87
N GLY A 961 -37.07 55.89 -42.03
CA GLY A 961 -36.50 54.56 -42.14
C GLY A 961 -35.18 54.43 -41.41
N LEU A 962 -34.36 55.49 -41.44
CA LEU A 962 -33.09 55.49 -40.73
C LEU A 962 -33.30 55.47 -39.22
N SER A 963 -34.37 56.10 -38.75
CA SER A 963 -34.72 56.02 -37.33
C SER A 963 -35.21 54.62 -36.98
N LEU A 964 -35.81 53.92 -37.95
CA LEU A 964 -36.32 52.58 -37.69
C LEU A 964 -35.20 51.55 -37.64
N VAL A 965 -34.11 51.79 -38.38
CA VAL A 965 -32.98 50.85 -38.39
C VAL A 965 -32.28 50.85 -37.04
N VAL A 966 -31.92 52.04 -36.54
CA VAL A 966 -31.25 52.14 -35.25
C VAL A 966 -32.18 51.75 -34.11
N GLY A 967 -33.49 51.78 -34.35
CA GLY A 967 -34.41 51.13 -33.43
C GLY A 967 -34.27 49.62 -33.42
N LEU A 968 -34.15 49.00 -34.60
CA LEU A 968 -34.06 47.54 -34.65
C LEU A 968 -32.68 47.05 -34.23
N VAL A 969 -31.62 47.81 -34.56
CA VAL A 969 -30.27 47.40 -34.20
C VAL A 969 -30.08 47.46 -32.68
N LEU A 970 -30.60 48.50 -32.04
CA LEU A 970 -30.53 48.59 -30.59
C LEU A 970 -31.43 47.57 -29.92
N TYR A 971 -32.53 47.19 -30.58
CA TYR A 971 -33.44 46.19 -30.03
C TYR A 971 -32.79 44.80 -30.04
N ILE A 972 -32.22 44.40 -31.17
CA ILE A 972 -31.68 43.05 -31.32
C ILE A 972 -30.41 42.88 -30.48
N SER A 973 -29.62 43.95 -30.37
CA SER A 973 -28.43 43.92 -29.51
C SER A 973 -28.80 43.79 -28.04
N SER A 974 -29.86 44.48 -27.62
CA SER A 974 -30.29 44.42 -26.22
C SER A 974 -30.91 43.07 -25.88
N ILE A 975 -31.39 42.35 -26.88
CA ILE A 975 -31.91 41.01 -26.63
C ILE A 975 -30.78 39.99 -26.53
N ASN A 976 -29.78 40.11 -27.42
CA ASN A 976 -28.75 39.08 -27.57
C ASN A 976 -27.85 38.98 -26.35
N ASP A 977 -27.47 40.11 -25.75
CA ASP A 977 -26.56 40.07 -24.60
C ASP A 977 -27.27 39.57 -23.34
N GLU A 978 -28.60 39.63 -23.31
CA GLU A 978 -29.32 39.13 -22.14
C GLU A 978 -29.41 37.61 -22.12
N MET A 979 -29.30 36.98 -23.30
CA MET A 979 -29.10 35.53 -23.31
C MET A 979 -27.67 35.17 -22.92
N LEU A 980 -26.75 36.13 -23.00
CA LEU A 980 -25.33 35.80 -22.91
C LEU A 980 -24.87 35.73 -21.45
N ASN A 981 -25.46 36.53 -20.56
CA ASN A 981 -24.94 36.64 -19.20
C ASN A 981 -25.35 35.46 -18.32
N ARG A 982 -26.41 34.75 -18.71
CA ARG A 982 -26.95 33.69 -17.87
C ARG A 982 -26.00 32.50 -17.82
N THR A 983 -25.96 31.83 -16.67
CA THR A 983 -25.06 30.71 -16.47
C THR A 983 -25.63 29.45 -17.14
N LYS A 984 -24.76 28.73 -17.83
CA LYS A 984 -25.15 27.57 -18.62
C LYS A 984 -25.28 26.35 -17.72
N ASP A 985 -26.26 25.51 -18.03
CA ASP A 985 -26.52 24.27 -17.30
C ASP A 985 -26.76 23.15 -18.30
N ALA A 986 -26.40 21.93 -17.91
CA ALA A 986 -26.55 20.79 -18.79
C ALA A 986 -28.02 20.37 -18.94
N GLU A 987 -28.84 20.67 -17.94
CA GLU A 987 -30.21 20.18 -17.88
C GLU A 987 -31.23 21.24 -18.32
N THR A 988 -30.79 22.46 -18.59
CA THR A 988 -31.69 23.57 -18.91
C THR A 988 -31.48 24.00 -20.37
N TYR A 989 -32.56 24.21 -21.09
CA TYR A 989 -32.52 24.77 -22.43
C TYR A 989 -33.31 26.08 -22.45
N PHE A 990 -32.80 27.06 -23.18
CA PHE A 990 -33.43 28.37 -23.31
C PHE A 990 -33.51 28.72 -24.80
N ASN A 991 -34.65 29.23 -25.23
CA ASN A 991 -34.88 29.52 -26.65
C ASN A 991 -35.52 30.89 -26.80
N TYR A 992 -35.45 31.41 -28.02
CA TYR A 992 -36.07 32.68 -28.36
C TYR A 992 -36.51 32.68 -29.81
N LYS A 993 -37.46 33.55 -30.13
CA LYS A 993 -38.07 33.59 -31.46
C LYS A 993 -38.77 34.93 -31.63
N TYR A 994 -38.78 35.42 -32.87
CA TYR A 994 -39.42 36.69 -33.19
C TYR A 994 -40.89 36.50 -33.52
N GLY A 995 -41.59 37.63 -33.70
CA GLY A 995 -43.02 37.61 -33.95
C GLY A 995 -43.36 38.33 -35.24
N TRP A 996 -44.66 38.29 -35.57
CA TRP A 996 -45.12 38.88 -36.83
C TRP A 996 -45.16 40.41 -36.78
N SER A 997 -45.15 41.01 -35.59
CA SER A 997 -45.06 42.47 -35.51
C SER A 997 -43.67 42.95 -35.90
N PHE A 998 -42.65 42.15 -35.61
CA PHE A 998 -41.29 42.44 -36.06
C PHE A 998 -41.17 42.34 -37.58
N ALA A 999 -41.93 41.42 -38.19
CA ALA A 999 -41.93 41.29 -39.64
C ALA A 999 -42.60 42.49 -40.31
N PHE A 1000 -43.65 43.03 -39.68
CA PHE A 1000 -44.36 44.17 -40.25
C PHE A 1000 -43.52 45.44 -40.20
N ALA A 1001 -42.71 45.60 -39.15
CA ALA A 1001 -41.84 46.78 -39.06
C ALA A 1001 -40.73 46.73 -40.11
N ALA A 1002 -40.25 45.53 -40.44
CA ALA A 1002 -39.25 45.40 -41.49
C ALA A 1002 -39.83 45.71 -42.86
N ILE A 1003 -41.07 45.29 -43.11
CA ILE A 1003 -41.76 45.63 -44.35
C ILE A 1003 -42.05 47.13 -44.39
N SER A 1004 -42.35 47.72 -43.24
CA SER A 1004 -42.60 49.15 -43.14
C SER A 1004 -41.37 49.98 -43.49
N PHE A 1005 -40.18 49.41 -43.29
CA PHE A 1005 -38.96 50.09 -43.71
C PHE A 1005 -38.87 50.18 -45.22
N LEU A 1006 -39.16 49.10 -45.94
CA LEU A 1006 -38.89 49.04 -47.37
C LEU A 1006 -39.85 49.92 -48.16
N LEU A 1007 -41.12 49.98 -47.74
CA LEU A 1007 -42.09 50.81 -48.46
C LEU A 1007 -41.87 52.29 -48.17
N THR A 1008 -41.40 52.62 -46.96
CA THR A 1008 -41.16 54.03 -46.62
C THR A 1008 -39.95 54.57 -47.38
N GLU A 1009 -38.90 53.75 -47.52
CA GLU A 1009 -37.73 54.16 -48.29
C GLU A 1009 -38.06 54.28 -49.77
N SER A 1010 -38.96 53.42 -50.28
CA SER A 1010 -39.31 53.46 -51.69
C SER A 1010 -40.16 54.67 -52.02
N ALA A 1011 -41.10 55.03 -51.14
CA ALA A 1011 -41.92 56.21 -51.36
C ALA A 1011 -41.09 57.49 -51.21
N GLY A 1012 -40.06 57.45 -50.37
CA GLY A 1012 -39.17 58.59 -50.26
C GLY A 1012 -38.32 58.80 -51.50
N VAL A 1013 -38.00 57.72 -52.20
CA VAL A 1013 -37.27 57.83 -53.47
C VAL A 1013 -38.19 58.36 -54.57
N MET A 1014 -39.42 57.83 -54.63
CA MET A 1014 -40.34 58.20 -55.71
C MET A 1014 -40.83 59.64 -55.57
N SER A 1015 -40.82 60.18 -54.35
CA SER A 1015 -41.23 61.57 -54.15
C SER A 1015 -40.20 62.53 -54.73
N VAL A 1016 -38.93 62.13 -54.78
CA VAL A 1016 -37.90 62.99 -55.37
C VAL A 1016 -38.06 63.05 -56.89
N TYR A 1017 -38.43 61.93 -57.51
CA TYR A 1017 -38.67 61.92 -58.96
C TYR A 1017 -39.90 62.73 -59.34
N LEU A 1018 -40.93 62.72 -58.48
CA LEU A 1018 -42.11 63.54 -58.73
C LEU A 1018 -41.78 65.02 -58.56
N PHE A 1019 -40.80 65.33 -57.71
CA PHE A 1019 -40.31 66.71 -57.60
C PHE A 1019 -39.58 67.14 -58.86
N MET A 1020 -38.70 66.28 -59.38
CA MET A 1020 -37.86 66.66 -60.50
C MET A 1020 -38.66 66.74 -61.81
N LYS A 1021 -39.62 65.84 -61.99
CA LYS A 1021 -40.41 65.84 -63.22
C LYS A 1021 -41.38 67.01 -63.25
N ARG A 1022 -41.89 67.42 -62.09
CA ARG A 1022 -42.78 68.56 -62.04
C ARG A 1022 -42.02 69.88 -62.19
N TYR A 1023 -40.83 69.97 -61.59
CA TYR A 1023 -40.02 71.18 -61.71
C TYR A 1023 -39.50 71.36 -63.12
N THR A 1024 -39.26 70.27 -63.84
CA THR A 1024 -38.87 70.36 -65.23
C THR A 1024 -40.03 70.83 -66.11
N ALA A 1025 -41.25 70.38 -65.79
CA ALA A 1025 -42.43 70.78 -66.56
C ALA A 1025 -42.78 72.25 -66.32
N GLU A 1026 -42.49 72.75 -65.13
CA GLU A 1026 -42.74 74.16 -64.82
C GLU A 1026 -41.69 75.05 -65.47
N ASN B 1 -38.15 -58.25 61.52
CA ASN B 1 -38.01 -58.74 60.15
C ASN B 1 -36.54 -58.58 59.73
N SER B 2 -36.02 -59.55 58.99
CA SER B 2 -34.68 -59.50 58.45
C SER B 2 -34.72 -59.85 56.97
N ILE B 3 -34.24 -58.92 56.13
CA ILE B 3 -34.23 -59.09 54.68
C ILE B 3 -32.80 -59.40 54.25
N GLN B 4 -32.62 -60.48 53.51
CA GLN B 4 -31.29 -60.99 53.18
C GLN B 4 -30.98 -60.68 51.72
N ILE B 5 -29.93 -59.88 51.50
CA ILE B 5 -29.52 -59.48 50.16
C ILE B 5 -28.08 -59.93 49.91
N GLY B 6 -27.59 -59.66 48.72
CA GLY B 6 -26.26 -60.09 48.31
C GLY B 6 -25.39 -58.93 47.87
N GLY B 7 -24.07 -59.13 47.92
CA GLY B 7 -23.14 -58.11 47.50
C GLY B 7 -21.99 -58.65 46.67
N LEU B 8 -21.66 -57.98 45.58
CA LEU B 8 -20.55 -58.35 44.71
C LEU B 8 -19.61 -57.16 44.56
N PHE B 9 -18.41 -57.27 45.13
CA PHE B 9 -17.48 -56.17 45.14
C PHE B 9 -16.17 -56.54 44.46
N PRO B 10 -15.56 -55.61 43.73
CA PRO B 10 -14.29 -55.91 43.07
C PRO B 10 -13.13 -55.94 44.06
N ARG B 11 -11.98 -56.40 43.57
CA ARG B 11 -10.75 -56.35 44.34
C ARG B 11 -10.25 -54.91 44.42
N GLY B 12 -10.07 -54.41 45.64
CA GLY B 12 -9.55 -53.07 45.83
C GLY B 12 -10.57 -51.96 45.84
N ALA B 13 -11.83 -52.26 46.09
CA ALA B 13 -12.87 -51.24 46.22
C ALA B 13 -13.00 -50.78 47.67
N ASP B 14 -11.93 -50.16 48.19
CA ASP B 14 -11.82 -49.89 49.62
C ASP B 14 -12.76 -48.77 50.05
N GLN B 15 -12.82 -47.69 49.28
CA GLN B 15 -13.66 -46.56 49.67
C GLN B 15 -15.14 -46.85 49.46
N GLU B 16 -15.45 -47.64 48.44
CA GLU B 16 -16.85 -48.00 48.20
C GLU B 16 -17.35 -48.99 49.23
N TYR B 17 -16.47 -49.87 49.72
CA TYR B 17 -16.84 -50.79 50.79
C TYR B 17 -17.07 -50.06 52.10
N SER B 18 -16.30 -49.00 52.35
CA SER B 18 -16.47 -48.23 53.58
C SER B 18 -17.76 -47.44 53.56
N ALA B 19 -18.10 -46.83 52.43
CA ALA B 19 -19.34 -46.06 52.32
C ALA B 19 -20.56 -46.97 52.33
N PHE B 20 -20.37 -48.25 51.98
CA PHE B 20 -21.45 -49.22 52.10
C PHE B 20 -21.78 -49.49 53.56
N ARG B 21 -20.75 -49.64 54.40
CA ARG B 21 -20.98 -49.94 55.81
C ARG B 21 -21.54 -48.74 56.57
N VAL B 22 -21.10 -47.53 56.20
CA VAL B 22 -21.62 -46.32 56.83
C VAL B 22 -23.10 -46.12 56.50
N GLY B 23 -23.48 -46.46 55.27
CA GLY B 23 -24.89 -46.37 54.89
C GLY B 23 -25.76 -47.40 55.58
N MET B 24 -25.16 -48.52 56.00
CA MET B 24 -25.91 -49.52 56.75
C MET B 24 -26.26 -49.01 58.14
N VAL B 25 -25.32 -48.35 58.81
CA VAL B 25 -25.53 -47.92 60.19
C VAL B 25 -26.53 -46.76 60.26
N GLN B 26 -26.37 -45.77 59.37
CA GLN B 26 -27.21 -44.58 59.45
C GLN B 26 -28.64 -44.85 58.99
N PHE B 27 -28.81 -45.62 57.90
CA PHE B 27 -30.14 -45.92 57.40
C PHE B 27 -30.75 -47.16 58.04
N SER B 28 -30.17 -47.64 59.14
CA SER B 28 -30.78 -48.73 59.88
C SER B 28 -32.02 -48.24 60.62
N THR B 29 -33.06 -49.05 60.60
CA THR B 29 -34.29 -48.77 61.34
C THR B 29 -34.60 -49.94 62.25
N SER B 30 -35.38 -49.68 63.30
CA SER B 30 -35.68 -50.71 64.28
C SER B 30 -36.69 -51.73 63.74
N GLU B 31 -37.40 -51.36 62.67
CA GLU B 31 -38.44 -52.24 62.13
C GLU B 31 -37.83 -53.44 61.41
N PHE B 32 -36.79 -53.22 60.61
CA PHE B 32 -36.19 -54.29 59.83
C PHE B 32 -34.72 -54.00 59.57
N ARG B 33 -33.97 -55.03 59.19
CA ARG B 33 -32.54 -54.95 58.94
C ARG B 33 -32.20 -55.63 57.63
N LEU B 34 -30.97 -55.40 57.16
CA LEU B 34 -30.45 -55.97 55.92
C LEU B 34 -29.20 -56.79 56.20
N THR B 35 -29.14 -57.99 55.60
CA THR B 35 -27.98 -58.86 55.75
C THR B 35 -27.11 -58.77 54.50
N PRO B 36 -25.83 -58.36 54.62
CA PRO B 36 -25.05 -58.06 53.42
C PRO B 36 -24.65 -59.26 52.57
N HIS B 37 -24.01 -60.29 53.15
CA HIS B 37 -23.44 -61.46 52.46
C HIS B 37 -22.51 -61.04 51.31
N ILE B 38 -21.40 -60.41 51.69
CA ILE B 38 -20.53 -59.76 50.71
C ILE B 38 -19.49 -60.74 50.18
N ASP B 39 -19.29 -60.72 48.84
CA ASP B 39 -18.31 -61.53 48.16
C ASP B 39 -17.36 -60.62 47.38
N ASN B 40 -16.16 -61.13 47.11
CA ASN B 40 -15.14 -60.39 46.37
C ASN B 40 -14.71 -61.21 45.16
N LEU B 41 -14.50 -60.53 44.03
CA LEU B 41 -14.25 -61.20 42.76
C LEU B 41 -13.46 -60.31 41.81
N GLU B 42 -12.99 -60.91 40.73
CA GLU B 42 -12.40 -60.19 39.60
C GLU B 42 -13.51 -59.88 38.62
N VAL B 43 -13.70 -58.58 38.33
CA VAL B 43 -14.89 -58.15 37.61
C VAL B 43 -14.75 -58.42 36.10
N ALA B 44 -13.51 -58.53 35.62
CA ALA B 44 -13.29 -58.71 34.19
C ALA B 44 -13.51 -60.14 33.75
N ASN B 45 -13.47 -61.09 34.68
CA ASN B 45 -13.56 -62.52 34.34
C ASN B 45 -15.03 -62.93 34.36
N SER B 46 -15.52 -63.43 33.23
CA SER B 46 -16.92 -63.84 33.13
C SER B 46 -17.17 -65.16 33.84
N PHE B 47 -16.12 -65.98 34.01
CA PHE B 47 -16.25 -67.22 34.76
C PHE B 47 -16.49 -66.96 36.24
N ALA B 48 -15.77 -65.98 36.80
CA ALA B 48 -15.87 -65.70 38.23
C ALA B 48 -17.21 -65.05 38.58
N VAL B 49 -17.73 -64.22 37.68
CA VAL B 49 -19.03 -63.59 37.90
C VAL B 49 -20.14 -64.64 37.85
N THR B 50 -19.97 -65.65 36.99
CA THR B 50 -20.99 -66.70 36.84
C THR B 50 -21.06 -67.57 38.09
N ASN B 51 -19.91 -67.88 38.68
CA ASN B 51 -19.90 -68.63 39.95
C ASN B 51 -20.47 -67.81 41.08
N ALA B 52 -20.21 -66.50 41.09
CA ALA B 52 -20.69 -65.65 42.17
C ALA B 52 -22.21 -65.47 42.13
N PHE B 53 -22.78 -65.44 40.93
CA PHE B 53 -24.22 -65.27 40.81
C PHE B 53 -24.96 -66.54 41.20
N CYS B 54 -24.49 -67.69 40.74
CA CYS B 54 -25.19 -68.96 41.00
C CYS B 54 -24.99 -69.42 42.44
N SER B 55 -23.95 -68.94 43.11
CA SER B 55 -23.79 -69.24 44.52
C SER B 55 -24.86 -68.53 45.35
N GLN B 56 -25.04 -67.22 45.14
CA GLN B 56 -25.99 -66.45 45.94
C GLN B 56 -27.42 -66.76 45.56
N PHE B 57 -27.64 -67.30 44.35
CA PHE B 57 -28.98 -67.76 43.98
C PHE B 57 -29.35 -69.02 44.75
N SER B 58 -28.35 -69.82 45.14
CA SER B 58 -28.62 -71.05 45.88
C SER B 58 -29.01 -70.75 47.32
N ARG B 59 -28.39 -69.74 47.94
CA ARG B 59 -28.78 -69.36 49.29
C ARG B 59 -30.15 -68.70 49.32
N GLY B 60 -30.50 -67.97 48.26
CA GLY B 60 -31.79 -67.31 48.20
C GLY B 60 -31.70 -65.87 48.65
N VAL B 61 -31.69 -64.94 47.69
CA VAL B 61 -31.55 -63.51 47.96
C VAL B 61 -32.71 -62.77 47.33
N TYR B 62 -33.05 -61.62 47.90
CA TYR B 62 -34.14 -60.81 47.36
C TYR B 62 -33.62 -59.80 46.33
N ALA B 63 -32.42 -59.30 46.54
CA ALA B 63 -31.79 -58.37 45.60
C ALA B 63 -30.28 -58.53 45.69
N ILE B 64 -29.59 -58.06 44.66
CA ILE B 64 -28.14 -58.16 44.55
C ILE B 64 -27.58 -56.78 44.20
N PHE B 65 -26.58 -56.34 44.96
CA PHE B 65 -25.85 -55.12 44.70
C PHE B 65 -24.47 -55.47 44.17
N GLY B 66 -24.02 -54.78 43.13
CA GLY B 66 -22.73 -55.14 42.56
C GLY B 66 -22.23 -54.13 41.54
N PHE B 67 -21.01 -54.37 41.07
CA PHE B 67 -20.40 -53.61 39.99
C PHE B 67 -20.22 -54.55 38.80
N TYR B 68 -20.20 -53.98 37.60
CA TYR B 68 -19.84 -54.75 36.41
C TYR B 68 -18.88 -53.94 35.54
N ASP B 69 -18.39 -54.59 34.50
CA ASP B 69 -17.45 -54.01 33.54
C ASP B 69 -18.02 -54.25 32.14
N LYS B 70 -17.29 -53.78 31.11
CA LYS B 70 -17.71 -54.03 29.74
C LYS B 70 -17.60 -55.52 29.38
N LYS B 71 -16.60 -56.20 29.94
CA LYS B 71 -16.37 -57.62 29.65
C LYS B 71 -17.39 -58.55 30.29
N SER B 72 -18.25 -58.05 31.18
CA SER B 72 -19.20 -58.89 31.88
C SER B 72 -20.58 -58.27 32.01
N VAL B 73 -20.89 -57.22 31.25
CA VAL B 73 -22.21 -56.61 31.31
C VAL B 73 -23.26 -57.55 30.72
N ASN B 74 -22.88 -58.37 29.75
CA ASN B 74 -23.85 -59.23 29.09
C ASN B 74 -24.17 -60.45 29.95
N THR B 75 -23.25 -60.85 30.82
CA THR B 75 -23.51 -61.97 31.73
C THR B 75 -24.52 -61.56 32.79
N ILE B 76 -24.48 -60.30 33.24
CA ILE B 76 -25.37 -59.82 34.29
C ILE B 76 -26.80 -59.68 33.77
N THR B 77 -26.97 -58.98 32.66
CA THR B 77 -28.31 -58.64 32.19
C THR B 77 -29.05 -59.86 31.63
N SER B 78 -28.31 -60.89 31.23
CA SER B 78 -28.94 -62.11 30.74
C SER B 78 -29.44 -62.97 31.90
N PHE B 79 -28.62 -63.08 32.95
CA PHE B 79 -29.04 -63.86 34.12
C PHE B 79 -30.18 -63.19 34.87
N CYS B 80 -30.10 -61.86 35.06
CA CYS B 80 -31.12 -61.15 35.80
C CYS B 80 -32.44 -61.08 35.04
N GLY B 81 -32.36 -60.98 33.71
CA GLY B 81 -33.57 -60.94 32.91
C GLY B 81 -34.28 -62.28 32.86
N THR B 82 -33.51 -63.37 32.89
CA THR B 82 -34.12 -64.70 32.82
C THR B 82 -34.62 -65.17 34.19
N LEU B 83 -33.76 -65.11 35.20
CA LEU B 83 -34.08 -65.67 36.52
C LEU B 83 -34.79 -64.69 37.44
N HIS B 84 -35.15 -63.50 36.93
CA HIS B 84 -36.07 -62.56 37.57
C HIS B 84 -35.54 -62.05 38.92
N VAL B 85 -34.24 -61.81 39.00
CA VAL B 85 -33.59 -61.29 40.18
C VAL B 85 -33.15 -59.86 39.89
N SER B 86 -33.57 -58.91 40.72
CA SER B 86 -33.24 -57.52 40.50
C SER B 86 -31.77 -57.25 40.81
N PHE B 87 -31.25 -56.17 40.22
CA PHE B 87 -29.83 -55.84 40.30
C PHE B 87 -29.67 -54.33 40.33
N ILE B 88 -29.06 -53.82 41.39
CA ILE B 88 -28.84 -52.38 41.57
C ILE B 88 -27.34 -52.13 41.47
N THR B 89 -26.95 -51.15 40.66
CA THR B 89 -25.54 -50.93 40.37
C THR B 89 -25.21 -49.45 40.18
N PRO B 90 -24.03 -49.02 40.61
CA PRO B 90 -23.53 -47.68 40.28
C PRO B 90 -22.66 -47.59 39.05
N SER B 91 -22.58 -48.64 38.22
CA SER B 91 -21.68 -48.66 37.08
C SER B 91 -22.27 -47.86 35.92
N PHE B 92 -21.66 -48.01 34.74
CA PHE B 92 -22.08 -47.24 33.57
C PHE B 92 -23.44 -47.74 33.07
N PRO B 93 -24.28 -46.86 32.53
CA PRO B 93 -25.60 -47.29 32.05
C PRO B 93 -25.50 -48.15 30.81
N THR B 94 -26.33 -49.19 30.76
CA THR B 94 -26.37 -50.08 29.61
C THR B 94 -27.04 -49.40 28.43
N ASP B 95 -26.80 -49.96 27.24
CA ASP B 95 -27.38 -49.44 26.00
C ASP B 95 -28.56 -50.32 25.62
N GLY B 96 -29.76 -49.76 25.72
CA GLY B 96 -30.98 -50.47 25.41
C GLY B 96 -31.93 -50.39 26.58
N THR B 97 -32.88 -51.33 26.61
CA THR B 97 -33.88 -51.42 27.67
C THR B 97 -33.79 -52.82 28.28
N HIS B 98 -32.89 -52.99 29.24
CA HIS B 98 -32.75 -54.26 29.92
C HIS B 98 -33.63 -54.28 31.16
N PRO B 99 -34.46 -55.32 31.34
CA PRO B 99 -35.24 -55.41 32.58
C PRO B 99 -34.39 -55.83 33.76
N PHE B 100 -34.95 -55.63 34.95
CA PHE B 100 -34.42 -56.11 36.24
C PHE B 100 -33.06 -55.52 36.60
N VAL B 101 -32.66 -54.41 35.97
CA VAL B 101 -31.38 -53.76 36.25
C VAL B 101 -31.67 -52.30 36.58
N ILE B 102 -31.15 -51.84 37.71
CA ILE B 102 -31.33 -50.47 38.18
C ILE B 102 -29.99 -49.76 38.04
N GLN B 103 -29.97 -48.68 37.25
CA GLN B 103 -28.77 -47.88 37.06
C GLN B 103 -28.81 -46.69 38.02
N MET B 104 -27.80 -46.56 38.86
CA MET B 104 -27.70 -45.45 39.79
C MET B 104 -26.83 -44.31 39.28
N ARG B 105 -26.20 -44.47 38.12
CA ARG B 105 -25.34 -43.42 37.58
C ARG B 105 -26.10 -42.61 36.54
N PRO B 106 -26.11 -41.28 36.63
CA PRO B 106 -26.81 -40.48 35.62
C PRO B 106 -26.08 -40.51 34.28
N ASP B 107 -26.82 -40.24 33.21
CA ASP B 107 -26.23 -40.23 31.89
C ASP B 107 -25.42 -38.95 31.69
N LEU B 108 -24.50 -38.99 30.73
CA LEU B 108 -23.55 -37.91 30.53
C LEU B 108 -23.56 -37.35 29.11
N LYS B 109 -24.09 -38.08 28.13
CA LYS B 109 -23.90 -37.74 26.72
C LYS B 109 -24.66 -36.47 26.33
N GLY B 110 -25.77 -36.20 27.01
CA GLY B 110 -26.51 -34.97 26.73
C GLY B 110 -25.81 -33.74 27.29
N ALA B 111 -25.18 -33.88 28.46
CA ALA B 111 -24.48 -32.76 29.07
C ALA B 111 -23.21 -32.43 28.32
N LEU B 112 -22.53 -33.46 27.80
CA LEU B 112 -21.26 -33.24 27.12
C LEU B 112 -21.45 -32.55 25.78
N LEU B 113 -22.54 -32.88 25.07
CA LEU B 113 -22.79 -32.24 23.78
C LEU B 113 -23.18 -30.78 23.94
N SER B 114 -23.99 -30.47 24.95
CA SER B 114 -24.49 -29.11 25.13
C SER B 114 -23.39 -28.16 25.56
N LEU B 115 -22.37 -28.66 26.24
CA LEU B 115 -21.25 -27.82 26.65
C LEU B 115 -20.43 -27.39 25.44
N ILE B 116 -20.38 -28.23 24.41
CA ILE B 116 -19.54 -27.95 23.24
C ILE B 116 -20.14 -26.80 22.41
N GLU B 117 -21.46 -26.77 22.25
CA GLU B 117 -22.06 -25.67 21.51
C GLU B 117 -22.04 -24.37 22.31
N TYR B 118 -21.87 -24.47 23.63
CA TYR B 118 -21.75 -23.26 24.45
C TYR B 118 -20.42 -22.57 24.18
N TYR B 119 -19.32 -23.32 24.17
CA TYR B 119 -18.02 -22.77 23.81
C TYR B 119 -17.86 -22.56 22.32
N GLN B 120 -18.80 -23.07 21.50
CA GLN B 120 -18.87 -22.92 20.05
C GLN B 120 -17.62 -23.45 19.36
N TRP B 121 -17.38 -24.75 19.47
CA TRP B 121 -16.23 -25.40 18.85
C TRP B 121 -16.64 -25.97 17.50
N ASP B 122 -15.75 -25.85 16.52
CA ASP B 122 -15.94 -26.50 15.22
C ASP B 122 -14.92 -27.62 14.97
N LYS B 123 -13.73 -27.51 15.55
CA LYS B 123 -12.68 -28.50 15.37
C LYS B 123 -12.01 -28.76 16.72
N PHE B 124 -11.88 -30.04 17.07
CA PHE B 124 -11.26 -30.43 18.33
C PHE B 124 -10.75 -31.86 18.21
N ALA B 125 -10.13 -32.33 19.29
CA ALA B 125 -9.65 -33.70 19.41
C ALA B 125 -10.39 -34.41 20.52
N TYR B 126 -10.41 -35.74 20.47
CA TYR B 126 -11.15 -36.54 21.43
C TYR B 126 -10.32 -37.76 21.80
N LEU B 127 -9.86 -37.83 23.05
CA LEU B 127 -9.08 -38.96 23.54
C LEU B 127 -9.98 -39.83 24.41
N TYR B 128 -10.09 -41.11 24.05
CA TYR B 128 -11.04 -42.00 24.71
C TYR B 128 -10.34 -43.26 25.22
N ASP B 129 -11.02 -43.92 26.16
CA ASP B 129 -10.64 -45.23 26.65
C ASP B 129 -11.82 -46.17 26.44
N SER B 130 -11.51 -47.44 26.21
CA SER B 130 -12.50 -48.44 25.82
C SER B 130 -13.20 -49.12 26.99
N ASP B 131 -12.95 -48.67 28.22
CA ASP B 131 -13.40 -49.45 29.38
C ASP B 131 -14.90 -49.31 29.62
N ARG B 132 -15.44 -48.10 29.50
CA ARG B 132 -16.84 -47.84 29.82
C ARG B 132 -17.75 -47.98 28.61
N GLY B 133 -17.31 -48.70 27.58
CA GLY B 133 -18.05 -48.75 26.34
C GLY B 133 -17.77 -47.55 25.46
N LEU B 134 -18.15 -47.68 24.18
CA LEU B 134 -17.92 -46.63 23.21
C LEU B 134 -19.17 -45.82 22.93
N SER B 135 -20.08 -45.72 23.92
CA SER B 135 -21.34 -45.02 23.69
C SER B 135 -21.13 -43.52 23.61
N THR B 136 -20.11 -43.00 24.27
CA THR B 136 -19.86 -41.56 24.23
C THR B 136 -19.18 -41.16 22.92
N LEU B 137 -18.31 -42.03 22.40
CA LEU B 137 -17.69 -41.78 21.10
C LEU B 137 -18.71 -41.85 19.96
N GLN B 138 -19.63 -42.80 20.03
CA GLN B 138 -20.64 -42.92 18.99
C GLN B 138 -21.65 -41.77 19.03
N ALA B 139 -21.79 -41.13 20.20
CA ALA B 139 -22.67 -39.98 20.30
C ALA B 139 -22.09 -38.76 19.59
N VAL B 140 -20.79 -38.51 19.78
CA VAL B 140 -20.19 -37.29 19.22
C VAL B 140 -19.89 -37.47 17.73
N LEU B 141 -19.68 -38.71 17.28
CA LEU B 141 -19.43 -38.93 15.86
C LEU B 141 -20.71 -38.78 15.03
N ASP B 142 -21.83 -39.28 15.56
CA ASP B 142 -23.10 -39.12 14.86
C ASP B 142 -23.56 -37.67 14.87
N SER B 143 -23.27 -36.94 15.96
CA SER B 143 -23.70 -35.56 16.05
C SER B 143 -22.81 -34.63 15.25
N ALA B 144 -21.58 -35.08 14.92
CA ALA B 144 -20.65 -34.22 14.18
C ALA B 144 -21.08 -34.06 12.73
N ALA B 145 -21.79 -35.05 12.19
CA ALA B 145 -22.23 -34.96 10.79
C ALA B 145 -23.31 -33.92 10.61
N GLU B 146 -24.30 -33.89 11.51
CA GLU B 146 -25.45 -33.01 11.32
C GLU B 146 -25.16 -31.57 11.73
N LYS B 147 -24.18 -31.35 12.61
CA LYS B 147 -23.88 -30.01 13.11
C LYS B 147 -22.47 -29.55 12.76
N LYS B 148 -21.87 -30.17 11.74
CA LYS B 148 -20.69 -29.66 11.02
C LYS B 148 -19.46 -29.49 11.93
N TRP B 149 -18.99 -30.61 12.48
CA TRP B 149 -17.78 -30.63 13.29
C TRP B 149 -16.70 -31.43 12.59
N GLN B 150 -15.48 -31.31 13.11
CA GLN B 150 -14.33 -32.09 12.64
C GLN B 150 -13.65 -32.70 13.86
N VAL B 151 -13.86 -34.01 14.06
CA VAL B 151 -13.46 -34.70 15.28
C VAL B 151 -12.31 -35.64 14.96
N THR B 152 -11.24 -35.55 15.74
CA THR B 152 -10.11 -36.47 15.67
C THR B 152 -10.16 -37.38 16.89
N ALA B 153 -10.46 -38.65 16.68
CA ALA B 153 -10.64 -39.61 17.76
C ALA B 153 -9.43 -40.55 17.82
N ILE B 154 -8.78 -40.60 18.98
CA ILE B 154 -7.58 -41.40 19.19
C ILE B 154 -7.79 -42.32 20.39
N ASN B 155 -7.50 -43.60 20.20
CA ASN B 155 -7.58 -44.59 21.28
C ASN B 155 -6.29 -44.55 22.09
N VAL B 156 -6.42 -44.29 23.39
CA VAL B 156 -5.28 -44.16 24.29
C VAL B 156 -5.22 -45.30 25.30
N GLY B 157 -6.19 -46.21 25.28
CA GLY B 157 -6.37 -47.13 26.39
C GLY B 157 -5.37 -48.26 26.42
N ASN B 158 -5.00 -48.80 25.26
CA ASN B 158 -4.18 -50.01 25.17
C ASN B 158 -2.69 -49.73 25.27
N ILE B 159 -2.28 -48.61 25.87
CA ILE B 159 -0.87 -48.32 26.05
C ILE B 159 -0.30 -49.19 27.16
N ASN B 160 0.83 -49.85 26.87
CA ASN B 160 1.52 -50.67 27.86
C ASN B 160 2.12 -49.81 28.96
N ASN B 161 2.34 -50.43 30.12
CA ASN B 161 2.80 -49.68 31.29
C ASN B 161 4.28 -49.31 31.17
N ASP B 162 5.07 -50.15 30.52
CA ASP B 162 6.51 -49.92 30.49
C ASP B 162 6.90 -48.78 29.55
N LYS B 163 6.15 -48.56 28.48
CA LYS B 163 6.48 -47.58 27.46
C LYS B 163 5.47 -46.44 27.41
N LYS B 164 5.09 -45.90 28.58
CA LYS B 164 4.09 -44.84 28.62
C LYS B 164 4.64 -43.54 28.05
N ASP B 165 5.83 -43.14 28.50
CA ASP B 165 6.34 -41.79 28.23
C ASP B 165 6.67 -41.58 26.76
N GLU B 166 7.10 -42.64 26.07
CA GLU B 166 7.38 -42.52 24.64
C GLU B 166 6.09 -42.41 23.83
N THR B 167 5.04 -43.10 24.27
CA THR B 167 3.80 -43.13 23.49
C THR B 167 2.96 -41.87 23.70
N TYR B 168 2.93 -41.33 24.93
CA TYR B 168 2.17 -40.10 25.16
C TYR B 168 2.82 -38.91 24.47
N ARG B 169 4.15 -38.84 24.47
CA ARG B 169 4.84 -37.71 23.85
C ARG B 169 4.78 -37.79 22.33
N SER B 170 4.78 -39.00 21.76
CA SER B 170 4.56 -39.14 20.32
C SER B 170 3.12 -38.77 19.95
N LEU B 171 2.20 -38.92 20.90
CA LEU B 171 0.80 -38.60 20.63
C LEU B 171 0.56 -37.10 20.51
N PHE B 172 1.09 -36.32 21.45
CA PHE B 172 0.81 -34.89 21.44
C PHE B 172 1.58 -34.16 20.35
N GLN B 173 2.71 -34.73 19.90
CA GLN B 173 3.41 -34.13 18.77
C GLN B 173 2.64 -34.30 17.48
N ASP B 174 1.88 -35.38 17.35
CA ASP B 174 1.00 -35.54 16.20
C ASP B 174 -0.17 -34.56 16.25
N LEU B 175 -0.67 -34.27 17.45
CA LEU B 175 -1.71 -33.26 17.61
C LEU B 175 -1.16 -31.86 17.35
N GLU B 176 0.13 -31.65 17.61
CA GLU B 176 0.75 -30.34 17.40
C GLU B 176 0.88 -30.03 15.91
N LEU B 177 1.12 -31.05 15.09
CA LEU B 177 1.24 -30.85 13.65
C LEU B 177 -0.08 -30.42 13.03
N LYS B 178 -1.19 -30.87 13.60
CA LYS B 178 -2.52 -30.46 13.16
C LYS B 178 -2.97 -29.16 13.79
N LYS B 179 -2.18 -28.63 14.73
CA LYS B 179 -2.51 -27.43 15.52
C LYS B 179 -3.84 -27.59 16.25
N GLU B 180 -3.99 -28.69 16.97
CA GLU B 180 -5.18 -28.96 17.76
C GLU B 180 -5.04 -28.28 19.10
N ARG B 181 -5.84 -27.26 19.34
CA ARG B 181 -5.80 -26.48 20.57
C ARG B 181 -6.83 -26.94 21.59
N ARG B 182 -7.77 -27.79 21.20
CA ARG B 182 -8.92 -28.14 22.02
C ARG B 182 -8.98 -29.66 22.17
N VAL B 183 -8.90 -30.15 23.40
CA VAL B 183 -8.80 -31.58 23.69
C VAL B 183 -9.91 -31.95 24.68
N ILE B 184 -10.60 -33.06 24.41
CA ILE B 184 -11.57 -33.64 25.33
C ILE B 184 -11.01 -34.95 25.86
N LEU B 185 -11.02 -35.11 27.19
CA LEU B 185 -10.48 -36.30 27.85
C LEU B 185 -11.65 -37.12 28.39
N ASP B 186 -11.79 -38.34 27.89
CA ASP B 186 -12.83 -39.27 28.34
C ASP B 186 -12.11 -40.47 28.95
N CYS B 187 -11.71 -40.35 30.21
CA CYS B 187 -10.96 -41.41 30.89
C CYS B 187 -11.37 -41.42 32.35
N GLU B 188 -10.95 -42.48 33.04
CA GLU B 188 -11.14 -42.58 34.48
C GLU B 188 -10.12 -41.71 35.22
N ARG B 189 -10.21 -41.72 36.56
CA ARG B 189 -9.44 -40.80 37.38
C ARG B 189 -7.95 -41.11 37.35
N ASP B 190 -7.59 -42.39 37.26
CA ASP B 190 -6.17 -42.75 37.22
C ASP B 190 -5.56 -42.44 35.87
N LYS B 191 -6.33 -42.60 34.79
CA LYS B 191 -5.79 -42.36 33.45
C LYS B 191 -5.69 -40.86 33.15
N VAL B 192 -6.59 -40.05 33.72
CA VAL B 192 -6.51 -38.61 33.55
C VAL B 192 -5.28 -38.04 34.25
N ASN B 193 -4.96 -38.55 35.43
CA ASN B 193 -3.79 -38.07 36.19
C ASN B 193 -2.48 -38.39 35.47
N ASP B 194 -2.45 -39.46 34.69
CA ASP B 194 -1.25 -39.79 33.93
C ASP B 194 -1.12 -38.90 32.70
N ILE B 195 -2.24 -38.57 32.05
CA ILE B 195 -2.17 -37.72 30.85
C ILE B 195 -1.83 -36.29 31.24
N VAL B 196 -2.38 -35.81 32.35
CA VAL B 196 -2.14 -34.44 32.83
C VAL B 196 -0.67 -34.25 33.20
N ASP B 197 -0.04 -35.27 33.77
CA ASP B 197 1.39 -35.18 34.10
C ASP B 197 2.25 -35.14 32.85
N GLN B 198 1.83 -35.84 31.78
CA GLN B 198 2.59 -35.79 30.54
C GLN B 198 2.32 -34.49 29.78
N VAL B 199 1.20 -33.83 30.06
CA VAL B 199 0.91 -32.53 29.45
C VAL B 199 1.87 -31.47 29.98
N ILE B 200 2.16 -31.52 31.28
CA ILE B 200 2.96 -30.47 31.92
C ILE B 200 4.43 -30.59 31.54
N THR B 201 4.93 -31.83 31.44
CA THR B 201 6.35 -32.07 31.21
C THR B 201 6.80 -31.56 29.84
N ILE B 202 5.97 -31.78 28.80
CA ILE B 202 6.31 -31.25 27.48
C ILE B 202 5.81 -29.83 27.27
N GLY B 203 5.17 -29.23 28.27
CA GLY B 203 4.81 -27.83 28.20
C GLY B 203 3.55 -27.53 27.42
N LYS B 204 2.44 -28.17 27.80
CA LYS B 204 1.17 -27.99 27.12
C LYS B 204 0.06 -27.52 28.05
N HIS B 205 0.39 -26.82 29.13
CA HIS B 205 -0.61 -26.22 30.01
C HIS B 205 -0.59 -24.70 29.96
N VAL B 206 0.10 -24.12 28.97
CA VAL B 206 0.23 -22.67 28.84
C VAL B 206 -1.05 -22.08 28.26
N LYS B 207 -1.11 -20.74 28.26
CA LYS B 207 -2.27 -20.03 27.73
C LYS B 207 -2.45 -20.28 26.24
N GLY B 208 -3.70 -20.52 25.85
CA GLY B 208 -4.05 -20.85 24.48
C GLY B 208 -4.65 -22.23 24.31
N TYR B 209 -4.69 -23.03 25.38
CA TYR B 209 -5.15 -24.41 25.32
C TYR B 209 -6.41 -24.54 26.16
N HIS B 210 -7.26 -25.50 25.82
CA HIS B 210 -8.49 -25.75 26.57
C HIS B 210 -8.65 -27.26 26.74
N TYR B 211 -9.19 -27.68 27.88
CA TYR B 211 -9.37 -29.08 28.20
C TYR B 211 -10.75 -29.29 28.80
N ILE B 212 -11.43 -30.37 28.40
CA ILE B 212 -12.66 -30.80 29.04
C ILE B 212 -12.47 -32.23 29.55
N ILE B 213 -12.65 -32.42 30.84
CA ILE B 213 -12.51 -33.72 31.48
C ILE B 213 -13.91 -34.32 31.61
N ALA B 214 -14.19 -35.35 30.81
CA ALA B 214 -15.55 -35.86 30.65
C ALA B 214 -15.79 -37.03 31.61
N ASN B 215 -15.96 -36.68 32.89
CA ASN B 215 -16.43 -37.62 33.88
C ASN B 215 -17.22 -36.89 34.95
N LEU B 216 -17.96 -37.65 35.76
CA LEU B 216 -18.81 -37.03 36.78
C LEU B 216 -18.00 -36.52 37.97
N GLY B 217 -16.77 -37.00 38.13
CA GLY B 217 -15.91 -36.49 39.19
C GLY B 217 -14.84 -35.54 38.69
N PHE B 218 -15.04 -34.24 38.91
CA PHE B 218 -14.08 -33.25 38.43
C PHE B 218 -12.99 -32.99 39.47
N THR B 219 -13.37 -32.73 40.71
CA THR B 219 -12.42 -32.40 41.76
C THR B 219 -11.85 -33.61 42.47
N ASP B 220 -12.20 -34.82 42.04
CA ASP B 220 -11.65 -36.02 42.68
C ASP B 220 -10.19 -36.22 42.31
N GLY B 221 -9.80 -35.78 41.12
CA GLY B 221 -8.42 -35.90 40.70
C GLY B 221 -7.55 -34.75 41.19
N ASP B 222 -6.27 -34.84 40.87
CA ASP B 222 -5.33 -33.79 41.25
C ASP B 222 -5.47 -32.61 40.29
N LEU B 223 -5.58 -31.40 40.86
CA LEU B 223 -5.96 -30.23 40.09
C LEU B 223 -5.10 -29.02 40.39
N LEU B 224 -4.18 -29.09 41.35
CA LEU B 224 -3.41 -27.92 41.75
C LEU B 224 -2.33 -27.59 40.73
N LYS B 225 -1.85 -28.59 39.99
CA LYS B 225 -0.68 -28.40 39.13
C LYS B 225 -1.03 -27.69 37.83
N ILE B 226 -2.24 -27.90 37.31
CA ILE B 226 -2.67 -27.18 36.11
C ILE B 226 -3.38 -25.88 36.47
N GLN B 227 -3.50 -25.58 37.76
CA GLN B 227 -4.28 -24.43 38.21
C GLN B 227 -3.58 -23.13 37.87
N PHE B 228 -2.26 -23.06 38.12
CA PHE B 228 -1.55 -21.79 37.98
C PHE B 228 -0.94 -21.64 36.59
N GLY B 229 -1.01 -22.69 35.77
CA GLY B 229 -0.45 -22.70 34.43
C GLY B 229 -0.92 -21.64 33.46
N GLY B 230 -2.21 -21.64 33.13
CA GLY B 230 -2.74 -20.63 32.23
C GLY B 230 -3.75 -21.15 31.22
N ALA B 231 -4.05 -22.45 31.27
CA ALA B 231 -4.96 -23.08 30.34
C ALA B 231 -6.31 -23.32 31.04
N GLU B 232 -7.39 -23.11 30.30
CA GLU B 232 -8.72 -23.27 30.88
C GLU B 232 -9.10 -24.75 30.93
N VAL B 233 -9.75 -25.14 32.01
CA VAL B 233 -10.19 -26.51 32.23
C VAL B 233 -11.65 -26.48 32.67
N SER B 234 -12.50 -27.24 31.98
CA SER B 234 -13.91 -27.33 32.33
C SER B 234 -14.24 -28.76 32.74
N GLY B 235 -15.36 -28.93 33.44
CA GLY B 235 -15.72 -30.25 33.92
C GLY B 235 -17.11 -30.28 34.51
N PHE B 236 -17.46 -31.46 35.03
CA PHE B 236 -18.80 -31.80 35.47
C PHE B 236 -18.74 -32.38 36.88
N GLN B 237 -19.76 -32.10 37.69
CA GLN B 237 -19.87 -32.74 39.00
C GLN B 237 -21.34 -32.85 39.40
N ILE B 238 -21.68 -33.96 40.04
CA ILE B 238 -23.03 -34.21 40.53
C ILE B 238 -23.14 -34.02 42.04
N VAL B 239 -22.03 -34.00 42.78
CA VAL B 239 -22.05 -33.85 44.23
C VAL B 239 -21.77 -32.38 44.56
N ASP B 240 -22.69 -31.77 45.30
CA ASP B 240 -22.59 -30.36 45.66
C ASP B 240 -22.21 -30.27 47.14
N TYR B 241 -20.98 -29.80 47.41
CA TYR B 241 -20.53 -29.70 48.79
C TYR B 241 -21.17 -28.55 49.53
N ASP B 242 -21.71 -27.57 48.79
CA ASP B 242 -22.37 -26.44 49.43
C ASP B 242 -23.73 -26.82 50.02
N ASP B 243 -24.30 -27.94 49.57
CA ASP B 243 -25.57 -28.40 50.10
C ASP B 243 -25.41 -28.88 51.55
N SER B 244 -26.44 -28.63 52.36
CA SER B 244 -26.37 -28.91 53.79
C SER B 244 -26.37 -30.41 54.07
N LEU B 245 -27.10 -31.19 53.26
CA LEU B 245 -27.16 -32.63 53.47
C LEU B 245 -25.83 -33.29 53.16
N VAL B 246 -25.11 -32.78 52.15
CA VAL B 246 -23.79 -33.30 51.84
C VAL B 246 -22.78 -32.85 52.88
N SER B 247 -22.87 -31.57 53.30
CA SER B 247 -21.90 -31.01 54.25
C SER B 247 -22.03 -31.64 55.62
N LYS B 248 -23.24 -32.09 55.98
CA LYS B 248 -23.42 -32.85 57.21
C LYS B 248 -22.76 -34.22 57.12
N PHE B 249 -22.79 -34.82 55.93
CA PHE B 249 -22.19 -36.14 55.74
C PHE B 249 -20.67 -36.08 55.76
N ILE B 250 -20.09 -35.03 55.17
CA ILE B 250 -18.64 -34.88 55.11
C ILE B 250 -18.06 -34.68 56.51
N GLU B 251 -18.82 -34.02 57.40
CA GLU B 251 -18.38 -33.82 58.78
C GLU B 251 -18.32 -35.15 59.53
N ARG B 252 -19.28 -36.03 59.30
CA ARG B 252 -19.20 -37.37 59.87
C ARG B 252 -18.15 -38.22 59.16
N TRP B 253 -17.95 -37.99 57.86
CA TRP B 253 -17.03 -38.82 57.09
C TRP B 253 -15.58 -38.57 57.47
N SER B 254 -15.22 -37.33 57.77
CA SER B 254 -13.84 -37.00 58.09
C SER B 254 -13.43 -37.53 59.46
N THR B 255 -14.38 -37.57 60.41
CA THR B 255 -14.06 -37.95 61.77
C THR B 255 -14.04 -39.46 62.00
N LEU B 256 -14.23 -40.26 60.95
CA LEU B 256 -14.21 -41.72 61.11
C LEU B 256 -12.78 -42.24 61.25
N GLU B 257 -12.68 -43.49 61.69
CA GLU B 257 -11.38 -44.09 61.99
C GLU B 257 -10.81 -44.76 60.74
N GLU B 258 -9.50 -44.57 60.52
CA GLU B 258 -8.83 -45.17 59.37
C GLU B 258 -8.66 -46.68 59.54
N LYS B 259 -8.38 -47.14 60.75
CA LYS B 259 -8.09 -48.56 60.95
C LYS B 259 -9.35 -49.41 60.83
N GLU B 260 -10.51 -48.83 61.11
CA GLU B 260 -11.76 -49.54 60.89
C GLU B 260 -12.29 -49.27 59.49
N TYR B 261 -12.34 -48.00 59.09
CA TYR B 261 -12.90 -47.59 57.81
C TYR B 261 -11.78 -47.02 56.94
N PRO B 262 -11.21 -47.79 56.02
CA PRO B 262 -10.10 -47.27 55.21
C PRO B 262 -10.57 -46.29 54.16
N GLY B 263 -9.80 -45.21 54.01
CA GLY B 263 -10.16 -44.15 53.08
C GLY B 263 -11.13 -43.12 53.64
N ALA B 264 -11.45 -43.19 54.94
CA ALA B 264 -12.52 -42.35 55.48
C ALA B 264 -12.04 -40.94 55.78
N HIS B 265 -10.85 -40.79 56.38
CA HIS B 265 -10.39 -39.48 56.86
C HIS B 265 -9.86 -38.68 55.68
N THR B 266 -10.81 -38.13 54.91
CA THR B 266 -10.52 -37.21 53.82
C THR B 266 -11.55 -36.08 53.88
N ALA B 267 -11.37 -35.10 53.01
CA ALA B 267 -12.32 -34.00 52.90
C ALA B 267 -13.33 -34.19 51.77
N THR B 268 -13.06 -35.12 50.84
CA THR B 268 -13.90 -35.33 49.67
C THR B 268 -14.31 -36.80 49.58
N ILE B 269 -15.33 -37.05 48.77
CA ILE B 269 -15.79 -38.40 48.48
C ILE B 269 -15.92 -38.53 46.96
N LYS B 270 -15.64 -39.74 46.46
CA LYS B 270 -15.78 -40.00 45.04
C LYS B 270 -17.25 -40.09 44.66
N TYR B 271 -17.52 -39.90 43.35
CA TYR B 271 -18.90 -40.02 42.88
C TYR B 271 -19.35 -41.47 42.88
N THR B 272 -18.40 -42.40 42.79
CA THR B 272 -18.74 -43.83 42.86
C THR B 272 -19.18 -44.22 44.27
N SER B 273 -18.46 -43.74 45.28
CA SER B 273 -18.80 -44.07 46.66
C SER B 273 -20.06 -43.34 47.10
N ALA B 274 -20.34 -42.17 46.52
CA ALA B 274 -21.57 -41.45 46.84
C ALA B 274 -22.80 -42.20 46.35
N LEU B 275 -22.71 -42.83 45.17
CA LEU B 275 -23.84 -43.60 44.66
C LEU B 275 -23.96 -44.94 45.40
N THR B 276 -22.87 -45.42 45.99
CA THR B 276 -22.95 -46.60 46.85
C THR B 276 -23.70 -46.28 48.14
N TYR B 277 -23.45 -45.10 48.70
CA TYR B 277 -24.18 -44.64 49.89
C TYR B 277 -25.66 -44.42 49.58
N ASP B 278 -25.98 -43.92 48.38
CA ASP B 278 -27.36 -43.65 48.03
C ASP B 278 -28.12 -44.93 47.75
N ALA B 279 -27.43 -45.99 47.31
CA ALA B 279 -28.09 -47.23 46.94
C ALA B 279 -28.61 -47.97 48.16
N VAL B 280 -27.95 -47.79 49.31
CA VAL B 280 -28.42 -48.40 50.56
C VAL B 280 -29.73 -47.73 50.99
N GLN B 281 -29.85 -46.43 50.73
CA GLN B 281 -31.08 -45.70 51.03
C GLN B 281 -32.24 -46.18 50.15
N VAL B 282 -31.96 -46.45 48.88
CA VAL B 282 -33.01 -46.86 47.94
C VAL B 282 -33.51 -48.27 48.28
N MET B 283 -32.58 -49.16 48.63
CA MET B 283 -32.96 -50.53 48.98
C MET B 283 -33.74 -50.57 50.29
N THR B 284 -33.37 -49.72 51.26
CA THR B 284 -34.08 -49.70 52.54
C THR B 284 -35.47 -49.08 52.37
N GLU B 285 -35.58 -48.05 51.53
CA GLU B 285 -36.88 -47.40 51.29
C GLU B 285 -37.86 -48.33 50.60
N ALA B 286 -37.36 -49.25 49.78
CA ALA B 286 -38.25 -50.15 49.03
C ALA B 286 -38.90 -51.17 49.95
N PHE B 287 -38.11 -51.85 50.79
CA PHE B 287 -38.67 -52.87 51.67
C PHE B 287 -39.49 -52.25 52.79
N ARG B 288 -39.18 -51.00 53.16
CA ARG B 288 -40.01 -50.26 54.10
C ARG B 288 -41.37 -49.95 53.48
N ASN B 289 -41.38 -49.61 52.19
CA ASN B 289 -42.64 -49.35 51.49
C ASN B 289 -43.37 -50.67 51.22
N LEU B 290 -42.62 -51.74 50.97
CA LEU B 290 -43.22 -53.01 50.60
C LEU B 290 -43.95 -53.65 51.77
N ARG B 291 -43.41 -53.50 52.98
CA ARG B 291 -44.11 -53.97 54.18
C ARG B 291 -45.32 -53.09 54.48
N LYS B 292 -45.28 -51.82 54.05
CA LYS B 292 -46.34 -50.89 54.40
C LYS B 292 -47.62 -51.15 53.61
N GLN B 293 -47.52 -51.63 52.37
CA GLN B 293 -48.71 -52.06 51.65
C GLN B 293 -49.02 -53.54 51.83
N ARG B 294 -48.42 -54.18 52.86
CA ARG B 294 -48.79 -55.52 53.34
C ARG B 294 -48.61 -56.60 52.28
N ILE B 295 -47.49 -56.55 51.57
CA ILE B 295 -47.16 -57.52 50.53
C ILE B 295 -46.12 -58.48 51.07
N GLU B 296 -46.43 -59.77 51.06
CA GLU B 296 -45.54 -60.81 51.57
C GLU B 296 -44.68 -61.35 50.44
N ILE B 297 -43.37 -61.37 50.66
CA ILE B 297 -42.41 -61.89 49.70
C ILE B 297 -41.65 -63.09 50.26
N SER B 298 -42.21 -63.77 51.26
CA SER B 298 -41.56 -64.93 51.85
C SER B 298 -41.53 -66.10 50.89
N ARG B 299 -40.38 -66.76 50.79
CA ARG B 299 -40.18 -67.88 49.87
C ARG B 299 -39.60 -69.07 50.64
N ARG B 300 -40.51 -69.93 51.13
CA ARG B 300 -40.08 -71.10 51.89
C ARG B 300 -39.53 -72.19 50.97
N GLY B 301 -39.93 -72.18 49.71
CA GLY B 301 -39.46 -73.20 48.79
C GLY B 301 -38.00 -72.98 48.39
N ASN B 302 -37.28 -74.07 48.17
CA ASN B 302 -35.88 -74.01 47.81
C ASN B 302 -35.71 -73.57 46.36
N ALA B 303 -34.67 -72.76 46.11
CA ALA B 303 -34.40 -72.30 44.75
C ALA B 303 -33.85 -73.41 43.88
N GLY B 304 -32.93 -74.23 44.42
CA GLY B 304 -32.18 -75.17 43.62
C GLY B 304 -31.00 -74.49 42.96
N ASP B 305 -30.40 -75.22 42.02
CA ASP B 305 -29.30 -74.65 41.25
C ASP B 305 -29.81 -73.64 40.24
N CYS B 306 -28.90 -72.76 39.79
CA CYS B 306 -29.24 -71.77 38.78
C CYS B 306 -29.47 -72.44 37.43
N LEU B 307 -28.68 -73.46 37.12
CA LEU B 307 -28.77 -74.14 35.83
C LEU B 307 -29.92 -75.15 35.89
N ALA B 308 -31.13 -74.63 35.77
CA ALA B 308 -32.34 -75.43 35.80
C ALA B 308 -32.91 -75.55 34.40
N ASN B 309 -33.22 -76.78 33.99
CA ASN B 309 -33.80 -77.04 32.69
C ASN B 309 -35.19 -77.64 32.87
N PRO B 310 -36.27 -76.92 32.52
CA PRO B 310 -36.32 -75.53 32.05
C PRO B 310 -36.18 -74.51 33.18
N ALA B 311 -35.67 -73.33 32.85
CA ALA B 311 -35.57 -72.26 33.84
C ALA B 311 -36.95 -71.74 34.19
N VAL B 312 -37.19 -71.55 35.49
CA VAL B 312 -38.50 -71.18 36.02
C VAL B 312 -38.36 -69.86 36.72
N PRO B 313 -39.27 -68.91 36.52
CA PRO B 313 -39.28 -67.68 37.32
C PRO B 313 -39.99 -67.90 38.65
N TRP B 314 -39.82 -66.92 39.53
CA TRP B 314 -40.54 -66.85 40.80
C TRP B 314 -41.27 -65.52 40.86
N GLY B 315 -42.58 -65.58 41.06
CA GLY B 315 -43.43 -64.43 40.81
C GLY B 315 -43.32 -63.32 41.84
N GLN B 316 -42.65 -63.59 42.97
CA GLN B 316 -42.43 -62.52 43.93
C GLN B 316 -41.39 -61.53 43.43
N GLY B 317 -40.53 -61.98 42.51
CA GLY B 317 -39.51 -61.10 41.95
C GLY B 317 -40.06 -60.01 41.05
N VAL B 318 -41.24 -60.25 40.47
CA VAL B 318 -41.93 -59.21 39.70
C VAL B 318 -42.41 -58.11 40.64
N GLU B 319 -42.87 -58.50 41.83
CA GLU B 319 -43.33 -57.54 42.83
C GLU B 319 -42.19 -56.68 43.34
N ILE B 320 -40.99 -57.25 43.44
CA ILE B 320 -39.86 -56.53 44.04
C ILE B 320 -39.34 -55.44 43.11
N GLU B 321 -39.27 -55.73 41.79
CA GLU B 321 -38.71 -54.75 40.87
C GLU B 321 -39.65 -53.56 40.69
N ARG B 322 -40.95 -53.76 40.87
CA ARG B 322 -41.88 -52.64 40.83
C ARG B 322 -41.73 -51.78 42.07
N ALA B 323 -41.37 -52.40 43.19
CA ALA B 323 -41.17 -51.65 44.42
C ALA B 323 -39.88 -50.83 44.38
N LEU B 324 -38.85 -51.36 43.70
CA LEU B 324 -37.57 -50.66 43.62
C LEU B 324 -37.66 -49.44 42.70
N LYS B 325 -38.43 -49.54 41.62
CA LYS B 325 -38.53 -48.43 40.69
C LYS B 325 -39.40 -47.31 41.24
N GLN B 326 -40.33 -47.64 42.14
CA GLN B 326 -41.21 -46.65 42.75
C GLN B 326 -40.61 -46.14 44.08
N VAL B 327 -39.38 -45.62 43.98
CA VAL B 327 -38.66 -45.07 45.13
C VAL B 327 -38.21 -43.66 44.76
N GLN B 328 -38.64 -42.67 45.54
CA GLN B 328 -38.22 -41.29 45.36
C GLN B 328 -37.75 -40.75 46.71
N VAL B 329 -36.44 -40.51 46.83
CA VAL B 329 -35.82 -40.03 48.06
C VAL B 329 -34.91 -38.87 47.72
N GLU B 330 -34.20 -38.37 48.73
CA GLU B 330 -33.20 -37.33 48.58
C GLU B 330 -31.86 -37.87 49.06
N GLY B 331 -30.81 -37.67 48.29
CA GLY B 331 -29.52 -38.22 48.62
C GLY B 331 -28.36 -37.26 48.37
N LEU B 332 -27.13 -37.81 48.35
CA LEU B 332 -25.96 -36.99 48.05
C LEU B 332 -25.96 -36.54 46.60
N SER B 333 -26.39 -37.41 45.69
CA SER B 333 -26.45 -37.06 44.27
C SER B 333 -27.52 -36.02 44.00
N GLY B 334 -28.68 -36.15 44.64
CA GLY B 334 -29.79 -35.26 44.43
C GLY B 334 -31.09 -36.03 44.46
N ASN B 335 -32.06 -35.56 43.68
CA ASN B 335 -33.34 -36.25 43.61
C ASN B 335 -33.19 -37.53 42.80
N ILE B 336 -33.66 -38.64 43.35
CA ILE B 336 -33.52 -39.96 42.75
C ILE B 336 -34.91 -40.40 42.29
N LYS B 337 -35.15 -40.34 40.99
CA LYS B 337 -36.41 -40.75 40.39
C LYS B 337 -36.13 -41.58 39.15
N PHE B 338 -36.89 -42.66 38.99
CA PHE B 338 -36.63 -43.66 37.98
C PHE B 338 -37.75 -43.67 36.94
N ASP B 339 -37.41 -44.08 35.72
CA ASP B 339 -38.41 -44.32 34.70
C ASP B 339 -38.81 -45.80 34.70
N GLN B 340 -39.47 -46.24 33.63
CA GLN B 340 -39.89 -47.62 33.52
C GLN B 340 -38.70 -48.56 33.35
N ASN B 341 -37.69 -48.14 32.58
CA ASN B 341 -36.57 -49.01 32.28
C ASN B 341 -35.62 -49.16 33.46
N GLY B 342 -35.53 -48.15 34.31
CA GLY B 342 -34.63 -48.16 35.44
C GLY B 342 -33.47 -47.19 35.34
N LYS B 343 -33.55 -46.19 34.47
CA LYS B 343 -32.51 -45.18 34.34
C LYS B 343 -32.96 -43.89 35.02
N ARG B 344 -32.01 -43.17 35.59
CA ARG B 344 -32.36 -42.00 36.40
C ARG B 344 -32.85 -40.85 35.53
N ILE B 345 -33.98 -40.28 35.94
CA ILE B 345 -34.56 -39.10 35.32
C ILE B 345 -34.75 -38.07 36.43
N ASN B 346 -34.95 -36.81 36.01
CA ASN B 346 -35.05 -35.65 36.90
C ASN B 346 -33.79 -35.52 37.76
N TYR B 347 -32.68 -35.20 37.11
CA TYR B 347 -31.40 -35.00 37.78
C TYR B 347 -30.73 -33.74 37.27
N THR B 348 -29.74 -33.26 38.02
CA THR B 348 -29.02 -32.05 37.69
C THR B 348 -27.52 -32.33 37.73
N ILE B 349 -26.79 -31.80 36.75
CA ILE B 349 -25.33 -31.91 36.68
C ILE B 349 -24.76 -30.50 36.66
N ASN B 350 -23.77 -30.25 37.52
CA ASN B 350 -23.21 -28.91 37.72
C ASN B 350 -22.01 -28.71 36.80
N ILE B 351 -22.11 -27.74 35.89
CA ILE B 351 -20.98 -27.40 35.03
C ILE B 351 -20.02 -26.50 35.77
N MET B 352 -18.73 -26.85 35.76
CA MET B 352 -17.73 -26.18 36.56
C MET B 352 -16.57 -25.71 35.69
N GLU B 353 -15.80 -24.76 36.21
CA GLU B 353 -14.60 -24.23 35.55
C GLU B 353 -13.49 -24.11 36.58
N LEU B 354 -12.26 -24.28 36.10
CA LEU B 354 -11.09 -24.10 36.96
C LEU B 354 -10.57 -22.67 36.89
N LYS B 355 -10.37 -22.06 38.05
CA LYS B 355 -9.78 -20.74 38.15
C LYS B 355 -8.56 -20.79 39.06
N THR B 356 -7.83 -19.69 39.12
CA THR B 356 -6.63 -19.62 39.96
C THR B 356 -6.99 -19.68 41.44
N ASN B 357 -8.18 -19.21 41.81
CA ASN B 357 -8.67 -19.39 43.17
C ASN B 357 -9.02 -20.85 43.44
N GLY B 358 -9.64 -21.50 42.46
CA GLY B 358 -10.07 -22.87 42.60
C GLY B 358 -11.20 -23.17 41.63
N PRO B 359 -11.81 -24.35 41.77
CA PRO B 359 -12.97 -24.66 40.93
C PRO B 359 -14.20 -23.86 41.36
N ARG B 360 -14.95 -23.39 40.39
CA ARG B 360 -16.15 -22.60 40.60
C ARG B 360 -17.35 -23.31 39.98
N LYS B 361 -18.49 -22.61 39.95
CA LYS B 361 -19.72 -23.12 39.37
C LYS B 361 -20.31 -22.05 38.47
N ILE B 362 -20.67 -22.43 37.24
CA ILE B 362 -21.17 -21.48 36.26
C ILE B 362 -22.57 -21.83 35.75
N GLY B 363 -23.16 -22.91 36.25
CA GLY B 363 -24.50 -23.26 35.81
C GLY B 363 -24.82 -24.71 36.13
N TYR B 364 -25.89 -25.19 35.51
CA TYR B 364 -26.34 -26.57 35.68
C TYR B 364 -27.02 -27.05 34.41
N TRP B 365 -27.21 -28.37 34.35
CA TRP B 365 -27.77 -29.05 33.18
C TRP B 365 -28.95 -29.90 33.64
N SER B 366 -30.08 -29.79 32.92
CA SER B 366 -31.25 -30.62 33.18
C SER B 366 -31.91 -30.98 31.85
N GLU B 367 -32.64 -32.09 31.85
CA GLU B 367 -33.17 -32.62 30.58
C GLU B 367 -34.42 -31.88 30.14
N VAL B 368 -34.99 -31.04 31.01
CA VAL B 368 -36.18 -30.27 30.62
C VAL B 368 -35.79 -28.83 30.26
N ASP B 369 -34.71 -28.31 30.86
CA ASP B 369 -34.35 -26.91 30.78
C ASP B 369 -32.91 -26.68 30.34
N LYS B 370 -32.55 -27.10 29.12
CA LYS B 370 -31.27 -27.73 28.68
C LYS B 370 -30.06 -27.16 29.42
N MET B 371 -29.75 -25.87 29.29
CA MET B 371 -28.61 -25.29 29.99
C MET B 371 -29.00 -23.95 30.57
N VAL B 372 -28.87 -23.83 31.88
CA VAL B 372 -29.22 -22.60 32.60
C VAL B 372 -27.97 -22.06 33.26
N LEU B 373 -27.58 -20.85 32.89
CA LEU B 373 -26.45 -20.20 33.53
C LEU B 373 -26.87 -19.64 34.88
N THR B 374 -25.88 -19.50 35.77
CA THR B 374 -26.07 -18.90 37.08
C THR B 374 -25.49 -17.49 37.03
N GLU B 375 -26.35 -16.49 37.19
CA GLU B 375 -25.96 -15.09 37.06
C GLU B 375 -25.33 -14.63 38.37
N ASP B 376 -24.04 -14.94 38.51
CA ASP B 376 -23.24 -14.50 39.64
C ASP B 376 -22.06 -13.63 39.23
N ASP B 377 -22.00 -13.22 37.97
CA ASP B 377 -20.88 -12.47 37.43
C ASP B 377 -21.34 -11.08 36.99
N THR B 378 -20.65 -10.06 37.47
CA THR B 378 -20.88 -8.67 37.06
C THR B 378 -19.62 -8.17 36.38
N SER B 379 -19.70 -7.93 35.07
CA SER B 379 -18.55 -7.49 34.29
C SER B 379 -19.05 -6.60 33.16
N GLY B 380 -18.11 -5.91 32.52
CA GLY B 380 -18.40 -4.92 31.51
C GLY B 380 -18.30 -3.49 32.00
N LEU B 381 -18.29 -3.28 33.33
CA LEU B 381 -18.13 -1.95 33.88
C LEU B 381 -16.69 -1.46 33.74
N GLU B 382 -15.74 -2.38 33.58
CA GLU B 382 -14.33 -2.03 33.41
C GLU B 382 -14.10 -1.31 32.08
N GLN B 383 -14.78 -1.76 31.02
CA GLN B 383 -14.69 -1.08 29.74
C GLN B 383 -15.51 0.20 29.75
N LYS B 384 -14.92 1.28 29.23
CA LYS B 384 -15.55 2.59 29.20
C LYS B 384 -15.97 2.92 27.77
N THR B 385 -17.16 3.50 27.62
CA THR B 385 -17.62 4.05 26.36
C THR B 385 -17.39 5.56 26.40
N VAL B 386 -16.41 6.04 25.64
CA VAL B 386 -16.05 7.45 25.66
C VAL B 386 -17.11 8.27 24.92
N VAL B 387 -17.56 9.35 25.54
CA VAL B 387 -18.59 10.22 24.98
C VAL B 387 -17.90 11.26 24.10
N VAL B 388 -18.20 11.23 22.81
CA VAL B 388 -17.64 12.16 21.84
C VAL B 388 -18.73 13.16 21.45
N THR B 389 -18.48 14.43 21.70
CA THR B 389 -19.42 15.49 21.32
C THR B 389 -18.96 16.14 20.02
N THR B 390 -19.92 16.60 19.22
CA THR B 390 -19.63 17.20 17.93
C THR B 390 -20.79 18.10 17.54
N ILE B 391 -20.62 18.79 16.41
CA ILE B 391 -21.65 19.67 15.86
C ILE B 391 -21.89 19.25 14.41
N LEU B 392 -23.09 19.54 13.91
CA LEU B 392 -23.49 19.13 12.56
C LEU B 392 -23.19 20.27 11.60
N GLU B 393 -22.09 20.13 10.87
CA GLU B 393 -21.70 21.10 9.85
C GLU B 393 -21.07 20.35 8.68
N SER B 394 -21.48 20.68 7.47
CA SER B 394 -20.95 20.00 6.29
C SER B 394 -19.59 20.61 5.91
N PRO B 395 -18.65 19.80 5.40
CA PRO B 395 -18.68 18.35 5.21
C PRO B 395 -18.07 17.60 6.40
N TYR B 396 -18.08 18.23 7.56
CA TYR B 396 -17.41 17.67 8.73
C TYR B 396 -18.24 16.55 9.35
N VAL B 397 -19.49 16.82 9.69
CA VAL B 397 -20.43 15.82 10.18
C VAL B 397 -21.74 16.00 9.43
N MET B 398 -22.19 14.94 8.75
CA MET B 398 -23.42 14.98 7.99
C MET B 398 -24.26 13.75 8.32
N MET B 399 -25.57 13.89 8.15
CA MET B 399 -26.50 12.78 8.31
C MET B 399 -26.66 12.04 6.99
N LYS B 400 -26.60 10.71 7.05
CA LYS B 400 -26.81 9.90 5.86
C LYS B 400 -28.28 9.92 5.47
N LYS B 401 -28.55 9.46 4.24
CA LYS B 401 -29.91 9.56 3.70
C LYS B 401 -30.85 8.56 4.37
N ASN B 402 -30.35 7.37 4.72
CA ASN B 402 -31.14 6.39 5.48
C ASN B 402 -30.76 6.44 6.97
N HIS B 403 -31.02 7.58 7.60
CA HIS B 403 -30.69 7.72 9.01
C HIS B 403 -31.80 7.13 9.88
N GLU B 404 -33.01 6.99 9.33
CA GLU B 404 -34.09 6.36 10.07
C GLU B 404 -33.83 4.87 10.27
N MET B 405 -33.29 4.21 9.25
CA MET B 405 -33.05 2.76 9.33
C MET B 405 -31.87 2.46 10.24
N LEU B 406 -30.77 3.19 10.10
CA LEU B 406 -29.59 2.96 10.91
C LEU B 406 -29.74 3.61 12.28
N GLU B 407 -28.84 3.22 13.19
CA GLU B 407 -28.90 3.68 14.58
C GLU B 407 -27.50 3.92 15.11
N GLY B 408 -27.34 5.02 15.85
CA GLY B 408 -26.09 5.25 16.56
C GLY B 408 -25.02 5.82 15.66
N ASN B 409 -23.85 5.18 15.68
CA ASN B 409 -22.69 5.71 14.95
C ASN B 409 -22.85 5.53 13.45
N GLU B 410 -23.70 4.61 13.02
CA GLU B 410 -23.87 4.34 11.59
C GLU B 410 -24.68 5.44 10.90
N ARG B 411 -25.39 6.27 11.67
CA ARG B 411 -26.23 7.29 11.06
C ARG B 411 -25.40 8.42 10.44
N TYR B 412 -24.25 8.73 11.03
CA TYR B 412 -23.52 9.92 10.64
C TYR B 412 -22.36 9.59 9.70
N GLU B 413 -21.97 10.60 8.91
CA GLU B 413 -20.84 10.49 8.01
C GLU B 413 -20.17 11.85 7.91
N GLY B 414 -18.93 11.87 7.45
CA GLY B 414 -18.25 13.13 7.20
C GLY B 414 -16.77 13.03 7.48
N TYR B 415 -16.14 14.21 7.54
CA TYR B 415 -14.69 14.29 7.77
C TYR B 415 -14.34 13.93 9.21
N CYS B 416 -15.05 14.51 10.18
CA CYS B 416 -14.72 14.28 11.58
C CYS B 416 -15.12 12.87 12.02
N VAL B 417 -16.09 12.27 11.33
CA VAL B 417 -16.48 10.90 11.63
C VAL B 417 -15.36 9.93 11.27
N ASP B 418 -14.71 10.15 10.12
CA ASP B 418 -13.56 9.33 9.76
C ASP B 418 -12.36 9.63 10.65
N LEU B 419 -12.23 10.88 11.10
CA LEU B 419 -11.15 11.25 12.00
C LEU B 419 -11.32 10.61 13.37
N ALA B 420 -12.57 10.50 13.84
CA ALA B 420 -12.84 9.86 15.12
C ALA B 420 -12.54 8.36 15.07
N ALA B 421 -12.74 7.75 13.91
CA ALA B 421 -12.45 6.32 13.75
C ALA B 421 -10.94 6.07 13.76
N GLU B 422 -10.16 7.01 13.23
CA GLU B 422 -8.71 6.82 13.17
C GLU B 422 -8.06 6.98 14.53
N ILE B 423 -8.53 7.96 15.31
CA ILE B 423 -7.92 8.23 16.62
C ILE B 423 -8.23 7.10 17.60
N ALA B 424 -9.45 6.54 17.52
CA ALA B 424 -9.85 5.46 18.40
C ALA B 424 -9.05 4.19 18.12
N LYS B 425 -8.59 4.02 16.88
CA LYS B 425 -7.75 2.87 16.54
C LYS B 425 -6.35 3.02 17.11
N HIS B 426 -5.78 4.23 17.04
CA HIS B 426 -4.43 4.44 17.55
C HIS B 426 -4.41 4.50 19.08
N CYS B 427 -5.48 4.99 19.69
CA CYS B 427 -5.50 5.12 21.14
C CYS B 427 -6.07 3.89 21.84
N GLY B 428 -6.98 3.17 21.19
CA GLY B 428 -7.52 1.96 21.75
C GLY B 428 -8.70 2.14 22.69
N PHE B 429 -9.78 2.73 22.19
CA PHE B 429 -10.99 2.87 23.00
C PHE B 429 -12.20 2.74 22.08
N LYS B 430 -13.38 2.67 22.70
CA LYS B 430 -14.65 2.66 21.99
C LYS B 430 -15.41 3.94 22.31
N TYR B 431 -16.28 4.36 21.39
CA TYR B 431 -16.88 5.68 21.46
C TYR B 431 -18.36 5.63 21.07
N LYS B 432 -19.07 6.70 21.43
CA LYS B 432 -20.46 6.91 21.05
C LYS B 432 -20.63 8.38 20.69
N LEU B 433 -21.05 8.64 19.44
CA LEU B 433 -21.15 10.00 18.95
C LEU B 433 -22.44 10.66 19.40
N THR B 434 -22.34 11.87 19.95
CA THR B 434 -23.48 12.64 20.40
C THR B 434 -23.41 14.05 19.84
N ILE B 435 -24.51 14.53 19.28
CA ILE B 435 -24.60 15.93 18.84
C ILE B 435 -24.79 16.81 20.07
N VAL B 436 -24.15 17.98 20.06
CA VAL B 436 -24.34 18.95 21.15
C VAL B 436 -25.76 19.49 21.10
N GLY B 437 -26.35 19.68 22.28
CA GLY B 437 -27.76 20.07 22.34
C GLY B 437 -27.99 21.52 21.99
N ASP B 438 -27.07 22.40 22.39
CA ASP B 438 -27.28 23.83 22.21
C ASP B 438 -27.08 24.24 20.75
N GLY B 439 -26.19 23.55 20.03
CA GLY B 439 -25.92 23.88 18.65
C GLY B 439 -24.91 24.98 18.44
N LYS B 440 -24.16 25.36 19.47
CA LYS B 440 -23.16 26.42 19.38
C LYS B 440 -21.78 25.84 19.64
N TYR B 441 -20.76 26.50 19.08
CA TYR B 441 -19.39 26.04 19.27
C TYR B 441 -18.92 26.27 20.69
N GLY B 442 -19.14 27.48 21.22
CA GLY B 442 -18.75 27.77 22.58
C GLY B 442 -18.42 29.22 22.84
N ALA B 443 -18.97 29.77 23.92
CA ALA B 443 -18.75 31.13 24.34
C ALA B 443 -19.09 31.22 25.82
N ARG B 444 -18.76 32.36 26.42
CA ARG B 444 -18.99 32.59 27.83
C ARG B 444 -19.87 33.81 28.03
N ASP B 445 -21.02 33.61 28.67
CA ASP B 445 -21.90 34.72 28.99
C ASP B 445 -21.27 35.59 30.07
N ALA B 446 -21.25 36.91 29.83
CA ALA B 446 -20.59 37.81 30.77
C ALA B 446 -21.36 37.93 32.07
N ASP B 447 -22.68 37.81 32.02
CA ASP B 447 -23.50 37.99 33.22
C ASP B 447 -23.46 36.76 34.11
N THR B 448 -23.73 35.57 33.55
CA THR B 448 -23.90 34.36 34.33
C THR B 448 -22.61 33.56 34.50
N LYS B 449 -21.57 33.87 33.72
CA LYS B 449 -20.27 33.18 33.73
C LYS B 449 -20.42 31.68 33.45
N ILE B 450 -21.33 31.33 32.54
CA ILE B 450 -21.64 29.94 32.21
C ILE B 450 -21.26 29.69 30.76
N TRP B 451 -20.48 28.64 30.53
CA TRP B 451 -20.14 28.22 29.19
C TRP B 451 -21.27 27.41 28.58
N ASN B 452 -21.54 27.63 27.29
CA ASN B 452 -22.54 26.87 26.56
C ASN B 452 -21.92 26.21 25.33
N GLY B 453 -22.41 25.03 24.99
CA GLY B 453 -21.95 24.37 23.78
C GLY B 453 -21.00 23.22 24.05
N MET B 454 -20.14 22.93 23.07
CA MET B 454 -19.17 21.86 23.22
C MET B 454 -18.08 22.22 24.24
N VAL B 455 -17.80 23.53 24.37
CA VAL B 455 -16.87 23.97 25.40
C VAL B 455 -17.48 23.78 26.79
N GLY B 456 -18.79 24.01 26.90
CA GLY B 456 -19.46 23.83 28.18
C GLY B 456 -19.55 22.38 28.61
N GLU B 457 -19.76 21.47 27.65
CA GLU B 457 -19.91 20.06 28.00
C GLU B 457 -18.60 19.44 28.47
N LEU B 458 -17.47 20.01 28.06
CA LEU B 458 -16.18 19.49 28.50
C LEU B 458 -15.83 19.99 29.90
N VAL B 459 -16.24 21.22 30.23
CA VAL B 459 -15.89 21.79 31.52
C VAL B 459 -16.73 21.18 32.64
N TYR B 460 -18.05 21.14 32.45
CA TYR B 460 -18.94 20.70 33.51
C TYR B 460 -19.04 19.19 33.63
N GLY B 461 -18.46 18.43 32.70
CA GLY B 461 -18.31 17.00 32.86
C GLY B 461 -19.20 16.13 31.99
N LYS B 462 -20.02 16.71 31.10
CA LYS B 462 -20.99 15.92 30.36
C LYS B 462 -20.34 15.16 29.21
N ALA B 463 -19.25 15.68 28.66
CA ALA B 463 -18.62 15.11 27.48
C ALA B 463 -17.16 14.77 27.78
N ASP B 464 -16.68 13.69 27.16
CA ASP B 464 -15.33 13.21 27.45
C ASP B 464 -14.30 13.78 26.48
N ILE B 465 -14.65 13.95 25.21
CA ILE B 465 -13.75 14.51 24.23
C ILE B 465 -14.58 15.20 23.15
N ALA B 466 -14.00 16.18 22.48
CA ALA B 466 -14.66 16.94 21.42
C ALA B 466 -13.82 16.86 20.15
N ILE B 467 -14.32 16.14 19.15
CA ILE B 467 -13.70 16.09 17.83
C ILE B 467 -14.59 16.92 16.91
N ALA B 468 -14.15 18.14 16.62
CA ALA B 468 -14.99 19.14 15.98
C ALA B 468 -14.09 20.26 15.47
N PRO B 469 -14.58 21.08 14.52
CA PRO B 469 -13.79 22.27 14.15
C PRO B 469 -13.85 23.36 15.22
N LEU B 470 -13.04 23.20 16.26
CA LEU B 470 -13.03 24.11 17.39
C LEU B 470 -11.77 24.96 17.29
N THR B 471 -11.95 26.27 17.14
CA THR B 471 -10.84 27.18 16.89
C THR B 471 -10.00 27.36 18.15
N ILE B 472 -8.68 27.24 17.99
CA ILE B 472 -7.74 27.40 19.09
C ILE B 472 -7.63 28.90 19.39
N THR B 473 -8.23 29.33 20.50
CA THR B 473 -8.20 30.72 20.92
C THR B 473 -7.58 30.83 22.30
N LEU B 474 -7.38 32.07 22.74
CA LEU B 474 -6.75 32.30 24.05
C LEU B 474 -7.72 32.02 25.19
N VAL B 475 -8.98 32.42 25.03
CA VAL B 475 -9.96 32.27 26.10
C VAL B 475 -10.29 30.81 26.33
N ARG B 476 -10.39 30.03 25.25
CA ARG B 476 -10.69 28.61 25.37
C ARG B 476 -9.50 27.81 25.87
N GLU B 477 -8.29 28.39 25.78
CA GLU B 477 -7.09 27.69 26.22
C GLU B 477 -7.02 27.60 27.74
N GLU B 478 -7.59 28.59 28.44
CA GLU B 478 -7.50 28.60 29.90
C GLU B 478 -8.39 27.55 30.53
N VAL B 479 -9.55 27.26 29.94
CA VAL B 479 -10.51 26.35 30.55
C VAL B 479 -10.28 24.91 30.12
N ILE B 480 -10.06 24.64 28.82
CA ILE B 480 -9.83 23.28 28.35
C ILE B 480 -8.49 23.22 27.63
N ASP B 481 -8.05 22.01 27.27
CA ASP B 481 -6.77 21.80 26.61
C ASP B 481 -6.99 21.48 25.14
N PHE B 482 -6.07 21.98 24.31
CA PHE B 482 -6.10 21.71 22.87
C PHE B 482 -4.89 20.88 22.48
N SER B 483 -5.04 20.15 21.38
CA SER B 483 -3.93 19.45 20.76
C SER B 483 -3.26 20.35 19.72
N LYS B 484 -2.28 19.79 19.02
CA LYS B 484 -1.68 20.47 17.89
C LYS B 484 -2.70 20.59 16.76
N PRO B 485 -2.62 21.63 15.93
CA PRO B 485 -3.63 21.84 14.88
C PRO B 485 -3.55 20.77 13.80
N PHE B 486 -4.72 20.21 13.47
CA PHE B 486 -4.78 19.24 12.39
C PHE B 486 -5.17 19.91 11.07
N MET B 487 -5.70 21.13 11.13
CA MET B 487 -6.06 21.88 9.94
C MET B 487 -5.73 23.35 10.16
N SER B 488 -5.22 24.00 9.12
CA SER B 488 -4.86 25.41 9.16
C SER B 488 -5.71 26.17 8.16
N LEU B 489 -6.20 27.34 8.57
CA LEU B 489 -7.11 28.13 7.75
C LEU B 489 -6.91 29.61 8.02
N GLY B 490 -7.67 30.43 7.30
CA GLY B 490 -7.61 31.88 7.43
C GLY B 490 -8.75 32.52 6.68
N ILE B 491 -8.72 33.86 6.64
CA ILE B 491 -9.77 34.61 5.95
C ILE B 491 -9.41 34.77 4.48
N SER B 492 -10.37 34.48 3.60
CA SER B 492 -10.14 34.49 2.16
C SER B 492 -11.24 35.28 1.47
N ILE B 493 -11.13 35.38 0.15
CA ILE B 493 -12.02 36.19 -0.68
C ILE B 493 -12.81 35.27 -1.59
N MET B 494 -14.13 35.45 -1.65
CA MET B 494 -15.00 34.76 -2.58
C MET B 494 -15.58 35.77 -3.57
N ILE B 495 -15.43 35.47 -4.87
CA ILE B 495 -16.01 36.29 -5.92
C ILE B 495 -16.72 35.39 -6.93
N LYS B 496 -17.52 36.01 -7.79
CA LYS B 496 -18.14 35.30 -8.89
C LYS B 496 -17.09 34.98 -9.95
N LYS B 497 -17.23 33.83 -10.59
CA LYS B 497 -16.28 33.39 -11.61
C LYS B 497 -16.35 34.33 -12.83
N PRO B 498 -15.21 34.73 -13.39
CA PRO B 498 -15.23 35.53 -14.62
C PRO B 498 -15.78 34.72 -15.78
N GLN B 499 -16.73 35.31 -16.48
CA GLN B 499 -17.42 34.65 -17.59
C GLN B 499 -17.31 35.55 -18.82
N LYS B 500 -17.97 35.13 -19.89
CA LYS B 500 -18.07 35.98 -21.06
C LYS B 500 -18.96 37.18 -20.73
N SER B 501 -18.46 38.37 -21.06
CA SER B 501 -19.10 39.61 -20.66
C SER B 501 -19.77 40.27 -21.86
N LYS B 502 -20.49 41.35 -21.58
CA LYS B 502 -21.06 42.16 -22.65
C LYS B 502 -19.94 42.86 -23.41
N PRO B 503 -19.88 42.70 -24.74
CA PRO B 503 -18.85 43.41 -25.51
C PRO B 503 -19.15 44.89 -25.60
N GLY B 504 -18.09 45.70 -25.57
CA GLY B 504 -18.26 47.13 -25.71
C GLY B 504 -18.66 47.53 -27.11
N VAL B 505 -19.08 48.79 -27.25
CA VAL B 505 -19.51 49.29 -28.54
C VAL B 505 -18.32 49.46 -29.48
N PHE B 506 -17.14 49.76 -28.93
CA PHE B 506 -15.94 49.95 -29.73
C PHE B 506 -14.95 48.79 -29.57
N SER B 507 -15.46 47.57 -29.45
CA SER B 507 -14.62 46.40 -29.30
C SER B 507 -14.04 45.89 -30.62
N PHE B 508 -14.44 46.46 -31.76
CA PHE B 508 -13.92 45.99 -33.03
C PHE B 508 -12.47 46.43 -33.25
N LEU B 509 -12.04 47.49 -32.58
CA LEU B 509 -10.67 47.98 -32.68
C LEU B 509 -9.76 47.46 -31.57
N ASP B 510 -10.12 46.33 -30.96
CA ASP B 510 -9.30 45.65 -29.95
C ASP B 510 -8.00 44.95 -30.42
N PRO B 511 -7.90 44.32 -31.61
CA PRO B 511 -6.63 43.65 -31.94
C PRO B 511 -5.42 44.56 -32.13
N LEU B 512 -5.63 45.84 -32.40
CA LEU B 512 -4.52 46.77 -32.52
C LEU B 512 -4.60 47.79 -31.39
N ALA B 513 -3.43 48.20 -30.92
CA ALA B 513 -3.35 49.09 -29.76
C ALA B 513 -3.61 50.53 -30.18
N TYR B 514 -3.91 51.36 -29.18
CA TYR B 514 -4.36 52.73 -29.44
C TYR B 514 -3.22 53.59 -29.99
N GLU B 515 -1.98 53.26 -29.67
CA GLU B 515 -0.86 54.02 -30.21
C GLU B 515 -0.64 53.70 -31.68
N ILE B 516 -1.09 52.52 -32.14
CA ILE B 516 -0.98 52.20 -33.57
C ILE B 516 -2.05 52.97 -34.36
N TRP B 517 -3.26 53.06 -33.82
CA TRP B 517 -4.36 53.71 -34.53
C TRP B 517 -4.13 55.20 -34.70
N MET B 518 -3.43 55.83 -33.74
CA MET B 518 -3.13 57.26 -33.89
C MET B 518 -1.98 57.48 -34.86
N CYS B 519 -1.06 56.52 -34.94
CA CYS B 519 0.05 56.64 -35.90
C CYS B 519 -0.43 56.39 -37.33
N ILE B 520 -1.49 55.59 -37.50
CA ILE B 520 -2.06 55.40 -38.83
C ILE B 520 -2.70 56.70 -39.33
N VAL B 521 -3.41 57.41 -38.45
CA VAL B 521 -4.00 58.69 -38.80
C VAL B 521 -2.91 59.73 -39.10
N PHE B 522 -1.85 59.74 -38.30
CA PHE B 522 -0.77 60.71 -38.50
C PHE B 522 0.03 60.40 -39.76
N ALA B 523 0.17 59.12 -40.12
CA ALA B 523 0.85 58.78 -41.35
C ALA B 523 -0.04 59.01 -42.57
N TYR B 524 -1.37 58.95 -42.36
CA TYR B 524 -2.31 59.24 -43.44
C TYR B 524 -2.23 60.70 -43.88
N ILE B 525 -2.14 61.62 -42.90
CA ILE B 525 -2.05 63.04 -43.23
C ILE B 525 -0.68 63.36 -43.81
N GLY B 526 0.35 62.67 -43.32
CA GLY B 526 1.71 62.97 -43.76
C GLY B 526 1.97 62.61 -45.21
N VAL B 527 1.43 61.47 -45.66
CA VAL B 527 1.61 61.06 -47.06
C VAL B 527 0.81 61.97 -48.00
N SER B 528 -0.39 62.38 -47.59
CA SER B 528 -1.25 63.19 -48.45
C SER B 528 -0.70 64.60 -48.62
N VAL B 529 -0.02 65.14 -47.60
CA VAL B 529 0.64 66.43 -47.74
C VAL B 529 1.83 66.33 -48.68
N VAL B 530 2.62 65.25 -48.54
CA VAL B 530 3.79 65.05 -49.39
C VAL B 530 3.39 64.85 -50.86
N LEU B 531 2.30 64.11 -51.09
CA LEU B 531 1.86 63.84 -52.46
C LEU B 531 1.32 65.10 -53.12
N PHE B 532 0.72 65.99 -52.35
CA PHE B 532 0.23 67.26 -52.91
C PHE B 532 1.38 68.19 -53.25
N LEU B 533 2.38 68.29 -52.37
CA LEU B 533 3.46 69.25 -52.57
C LEU B 533 4.34 68.88 -53.75
N VAL B 534 4.79 67.62 -53.82
CA VAL B 534 5.74 67.19 -54.83
C VAL B 534 5.10 67.19 -56.23
N SER B 535 3.79 66.94 -56.29
CA SER B 535 3.08 67.04 -57.56
C SER B 535 2.92 68.48 -58.02
N ARG B 536 2.98 69.44 -57.09
CA ARG B 536 2.73 70.84 -57.44
C ARG B 536 3.93 71.47 -58.14
N PHE B 537 5.07 71.56 -57.47
CA PHE B 537 6.21 72.28 -58.05
C PHE B 537 6.89 71.47 -59.15
N SER B 538 6.74 70.15 -59.12
CA SER B 538 7.18 69.32 -60.22
C SER B 538 5.95 68.88 -61.01
N PRO B 539 5.66 69.48 -62.17
CA PRO B 539 4.45 69.09 -62.91
C PRO B 539 4.52 67.71 -63.52
N TYR B 540 5.63 67.37 -64.17
CA TYR B 540 5.78 66.06 -64.80
C TYR B 540 7.25 65.67 -64.88
N SER B 558 -0.20 68.98 -67.31
CA SER B 558 -1.09 70.08 -67.67
C SER B 558 -1.97 70.48 -66.50
N THR B 559 -3.15 69.87 -66.42
CA THR B 559 -4.07 70.16 -65.33
C THR B 559 -3.59 69.51 -64.04
N ASN B 560 -3.73 70.23 -62.94
CA ASN B 560 -3.30 69.74 -61.62
C ASN B 560 -4.41 68.84 -61.09
N GLU B 561 -4.32 67.56 -61.45
CA GLU B 561 -5.30 66.58 -60.99
C GLU B 561 -5.19 66.33 -59.49
N PHE B 562 -3.97 66.28 -58.97
CA PHE B 562 -3.74 65.98 -57.56
C PHE B 562 -3.73 67.29 -56.77
N GLY B 563 -4.91 67.70 -56.33
CA GLY B 563 -5.04 68.78 -55.38
C GLY B 563 -4.97 68.27 -53.95
N ILE B 564 -5.12 69.18 -53.00
CA ILE B 564 -5.07 68.79 -51.59
C ILE B 564 -6.35 68.04 -51.22
N PHE B 565 -7.44 68.30 -51.94
CA PHE B 565 -8.68 67.58 -51.70
C PHE B 565 -8.68 66.25 -52.44
N ASN B 566 -7.96 66.17 -53.56
CA ASN B 566 -7.85 64.91 -54.29
C ASN B 566 -6.85 63.97 -53.63
N SER B 567 -5.80 64.52 -53.01
CA SER B 567 -4.77 63.67 -52.41
C SER B 567 -5.27 62.95 -51.17
N LEU B 568 -6.20 63.59 -50.44
CA LEU B 568 -6.83 62.91 -49.30
C LEU B 568 -7.70 61.75 -49.76
N TRP B 569 -8.35 61.91 -50.91
CA TRP B 569 -9.21 60.84 -51.44
C TRP B 569 -8.38 59.69 -52.00
N PHE B 570 -7.20 59.99 -52.54
CA PHE B 570 -6.34 58.96 -53.09
C PHE B 570 -5.79 58.06 -51.99
N SER B 571 -5.32 58.66 -50.90
CA SER B 571 -4.72 57.88 -49.83
C SER B 571 -5.80 57.15 -49.02
N LEU B 572 -7.01 57.70 -48.97
CA LEU B 572 -8.10 57.02 -48.28
C LEU B 572 -8.54 55.78 -49.05
N GLY B 573 -8.47 55.83 -50.38
CA GLY B 573 -8.83 54.67 -51.19
C GLY B 573 -7.81 53.56 -51.09
N ALA B 574 -6.53 53.91 -50.94
CA ALA B 574 -5.48 52.90 -50.87
C ALA B 574 -5.52 52.14 -49.54
N PHE B 575 -5.90 52.81 -48.46
CA PHE B 575 -5.98 52.14 -47.16
C PHE B 575 -7.19 51.24 -47.09
N MET B 576 -8.31 51.67 -47.65
CA MET B 576 -9.55 50.90 -47.56
C MET B 576 -9.68 49.81 -48.62
N GLN B 577 -8.59 49.48 -49.32
CA GLN B 577 -8.40 48.42 -50.31
C GLN B 577 -9.18 48.66 -51.60
N GLN B 578 -9.89 49.78 -51.74
CA GLN B 578 -10.62 50.05 -52.97
C GLN B 578 -9.70 50.66 -54.01
N GLY B 579 -10.17 50.66 -55.25
CA GLY B 579 -9.45 51.33 -56.31
C GLY B 579 -9.74 52.82 -56.34
N CYS B 580 -8.82 53.56 -56.96
CA CYS B 580 -8.97 54.99 -57.14
C CYS B 580 -8.98 55.33 -58.63
N ASP B 581 -9.66 56.42 -58.96
CA ASP B 581 -9.86 56.76 -60.37
C ASP B 581 -8.59 57.33 -61.00
N ILE B 582 -7.82 58.12 -60.26
CA ILE B 582 -6.65 58.80 -60.79
C ILE B 582 -5.39 58.13 -60.25
N SER B 583 -4.32 58.17 -61.05
CA SER B 583 -3.05 57.56 -60.71
C SER B 583 -1.90 58.56 -60.95
N PRO B 584 -0.84 58.51 -60.14
CA PRO B 584 0.30 59.41 -60.36
C PRO B 584 1.05 59.08 -61.64
N ARG B 585 1.50 60.14 -62.32
CA ARG B 585 2.14 60.01 -63.63
C ARG B 585 3.61 60.40 -63.62
N SER B 586 4.15 60.80 -62.48
CA SER B 586 5.55 61.19 -62.36
C SER B 586 6.29 60.18 -61.50
N LEU B 587 7.63 60.19 -61.63
CA LEU B 587 8.46 59.22 -60.91
C LEU B 587 8.41 59.45 -59.40
N SER B 588 8.48 60.70 -58.98
CA SER B 588 8.44 61.01 -57.55
C SER B 588 7.07 60.73 -56.95
N GLY B 589 6.01 60.89 -57.75
CA GLY B 589 4.68 60.56 -57.26
C GLY B 589 4.47 59.06 -57.11
N ARG B 590 5.02 58.27 -58.03
CA ARG B 590 4.75 56.84 -58.03
C ARG B 590 5.54 56.12 -56.94
N ILE B 591 6.64 56.71 -56.48
CA ILE B 591 7.35 56.17 -55.32
C ILE B 591 6.49 56.33 -54.07
N VAL B 592 5.84 57.50 -53.94
CA VAL B 592 4.93 57.73 -52.82
C VAL B 592 3.71 56.83 -52.91
N GLY B 593 3.21 56.60 -54.13
CA GLY B 593 2.10 55.68 -54.31
C GLY B 593 2.51 54.23 -54.11
N GLY B 594 3.78 53.91 -54.38
CA GLY B 594 4.24 52.54 -54.25
C GLY B 594 4.41 52.10 -52.82
N VAL B 595 5.06 52.94 -52.01
CA VAL B 595 5.37 52.59 -50.61
C VAL B 595 4.10 52.55 -49.77
N TRP B 596 3.16 53.46 -50.04
CA TRP B 596 1.91 53.50 -49.28
C TRP B 596 1.04 52.28 -49.56
N TRP B 597 1.18 51.68 -50.73
CA TRP B 597 0.51 50.41 -51.00
C TRP B 597 1.09 49.28 -50.17
N PHE B 598 2.40 49.29 -49.97
CA PHE B 598 3.05 48.23 -49.18
C PHE B 598 2.73 48.37 -47.69
N PHE B 599 2.47 49.61 -47.24
CA PHE B 599 2.11 49.84 -45.85
C PHE B 599 0.77 49.21 -45.51
N THR B 600 -0.23 49.38 -46.40
CA THR B 600 -1.57 48.91 -46.10
C THR B 600 -1.71 47.41 -46.24
N LEU B 601 -0.78 46.78 -46.97
CA LEU B 601 -0.84 45.33 -47.14
C LEU B 601 -0.46 44.61 -45.85
N ILE B 602 0.45 45.20 -45.08
CA ILE B 602 0.92 44.56 -43.85
C ILE B 602 -0.08 44.77 -42.72
N ILE B 603 -0.66 45.97 -42.63
CA ILE B 603 -1.52 46.34 -41.51
C ILE B 603 -2.85 45.58 -41.56
N ILE B 604 -3.44 45.48 -42.75
CA ILE B 604 -4.69 44.75 -42.91
C ILE B 604 -4.49 43.25 -42.69
N SER B 605 -3.33 42.73 -43.09
CA SER B 605 -3.01 41.34 -42.81
C SER B 605 -2.76 41.11 -41.33
N SER B 606 -2.24 42.13 -40.62
CA SER B 606 -2.03 41.98 -39.18
C SER B 606 -3.34 42.06 -38.41
N TYR B 607 -4.32 42.79 -38.94
CA TYR B 607 -5.62 42.88 -38.28
C TYR B 607 -6.39 41.57 -38.41
N THR B 608 -6.29 40.92 -39.58
CA THR B 608 -7.01 39.67 -39.80
C THR B 608 -6.40 38.53 -38.98
N ALA B 609 -5.07 38.50 -38.87
CA ALA B 609 -4.40 37.40 -38.17
C ALA B 609 -4.61 37.47 -36.66
N ASN B 610 -4.77 38.68 -36.11
CA ASN B 610 -4.89 38.79 -34.66
C ASN B 610 -6.30 38.43 -34.20
N LEU B 611 -7.32 38.73 -35.01
CA LEU B 611 -8.68 38.30 -34.69
C LEU B 611 -8.81 36.78 -34.71
N ALA B 612 -8.04 36.11 -35.56
CA ALA B 612 -8.05 34.66 -35.57
C ALA B 612 -7.45 34.09 -34.30
N ALA B 613 -6.52 34.83 -33.68
CA ALA B 613 -5.96 34.40 -32.40
C ALA B 613 -6.96 34.58 -31.26
N PHE B 614 -7.72 35.68 -31.28
CA PHE B 614 -8.65 35.97 -30.18
C PHE B 614 -9.83 35.01 -30.17
N LEU B 615 -10.40 34.74 -31.34
CA LEU B 615 -11.63 33.95 -31.40
C LEU B 615 -11.34 32.47 -31.18
N THR B 616 -10.11 32.03 -31.43
CA THR B 616 -9.77 30.62 -31.25
C THR B 616 -9.52 30.30 -29.78
N VAL B 617 -8.68 31.09 -29.12
CA VAL B 617 -8.22 30.82 -27.76
C VAL B 617 -8.83 31.86 -26.83
N GLU B 618 -9.66 31.40 -25.91
CA GLU B 618 -10.36 32.28 -24.98
C GLU B 618 -9.64 32.25 -23.63
N ARG B 619 -9.13 33.42 -23.21
CA ARG B 619 -8.53 33.58 -21.90
C ARG B 619 -9.30 34.65 -21.13
N MET B 620 -9.68 34.33 -19.90
CA MET B 620 -10.44 35.24 -19.05
C MET B 620 -9.60 35.60 -17.83
N VAL B 621 -9.68 36.86 -17.41
CA VAL B 621 -8.87 37.38 -16.31
C VAL B 621 -9.80 37.90 -15.21
N SER B 622 -9.41 37.67 -13.96
CA SER B 622 -10.17 38.19 -12.84
C SER B 622 -9.74 39.64 -12.56
N PRO B 623 -10.67 40.49 -12.10
CA PRO B 623 -10.27 41.88 -11.78
C PRO B 623 -9.34 41.98 -10.59
N ILE B 624 -9.67 41.31 -9.48
CA ILE B 624 -8.90 41.39 -8.25
C ILE B 624 -8.14 40.08 -8.05
N GLU B 625 -7.01 40.15 -7.33
CA GLU B 625 -6.26 38.97 -6.94
C GLU B 625 -5.65 39.09 -5.55
N SER B 626 -5.91 40.17 -4.83
CA SER B 626 -5.31 40.38 -3.51
C SER B 626 -6.18 41.35 -2.74
N ALA B 627 -5.94 41.43 -1.43
CA ALA B 627 -6.74 42.31 -0.57
C ALA B 627 -6.36 43.77 -0.78
N GLU B 628 -5.12 44.04 -1.18
CA GLU B 628 -4.68 45.42 -1.38
C GLU B 628 -5.31 46.02 -2.65
N ASP B 629 -5.76 45.17 -3.57
CA ASP B 629 -6.47 45.67 -4.74
C ASP B 629 -7.89 46.12 -4.38
N LEU B 630 -8.53 45.42 -3.43
CA LEU B 630 -9.88 45.80 -3.00
C LEU B 630 -9.88 47.13 -2.26
N SER B 631 -8.79 47.43 -1.54
CA SER B 631 -8.73 48.69 -0.80
C SER B 631 -8.57 49.87 -1.74
N LYS B 632 -7.91 49.67 -2.89
CA LYS B 632 -7.62 50.75 -3.81
C LYS B 632 -8.67 50.91 -4.90
N GLN B 633 -9.86 50.32 -4.75
CA GLN B 633 -10.93 50.46 -5.73
C GLN B 633 -12.24 50.77 -5.02
N THR B 634 -13.17 51.36 -5.78
CA THR B 634 -14.52 51.62 -5.30
C THR B 634 -15.60 51.04 -6.21
N GLU B 635 -15.21 50.28 -7.23
CA GLU B 635 -16.19 49.68 -8.13
C GLU B 635 -16.96 48.55 -7.46
N ILE B 636 -16.25 47.67 -6.74
CA ILE B 636 -16.81 46.46 -6.18
C ILE B 636 -16.94 46.61 -4.67
N ALA B 637 -18.15 46.41 -4.16
CA ALA B 637 -18.38 46.43 -2.72
C ALA B 637 -17.98 45.10 -2.09
N TYR B 638 -17.63 45.14 -0.81
CA TYR B 638 -17.23 43.96 -0.06
C TYR B 638 -17.71 44.04 1.38
N GLY B 639 -18.18 42.92 1.91
CA GLY B 639 -18.71 42.90 3.27
C GLY B 639 -18.54 41.54 3.92
N THR B 640 -18.81 41.51 5.22
CA THR B 640 -18.68 40.31 6.04
C THR B 640 -19.99 40.03 6.76
N LEU B 641 -20.02 38.91 7.49
CA LEU B 641 -21.18 38.58 8.30
C LEU B 641 -21.18 39.45 9.56
N ASP B 642 -22.38 39.67 10.12
CA ASP B 642 -22.56 40.70 11.14
C ASP B 642 -22.01 40.25 12.50
N SER B 643 -22.15 38.97 12.84
CA SER B 643 -21.76 38.48 14.16
C SER B 643 -20.80 37.31 14.01
N GLY B 644 -19.59 37.49 14.49
CA GLY B 644 -18.57 36.46 14.38
C GLY B 644 -17.18 37.06 14.47
N SER B 645 -16.18 36.18 14.44
CA SER B 645 -14.79 36.60 14.61
C SER B 645 -14.24 37.28 13.37
N THR B 646 -14.95 37.15 12.24
CA THR B 646 -14.49 37.77 10.99
C THR B 646 -14.61 39.29 11.06
N LYS B 647 -15.77 39.79 11.51
CA LYS B 647 -15.95 41.23 11.68
C LYS B 647 -15.09 41.76 12.82
N GLU B 648 -14.88 40.96 13.86
CA GLU B 648 -14.07 41.38 15.00
C GLU B 648 -12.60 41.49 14.62
N PHE B 649 -12.18 40.77 13.58
CA PHE B 649 -10.80 40.87 13.11
C PHE B 649 -10.53 42.24 12.48
N PHE B 650 -11.46 42.71 11.63
CA PHE B 650 -11.25 44.00 10.96
C PHE B 650 -11.47 45.16 11.92
N ARG B 651 -12.17 44.92 13.04
CA ARG B 651 -12.50 46.00 13.96
C ARG B 651 -11.27 46.47 14.73
N ARG B 652 -10.49 45.54 15.29
CA ARG B 652 -9.37 45.87 16.16
C ARG B 652 -8.02 45.68 15.47
N SER B 653 -7.97 45.85 14.16
CA SER B 653 -6.74 45.62 13.39
C SER B 653 -6.00 46.93 13.19
N LYS B 654 -4.72 46.94 13.58
CA LYS B 654 -3.87 48.10 13.41
C LYS B 654 -3.05 48.05 12.12
N ILE B 655 -3.26 47.03 11.29
CA ILE B 655 -2.61 46.98 9.97
C ILE B 655 -3.23 48.06 9.09
N ALA B 656 -2.38 48.76 8.33
CA ALA B 656 -2.81 49.95 7.59
C ALA B 656 -3.79 49.59 6.47
N VAL B 657 -3.60 48.42 5.84
CA VAL B 657 -4.51 47.99 4.79
C VAL B 657 -5.86 47.60 5.39
N PHE B 658 -5.83 46.86 6.50
CA PHE B 658 -7.08 46.39 7.11
C PHE B 658 -7.81 47.51 7.81
N ASP B 659 -7.10 48.56 8.24
CA ASP B 659 -7.76 49.72 8.84
C ASP B 659 -8.51 50.52 7.78
N LYS B 660 -7.97 50.56 6.56
CA LYS B 660 -8.66 51.23 5.45
C LYS B 660 -9.93 50.49 5.06
N MET B 661 -9.90 49.15 5.15
CA MET B 661 -11.07 48.36 4.77
C MET B 661 -12.20 48.49 5.78
N TRP B 662 -11.86 48.80 7.04
CA TRP B 662 -12.90 48.93 8.05
C TRP B 662 -13.63 50.26 7.94
N THR B 663 -12.93 51.31 7.53
CA THR B 663 -13.57 52.62 7.37
C THR B 663 -14.56 52.61 6.21
N TYR B 664 -14.29 51.79 5.18
CA TYR B 664 -15.22 51.66 4.07
C TYR B 664 -16.45 50.86 4.46
N MET B 665 -16.25 49.72 5.14
CA MET B 665 -17.35 48.81 5.45
C MET B 665 -18.28 49.39 6.50
N ARG B 666 -17.76 50.26 7.38
CA ARG B 666 -18.61 50.87 8.40
C ARG B 666 -19.52 51.93 7.79
N SER B 667 -18.94 52.89 7.09
CA SER B 667 -19.70 54.00 6.49
C SER B 667 -20.04 53.69 5.03
N ALA B 668 -20.88 52.67 4.84
CA ALA B 668 -21.34 52.29 3.51
C ALA B 668 -22.85 52.19 3.50
N GLU B 669 -23.49 52.86 2.54
CA GLU B 669 -24.93 52.78 2.35
C GLU B 669 -25.19 52.31 0.93
N PRO B 670 -25.93 51.19 0.73
CA PRO B 670 -26.58 50.30 1.70
C PRO B 670 -25.61 49.40 2.47
N SER B 671 -26.12 48.67 3.46
CA SER B 671 -25.27 47.90 4.36
C SER B 671 -24.64 46.70 3.65
N VAL B 672 -23.32 46.60 3.74
CA VAL B 672 -22.62 45.47 3.13
C VAL B 672 -22.75 44.21 3.97
N PHE B 673 -23.10 44.36 5.25
CA PHE B 673 -23.19 43.22 6.15
C PHE B 673 -24.45 42.40 5.86
N VAL B 674 -24.34 41.08 6.08
CA VAL B 674 -25.44 40.16 5.85
C VAL B 674 -25.77 39.46 7.15
N ARG B 675 -26.88 38.71 7.13
CA ARG B 675 -27.31 37.97 8.33
C ARG B 675 -26.60 36.63 8.43
N THR B 676 -26.68 35.82 7.38
CA THR B 676 -26.20 34.44 7.42
C THR B 676 -25.21 34.22 6.28
N THR B 677 -24.65 33.01 6.26
CA THR B 677 -23.71 32.64 5.21
C THR B 677 -24.41 32.49 3.86
N ALA B 678 -25.59 31.87 3.86
CA ALA B 678 -26.30 31.60 2.61
C ALA B 678 -26.81 32.90 1.97
N GLU B 679 -27.15 33.90 2.78
CA GLU B 679 -27.53 35.20 2.23
C GLU B 679 -26.33 35.90 1.61
N GLY B 680 -25.14 35.71 2.20
CA GLY B 680 -23.94 36.32 1.64
C GLY B 680 -23.53 35.71 0.31
N VAL B 681 -23.68 34.39 0.17
CA VAL B 681 -23.37 33.72 -1.08
C VAL B 681 -24.38 34.12 -2.16
N ALA B 682 -25.64 34.32 -1.77
CA ALA B 682 -26.69 34.66 -2.73
C ALA B 682 -26.48 36.06 -3.31
N ARG B 683 -25.91 36.99 -2.54
CA ARG B 683 -25.64 38.31 -3.07
C ARG B 683 -24.48 38.28 -4.06
N VAL B 684 -23.54 37.35 -3.87
CA VAL B 684 -22.41 37.22 -4.79
C VAL B 684 -22.89 36.74 -6.17
N ARG B 685 -23.80 35.77 -6.19
CA ARG B 685 -24.25 35.19 -7.44
C ARG B 685 -25.14 36.14 -8.23
N LYS B 686 -25.81 37.07 -7.54
CA LYS B 686 -26.82 37.91 -8.19
C LYS B 686 -26.38 39.35 -8.41
N SER B 687 -25.17 39.74 -7.99
CA SER B 687 -24.72 41.12 -8.20
C SER B 687 -23.87 41.30 -9.44
N LYS B 688 -23.73 40.25 -10.26
CA LYS B 688 -23.00 40.27 -11.54
C LYS B 688 -21.55 40.70 -11.37
N GLY B 689 -20.91 40.20 -10.31
CA GLY B 689 -19.51 40.49 -10.08
C GLY B 689 -19.23 41.83 -9.42
N LYS B 690 -20.17 42.36 -8.64
CA LYS B 690 -19.98 43.62 -7.94
C LYS B 690 -19.92 43.46 -6.43
N TYR B 691 -19.91 42.24 -5.92
CA TYR B 691 -19.88 42.00 -4.49
C TYR B 691 -18.95 40.84 -4.18
N ALA B 692 -18.10 41.03 -3.17
CA ALA B 692 -17.12 40.03 -2.75
C ALA B 692 -17.33 39.73 -1.27
N TYR B 693 -17.40 38.45 -0.92
CA TYR B 693 -17.74 38.01 0.41
C TYR B 693 -16.50 37.44 1.10
N LEU B 694 -16.22 37.93 2.31
CA LEU B 694 -15.04 37.55 3.06
C LEU B 694 -15.42 36.51 4.10
N LEU B 695 -14.84 35.31 3.98
CA LEU B 695 -15.16 34.23 4.89
C LEU B 695 -13.94 33.35 5.09
N GLU B 696 -14.12 32.30 5.90
CA GLU B 696 -13.05 31.34 6.14
C GLU B 696 -12.74 30.54 4.88
N SER B 697 -11.49 30.10 4.78
CA SER B 697 -11.02 29.49 3.53
C SER B 697 -11.57 28.09 3.34
N THR B 698 -11.86 27.37 4.45
CA THR B 698 -12.35 26.01 4.34
C THR B 698 -13.77 25.96 3.80
N MET B 699 -14.62 26.91 4.22
CA MET B 699 -15.95 27.00 3.63
C MET B 699 -15.87 27.58 2.22
N ASN B 700 -14.87 28.40 1.94
CA ASN B 700 -14.73 29.02 0.63
C ASN B 700 -14.37 27.99 -0.43
N GLU B 701 -13.59 26.97 -0.04
CA GLU B 701 -13.25 25.92 -0.99
C GLU B 701 -14.40 24.94 -1.17
N TYR B 702 -15.28 24.83 -0.17
CA TYR B 702 -16.37 23.87 -0.24
C TYR B 702 -17.50 24.38 -1.14
N ILE B 703 -17.84 25.67 -1.04
CA ILE B 703 -18.90 26.25 -1.85
C ILE B 703 -18.48 26.31 -3.32
N GLU B 704 -17.16 26.44 -3.56
CA GLU B 704 -16.64 26.42 -4.92
C GLU B 704 -16.89 25.09 -5.62
N GLN B 705 -16.90 24.00 -4.87
CA GLN B 705 -17.07 22.67 -5.44
C GLN B 705 -18.53 22.20 -5.45
N ARG B 706 -19.49 23.08 -5.20
CA ARG B 706 -20.90 22.73 -5.21
C ARG B 706 -21.64 23.46 -6.31
N LYS B 707 -22.84 22.95 -6.63
CA LYS B 707 -23.62 23.47 -7.73
C LYS B 707 -24.22 24.83 -7.37
N PRO B 708 -24.39 25.75 -8.34
CA PRO B 708 -24.14 25.66 -9.79
C PRO B 708 -22.72 26.02 -10.22
N CYS B 709 -21.76 25.93 -9.29
CA CYS B 709 -20.33 26.14 -9.55
C CYS B 709 -20.04 27.53 -10.13
N ASP B 710 -20.43 28.56 -9.39
CA ASP B 710 -20.42 29.93 -9.88
C ASP B 710 -19.39 30.81 -9.17
N THR B 711 -18.77 30.31 -8.10
CA THR B 711 -17.88 31.12 -7.28
C THR B 711 -16.47 30.53 -7.27
N MET B 712 -15.48 31.39 -7.02
CA MET B 712 -14.09 30.98 -6.92
C MET B 712 -13.40 31.76 -5.82
N LYS B 713 -12.23 31.27 -5.42
CA LYS B 713 -11.40 31.92 -4.41
C LYS B 713 -10.19 32.56 -5.07
N VAL B 714 -9.88 33.80 -4.68
CA VAL B 714 -8.72 34.52 -5.19
C VAL B 714 -7.80 34.86 -4.03
N GLY B 715 -6.51 34.98 -4.32
CA GLY B 715 -5.55 35.47 -3.34
C GLY B 715 -5.13 34.42 -2.33
N GLY B 716 -4.65 34.91 -1.18
CA GLY B 716 -4.20 34.06 -0.10
C GLY B 716 -4.90 34.43 1.18
N ASN B 717 -4.61 33.65 2.23
CA ASN B 717 -5.22 33.87 3.53
C ASN B 717 -4.70 35.15 4.17
N LEU B 718 -5.60 35.87 4.83
CA LEU B 718 -5.21 37.14 5.45
C LEU B 718 -4.57 36.93 6.82
N ASP B 719 -5.11 36.00 7.59
CA ASP B 719 -4.56 35.66 8.91
C ASP B 719 -4.38 34.15 9.01
N SER B 720 -3.91 33.71 10.18
CA SER B 720 -3.64 32.30 10.42
C SER B 720 -4.31 31.86 11.71
N LYS B 721 -5.00 30.72 11.66
CA LYS B 721 -5.58 30.10 12.83
C LYS B 721 -5.65 28.60 12.58
N GLY B 722 -6.11 27.86 13.58
CA GLY B 722 -6.12 26.41 13.49
C GLY B 722 -7.33 25.81 14.16
N TYR B 723 -7.57 24.55 13.85
CA TYR B 723 -8.60 23.73 14.48
C TYR B 723 -7.92 22.70 15.36
N GLY B 724 -8.43 22.53 16.58
CA GLY B 724 -7.79 21.65 17.54
C GLY B 724 -8.80 20.73 18.21
N ILE B 725 -8.32 19.53 18.53
CA ILE B 725 -9.11 18.58 19.30
C ILE B 725 -9.02 18.93 20.78
N ALA B 726 -10.17 18.92 21.45
CA ALA B 726 -10.26 19.44 22.81
C ALA B 726 -10.61 18.33 23.79
N THR B 727 -9.90 18.33 24.92
CA THR B 727 -10.13 17.44 26.05
C THR B 727 -10.26 18.28 27.31
N PRO B 728 -10.99 17.80 28.33
CA PRO B 728 -11.02 18.50 29.61
C PRO B 728 -9.67 18.45 30.31
N LYS B 729 -9.45 19.43 31.18
CA LYS B 729 -8.15 19.62 31.79
C LYS B 729 -7.86 18.52 32.81
N GLY B 730 -6.68 17.91 32.69
CA GLY B 730 -6.28 16.86 33.59
C GLY B 730 -6.71 15.47 33.18
N SER B 731 -7.29 15.30 31.99
CA SER B 731 -7.70 13.99 31.54
C SER B 731 -6.50 13.15 31.11
N SER B 732 -6.68 11.84 31.11
CA SER B 732 -5.64 10.90 30.73
C SER B 732 -5.53 10.72 29.22
N LEU B 733 -6.45 11.28 28.44
CA LEU B 733 -6.44 11.15 27.00
C LEU B 733 -5.62 12.22 26.31
N GLY B 734 -5.20 13.27 27.02
CA GLY B 734 -4.59 14.42 26.39
C GLY B 734 -3.24 14.12 25.76
N THR B 735 -2.48 13.22 26.37
CA THR B 735 -1.20 12.83 25.77
C THR B 735 -1.32 11.84 24.61
N PRO B 736 -2.15 10.77 24.66
CA PRO B 736 -2.26 9.93 23.44
C PRO B 736 -2.95 10.60 22.27
N VAL B 737 -3.88 11.53 22.50
CA VAL B 737 -4.52 12.25 21.40
C VAL B 737 -3.51 13.17 20.71
N ASN B 738 -2.64 13.81 21.49
CA ASN B 738 -1.65 14.74 20.95
C ASN B 738 -0.64 14.02 20.08
N LEU B 739 -0.20 12.84 20.48
CA LEU B 739 0.76 12.09 19.67
C LEU B 739 0.08 11.44 18.47
N ALA B 740 -1.24 11.22 18.54
CA ALA B 740 -1.96 10.63 17.42
C ALA B 740 -2.10 11.62 16.27
N VAL B 741 -2.27 12.91 16.58
CA VAL B 741 -2.46 13.92 15.54
C VAL B 741 -1.17 14.13 14.75
N LEU B 742 -0.03 14.15 15.45
CA LEU B 742 1.24 14.36 14.77
C LEU B 742 1.66 13.14 13.97
N LYS B 743 1.18 11.95 14.35
CA LYS B 743 1.49 10.76 13.58
C LYS B 743 0.67 10.70 12.30
N LEU B 744 -0.61 11.07 12.37
CA LEU B 744 -1.45 11.06 11.17
C LEU B 744 -1.04 12.13 10.18
N SER B 745 -0.53 13.26 10.66
CA SER B 745 -0.14 14.35 9.78
C SER B 745 1.11 14.00 8.98
N GLU B 746 2.03 13.24 9.57
CA GLU B 746 3.26 12.90 8.88
C GLU B 746 3.08 11.75 7.89
N GLN B 747 2.06 10.91 8.11
CA GLN B 747 1.76 9.82 7.18
C GLN B 747 0.91 10.27 6.01
N GLY B 748 0.49 11.54 5.98
CA GLY B 748 -0.37 12.01 4.91
C GLY B 748 -1.78 11.50 5.00
N VAL B 749 -2.22 11.05 6.17
CA VAL B 749 -3.59 10.56 6.30
C VAL B 749 -4.57 11.73 6.45
N LEU B 750 -4.12 12.83 7.05
CA LEU B 750 -4.97 14.02 7.15
C LEU B 750 -5.11 14.70 5.80
N ASP B 751 -4.10 14.56 4.94
CA ASP B 751 -4.20 15.12 3.59
C ASP B 751 -5.01 14.22 2.68
N LYS B 752 -5.01 12.91 2.95
CA LYS B 752 -5.76 11.98 2.12
C LYS B 752 -7.26 12.10 2.40
N LEU B 753 -7.62 12.45 3.64
CA LEU B 753 -9.03 12.63 3.98
C LEU B 753 -9.59 13.94 3.43
N LYS B 754 -8.80 15.01 3.44
CA LYS B 754 -9.26 16.29 2.91
C LYS B 754 -9.42 16.24 1.40
N ASN B 755 -8.58 15.44 0.73
CA ASN B 755 -8.68 15.28 -0.72
C ASN B 755 -9.93 14.49 -1.09
N LYS B 756 -10.42 13.65 -0.17
CA LYS B 756 -11.54 12.77 -0.51
C LYS B 756 -12.86 13.52 -0.36
N TRP B 757 -13.07 14.21 0.77
CA TRP B 757 -14.37 14.79 1.04
C TRP B 757 -14.59 16.08 0.27
N TRP B 758 -13.54 16.87 0.07
CA TRP B 758 -13.67 18.14 -0.66
C TRP B 758 -13.76 17.92 -2.16
N TYR B 759 -12.80 17.18 -2.74
CA TYR B 759 -12.67 17.17 -4.20
C TYR B 759 -13.39 15.99 -4.85
N ASP B 760 -13.28 14.79 -4.27
CA ASP B 760 -13.91 13.61 -4.87
C ASP B 760 -15.42 13.67 -4.73
N LYS B 761 -15.92 14.21 -3.63
CA LYS B 761 -17.36 14.44 -3.50
C LYS B 761 -17.82 15.73 -4.17
N GLY B 762 -16.93 16.43 -4.87
CA GLY B 762 -17.30 17.64 -5.55
C GLY B 762 -18.19 17.37 -6.75
N GLU B 763 -19.19 18.23 -6.95
CA GLU B 763 -20.11 18.04 -8.06
C GLU B 763 -19.47 18.34 -9.40
N CYS B 764 -18.71 19.43 -9.48
CA CYS B 764 -17.97 19.79 -10.69
C CYS B 764 -16.48 19.70 -10.39
N GLY B 765 -15.76 18.94 -11.20
CA GLY B 765 -14.33 18.85 -11.06
C GLY B 765 -13.60 19.92 -11.84
N ALA B 766 -12.27 19.94 -11.70
CA ALA B 766 -11.45 20.84 -12.49
C ALA B 766 -11.48 20.46 -13.97
N LYS B 767 -11.45 19.15 -14.25
CA LYS B 767 -11.49 18.70 -15.64
C LYS B 767 -12.92 18.67 -16.18
N ASP B 768 -13.91 18.82 -15.30
CA ASP B 768 -15.30 18.81 -15.76
C ASP B 768 -15.63 20.07 -16.55
N SER B 769 -15.35 21.24 -15.99
CA SER B 769 -15.60 22.49 -16.70
C SER B 769 -14.55 22.71 -17.79
N GLY B 770 -13.36 22.14 -17.62
CA GLY B 770 -12.31 22.32 -18.61
C GLY B 770 -12.57 21.55 -19.89
N SER B 771 -13.31 20.45 -19.80
CA SER B 771 -13.51 19.60 -20.98
C SER B 771 -14.48 20.22 -21.97
N LYS B 772 -15.44 21.00 -21.48
CA LYS B 772 -16.47 21.58 -22.35
C LYS B 772 -15.93 22.82 -23.04
N GLU B 773 -15.71 22.72 -24.36
CA GLU B 773 -15.48 23.90 -25.19
C GLU B 773 -16.50 23.92 -26.31
N LYS B 774 -16.80 25.14 -26.78
CA LYS B 774 -17.60 25.32 -27.97
C LYS B 774 -17.22 26.66 -28.60
N THR B 775 -17.49 26.78 -29.89
CA THR B 775 -17.23 28.00 -30.64
C THR B 775 -18.56 28.58 -31.10
N SER B 776 -18.67 29.90 -31.05
CA SER B 776 -19.94 30.58 -31.32
C SER B 776 -19.79 31.53 -32.50
N ALA B 777 -20.89 31.72 -33.22
CA ALA B 777 -20.94 32.72 -34.27
C ALA B 777 -20.91 34.12 -33.68
N LEU B 778 -20.44 35.08 -34.46
CA LEU B 778 -20.46 36.47 -34.04
C LEU B 778 -21.90 36.97 -33.97
N SER B 779 -22.20 37.69 -32.89
CA SER B 779 -23.52 38.28 -32.69
C SER B 779 -23.48 39.73 -33.14
N LEU B 780 -24.65 40.37 -33.10
CA LEU B 780 -24.74 41.77 -33.52
C LEU B 780 -24.07 42.69 -32.50
N SER B 781 -24.01 42.28 -31.24
CA SER B 781 -23.49 43.15 -30.19
C SER B 781 -21.99 43.36 -30.31
N ASN B 782 -21.29 42.44 -30.97
CA ASN B 782 -19.86 42.60 -31.22
C ASN B 782 -19.59 43.73 -32.20
N VAL B 783 -20.24 43.70 -33.36
CA VAL B 783 -19.96 44.64 -34.43
C VAL B 783 -21.00 45.74 -34.50
N ALA B 784 -21.68 46.01 -33.37
CA ALA B 784 -22.73 47.02 -33.34
C ALA B 784 -22.20 48.44 -33.49
N GLY B 785 -20.93 48.67 -33.13
CA GLY B 785 -20.40 50.03 -33.17
C GLY B 785 -20.15 50.52 -34.58
N VAL B 786 -19.90 49.61 -35.52
CA VAL B 786 -19.64 49.99 -36.90
C VAL B 786 -20.93 50.49 -37.56
N PHE B 787 -22.07 49.92 -37.15
CA PHE B 787 -23.36 50.42 -37.60
C PHE B 787 -23.65 51.81 -37.05
N TYR B 788 -23.20 52.08 -35.81
CA TYR B 788 -23.44 53.38 -35.21
C TYR B 788 -22.60 54.47 -35.86
N ILE B 789 -21.38 54.10 -36.31
CA ILE B 789 -20.55 55.03 -37.07
C ILE B 789 -21.16 55.27 -38.45
N LEU B 790 -21.79 54.23 -39.02
CA LEU B 790 -22.33 54.33 -40.38
C LEU B 790 -23.52 55.26 -40.46
N VAL B 791 -24.46 55.16 -39.52
CA VAL B 791 -25.64 56.02 -39.53
C VAL B 791 -25.25 57.45 -39.19
N GLY B 792 -24.33 57.62 -38.24
CA GLY B 792 -23.82 58.94 -37.94
C GLY B 792 -23.01 59.54 -39.07
N GLY B 793 -22.39 58.69 -39.90
CA GLY B 793 -21.76 59.17 -41.10
C GLY B 793 -22.76 59.63 -42.14
N LEU B 794 -23.95 59.03 -42.14
CA LEU B 794 -24.99 59.44 -43.07
C LEU B 794 -25.56 60.81 -42.71
N GLY B 795 -25.77 61.04 -41.41
CA GLY B 795 -26.40 62.29 -40.98
C GLY B 795 -25.49 63.50 -41.15
N LEU B 796 -24.18 63.31 -41.02
CA LEU B 796 -23.26 64.41 -41.21
C LEU B 796 -23.15 64.80 -42.68
N ALA B 797 -23.38 63.83 -43.58
CA ALA B 797 -23.36 64.14 -45.01
C ALA B 797 -24.52 65.02 -45.42
N MET B 798 -25.68 64.85 -44.76
CA MET B 798 -26.84 65.67 -45.07
C MET B 798 -26.67 67.09 -44.53
N LEU B 799 -25.96 67.24 -43.41
CA LEU B 799 -25.74 68.57 -42.85
C LEU B 799 -24.76 69.38 -43.68
N VAL B 800 -23.77 68.71 -44.28
CA VAL B 800 -22.83 69.39 -45.18
C VAL B 800 -23.55 69.83 -46.45
N ALA B 801 -24.49 69.02 -46.94
CA ALA B 801 -25.21 69.34 -48.18
C ALA B 801 -26.09 70.57 -48.02
N LEU B 802 -26.58 70.81 -46.79
CA LEU B 802 -27.38 72.01 -46.54
C LEU B 802 -26.51 73.26 -46.58
N ILE B 803 -25.34 73.22 -45.94
CA ILE B 803 -24.55 74.44 -45.78
C ILE B 803 -23.77 74.75 -47.06
N GLU B 804 -23.59 73.75 -47.93
CA GLU B 804 -22.94 74.02 -49.22
C GLU B 804 -23.89 74.74 -50.17
N PHE B 805 -25.16 74.33 -50.20
CA PHE B 805 -26.16 75.03 -51.01
C PHE B 805 -26.38 76.46 -50.52
N CYS B 806 -26.30 76.67 -49.20
CA CYS B 806 -26.40 78.01 -48.64
C CYS B 806 -25.21 78.87 -49.05
N TYR B 807 -24.04 78.25 -49.22
CA TYR B 807 -22.89 79.00 -49.74
C TYR B 807 -23.02 79.24 -51.24
N LYS B 808 -23.68 78.32 -51.95
CA LYS B 808 -23.90 78.51 -53.39
C LYS B 808 -24.94 79.59 -53.65
N SER B 809 -25.95 79.71 -52.79
CA SER B 809 -26.98 80.73 -52.98
C SER B 809 -26.44 82.13 -52.70
N ARG B 810 -25.55 82.25 -51.71
CA ARG B 810 -24.93 83.55 -51.44
C ARG B 810 -23.98 83.96 -52.56
N ALA B 811 -23.26 83.01 -53.13
CA ALA B 811 -22.34 83.29 -54.23
C ALA B 811 -23.10 83.57 -55.52
N ASN C 1 31.46 4.26 94.74
CA ASN C 1 30.80 3.39 93.78
C ASN C 1 30.93 3.98 92.38
N SER C 2 31.90 3.49 91.61
CA SER C 2 32.14 3.96 90.25
C SER C 2 32.13 2.76 89.31
N ILE C 3 31.29 2.83 88.28
CA ILE C 3 31.15 1.70 87.36
C ILE C 3 32.25 1.75 86.31
N GLN C 4 32.46 0.62 85.64
CA GLN C 4 33.57 0.44 84.72
C GLN C 4 33.04 0.16 83.31
N ILE C 5 33.48 0.96 82.34
CA ILE C 5 33.16 0.75 80.94
C ILE C 5 34.45 0.71 80.14
N GLY C 6 34.37 0.16 78.94
CA GLY C 6 35.54 0.00 78.08
C GLY C 6 35.38 0.79 76.78
N GLY C 7 36.50 1.19 76.22
CA GLY C 7 36.49 1.98 75.00
C GLY C 7 37.39 1.45 73.89
N LEU C 8 36.83 1.24 72.70
CA LEU C 8 37.60 0.84 71.53
C LEU C 8 37.62 1.99 70.55
N PHE C 9 38.72 2.73 70.50
CA PHE C 9 38.85 3.89 69.65
C PHE C 9 39.89 3.64 68.57
N PRO C 10 39.56 3.91 67.30
CA PRO C 10 40.54 3.74 66.22
C PRO C 10 41.63 4.80 66.30
N ARG C 11 42.77 4.48 65.71
CA ARG C 11 43.87 5.43 65.67
C ARG C 11 43.55 6.54 64.68
N GLY C 12 43.77 7.78 65.09
CA GLY C 12 43.43 8.94 64.30
C GLY C 12 42.06 9.53 64.58
N ALA C 13 41.35 9.04 65.59
CA ALA C 13 40.04 9.58 65.98
C ALA C 13 40.20 10.63 67.06
N ASP C 14 40.82 11.76 66.71
CA ASP C 14 41.14 12.79 67.68
C ASP C 14 39.89 13.54 68.14
N GLN C 15 39.01 13.88 67.21
CA GLN C 15 37.83 14.67 67.57
C GLN C 15 36.80 13.81 68.29
N GLU C 16 36.74 12.52 67.96
CA GLU C 16 35.82 11.62 68.65
C GLU C 16 36.28 11.37 70.08
N TYR C 17 37.60 11.30 70.31
CA TYR C 17 38.10 11.14 71.67
C TYR C 17 37.96 12.43 72.46
N SER C 18 38.09 13.58 71.80
CA SER C 18 37.92 14.85 72.49
C SER C 18 36.47 15.09 72.88
N ALA C 19 35.53 14.71 72.00
CA ALA C 19 34.11 14.87 72.32
C ALA C 19 33.67 13.87 73.38
N PHE C 20 34.40 12.76 73.53
CA PHE C 20 34.10 11.79 74.56
C PHE C 20 34.42 12.35 75.94
N ARG C 21 35.52 13.10 76.06
CA ARG C 21 35.93 13.65 77.35
C ARG C 21 35.02 14.80 77.78
N VAL C 22 34.62 15.65 76.82
CA VAL C 22 33.73 16.77 77.12
C VAL C 22 32.34 16.26 77.53
N GLY C 23 31.90 15.17 76.90
CA GLY C 23 30.65 14.56 77.31
C GLY C 23 30.73 13.89 78.67
N MET C 24 31.91 13.41 79.04
CA MET C 24 32.08 12.78 80.34
C MET C 24 32.03 13.81 81.46
N VAL C 25 32.56 15.01 81.21
CA VAL C 25 32.59 16.06 82.22
C VAL C 25 31.20 16.60 82.49
N GLN C 26 30.46 16.93 81.43
CA GLN C 26 29.20 17.66 81.58
C GLN C 26 28.10 16.77 82.14
N PHE C 27 28.10 15.48 81.80
CA PHE C 27 27.07 14.59 82.31
C PHE C 27 27.47 13.87 83.58
N SER C 28 28.59 14.26 84.20
CA SER C 28 29.02 13.65 85.46
C SER C 28 28.05 14.00 86.60
N THR C 29 27.89 13.05 87.52
CA THR C 29 27.06 13.23 88.70
C THR C 29 27.90 13.04 89.94
N SER C 30 27.48 13.68 91.03
CA SER C 30 28.16 13.49 92.31
C SER C 30 27.81 12.13 92.91
N GLU C 31 26.65 11.58 92.56
CA GLU C 31 26.21 10.30 93.11
C GLU C 31 27.02 9.14 92.50
N PHE C 32 26.98 9.00 91.18
CA PHE C 32 27.66 7.91 90.49
C PHE C 32 28.57 8.49 89.41
N ARG C 33 29.73 7.85 89.24
CA ARG C 33 30.73 8.31 88.28
C ARG C 33 31.10 7.18 87.34
N LEU C 34 31.31 7.53 86.08
CA LEU C 34 31.70 6.57 85.04
C LEU C 34 33.21 6.59 84.88
N THR C 35 33.82 5.41 84.89
CA THR C 35 35.26 5.29 84.72
C THR C 35 35.57 4.67 83.37
N PRO C 36 36.12 5.42 82.43
CA PRO C 36 36.44 4.84 81.12
C PRO C 36 37.83 4.23 81.04
N HIS C 37 37.93 3.02 80.48
CA HIS C 37 39.21 2.42 80.14
C HIS C 37 39.34 2.42 78.62
N ILE C 38 40.33 3.15 78.11
CA ILE C 38 40.44 3.48 76.69
C ILE C 38 41.58 2.67 76.09
N ASP C 39 41.30 2.00 74.96
CA ASP C 39 42.30 1.26 74.20
C ASP C 39 42.27 1.75 72.76
N ASN C 40 43.43 1.78 72.13
CA ASN C 40 43.58 2.22 70.75
C ASN C 40 43.98 1.04 69.88
N LEU C 41 43.18 0.78 68.84
CA LEU C 41 43.38 -0.37 67.97
C LEU C 41 43.13 0.02 66.52
N GLU C 42 43.68 -0.77 65.60
CA GLU C 42 43.30 -0.66 64.20
C GLU C 42 42.03 -1.45 63.97
N VAL C 43 41.05 -0.83 63.31
CA VAL C 43 39.70 -1.38 63.31
C VAL C 43 39.54 -2.44 62.22
N ALA C 44 40.43 -2.41 61.21
CA ALA C 44 40.28 -3.33 60.08
C ALA C 44 40.75 -4.73 60.43
N ASN C 45 41.76 -4.85 61.27
CA ASN C 45 42.34 -6.14 61.62
C ASN C 45 41.44 -6.86 62.62
N SER C 46 41.03 -8.09 62.29
CA SER C 46 40.11 -8.81 63.17
C SER C 46 40.86 -9.45 64.34
N PHE C 47 42.17 -9.68 64.18
CA PHE C 47 42.98 -10.20 65.28
C PHE C 47 43.10 -9.19 66.41
N ALA C 48 43.27 -7.91 66.07
CA ALA C 48 43.45 -6.88 67.09
C ALA C 48 42.15 -6.57 67.81
N VAL C 49 41.01 -6.71 67.11
CA VAL C 49 39.71 -6.49 67.74
C VAL C 49 39.41 -7.59 68.75
N THR C 50 39.84 -8.82 68.43
CA THR C 50 39.58 -9.97 69.30
C THR C 50 40.36 -9.85 70.61
N ASN C 51 41.59 -9.32 70.55
CA ASN C 51 42.41 -9.17 71.74
C ASN C 51 41.83 -8.13 72.69
N ALA C 52 41.44 -6.97 72.17
CA ALA C 52 40.99 -5.88 73.03
C ALA C 52 39.62 -6.15 73.61
N PHE C 53 38.82 -6.99 72.96
CA PHE C 53 37.52 -7.37 73.51
C PHE C 53 37.69 -8.27 74.72
N CYS C 54 38.59 -9.25 74.64
CA CYS C 54 38.72 -10.23 75.71
C CYS C 54 39.49 -9.67 76.89
N SER C 55 40.40 -8.72 76.64
CA SER C 55 41.16 -8.11 77.74
C SER C 55 40.25 -7.25 78.61
N GLN C 56 39.32 -6.51 78.00
CA GLN C 56 38.37 -5.73 78.78
C GLN C 56 37.30 -6.63 79.40
N PHE C 57 37.05 -7.79 78.78
CA PHE C 57 36.12 -8.76 79.37
C PHE C 57 36.71 -9.40 80.63
N SER C 58 38.04 -9.53 80.67
CA SER C 58 38.69 -9.99 81.89
C SER C 58 38.63 -8.94 82.99
N ARG C 59 38.65 -7.65 82.60
CA ARG C 59 38.57 -6.56 83.57
C ARG C 59 37.21 -6.46 84.24
N GLY C 60 36.17 -7.05 83.65
CA GLY C 60 34.85 -6.99 84.22
C GLY C 60 34.15 -5.67 83.97
N VAL C 61 33.88 -5.37 82.71
CA VAL C 61 33.23 -4.13 82.29
C VAL C 61 31.75 -4.39 82.09
N TYR C 62 30.93 -3.35 82.28
CA TYR C 62 29.49 -3.50 82.09
C TYR C 62 29.11 -3.37 80.62
N ALA C 63 29.59 -2.31 79.96
CA ALA C 63 29.26 -2.06 78.57
C ALA C 63 30.51 -1.57 77.84
N ILE C 64 30.50 -1.74 76.52
CA ILE C 64 31.66 -1.45 75.67
C ILE C 64 31.23 -0.46 74.60
N PHE C 65 31.97 0.65 74.49
CA PHE C 65 31.75 1.68 73.48
C PHE C 65 32.86 1.60 72.44
N GLY C 66 32.49 1.49 71.17
CA GLY C 66 33.53 1.33 70.17
C GLY C 66 33.00 1.52 68.77
N PHE C 67 33.94 1.48 67.82
CA PHE C 67 33.65 1.57 66.39
C PHE C 67 33.98 0.24 65.74
N TYR C 68 33.28 -0.11 64.67
CA TYR C 68 33.62 -1.27 63.87
C TYR C 68 33.59 -0.95 62.38
N ASP C 69 34.33 -1.74 61.62
CA ASP C 69 34.42 -1.63 60.17
C ASP C 69 33.64 -2.80 59.56
N LYS C 70 33.67 -2.91 58.22
CA LYS C 70 33.04 -4.05 57.57
C LYS C 70 33.81 -5.34 57.80
N LYS C 71 35.11 -5.23 58.11
CA LYS C 71 35.91 -6.43 58.34
C LYS C 71 35.64 -7.04 59.71
N SER C 72 35.35 -6.20 60.70
CA SER C 72 35.19 -6.65 62.08
C SER C 72 33.75 -6.55 62.58
N VAL C 73 32.78 -6.36 61.68
CA VAL C 73 31.38 -6.31 62.11
C VAL C 73 30.92 -7.69 62.56
N ASN C 74 31.46 -8.75 61.94
CA ASN C 74 31.03 -10.11 62.26
C ASN C 74 31.64 -10.59 63.56
N THR C 75 32.81 -10.07 63.92
CA THR C 75 33.46 -10.47 65.17
C THR C 75 32.71 -9.90 66.38
N ILE C 76 32.26 -8.64 66.27
CA ILE C 76 31.63 -7.97 67.41
C ILE C 76 30.26 -8.55 67.71
N THR C 77 29.43 -8.72 66.67
CA THR C 77 28.05 -9.16 66.88
C THR C 77 27.99 -10.61 67.33
N SER C 78 29.00 -11.41 66.97
CA SER C 78 29.03 -12.81 67.40
C SER C 78 29.49 -12.93 68.85
N PHE C 79 30.49 -12.13 69.25
CA PHE C 79 31.00 -12.20 70.61
C PHE C 79 29.99 -11.63 71.61
N CYS C 80 29.42 -10.47 71.30
CA CYS C 80 28.48 -9.83 72.22
C CYS C 80 27.17 -10.59 72.31
N GLY C 81 26.80 -11.29 71.23
CA GLY C 81 25.61 -12.13 71.28
C GLY C 81 25.79 -13.35 72.16
N THR C 82 26.98 -13.95 72.13
CA THR C 82 27.22 -15.16 72.93
C THR C 82 27.49 -14.81 74.39
N LEU C 83 28.38 -13.85 74.64
CA LEU C 83 28.81 -13.53 75.99
C LEU C 83 27.90 -12.52 76.68
N HIS C 84 26.85 -12.04 75.98
CA HIS C 84 25.75 -11.26 76.56
C HIS C 84 26.23 -9.95 77.18
N VAL C 85 27.04 -9.21 76.43
CA VAL C 85 27.51 -7.89 76.82
C VAL C 85 26.97 -6.88 75.82
N SER C 86 26.62 -5.69 76.31
CA SER C 86 26.05 -4.67 75.44
C SER C 86 27.14 -3.89 74.72
N PHE C 87 26.85 -3.51 73.47
CA PHE C 87 27.79 -2.79 72.62
C PHE C 87 27.10 -1.58 72.04
N ILE C 88 27.60 -0.39 72.35
CA ILE C 88 27.01 0.88 71.91
C ILE C 88 27.95 1.49 70.90
N THR C 89 27.44 1.81 69.71
CA THR C 89 28.30 2.21 68.61
C THR C 89 27.67 3.34 67.79
N PRO C 90 28.49 4.30 67.37
CA PRO C 90 28.06 5.29 66.37
C PRO C 90 28.35 4.90 64.92
N SER C 91 28.72 3.64 64.66
CA SER C 91 29.04 3.21 63.30
C SER C 91 27.78 2.90 62.52
N PHE C 92 27.96 2.35 61.32
CA PHE C 92 26.84 2.07 60.44
C PHE C 92 25.97 0.95 61.01
N PRO C 93 24.65 0.99 60.80
CA PRO C 93 23.79 -0.08 61.31
C PRO C 93 24.00 -1.38 60.55
N THR C 94 23.88 -2.49 61.28
CA THR C 94 24.03 -3.80 60.68
C THR C 94 22.79 -4.17 59.88
N ASP C 95 22.99 -4.92 58.80
CA ASP C 95 21.89 -5.46 58.03
C ASP C 95 21.29 -6.68 58.73
N GLY C 96 19.99 -6.64 58.97
CA GLY C 96 19.35 -7.65 59.79
C GLY C 96 19.21 -7.19 61.23
N THR C 97 18.95 -8.16 62.09
CA THR C 97 18.79 -7.91 63.53
C THR C 97 19.83 -8.69 64.31
N HIS C 98 20.50 -8.01 65.23
CA HIS C 98 21.46 -8.64 66.14
C HIS C 98 21.21 -8.13 67.55
N PRO C 99 21.05 -9.02 68.53
CA PRO C 99 20.85 -8.56 69.91
C PRO C 99 22.14 -7.98 70.50
N PHE C 100 21.96 -7.25 71.60
CA PHE C 100 23.01 -6.67 72.45
C PHE C 100 23.87 -5.63 71.74
N VAL C 101 23.41 -5.08 70.61
CA VAL C 101 24.13 -4.04 69.89
C VAL C 101 23.21 -2.83 69.80
N ILE C 102 23.71 -1.67 70.21
CA ILE C 102 22.95 -0.43 70.20
C ILE C 102 23.53 0.48 69.12
N GLN C 103 22.77 0.69 68.06
CA GLN C 103 23.19 1.58 66.97
C GLN C 103 22.75 3.00 67.28
N MET C 104 23.66 3.95 67.13
CA MET C 104 23.37 5.36 67.37
C MET C 104 23.14 6.12 66.07
N ARG C 105 23.52 5.54 64.92
CA ARG C 105 23.39 6.21 63.63
C ARG C 105 22.06 5.84 63.00
N PRO C 106 21.27 6.81 62.54
CA PRO C 106 20.00 6.48 61.89
C PRO C 106 20.23 5.91 60.49
N ASP C 107 19.17 5.33 59.94
CA ASP C 107 19.25 4.76 58.61
C ASP C 107 19.12 5.87 57.56
N LEU C 108 19.44 5.54 56.32
CA LEU C 108 19.43 6.53 55.24
C LEU C 108 18.74 6.04 53.97
N LYS C 109 18.33 4.77 53.92
CA LYS C 109 17.80 4.20 52.69
C LYS C 109 16.45 4.77 52.34
N GLY C 110 15.65 5.14 53.34
CA GLY C 110 14.38 5.79 53.06
C GLY C 110 14.55 7.22 52.58
N ALA C 111 15.61 7.90 53.03
CA ALA C 111 15.80 9.30 52.66
C ALA C 111 16.26 9.43 51.22
N LEU C 112 17.06 8.48 50.73
CA LEU C 112 17.50 8.52 49.34
C LEU C 112 16.33 8.26 48.39
N LEU C 113 15.49 7.27 48.69
CA LEU C 113 14.43 6.90 47.77
C LEU C 113 13.32 7.95 47.73
N SER C 114 13.23 8.77 48.77
CA SER C 114 12.31 9.90 48.74
C SER C 114 12.85 11.04 47.87
N LEU C 115 14.14 11.36 48.03
CA LEU C 115 14.71 12.52 47.34
C LEU C 115 14.88 12.26 45.85
N ILE C 116 15.18 11.02 45.48
CA ILE C 116 15.27 10.67 44.06
C ILE C 116 13.90 10.73 43.41
N GLU C 117 12.87 10.25 44.11
CA GLU C 117 11.51 10.30 43.59
C GLU C 117 10.99 11.74 43.55
N TYR C 118 11.44 12.59 44.49
CA TYR C 118 11.02 13.99 44.51
C TYR C 118 11.59 14.76 43.32
N TYR C 119 12.86 14.52 43.00
CA TYR C 119 13.46 15.15 41.83
C TYR C 119 13.02 14.52 40.52
N GLN C 120 12.32 13.38 40.59
CA GLN C 120 11.76 12.64 39.46
C GLN C 120 12.84 12.23 38.47
N TRP C 121 13.77 11.39 38.92
CA TRP C 121 14.84 10.88 38.09
C TRP C 121 14.47 9.52 37.53
N ASP C 122 14.91 9.26 36.30
CA ASP C 122 14.78 7.95 35.68
C ASP C 122 16.10 7.34 35.25
N LYS C 123 17.11 8.17 34.97
CA LYS C 123 18.43 7.72 34.54
C LYS C 123 19.50 8.49 35.29
N PHE C 124 20.36 7.76 36.01
CA PHE C 124 21.43 8.39 36.77
C PHE C 124 22.57 7.39 36.97
N ALA C 125 23.67 7.88 37.51
CA ALA C 125 24.85 7.07 37.78
C ALA C 125 25.11 7.04 39.28
N TYR C 126 25.48 5.87 39.80
CA TYR C 126 25.66 5.66 41.23
C TYR C 126 27.12 5.27 41.48
N LEU C 127 27.84 6.11 42.23
CA LEU C 127 29.22 5.88 42.58
C LEU C 127 29.29 5.51 44.06
N TYR C 128 29.92 4.37 44.36
CA TYR C 128 29.88 3.84 45.72
C TYR C 128 31.27 3.40 46.16
N ASP C 129 31.47 3.45 47.48
CA ASP C 129 32.63 2.87 48.13
C ASP C 129 32.15 1.72 49.02
N SER C 130 32.97 0.69 49.12
CA SER C 130 32.55 -0.59 49.67
C SER C 130 32.64 -0.66 51.19
N ASP C 131 33.01 0.44 51.86
CA ASP C 131 33.47 0.34 53.25
C ASP C 131 32.33 0.13 54.24
N ARG C 132 31.15 0.67 53.95
CA ARG C 132 30.00 0.51 54.83
C ARG C 132 29.12 -0.66 54.43
N GLY C 133 29.64 -1.60 53.66
CA GLY C 133 28.82 -2.67 53.12
C GLY C 133 28.19 -2.28 51.81
N LEU C 134 27.45 -3.23 51.25
CA LEU C 134 26.78 -3.03 49.98
C LEU C 134 25.26 -2.98 50.14
N SER C 135 24.79 -2.70 51.36
CA SER C 135 23.36 -2.78 51.64
C SER C 135 22.60 -1.61 51.01
N THR C 136 23.27 -0.48 50.80
CA THR C 136 22.62 0.66 50.17
C THR C 136 22.47 0.43 48.67
N LEU C 137 23.45 -0.21 48.04
CA LEU C 137 23.36 -0.53 46.62
C LEU C 137 22.27 -1.55 46.35
N GLN C 138 22.07 -2.50 47.27
CA GLN C 138 21.04 -3.51 47.08
C GLN C 138 19.64 -2.93 47.22
N ALA C 139 19.51 -1.82 47.95
CA ALA C 139 18.22 -1.15 48.06
C ALA C 139 17.88 -0.41 46.77
N VAL C 140 18.86 0.24 46.16
CA VAL C 140 18.58 1.06 44.98
C VAL C 140 18.62 0.23 43.70
N LEU C 141 19.05 -1.03 43.78
CA LEU C 141 18.93 -1.90 42.62
C LEU C 141 17.60 -2.64 42.63
N ASP C 142 17.09 -3.00 43.80
CA ASP C 142 15.79 -3.67 43.86
C ASP C 142 14.66 -2.69 43.62
N SER C 143 14.80 -1.44 44.07
CA SER C 143 13.77 -0.44 43.83
C SER C 143 13.80 0.04 42.39
N ALA C 144 14.94 -0.09 41.72
CA ALA C 144 15.04 0.34 40.32
C ALA C 144 14.26 -0.57 39.40
N ALA C 145 14.29 -1.88 39.68
CA ALA C 145 13.53 -2.84 38.87
C ALA C 145 12.03 -2.65 39.05
N GLU C 146 11.61 -2.30 40.27
CA GLU C 146 10.19 -2.12 40.54
C GLU C 146 9.66 -0.83 39.92
N LYS C 147 10.47 0.23 39.94
CA LYS C 147 10.00 1.55 39.54
C LYS C 147 10.61 2.07 38.24
N LYS C 148 11.23 1.20 37.44
CA LYS C 148 11.75 1.50 36.10
C LYS C 148 12.81 2.61 36.13
N TRP C 149 13.98 2.31 36.69
CA TRP C 149 15.12 3.21 36.64
C TRP C 149 16.23 2.55 35.84
N GLN C 150 17.14 3.38 35.33
CA GLN C 150 18.36 2.93 34.67
C GLN C 150 19.55 3.37 35.51
N VAL C 151 20.06 2.46 36.34
CA VAL C 151 21.11 2.77 37.31
C VAL C 151 22.42 2.23 36.79
N THR C 152 23.42 3.10 36.66
CA THR C 152 24.77 2.72 36.31
C THR C 152 25.63 2.75 37.57
N ALA C 153 26.15 1.60 37.98
CA ALA C 153 26.93 1.46 39.21
C ALA C 153 28.40 1.23 38.87
N ILE C 154 29.26 2.09 39.40
CA ILE C 154 30.70 2.01 39.17
C ILE C 154 31.39 1.99 40.54
N ASN C 155 32.27 1.02 40.75
CA ASN C 155 32.98 0.86 42.01
C ASN C 155 34.23 1.73 41.98
N VAL C 156 34.23 2.81 42.78
CA VAL C 156 35.31 3.78 42.80
C VAL C 156 36.30 3.53 43.95
N GLY C 157 36.03 2.54 44.79
CA GLY C 157 36.77 2.43 46.04
C GLY C 157 38.18 1.87 45.88
N ASN C 158 38.42 1.10 44.82
CA ASN C 158 39.68 0.37 44.67
C ASN C 158 40.76 1.15 43.93
N ILE C 159 40.58 2.46 43.74
CA ILE C 159 41.60 3.26 43.07
C ILE C 159 42.77 3.49 44.02
N ASN C 160 43.98 3.17 43.55
CA ASN C 160 45.18 3.32 44.35
C ASN C 160 45.76 4.73 44.24
N ASN C 161 46.70 5.04 45.14
CA ASN C 161 47.09 6.43 45.38
C ASN C 161 48.03 6.97 44.31
N ASP C 162 48.72 6.10 43.58
CA ASP C 162 49.70 6.57 42.62
C ASP C 162 49.05 7.00 41.30
N LYS C 163 47.97 6.33 40.91
CA LYS C 163 47.35 6.51 39.60
C LYS C 163 45.99 7.20 39.69
N LYS C 164 45.88 8.25 40.52
CA LYS C 164 44.62 8.96 40.74
C LYS C 164 44.12 9.63 39.47
N ASP C 165 44.94 10.52 38.90
CA ASP C 165 44.46 11.46 37.89
C ASP C 165 44.16 10.77 36.56
N GLU C 166 44.82 9.64 36.30
CA GLU C 166 44.49 8.87 35.10
C GLU C 166 43.16 8.15 35.25
N THR C 167 42.93 7.54 36.42
CA THR C 167 41.75 6.68 36.59
C THR C 167 40.49 7.51 36.78
N TYR C 168 40.58 8.64 37.49
CA TYR C 168 39.42 9.51 37.64
C TYR C 168 39.06 10.19 36.32
N ARG C 169 40.03 10.37 35.43
CA ARG C 169 39.72 10.85 34.09
C ARG C 169 39.05 9.75 33.27
N SER C 170 39.35 8.48 33.59
CA SER C 170 38.90 7.37 32.75
C SER C 170 37.40 7.12 32.88
N LEU C 171 36.86 7.14 34.09
CA LEU C 171 35.43 6.85 34.24
C LEU C 171 34.59 8.09 33.94
N PHE C 172 35.15 9.29 34.15
CA PHE C 172 34.38 10.51 33.91
C PHE C 172 34.18 10.74 32.41
N GLN C 173 35.12 10.32 31.58
CA GLN C 173 34.89 10.41 30.14
C GLN C 173 33.92 9.33 29.68
N ASP C 174 33.90 8.18 30.39
CA ASP C 174 33.00 7.10 30.03
C ASP C 174 31.55 7.48 30.30
N LEU C 175 31.31 8.26 31.35
CA LEU C 175 29.97 8.80 31.58
C LEU C 175 29.62 9.85 30.53
N GLU C 176 30.63 10.51 29.97
CA GLU C 176 30.36 11.58 28.99
C GLU C 176 29.96 11.00 27.64
N LEU C 177 30.50 9.84 27.27
CA LEU C 177 30.11 9.21 26.01
C LEU C 177 28.69 8.68 26.06
N LYS C 178 28.23 8.20 27.22
CA LYS C 178 26.85 7.78 27.38
C LYS C 178 25.95 8.89 27.90
N LYS C 179 26.51 10.09 28.13
CA LYS C 179 25.79 11.31 28.51
C LYS C 179 24.99 11.14 29.80
N GLU C 180 25.72 10.90 30.89
CA GLU C 180 25.13 10.86 32.22
C GLU C 180 25.26 12.24 32.86
N ARG C 181 24.15 12.73 33.43
CA ARG C 181 24.08 14.08 33.98
C ARG C 181 23.80 14.10 35.47
N ARG C 182 23.45 12.97 36.07
CA ARG C 182 22.97 12.91 37.45
C ARG C 182 23.81 11.87 38.19
N VAL C 183 24.57 12.31 39.19
CA VAL C 183 25.57 11.48 39.85
C VAL C 183 25.30 11.47 41.35
N ILE C 184 25.22 10.28 41.93
CA ILE C 184 25.08 10.11 43.37
C ILE C 184 26.43 9.66 43.94
N LEU C 185 26.91 10.37 44.95
CA LEU C 185 28.19 10.06 45.59
C LEU C 185 27.91 9.39 46.94
N ASP C 186 28.33 8.14 47.08
CA ASP C 186 28.18 7.38 48.31
C ASP C 186 29.57 7.02 48.82
N CYS C 187 30.18 7.95 49.55
CA CYS C 187 31.55 7.77 50.02
C CYS C 187 31.69 8.48 51.36
N GLU C 188 32.84 8.27 52.01
CA GLU C 188 33.19 9.03 53.21
C GLU C 188 33.78 10.38 52.81
N ARG C 189 33.99 11.24 53.83
CA ARG C 189 34.31 12.64 53.58
C ARG C 189 35.70 12.81 52.99
N ASP C 190 36.58 11.83 53.18
CA ASP C 190 37.90 11.89 52.54
C ASP C 190 37.78 11.62 51.05
N LYS C 191 36.92 10.67 50.66
CA LYS C 191 36.78 10.34 49.25
C LYS C 191 35.87 11.31 48.53
N VAL C 192 34.89 11.88 49.23
CA VAL C 192 33.98 12.87 48.63
C VAL C 192 34.74 14.13 48.25
N ASN C 193 35.60 14.62 49.16
CA ASN C 193 36.40 15.81 48.87
C ASN C 193 37.45 15.54 47.81
N ASP C 194 37.82 14.28 47.61
CA ASP C 194 38.79 13.94 46.59
C ASP C 194 38.15 13.94 45.20
N ILE C 195 36.90 13.49 45.10
CA ILE C 195 36.23 13.44 43.79
C ILE C 195 35.84 14.84 43.33
N VAL C 196 35.41 15.69 44.26
CA VAL C 196 35.00 17.06 43.93
C VAL C 196 36.17 17.86 43.36
N ASP C 197 37.39 17.59 43.83
CA ASP C 197 38.57 18.25 43.27
C ASP C 197 38.83 17.78 41.84
N GLN C 198 38.60 16.49 41.56
CA GLN C 198 38.81 15.98 40.22
C GLN C 198 37.71 16.41 39.27
N VAL C 199 36.53 16.74 39.80
CA VAL C 199 35.44 17.26 38.98
C VAL C 199 35.78 18.65 38.45
N ILE C 200 36.26 19.53 39.34
CA ILE C 200 36.52 20.93 38.96
C ILE C 200 37.73 21.01 38.02
N THR C 201 38.66 20.05 38.13
CA THR C 201 39.86 20.04 37.29
C THR C 201 39.51 19.83 35.82
N ILE C 202 38.62 18.89 35.51
CA ILE C 202 38.25 18.63 34.13
C ILE C 202 37.00 19.42 33.75
N GLY C 203 36.61 20.36 34.61
CA GLY C 203 35.57 21.31 34.27
C GLY C 203 34.17 20.74 34.17
N LYS C 204 33.78 19.89 35.11
CA LYS C 204 32.41 19.38 35.19
C LYS C 204 31.63 19.96 36.35
N HIS C 205 31.83 21.24 36.66
CA HIS C 205 31.03 21.95 37.66
C HIS C 205 30.09 22.97 37.01
N VAL C 206 29.92 22.90 35.69
CA VAL C 206 29.12 23.84 34.93
C VAL C 206 27.64 23.54 35.08
N LYS C 207 26.80 24.45 34.58
CA LYS C 207 25.35 24.30 34.61
C LYS C 207 24.90 23.05 33.84
N GLY C 208 23.92 22.35 34.42
CA GLY C 208 23.38 21.14 33.82
C GLY C 208 23.73 19.86 34.56
N TYR C 209 24.54 19.93 35.61
CA TYR C 209 25.01 18.77 36.34
C TYR C 209 24.43 18.81 37.74
N HIS C 210 23.97 17.68 38.24
CA HIS C 210 23.34 17.60 39.55
C HIS C 210 23.99 16.49 40.37
N TYR C 211 24.40 16.81 41.59
CA TYR C 211 25.11 15.88 42.46
C TYR C 211 24.35 15.72 43.77
N ILE C 212 24.22 14.47 44.24
CA ILE C 212 23.71 14.18 45.57
C ILE C 212 24.83 13.51 46.36
N ILE C 213 25.14 14.05 47.52
CA ILE C 213 26.18 13.52 48.40
C ILE C 213 25.47 12.75 49.52
N ALA C 214 25.52 11.42 49.45
CA ALA C 214 24.69 10.56 50.28
C ALA C 214 25.41 10.19 51.57
N ASN C 215 25.55 11.19 52.44
CA ASN C 215 25.97 10.97 53.82
C ASN C 215 25.31 12.00 54.72
N LEU C 216 25.41 11.78 56.03
CA LEU C 216 24.76 12.63 57.01
C LEU C 216 25.63 13.83 57.42
N GLY C 217 26.70 14.10 56.68
CA GLY C 217 27.67 15.13 57.01
C GLY C 217 27.90 16.15 55.93
N PHE C 218 26.81 16.66 55.33
CA PHE C 218 26.89 17.47 54.12
C PHE C 218 27.64 18.79 54.35
N THR C 219 27.38 19.45 55.48
CA THR C 219 28.05 20.73 55.75
C THR C 219 29.48 20.57 56.23
N ASP C 220 29.94 19.34 56.46
CA ASP C 220 31.27 19.13 57.01
C ASP C 220 32.36 19.36 55.96
N GLY C 221 32.13 18.87 54.74
CA GLY C 221 33.13 18.96 53.71
C GLY C 221 33.27 20.36 53.14
N ASP C 222 34.32 20.55 52.34
CA ASP C 222 34.60 21.84 51.71
C ASP C 222 33.76 21.97 50.46
N LEU C 223 32.63 22.67 50.57
CA LEU C 223 31.71 22.88 49.46
C LEU C 223 31.88 24.24 48.79
N LEU C 224 32.86 25.03 49.21
CA LEU C 224 33.00 26.39 48.71
C LEU C 224 33.49 26.41 47.26
N LYS C 225 34.23 25.38 46.85
CA LYS C 225 34.85 25.39 45.53
C LYS C 225 33.83 25.07 44.44
N ILE C 226 32.91 24.16 44.71
CA ILE C 226 31.90 23.79 43.72
C ILE C 226 30.76 24.81 43.70
N GLN C 227 30.72 25.71 44.69
CA GLN C 227 29.59 26.62 44.84
C GLN C 227 29.57 27.69 43.75
N PHE C 228 30.73 28.03 43.19
CA PHE C 228 30.85 29.10 42.22
C PHE C 228 30.88 28.60 40.78
N GLY C 229 30.22 27.48 40.49
CA GLY C 229 30.30 26.90 39.17
C GLY C 229 28.99 26.83 38.41
N GLY C 230 27.88 26.70 39.12
CA GLY C 230 26.57 26.62 38.50
C GLY C 230 25.90 25.26 38.57
N ALA C 231 26.59 24.23 39.05
CA ALA C 231 25.97 22.95 39.25
C ALA C 231 25.18 22.95 40.55
N GLU C 232 24.25 22.01 40.66
CA GLU C 232 23.35 21.92 41.80
C GLU C 232 23.74 20.74 42.67
N VAL C 233 23.97 21.01 43.96
CA VAL C 233 24.41 20.00 44.92
C VAL C 233 23.39 19.91 46.04
N SER C 234 22.98 18.68 46.37
CA SER C 234 22.05 18.44 47.47
C SER C 234 22.72 17.55 48.50
N GLY C 235 22.07 17.39 49.65
CA GLY C 235 22.68 16.58 50.70
C GLY C 235 21.75 16.40 51.88
N PHE C 236 22.31 15.78 52.92
CA PHE C 236 21.57 15.35 54.11
C PHE C 236 22.29 15.83 55.36
N GLN C 237 21.53 16.15 56.41
CA GLN C 237 22.10 16.71 57.62
C GLN C 237 21.32 16.19 58.83
N ILE C 238 22.03 15.98 59.94
CA ILE C 238 21.41 15.44 61.15
C ILE C 238 21.43 16.44 62.31
N VAL C 239 22.41 17.34 62.40
CA VAL C 239 22.49 18.31 63.47
C VAL C 239 22.06 19.67 62.92
N ASP C 240 21.23 20.38 63.67
CA ASP C 240 20.68 21.67 63.27
C ASP C 240 21.39 22.75 64.08
N TYR C 241 22.14 23.61 63.39
CA TYR C 241 22.89 24.66 64.07
C TYR C 241 21.98 25.78 64.56
N ASP C 242 20.77 25.88 64.01
CA ASP C 242 19.87 26.96 64.39
C ASP C 242 19.23 26.71 65.75
N ASP C 243 19.11 25.43 66.14
CA ASP C 243 18.48 25.07 67.41
C ASP C 243 19.27 25.55 68.63
N SER C 244 18.61 25.58 69.78
CA SER C 244 19.20 26.17 70.98
C SER C 244 20.22 25.26 71.63
N LEU C 245 19.94 23.95 71.69
CA LEU C 245 20.81 23.03 72.41
C LEU C 245 22.14 22.83 71.69
N VAL C 246 22.12 22.88 70.36
CA VAL C 246 23.36 22.79 69.59
C VAL C 246 24.16 24.07 69.72
N SER C 247 23.47 25.22 69.68
CA SER C 247 24.17 26.52 69.65
C SER C 247 24.85 26.83 70.98
N LYS C 248 24.31 26.32 72.08
CA LYS C 248 25.00 26.45 73.37
C LYS C 248 26.24 25.58 73.41
N PHE C 249 26.22 24.43 72.72
CA PHE C 249 27.38 23.55 72.71
C PHE C 249 28.51 24.13 71.86
N ILE C 250 28.16 24.77 70.73
CA ILE C 250 29.18 25.32 69.82
C ILE C 250 29.90 26.49 70.48
N GLU C 251 29.20 27.25 71.32
CA GLU C 251 29.85 28.28 72.13
C GLU C 251 30.86 27.67 73.10
N ARG C 252 30.49 26.57 73.75
CA ARG C 252 31.42 25.83 74.59
C ARG C 252 32.51 25.16 73.75
N TRP C 253 32.14 24.70 72.56
CA TRP C 253 33.10 24.06 71.66
C TRP C 253 34.13 25.07 71.15
N SER C 254 33.72 26.32 70.99
CA SER C 254 34.66 27.34 70.49
C SER C 254 35.61 27.82 71.59
N THR C 255 35.16 27.83 72.84
CA THR C 255 36.00 28.35 73.92
C THR C 255 37.08 27.39 74.39
N LEU C 256 37.18 26.19 73.81
CA LEU C 256 38.20 25.24 74.21
C LEU C 256 39.51 25.55 73.48
N GLU C 257 40.53 24.76 73.78
CA GLU C 257 41.89 25.01 73.29
C GLU C 257 42.37 23.83 72.46
N GLU C 258 43.17 24.12 71.43
CA GLU C 258 43.67 23.07 70.54
C GLU C 258 44.67 22.17 71.25
N LYS C 259 45.42 22.73 72.21
CA LYS C 259 46.52 21.98 72.82
C LYS C 259 46.01 20.90 73.76
N GLU C 260 45.05 21.25 74.62
CA GLU C 260 44.47 20.24 75.52
C GLU C 260 43.51 19.33 74.77
N TYR C 261 42.64 19.91 73.95
CA TYR C 261 41.62 19.15 73.22
C TYR C 261 41.89 19.31 71.72
N PRO C 262 42.50 18.33 71.06
CA PRO C 262 42.87 18.51 69.65
C PRO C 262 41.67 18.42 68.73
N GLY C 263 41.67 19.27 67.71
CA GLY C 263 40.58 19.32 66.75
C GLY C 263 39.27 19.79 67.34
N ALA C 264 39.30 20.80 68.21
CA ALA C 264 38.10 21.24 68.91
C ALA C 264 37.75 22.71 68.73
N HIS C 265 38.72 23.56 68.38
CA HIS C 265 38.45 24.99 68.26
C HIS C 265 37.91 25.29 66.86
N THR C 266 36.65 24.91 66.65
CA THR C 266 35.94 25.20 65.41
C THR C 266 34.53 25.66 65.76
N ALA C 267 33.77 26.01 64.73
CA ALA C 267 32.35 26.28 64.86
C ALA C 267 31.48 25.15 64.35
N THR C 268 32.09 24.08 63.84
CA THR C 268 31.39 22.93 63.28
C THR C 268 31.85 21.66 63.98
N ILE C 269 30.97 20.67 64.02
CA ILE C 269 31.27 19.36 64.57
C ILE C 269 30.80 18.30 63.58
N LYS C 270 31.58 17.24 63.43
CA LYS C 270 31.19 16.16 62.53
C LYS C 270 30.09 15.32 63.16
N TYR C 271 29.38 14.57 62.32
CA TYR C 271 28.22 13.83 62.79
C TYR C 271 28.63 12.61 63.62
N THR C 272 29.83 12.07 63.36
CA THR C 272 30.32 10.96 64.17
C THR C 272 30.70 11.42 65.57
N SER C 273 31.23 12.64 65.69
CA SER C 273 31.58 13.18 67.00
C SER C 273 30.34 13.55 67.80
N ALA C 274 29.27 13.98 67.13
CA ALA C 274 28.05 14.36 67.82
C ALA C 274 27.34 13.13 68.38
N LEU C 275 27.43 11.99 67.70
CA LEU C 275 26.83 10.77 68.22
C LEU C 275 27.61 10.22 69.40
N THR C 276 28.91 10.53 69.46
CA THR C 276 29.72 10.16 70.61
C THR C 276 29.30 10.94 71.86
N TYR C 277 28.99 12.22 71.68
CA TYR C 277 28.54 13.06 72.79
C TYR C 277 27.18 12.60 73.31
N ASP C 278 26.30 12.16 72.41
CA ASP C 278 24.97 11.72 72.83
C ASP C 278 25.03 10.35 73.50
N ALA C 279 26.01 9.52 73.12
CA ALA C 279 26.09 8.16 73.65
C ALA C 279 26.53 8.16 75.12
N VAL C 280 27.29 9.17 75.52
CA VAL C 280 27.65 9.33 76.94
C VAL C 280 26.40 9.66 77.76
N GLN C 281 25.50 10.47 77.18
CA GLN C 281 24.24 10.77 77.83
C GLN C 281 23.34 9.54 77.94
N VAL C 282 23.42 8.64 76.95
CA VAL C 282 22.60 7.43 76.97
C VAL C 282 23.05 6.49 78.08
N MET C 283 24.37 6.34 78.25
CA MET C 283 24.91 5.47 79.29
C MET C 283 24.64 6.02 80.69
N THR C 284 24.82 7.34 80.86
CA THR C 284 24.67 7.96 82.18
C THR C 284 23.21 7.93 82.63
N GLU C 285 22.29 8.14 81.71
CA GLU C 285 20.86 8.07 82.04
C GLU C 285 20.43 6.64 82.33
N ALA C 286 21.10 5.65 81.71
CA ALA C 286 20.69 4.26 81.86
C ALA C 286 21.08 3.72 83.23
N PHE C 287 22.30 4.02 83.69
CA PHE C 287 22.71 3.57 85.02
C PHE C 287 21.99 4.34 86.12
N ARG C 288 21.55 5.56 85.82
CA ARG C 288 20.77 6.34 86.77
C ARG C 288 19.42 5.68 87.05
N ASN C 289 18.67 5.36 85.99
CA ASN C 289 17.33 4.83 86.16
C ASN C 289 17.37 3.38 86.65
N LEU C 290 18.43 2.65 86.33
CA LEU C 290 18.51 1.25 86.71
C LEU C 290 18.86 1.11 88.20
N ARG C 291 19.72 2.00 88.70
CA ARG C 291 20.08 1.99 90.12
C ARG C 291 18.91 2.40 91.00
N LYS C 292 18.15 3.41 90.56
CA LYS C 292 17.00 3.88 91.34
C LYS C 292 15.88 2.85 91.35
N GLN C 293 15.83 1.97 90.35
CA GLN C 293 14.87 0.87 90.35
C GLN C 293 15.23 -0.18 91.40
N ARG C 294 16.48 -0.19 91.87
CA ARG C 294 17.08 -1.04 92.91
C ARG C 294 17.21 -2.48 92.45
N ILE C 295 17.04 -2.77 91.16
CA ILE C 295 17.36 -4.09 90.64
C ILE C 295 18.88 -4.25 90.59
N GLU C 296 19.36 -5.45 90.91
CA GLU C 296 20.74 -5.66 91.32
C GLU C 296 21.67 -5.71 90.11
N ILE C 297 22.68 -4.83 90.09
CA ILE C 297 23.76 -4.89 89.12
C ILE C 297 25.12 -4.77 89.83
N SER C 298 25.78 -5.89 90.05
CA SER C 298 27.12 -5.91 90.63
C SER C 298 27.87 -7.14 90.13
N ARG C 299 29.20 -7.05 90.15
CA ARG C 299 30.05 -8.15 89.72
C ARG C 299 30.24 -9.11 90.88
N ARG C 300 29.70 -10.32 90.76
CA ARG C 300 29.87 -11.32 91.80
C ARG C 300 31.30 -11.85 91.82
N GLY C 301 31.92 -11.98 90.64
CA GLY C 301 33.28 -12.46 90.54
C GLY C 301 33.86 -12.09 89.19
N ASN C 302 35.08 -12.57 88.97
CA ASN C 302 35.73 -12.38 87.68
C ASN C 302 35.03 -13.24 86.63
N ALA C 303 34.85 -12.68 85.42
CA ALA C 303 34.15 -13.39 84.37
C ALA C 303 34.95 -14.58 83.86
N GLY C 304 36.25 -14.41 83.68
CA GLY C 304 37.10 -15.44 83.12
C GLY C 304 37.55 -15.10 81.72
N ASP C 305 38.07 -16.12 81.04
CA ASP C 305 38.49 -15.94 79.66
C ASP C 305 37.29 -15.94 78.73
N CYS C 306 37.41 -15.20 77.62
CA CYS C 306 36.37 -15.18 76.61
C CYS C 306 36.29 -16.51 75.87
N LEU C 307 37.44 -17.17 75.67
CA LEU C 307 37.50 -18.42 74.94
C LEU C 307 37.37 -19.64 75.84
N ALA C 308 36.71 -19.52 76.98
CA ALA C 308 36.49 -20.67 77.85
C ALA C 308 35.48 -21.61 77.21
N ASN C 309 35.77 -22.91 77.27
CA ASN C 309 34.97 -23.92 76.60
C ASN C 309 34.34 -24.85 77.63
N PRO C 310 33.01 -24.87 77.77
CA PRO C 310 32.07 -23.92 77.18
C PRO C 310 31.95 -22.65 78.02
N ALA C 311 31.69 -21.52 77.38
CA ALA C 311 31.48 -20.28 78.12
C ALA C 311 30.07 -20.23 78.68
N VAL C 312 29.90 -19.42 79.72
CA VAL C 312 28.62 -19.29 80.42
C VAL C 312 28.23 -17.82 80.43
N PRO C 313 26.97 -17.48 80.11
CA PRO C 313 26.53 -16.10 80.25
C PRO C 313 26.37 -15.71 81.71
N TRP C 314 26.59 -14.43 81.99
CA TRP C 314 26.33 -13.87 83.31
C TRP C 314 24.98 -13.18 83.31
N GLY C 315 24.07 -13.64 84.17
CA GLY C 315 22.67 -13.26 84.09
C GLY C 315 22.30 -11.91 84.68
N GLN C 316 23.03 -10.87 84.29
CA GLN C 316 22.65 -9.49 84.61
C GLN C 316 22.74 -8.63 83.35
N GLY C 317 23.27 -9.21 82.27
CA GLY C 317 23.35 -8.48 81.01
C GLY C 317 21.99 -8.23 80.39
N VAL C 318 21.03 -9.10 80.68
CA VAL C 318 19.67 -8.92 80.15
C VAL C 318 19.00 -7.72 80.81
N GLU C 319 19.27 -7.51 82.10
CA GLU C 319 18.75 -6.33 82.78
C GLU C 319 19.45 -5.05 82.33
N ILE C 320 20.71 -5.15 81.92
CA ILE C 320 21.44 -3.96 81.48
C ILE C 320 20.96 -3.51 80.11
N GLU C 321 20.71 -4.45 79.19
CA GLU C 321 20.31 -4.07 77.84
C GLU C 321 18.90 -3.49 77.82
N ARG C 322 18.04 -3.91 78.76
CA ARG C 322 16.69 -3.36 78.81
C ARG C 322 16.70 -1.94 79.39
N ALA C 323 17.75 -1.59 80.12
CA ALA C 323 17.92 -0.22 80.58
C ALA C 323 18.39 0.68 79.43
N LEU C 324 19.26 0.16 78.57
CA LEU C 324 19.81 0.97 77.48
C LEU C 324 18.79 1.19 76.37
N LYS C 325 17.93 0.21 76.12
CA LYS C 325 16.98 0.33 75.03
C LYS C 325 15.83 1.28 75.39
N GLN C 326 15.57 1.45 76.68
CA GLN C 326 14.48 2.30 77.13
C GLN C 326 14.92 3.73 77.43
N VAL C 327 16.12 4.14 77.01
CA VAL C 327 16.57 5.51 77.25
C VAL C 327 15.79 6.47 76.37
N GLN C 328 15.26 7.53 76.98
CA GLN C 328 14.55 8.58 76.26
C GLN C 328 15.13 9.92 76.67
N VAL C 329 15.92 10.52 75.77
CA VAL C 329 16.59 11.79 76.04
C VAL C 329 16.52 12.69 74.82
N GLU C 330 17.03 13.90 74.94
CA GLU C 330 17.25 14.81 73.83
C GLU C 330 18.74 15.12 73.74
N GLY C 331 19.24 15.28 72.51
CA GLY C 331 20.65 15.51 72.32
C GLY C 331 20.97 16.41 71.14
N LEU C 332 22.23 16.34 70.67
CA LEU C 332 22.61 17.13 69.50
C LEU C 332 21.91 16.63 68.24
N SER C 333 21.79 15.31 68.09
CA SER C 333 21.15 14.76 66.91
C SER C 333 19.63 14.93 66.97
N GLY C 334 19.06 14.94 68.16
CA GLY C 334 17.63 15.16 68.31
C GLY C 334 17.04 14.17 69.28
N ASN C 335 15.78 13.81 69.01
CA ASN C 335 15.07 12.87 69.86
C ASN C 335 15.63 11.46 69.67
N ILE C 336 15.99 10.82 70.78
CA ILE C 336 16.60 9.50 70.79
C ILE C 336 15.59 8.51 71.35
N LYS C 337 15.16 7.56 70.53
CA LYS C 337 14.26 6.49 70.95
C LYS C 337 14.68 5.20 70.25
N PHE C 338 14.73 4.12 71.01
CA PHE C 338 15.30 2.86 70.53
C PHE C 338 14.24 1.79 70.45
N ASP C 339 14.36 0.93 69.44
CA ASP C 339 13.53 -0.26 69.31
C ASP C 339 14.16 -1.39 70.14
N GLN C 340 13.45 -2.52 70.23
CA GLN C 340 14.00 -3.68 70.95
C GLN C 340 15.15 -4.32 70.17
N ASN C 341 15.22 -4.07 68.87
CA ASN C 341 16.39 -4.52 68.11
C ASN C 341 17.60 -3.65 68.40
N GLY C 342 17.39 -2.42 68.84
CA GLY C 342 18.46 -1.48 69.11
C GLY C 342 18.55 -0.34 68.12
N LYS C 343 17.84 -0.43 67.01
CA LYS C 343 17.92 0.61 65.98
C LYS C 343 17.13 1.85 66.39
N ARG C 344 17.70 3.01 66.13
CA ARG C 344 17.10 4.27 66.54
C ARG C 344 15.88 4.61 65.70
N ILE C 345 14.80 5.03 66.36
CA ILE C 345 13.55 5.40 65.71
C ILE C 345 13.14 6.79 66.18
N ASN C 346 12.09 7.32 65.53
CA ASN C 346 11.50 8.64 65.80
C ASN C 346 12.54 9.76 65.64
N TYR C 347 13.10 9.86 64.44
CA TYR C 347 14.15 10.80 64.13
C TYR C 347 13.77 11.66 62.93
N THR C 348 14.56 12.70 62.69
CA THR C 348 14.30 13.68 61.63
C THR C 348 15.59 14.02 60.92
N ILE C 349 15.59 13.92 59.59
CA ILE C 349 16.75 14.24 58.76
C ILE C 349 16.40 15.44 57.90
N ASN C 350 17.27 16.45 57.90
CA ASN C 350 17.00 17.72 57.23
C ASN C 350 17.62 17.72 55.84
N ILE C 351 16.79 17.65 54.80
CA ILE C 351 17.29 17.77 53.43
C ILE C 351 17.74 19.20 53.18
N MET C 352 18.96 19.36 52.66
CA MET C 352 19.50 20.68 52.38
C MET C 352 19.84 20.78 50.90
N GLU C 353 20.21 21.99 50.49
CA GLU C 353 20.57 22.27 49.11
C GLU C 353 21.51 23.46 49.10
N LEU C 354 22.46 23.46 48.15
CA LEU C 354 23.55 24.43 48.12
C LEU C 354 23.21 25.57 47.17
N LYS C 355 23.03 26.76 47.71
CA LYS C 355 22.82 27.97 46.92
C LYS C 355 24.10 28.79 46.86
N THR C 356 23.99 29.95 46.20
CA THR C 356 25.15 30.82 46.02
C THR C 356 25.56 31.49 47.33
N ASN C 357 24.58 31.82 48.18
CA ASN C 357 24.92 32.42 49.48
C ASN C 357 25.48 31.39 50.44
N GLY C 358 25.02 30.14 50.35
CA GLY C 358 25.46 29.08 51.23
C GLY C 358 24.47 27.94 51.27
N PRO C 359 24.72 26.94 52.13
CA PRO C 359 23.77 25.83 52.27
C PRO C 359 22.48 26.29 52.94
N ARG C 360 21.37 25.72 52.48
CA ARG C 360 20.06 26.17 52.90
C ARG C 360 19.14 24.97 53.08
N LYS C 361 18.31 25.03 54.13
CA LYS C 361 17.38 23.96 54.48
C LYS C 361 16.12 24.11 53.63
N ILE C 362 15.76 23.04 52.90
CA ILE C 362 14.60 23.05 52.03
C ILE C 362 13.55 22.03 52.46
N GLY C 363 13.68 21.43 53.64
CA GLY C 363 12.67 20.51 54.10
C GLY C 363 13.21 19.62 55.21
N TYR C 364 12.48 18.53 55.46
CA TYR C 364 12.89 17.53 56.42
C TYR C 364 12.27 16.19 56.03
N TRP C 365 12.88 15.11 56.53
CA TRP C 365 12.42 13.75 56.29
C TRP C 365 12.07 13.12 57.62
N SER C 366 10.93 12.44 57.67
CA SER C 366 10.53 11.69 58.86
C SER C 366 9.94 10.36 58.44
N GLU C 367 9.71 9.48 59.41
CA GLU C 367 9.23 8.14 59.10
C GLU C 367 7.74 8.15 58.75
N VAL C 368 6.92 8.81 59.56
CA VAL C 368 5.47 8.76 59.36
C VAL C 368 5.03 9.83 58.37
N ASP C 369 5.77 10.92 58.27
CA ASP C 369 5.37 12.12 57.54
C ASP C 369 6.23 12.39 56.32
N LYS C 370 6.44 11.38 55.45
CA LYS C 370 7.69 11.03 54.72
C LYS C 370 8.48 12.27 54.32
N MET C 371 7.97 13.15 53.47
CA MET C 371 8.70 14.35 53.09
C MET C 371 7.75 15.54 53.11
N VAL C 372 8.01 16.48 54.00
CA VAL C 372 7.25 17.72 54.11
C VAL C 372 8.20 18.87 53.86
N LEU C 373 7.86 19.72 52.89
CA LEU C 373 8.70 20.87 52.58
C LEU C 373 8.55 21.94 53.66
N THR C 374 9.56 22.79 53.76
CA THR C 374 9.52 23.92 54.69
C THR C 374 8.80 25.09 54.02
N GLU C 375 8.91 26.28 54.63
CA GLU C 375 8.25 27.46 54.08
C GLU C 375 8.87 27.89 52.75
N ASP C 376 10.18 27.66 52.59
CA ASP C 376 10.98 28.09 51.44
C ASP C 376 10.85 29.59 51.19
N ASP C 377 10.84 30.37 52.28
CA ASP C 377 10.80 31.82 52.20
C ASP C 377 12.22 32.32 52.01
N THR C 378 12.54 32.70 50.77
CA THR C 378 13.90 33.09 50.41
C THR C 378 14.27 34.41 51.06
N SER C 379 15.43 34.43 51.73
CA SER C 379 15.93 35.66 52.32
C SER C 379 16.36 36.65 51.26
N GLY C 380 17.08 36.16 50.25
CA GLY C 380 17.42 36.96 49.09
C GLY C 380 17.04 36.25 47.82
N LEU C 381 16.22 36.89 46.98
CA LEU C 381 15.69 36.27 45.78
C LEU C 381 16.00 37.15 44.58
N GLU C 382 16.91 36.69 43.73
CA GLU C 382 17.18 37.32 42.44
C GLU C 382 16.93 36.26 41.37
N GLN C 383 16.04 36.57 40.43
CA GLN C 383 15.72 35.61 39.39
C GLN C 383 16.89 35.45 38.43
N LYS C 384 17.26 34.20 38.19
CA LYS C 384 18.45 33.89 37.41
C LYS C 384 18.21 34.16 35.92
N THR C 385 19.30 34.41 35.21
CA THR C 385 19.24 34.74 33.80
C THR C 385 18.91 33.49 32.98
N VAL C 386 17.76 33.49 32.31
CA VAL C 386 17.38 32.39 31.44
C VAL C 386 18.27 32.37 30.21
N VAL C 387 18.80 31.20 29.89
CA VAL C 387 19.72 31.04 28.76
C VAL C 387 18.91 30.70 27.52
N VAL C 388 19.07 31.49 26.47
CA VAL C 388 18.35 31.31 25.21
C VAL C 388 19.34 30.79 24.18
N THR C 389 19.01 29.67 23.55
CA THR C 389 19.83 29.11 22.47
C THR C 389 19.16 29.37 21.13
N THR C 390 19.98 29.72 20.12
CA THR C 390 19.49 30.13 18.81
C THR C 390 20.54 29.70 17.79
N ILE C 391 20.15 29.68 16.51
CA ILE C 391 21.04 29.38 15.39
C ILE C 391 21.01 30.58 14.43
N LEU C 392 22.11 30.77 13.71
CA LEU C 392 22.29 31.92 12.82
C LEU C 392 21.65 31.63 11.47
N GLU C 393 20.48 32.22 11.23
CA GLU C 393 19.84 32.16 9.91
C GLU C 393 19.23 33.52 9.60
N SER C 394 19.28 33.89 8.34
CA SER C 394 18.69 35.13 7.87
C SER C 394 17.29 34.85 7.37
N PRO C 395 16.30 35.72 7.64
CA PRO C 395 16.42 36.94 8.45
C PRO C 395 16.07 36.71 9.91
N TYR C 396 16.22 35.48 10.39
CA TYR C 396 15.79 35.18 11.76
C TYR C 396 16.73 35.79 12.78
N VAL C 397 18.02 35.46 12.71
CA VAL C 397 19.05 36.03 13.57
C VAL C 397 20.28 36.34 12.72
N MET C 398 20.71 37.59 12.73
CA MET C 398 21.82 38.03 11.91
C MET C 398 22.82 38.79 12.76
N MET C 399 24.07 38.80 12.33
CA MET C 399 25.10 39.59 12.99
C MET C 399 24.95 41.06 12.59
N LYS C 400 24.97 41.95 13.59
CA LYS C 400 24.99 43.37 13.30
C LYS C 400 26.37 43.76 12.80
N LYS C 401 26.44 44.91 12.12
CA LYS C 401 27.69 45.32 11.46
C LYS C 401 28.79 45.64 12.45
N ASN C 402 28.44 46.22 13.59
CA ASN C 402 29.42 46.55 14.63
C ASN C 402 29.49 45.45 15.68
N HIS C 403 29.71 44.21 15.22
CA HIS C 403 29.67 43.08 16.13
C HIS C 403 30.97 42.93 16.90
N GLU C 404 32.05 43.56 16.42
CA GLU C 404 33.27 43.59 17.21
C GLU C 404 33.15 44.58 18.37
N MET C 405 32.55 45.74 18.13
CA MET C 405 32.56 46.84 19.09
C MET C 405 31.42 46.78 20.11
N LEU C 406 30.53 45.80 20.02
CA LEU C 406 29.41 45.68 20.94
C LEU C 406 29.54 44.41 21.78
N GLU C 407 29.04 44.48 23.01
CA GLU C 407 29.05 43.36 23.94
C GLU C 407 27.64 43.05 24.40
N GLY C 408 27.33 41.77 24.54
CA GLY C 408 26.08 41.34 25.12
C GLY C 408 25.04 40.98 24.09
N ASN C 409 23.77 41.15 24.50
CA ASN C 409 22.63 40.86 23.63
C ASN C 409 22.51 41.84 22.46
N GLU C 410 23.17 43.00 22.53
CA GLU C 410 23.04 44.01 21.50
C GLU C 410 23.79 43.66 20.22
N ARG C 411 24.55 42.57 20.20
CA ARG C 411 25.27 42.17 19.00
C ARG C 411 24.32 41.64 17.92
N TYR C 412 23.16 41.15 18.32
CA TYR C 412 22.28 40.43 17.40
C TYR C 412 21.03 41.23 17.05
N GLU C 413 20.53 40.97 15.84
CA GLU C 413 19.27 41.53 15.39
C GLU C 413 18.58 40.48 14.51
N GLY C 414 17.28 40.65 14.35
CA GLY C 414 16.54 39.78 13.45
C GLY C 414 15.12 39.55 13.95
N TYR C 415 14.47 38.56 13.32
CA TYR C 415 13.08 38.26 13.66
C TYR C 415 12.96 37.60 15.03
N CYS C 416 13.82 36.63 15.32
CA CYS C 416 13.73 35.91 16.60
C CYS C 416 14.24 36.77 17.75
N VAL C 417 15.13 37.72 17.46
CA VAL C 417 15.63 38.63 18.49
C VAL C 417 14.51 39.53 18.98
N ASP C 418 13.68 40.04 18.06
CA ASP C 418 12.52 40.84 18.47
C ASP C 418 11.45 39.96 19.11
N LEU C 419 11.35 38.71 18.68
CA LEU C 419 10.38 37.79 19.28
C LEU C 419 10.78 37.41 20.70
N ALA C 420 12.09 37.32 20.95
CA ALA C 420 12.57 36.99 22.30
C ALA C 420 12.29 38.12 23.28
N ALA C 421 12.36 39.37 22.81
CA ALA C 421 12.10 40.51 23.69
C ALA C 421 10.62 40.59 24.06
N GLU C 422 9.74 40.19 23.14
CA GLU C 422 8.30 40.27 23.40
C GLU C 422 7.85 39.20 24.39
N ILE C 423 8.44 38.00 24.31
CA ILE C 423 8.04 36.92 25.21
C ILE C 423 8.56 37.20 26.62
N ALA C 424 9.75 37.81 26.72
CA ALA C 424 10.30 38.18 28.02
C ALA C 424 9.48 39.26 28.69
N LYS C 425 8.84 40.12 27.90
CA LYS C 425 8.03 41.20 28.46
C LYS C 425 6.73 40.67 29.05
N HIS C 426 6.09 39.72 28.36
CA HIS C 426 4.82 39.19 28.86
C HIS C 426 5.03 38.20 29.99
N CYS C 427 6.14 37.46 29.98
CA CYS C 427 6.39 36.47 31.02
C CYS C 427 7.17 37.02 32.21
N GLY C 428 8.05 37.99 31.98
CA GLY C 428 8.74 38.63 33.09
C GLY C 428 10.00 37.94 33.55
N PHE C 429 10.99 37.79 32.66
CA PHE C 429 12.29 37.25 33.06
C PHE C 429 13.38 37.99 32.29
N LYS C 430 14.60 37.83 32.76
CA LYS C 430 15.79 38.36 32.09
C LYS C 430 16.48 37.24 31.34
N TYR C 431 16.99 37.55 30.15
CA TYR C 431 17.51 36.54 29.25
C TYR C 431 18.91 36.89 28.76
N LYS C 432 19.69 35.85 28.49
CA LYS C 432 20.99 35.96 27.83
C LYS C 432 20.97 35.10 26.59
N LEU C 433 21.42 35.65 25.46
CA LEU C 433 21.26 34.99 24.17
C LEU C 433 22.59 34.39 23.73
N THR C 434 22.54 33.12 23.32
CA THR C 434 23.73 32.39 22.88
C THR C 434 23.46 31.75 21.53
N ILE C 435 24.53 31.25 20.92
CA ILE C 435 24.47 30.55 19.64
C ILE C 435 24.93 29.11 19.88
N VAL C 436 24.22 28.15 19.24
CA VAL C 436 24.61 26.76 19.33
C VAL C 436 25.95 26.56 18.63
N GLY C 437 26.84 25.79 19.26
CA GLY C 437 28.18 25.63 18.74
C GLY C 437 28.24 24.71 17.52
N ASP C 438 27.36 23.71 17.48
CA ASP C 438 27.40 22.73 16.40
C ASP C 438 26.89 23.32 15.09
N GLY C 439 25.76 24.03 15.14
CA GLY C 439 25.16 24.54 13.92
C GLY C 439 24.12 23.65 13.29
N LYS C 440 23.58 22.71 14.05
CA LYS C 440 22.53 21.81 13.57
C LYS C 440 21.25 22.09 14.33
N TYR C 441 20.12 21.74 13.73
CA TYR C 441 18.84 21.95 14.39
C TYR C 441 18.57 20.86 15.42
N GLY C 442 18.82 19.60 15.07
CA GLY C 442 18.63 18.52 16.01
C GLY C 442 18.19 17.22 15.38
N ALA C 443 18.94 16.15 15.68
CA ALA C 443 18.63 14.82 15.17
C ALA C 443 19.28 13.80 16.09
N ARG C 444 18.80 12.57 16.01
CA ARG C 444 19.33 11.47 16.80
C ARG C 444 20.31 10.65 15.95
N ASP C 445 21.51 10.47 16.47
CA ASP C 445 22.44 9.53 15.86
C ASP C 445 21.95 8.12 16.14
N ALA C 446 21.84 7.31 15.08
CA ALA C 446 21.23 5.98 15.21
C ALA C 446 22.13 5.03 15.97
N ASP C 447 23.45 5.21 15.88
CA ASP C 447 24.37 4.29 16.54
C ASP C 447 24.47 4.60 18.04
N THR C 448 24.61 5.86 18.40
CA THR C 448 24.93 6.25 19.77
C THR C 448 23.73 6.74 20.57
N LYS C 449 22.58 6.99 19.91
CA LYS C 449 21.32 7.38 20.55
C LYS C 449 21.42 8.67 21.36
N ILE C 450 22.21 9.63 20.87
CA ILE C 450 22.36 10.92 21.51
C ILE C 450 21.95 12.01 20.53
N TRP C 451 21.41 13.11 21.05
CA TRP C 451 20.98 14.23 20.25
C TRP C 451 22.13 15.22 20.04
N ASN C 452 21.96 16.09 19.05
CA ASN C 452 22.88 17.19 18.81
C ASN C 452 22.10 18.47 18.54
N GLY C 453 22.80 19.58 18.49
CA GLY C 453 22.18 20.84 18.14
C GLY C 453 21.38 21.46 19.27
N MET C 454 20.36 22.22 18.87
CA MET C 454 19.53 22.92 19.85
C MET C 454 18.61 21.96 20.60
N VAL C 455 18.25 20.85 19.97
CA VAL C 455 17.46 19.84 20.67
C VAL C 455 18.33 19.14 21.73
N GLY C 456 19.62 18.99 21.43
CA GLY C 456 20.53 18.41 22.40
C GLY C 456 20.76 19.28 23.61
N GLU C 457 20.81 20.60 23.42
CA GLU C 457 21.07 21.50 24.53
C GLU C 457 19.87 21.60 25.46
N LEU C 458 18.66 21.40 24.93
CA LEU C 458 17.48 21.43 25.77
C LEU C 458 17.35 20.18 26.61
N VAL C 459 17.70 19.02 26.05
CA VAL C 459 17.55 17.76 26.78
C VAL C 459 18.60 17.63 27.87
N TYR C 460 19.85 17.96 27.56
CA TYR C 460 20.93 17.72 28.51
C TYR C 460 21.22 18.92 29.40
N GLY C 461 20.43 19.98 29.33
CA GLY C 461 20.37 20.97 30.40
C GLY C 461 21.17 22.24 30.18
N LYS C 462 21.88 22.38 29.05
CA LYS C 462 22.77 23.53 28.88
C LYS C 462 22.00 24.82 28.60
N ALA C 463 20.74 24.72 28.18
CA ALA C 463 19.93 25.91 27.91
C ALA C 463 18.54 25.70 28.50
N ASP C 464 17.77 26.80 28.58
CA ASP C 464 16.46 26.78 29.21
C ASP C 464 15.31 26.99 28.24
N ILE C 465 15.54 27.62 27.09
CA ILE C 465 14.48 27.87 26.10
C ILE C 465 15.15 28.05 24.75
N ALA C 466 14.45 27.68 23.69
CA ALA C 466 14.97 27.77 22.32
C ALA C 466 13.96 28.54 21.47
N ILE C 467 14.33 29.75 21.06
CA ILE C 467 13.51 30.59 20.20
C ILE C 467 14.20 30.60 18.84
N ALA C 468 13.73 29.74 17.95
CA ALA C 468 14.43 29.47 16.69
C ALA C 468 13.44 28.81 15.74
N PRO C 469 13.73 28.82 14.41
CA PRO C 469 12.89 28.05 13.46
C PRO C 469 13.04 26.54 13.65
N LEU C 470 12.33 26.01 14.64
CA LEU C 470 12.42 24.60 14.99
C LEU C 470 11.11 23.93 14.62
N THR C 471 11.18 22.95 13.72
CA THR C 471 9.98 22.35 13.16
C THR C 471 9.36 21.36 14.14
N ILE C 472 8.04 21.42 14.28
CA ILE C 472 7.31 20.52 15.17
C ILE C 472 7.18 19.17 14.48
N THR C 473 7.92 18.19 14.97
CA THR C 473 7.86 16.83 14.46
C THR C 473 7.46 15.86 15.56
N LEU C 474 7.33 14.59 15.19
CA LEU C 474 6.90 13.58 16.16
C LEU C 474 8.05 13.17 17.08
N VAL C 475 9.24 12.94 16.52
CA VAL C 475 10.35 12.41 17.30
C VAL C 475 10.91 13.47 18.24
N ARG C 476 10.69 14.75 17.92
CA ARG C 476 11.10 15.81 18.83
C ARG C 476 10.06 16.04 19.92
N GLU C 477 8.81 15.65 19.66
CA GLU C 477 7.72 15.90 20.60
C GLU C 477 7.85 15.02 21.85
N GLU C 478 8.47 13.85 21.71
CA GLU C 478 8.56 12.93 22.83
C GLU C 478 9.56 13.40 23.88
N VAL C 479 10.62 14.09 23.47
CA VAL C 479 11.69 14.46 24.39
C VAL C 479 11.52 15.86 24.95
N ILE C 480 11.09 16.83 24.15
CA ILE C 480 10.90 18.20 24.63
C ILE C 480 9.46 18.63 24.43
N ASP C 481 9.12 19.85 24.83
CA ASP C 481 7.77 20.36 24.73
C ASP C 481 7.73 21.55 23.77
N PHE C 482 6.77 21.53 22.85
CA PHE C 482 6.57 22.59 21.88
C PHE C 482 5.32 23.39 22.21
N SER C 483 5.38 24.69 21.96
CA SER C 483 4.23 25.56 22.10
C SER C 483 3.36 25.48 20.85
N LYS C 484 2.29 26.29 20.85
CA LYS C 484 1.46 26.42 19.67
C LYS C 484 2.25 27.14 18.57
N PRO C 485 2.00 26.81 17.30
CA PRO C 485 2.84 27.35 16.22
C PRO C 485 2.64 28.85 16.02
N PHE C 486 3.77 29.56 15.84
CA PHE C 486 3.73 30.99 15.53
C PHE C 486 3.94 31.27 14.06
N MET C 487 4.21 30.26 13.24
CA MET C 487 4.40 30.46 11.81
C MET C 487 4.05 29.17 11.08
N SER C 488 3.38 29.31 9.94
CA SER C 488 2.95 28.19 9.12
C SER C 488 3.68 28.23 7.79
N LEU C 489 4.07 27.06 7.28
CA LEU C 489 4.90 26.98 6.09
C LEU C 489 4.63 25.66 5.37
N GLY C 490 5.32 25.48 4.24
CA GLY C 490 5.23 24.26 3.48
C GLY C 490 6.25 24.24 2.37
N ILE C 491 6.13 23.23 1.51
CA ILE C 491 6.99 23.15 0.32
C ILE C 491 6.41 24.04 -0.77
N SER C 492 7.28 24.79 -1.45
CA SER C 492 6.85 25.70 -2.51
C SER C 492 7.77 25.55 -3.71
N ILE C 493 7.45 26.28 -4.78
CA ILE C 493 8.12 26.16 -6.07
C ILE C 493 8.79 27.49 -6.39
N MET C 494 10.05 27.43 -6.83
CA MET C 494 10.80 28.61 -7.26
C MET C 494 11.15 28.47 -8.74
N ILE C 495 10.77 29.46 -9.54
CA ILE C 495 11.13 29.53 -10.95
C ILE C 495 11.71 30.90 -11.25
N LYS C 496 12.38 31.00 -12.40
CA LYS C 496 12.92 32.28 -12.85
C LYS C 496 11.78 33.21 -13.29
N LYS C 497 11.91 34.49 -12.96
CA LYS C 497 10.90 35.47 -13.33
C LYS C 497 10.87 35.68 -14.83
N PRO C 498 9.69 35.70 -15.46
CA PRO C 498 9.62 35.96 -16.90
C PRO C 498 9.97 37.40 -17.23
N GLN C 499 10.83 37.59 -18.21
CA GLN C 499 11.27 38.91 -18.63
C GLN C 499 10.82 39.16 -20.06
N LYS C 500 10.62 40.43 -20.39
CA LYS C 500 10.17 40.81 -21.73
C LYS C 500 11.36 40.91 -22.67
N SER C 501 11.23 40.29 -23.85
CA SER C 501 12.24 40.36 -24.89
C SER C 501 11.72 41.27 -26.00
N LYS C 502 12.53 42.25 -26.39
CA LYS C 502 12.12 43.16 -27.45
C LYS C 502 12.24 42.46 -28.80
N PRO C 503 11.19 42.45 -29.62
CA PRO C 503 11.30 41.86 -30.95
C PRO C 503 12.15 42.73 -31.87
N GLY C 504 12.64 42.11 -32.94
CA GLY C 504 13.35 42.85 -33.95
C GLY C 504 12.45 43.81 -34.70
N VAL C 505 13.08 44.81 -35.32
CA VAL C 505 12.31 45.81 -36.05
C VAL C 505 11.77 45.22 -37.35
N PHE C 506 12.46 44.24 -37.93
CA PHE C 506 11.99 43.56 -39.13
C PHE C 506 11.42 42.19 -38.82
N SER C 507 10.68 42.07 -37.70
CA SER C 507 10.08 40.80 -37.33
C SER C 507 8.81 40.51 -38.15
N PHE C 508 8.31 41.50 -38.88
CA PHE C 508 7.13 41.27 -39.72
C PHE C 508 7.49 40.45 -40.95
N LEU C 509 8.77 40.39 -41.30
CA LEU C 509 9.26 39.62 -42.44
C LEU C 509 9.47 38.14 -42.12
N ASP C 510 9.18 37.72 -40.89
CA ASP C 510 9.40 36.36 -40.40
C ASP C 510 8.48 35.23 -40.89
N PRO C 511 7.17 35.42 -41.18
CA PRO C 511 6.39 34.27 -41.70
C PRO C 511 6.88 33.68 -43.02
N LEU C 512 7.57 34.45 -43.84
CA LEU C 512 8.23 33.92 -45.02
C LEU C 512 9.74 33.93 -44.79
N ALA C 513 10.42 32.95 -45.39
CA ALA C 513 11.86 32.87 -45.27
C ALA C 513 12.52 33.90 -46.19
N TYR C 514 13.78 34.21 -45.90
CA TYR C 514 14.49 35.24 -46.65
C TYR C 514 14.79 34.78 -48.07
N GLU C 515 14.82 33.47 -48.29
CA GLU C 515 15.01 32.92 -49.63
C GLU C 515 13.80 33.20 -50.51
N ILE C 516 12.62 33.31 -49.92
CA ILE C 516 11.42 33.63 -50.69
C ILE C 516 11.40 35.10 -51.07
N TRP C 517 11.81 35.99 -50.13
CA TRP C 517 11.77 37.42 -50.40
C TRP C 517 12.77 37.83 -51.48
N MET C 518 13.85 37.06 -51.63
CA MET C 518 14.78 37.30 -52.74
C MET C 518 14.16 36.91 -54.07
N CYS C 519 13.42 35.79 -54.09
CA CYS C 519 12.89 35.29 -55.36
C CYS C 519 11.68 36.08 -55.83
N ILE C 520 11.02 36.80 -54.92
CA ILE C 520 9.91 37.68 -55.32
C ILE C 520 10.45 38.86 -56.12
N VAL C 521 11.60 39.39 -55.70
CA VAL C 521 12.23 40.51 -56.42
C VAL C 521 12.75 40.04 -57.78
N PHE C 522 13.32 38.83 -57.82
CA PHE C 522 13.79 38.26 -59.09
C PHE C 522 12.63 37.98 -60.03
N ALA C 523 11.49 37.55 -59.50
CA ALA C 523 10.31 37.34 -60.33
C ALA C 523 9.68 38.66 -60.74
N TYR C 524 9.89 39.71 -59.95
CA TYR C 524 9.35 41.02 -60.29
C TYR C 524 10.08 41.62 -61.48
N ILE C 525 11.41 41.53 -61.50
CA ILE C 525 12.20 42.05 -62.61
C ILE C 525 11.95 41.21 -63.86
N GLY C 526 11.82 39.89 -63.70
CA GLY C 526 11.70 39.01 -64.85
C GLY C 526 10.41 39.20 -65.63
N VAL C 527 9.30 39.48 -64.94
CA VAL C 527 8.03 39.67 -65.62
C VAL C 527 8.02 41.00 -66.37
N SER C 528 8.55 42.06 -65.75
CA SER C 528 8.50 43.40 -66.34
C SER C 528 9.38 43.51 -67.58
N VAL C 529 10.49 42.76 -67.61
CA VAL C 529 11.34 42.71 -68.80
C VAL C 529 10.63 41.98 -69.93
N VAL C 530 10.03 40.82 -69.61
CA VAL C 530 9.35 40.01 -70.62
C VAL C 530 8.10 40.72 -71.14
N LEU C 531 7.39 41.45 -70.27
CA LEU C 531 6.18 42.14 -70.68
C LEU C 531 6.50 43.31 -71.61
N PHE C 532 7.65 43.95 -71.41
CA PHE C 532 8.06 45.01 -72.31
C PHE C 532 8.45 44.46 -73.68
N LEU C 533 9.21 43.37 -73.71
CA LEU C 533 9.65 42.78 -74.96
C LEU C 533 8.48 42.23 -75.76
N VAL C 534 7.51 41.61 -75.09
CA VAL C 534 6.43 40.92 -75.79
C VAL C 534 5.40 41.91 -76.29
N SER C 535 5.43 43.15 -75.78
CA SER C 535 4.47 44.17 -76.18
C SER C 535 5.04 45.06 -77.29
N ARG C 536 6.27 45.56 -77.09
CA ARG C 536 6.96 46.38 -78.08
C ARG C 536 7.73 45.51 -79.06
N PHE C 537 7.01 44.94 -80.03
CA PHE C 537 7.64 44.19 -81.09
C PHE C 537 7.86 45.16 -82.25
N SER C 538 8.33 44.65 -83.41
CA SER C 538 8.68 45.55 -84.51
C SER C 538 7.47 46.17 -85.23
N PRO C 539 6.37 45.46 -85.51
CA PRO C 539 5.13 46.18 -85.90
C PRO C 539 4.24 46.59 -84.75
N TYR C 540 4.77 46.62 -83.52
CA TYR C 540 4.04 46.90 -82.27
C TYR C 540 2.89 45.92 -82.07
N SER C 558 -2.96 49.33 -83.13
CA SER C 558 -1.62 49.73 -82.67
C SER C 558 -1.72 50.73 -81.53
N THR C 559 -0.84 51.73 -81.56
CA THR C 559 -0.71 52.78 -80.53
C THR C 559 -0.52 52.16 -79.14
N ASN C 560 0.62 51.49 -78.97
CA ASN C 560 0.91 50.80 -77.72
C ASN C 560 1.55 51.77 -76.73
N GLU C 561 1.41 51.48 -75.43
CA GLU C 561 1.85 52.38 -74.38
C GLU C 561 2.82 51.69 -73.40
N PHE C 562 2.94 50.37 -73.46
CA PHE C 562 3.73 49.61 -72.49
C PHE C 562 5.21 49.82 -72.74
N GLY C 563 5.76 50.89 -72.16
CA GLY C 563 7.19 51.06 -72.02
C GLY C 563 7.70 50.38 -70.77
N ILE C 564 9.00 50.52 -70.53
CA ILE C 564 9.61 49.85 -69.37
C ILE C 564 9.21 50.56 -68.08
N PHE C 565 8.90 51.86 -68.15
CA PHE C 565 8.45 52.56 -66.96
C PHE C 565 6.99 52.25 -66.66
N ASN C 566 6.22 51.96 -67.69
CA ASN C 566 4.85 51.49 -67.49
C ASN C 566 4.81 50.03 -67.05
N SER C 567 5.76 49.23 -67.55
CA SER C 567 5.72 47.79 -67.26
C SER C 567 6.14 47.49 -65.83
N LEU C 568 7.08 48.27 -65.29
CA LEU C 568 7.39 48.15 -63.87
C LEU C 568 6.26 48.68 -63.00
N TRP C 569 5.51 49.67 -63.50
CA TRP C 569 4.41 50.20 -62.72
C TRP C 569 3.19 49.29 -62.77
N PHE C 570 3.00 48.57 -63.87
CA PHE C 570 1.90 47.61 -63.96
C PHE C 570 2.14 46.41 -63.05
N SER C 571 3.38 45.92 -63.00
CA SER C 571 3.69 44.76 -62.18
C SER C 571 3.69 45.10 -60.69
N LEU C 572 3.99 46.36 -60.35
CA LEU C 572 3.96 46.74 -58.94
C LEU C 572 2.52 46.88 -58.45
N GLY C 573 1.63 47.36 -59.30
CA GLY C 573 0.23 47.47 -58.90
C GLY C 573 -0.46 46.12 -58.81
N ALA C 574 -0.03 45.17 -59.64
CA ALA C 574 -0.67 43.85 -59.65
C ALA C 574 -0.30 43.04 -58.42
N PHE C 575 0.92 43.20 -57.92
CA PHE C 575 1.34 42.46 -56.74
C PHE C 575 0.67 42.98 -55.48
N MET C 576 0.48 44.30 -55.39
CA MET C 576 -0.10 44.90 -54.20
C MET C 576 -1.62 44.86 -54.19
N GLN C 577 -2.24 44.35 -55.28
CA GLN C 577 -3.69 44.22 -55.43
C GLN C 577 -4.42 45.56 -55.28
N GLN C 578 -3.81 46.61 -55.82
CA GLN C 578 -4.38 47.96 -55.75
C GLN C 578 -4.90 48.45 -57.09
N GLY C 579 -4.90 47.60 -58.12
CA GLY C 579 -5.41 47.97 -59.42
C GLY C 579 -4.34 48.54 -60.34
N CYS C 580 -4.78 48.97 -61.52
CA CYS C 580 -3.90 49.50 -62.54
C CYS C 580 -4.64 50.53 -63.37
N ASP C 581 -3.89 51.46 -63.95
CA ASP C 581 -4.49 52.47 -64.82
C ASP C 581 -4.84 51.88 -66.18
N ILE C 582 -4.00 50.99 -66.70
CA ILE C 582 -4.14 50.45 -68.04
C ILE C 582 -3.86 48.95 -68.02
N SER C 583 -4.46 48.26 -68.99
CA SER C 583 -4.42 46.82 -69.10
C SER C 583 -3.83 46.42 -70.44
N PRO C 584 -3.23 45.23 -70.55
CA PRO C 584 -2.77 44.75 -71.85
C PRO C 584 -3.94 44.41 -72.78
N ARG C 585 -3.77 44.74 -74.06
CA ARG C 585 -4.80 44.46 -75.06
C ARG C 585 -4.39 43.40 -76.07
N SER C 586 -3.11 43.06 -76.14
CA SER C 586 -2.64 41.99 -77.00
C SER C 586 -2.69 40.67 -76.23
N LEU C 587 -2.86 39.57 -76.98
CA LEU C 587 -3.08 38.26 -76.35
C LEU C 587 -1.84 37.79 -75.60
N SER C 588 -0.65 38.05 -76.14
CA SER C 588 0.58 37.69 -75.44
C SER C 588 0.79 38.61 -74.24
N GLY C 589 0.22 39.81 -74.27
CA GLY C 589 0.25 40.66 -73.09
C GLY C 589 -0.71 40.20 -72.01
N ARG C 590 -1.84 39.61 -72.42
CA ARG C 590 -2.81 39.15 -71.43
C ARG C 590 -2.36 37.85 -70.77
N ILE C 591 -1.56 37.05 -71.48
CA ILE C 591 -1.02 35.82 -70.90
C ILE C 591 -0.03 36.14 -69.79
N VAL C 592 0.88 37.07 -70.05
CA VAL C 592 1.92 37.39 -69.07
C VAL C 592 1.33 38.17 -67.89
N GLY C 593 0.20 38.86 -68.11
CA GLY C 593 -0.49 39.50 -67.02
C GLY C 593 -1.21 38.51 -66.12
N GLY C 594 -1.87 37.52 -66.72
CA GLY C 594 -2.74 36.63 -65.95
C GLY C 594 -1.99 35.66 -65.06
N VAL C 595 -0.80 35.23 -65.49
CA VAL C 595 -0.02 34.30 -64.69
C VAL C 595 0.57 35.01 -63.47
N TRP C 596 0.93 36.28 -63.63
CA TRP C 596 1.42 37.06 -62.50
C TRP C 596 0.31 37.34 -61.49
N TRP C 597 -0.95 37.37 -61.95
CA TRP C 597 -2.07 37.49 -61.03
C TRP C 597 -2.23 36.23 -60.18
N PHE C 598 -1.95 35.07 -60.75
CA PHE C 598 -2.04 33.83 -60.00
C PHE C 598 -0.86 33.68 -59.04
N PHE C 599 0.26 34.31 -59.37
CA PHE C 599 1.42 34.30 -58.46
C PHE C 599 1.13 35.10 -57.20
N THR C 600 0.57 36.31 -57.36
CA THR C 600 0.40 37.19 -56.21
C THR C 600 -0.78 36.76 -55.35
N LEU C 601 -1.64 35.89 -55.86
CA LEU C 601 -2.78 35.42 -55.07
C LEU C 601 -2.33 34.41 -54.02
N ILE C 602 -1.40 33.53 -54.39
CA ILE C 602 -0.96 32.46 -53.48
C ILE C 602 -0.02 33.01 -52.41
N ILE C 603 0.84 33.97 -52.79
CA ILE C 603 1.86 34.47 -51.87
C ILE C 603 1.24 35.30 -50.76
N ILE C 604 0.24 36.12 -51.08
CA ILE C 604 -0.42 36.94 -50.07
C ILE C 604 -1.25 36.06 -49.13
N SER C 605 -1.92 35.06 -49.68
CA SER C 605 -2.71 34.16 -48.85
C SER C 605 -1.83 33.26 -47.99
N SER C 606 -0.60 33.01 -48.43
CA SER C 606 0.34 32.24 -47.61
C SER C 606 0.87 33.10 -46.46
N TYR C 607 0.98 34.41 -46.66
CA TYR C 607 1.51 35.29 -45.62
C TYR C 607 0.50 35.47 -44.49
N THR C 608 -0.77 35.66 -44.84
CA THR C 608 -1.81 35.89 -43.83
C THR C 608 -2.05 34.65 -42.99
N ALA C 609 -2.00 33.47 -43.62
CA ALA C 609 -2.30 32.23 -42.91
C ALA C 609 -1.14 31.82 -42.00
N ASN C 610 0.09 32.03 -42.44
CA ASN C 610 1.23 31.65 -41.62
C ASN C 610 1.42 32.60 -40.45
N LEU C 611 1.04 33.87 -40.64
CA LEU C 611 1.08 34.83 -39.52
C LEU C 611 0.03 34.48 -38.47
N ALA C 612 -1.11 33.95 -38.91
CA ALA C 612 -2.12 33.49 -37.95
C ALA C 612 -1.67 32.23 -37.23
N ALA C 613 -0.77 31.46 -37.85
CA ALA C 613 -0.22 30.29 -37.18
C ALA C 613 0.75 30.69 -36.06
N PHE C 614 1.49 31.79 -36.26
CA PHE C 614 2.44 32.23 -35.23
C PHE C 614 1.72 32.76 -34.00
N LEU C 615 0.69 33.58 -34.20
CA LEU C 615 0.06 34.27 -33.07
C LEU C 615 -0.82 33.32 -32.27
N THR C 616 -1.32 32.26 -32.90
CA THR C 616 -2.17 31.30 -32.19
C THR C 616 -1.34 30.40 -31.29
N VAL C 617 -0.22 29.88 -31.80
CA VAL C 617 0.64 29.00 -31.02
C VAL C 617 1.30 29.77 -29.88
N GLU C 618 1.65 31.04 -30.13
CA GLU C 618 2.21 31.89 -29.08
C GLU C 618 1.17 32.19 -28.00
N ARG C 619 -0.11 32.21 -28.36
CA ARG C 619 -1.16 32.46 -27.37
C ARG C 619 -1.44 31.22 -26.54
N MET C 620 -1.21 30.03 -27.11
CA MET C 620 -1.50 28.80 -26.38
C MET C 620 -0.42 28.46 -25.35
N VAL C 621 0.73 29.14 -25.41
CA VAL C 621 1.79 28.89 -24.44
C VAL C 621 1.36 29.38 -23.06
N SER C 622 1.32 28.46 -22.10
CA SER C 622 0.82 28.75 -20.77
C SER C 622 1.90 28.49 -19.74
N PRO C 623 2.03 29.35 -18.72
CA PRO C 623 3.03 29.14 -17.69
C PRO C 623 2.61 28.08 -16.68
N ILE C 624 3.53 27.78 -15.77
CA ILE C 624 3.29 26.81 -14.70
C ILE C 624 2.74 27.55 -13.49
N GLU C 625 1.65 27.04 -12.91
CA GLU C 625 1.08 27.65 -11.72
C GLU C 625 0.77 26.66 -10.59
N SER C 626 1.16 25.40 -10.72
CA SER C 626 0.91 24.42 -9.68
C SER C 626 1.90 23.28 -9.81
N ALA C 627 1.88 22.38 -8.81
CA ALA C 627 2.72 21.20 -8.87
C ALA C 627 2.16 20.17 -9.84
N GLU C 628 0.85 20.22 -10.10
CA GLU C 628 0.24 19.34 -11.09
C GLU C 628 0.76 19.62 -12.49
N ASP C 629 0.98 20.91 -12.80
CA ASP C 629 1.49 21.27 -14.12
C ASP C 629 2.95 20.88 -14.28
N LEU C 630 3.70 20.81 -13.18
CA LEU C 630 5.06 20.29 -13.25
C LEU C 630 5.08 18.79 -13.53
N SER C 631 4.04 18.08 -13.10
CA SER C 631 4.07 16.61 -13.14
C SER C 631 3.89 16.07 -14.54
N LYS C 632 3.04 16.72 -15.35
CA LYS C 632 2.73 16.22 -16.69
C LYS C 632 3.69 16.72 -17.75
N GLN C 633 4.60 17.62 -17.41
CA GLN C 633 5.33 18.42 -18.38
C GLN C 633 6.83 18.28 -18.14
N THR C 634 7.59 18.02 -19.21
CA THR C 634 8.95 17.51 -19.07
C THR C 634 9.95 18.24 -19.97
N GLU C 635 9.71 19.50 -20.31
CA GLU C 635 10.83 20.25 -20.88
C GLU C 635 11.58 21.03 -19.81
N ILE C 636 10.98 21.18 -18.62
CA ILE C 636 11.62 21.84 -17.48
C ILE C 636 11.92 20.80 -16.41
N ALA C 637 13.17 20.74 -15.99
CA ALA C 637 13.60 19.77 -14.99
C ALA C 637 13.51 20.39 -13.60
N TYR C 638 13.15 19.57 -12.62
CA TYR C 638 12.97 20.02 -11.24
C TYR C 638 13.69 19.09 -10.29
N GLY C 639 14.27 19.66 -9.23
CA GLY C 639 15.00 18.89 -8.25
C GLY C 639 14.94 19.54 -6.88
N THR C 640 15.37 18.77 -5.87
CA THR C 640 15.38 19.21 -4.49
C THR C 640 16.81 19.10 -3.95
N LEU C 641 16.98 19.49 -2.68
CA LEU C 641 18.29 19.38 -2.04
C LEU C 641 18.59 17.91 -1.71
N ASP C 642 19.88 17.59 -1.64
CA ASP C 642 20.31 16.19 -1.67
C ASP C 642 20.01 15.46 -0.35
N SER C 643 19.96 16.20 0.75
CA SER C 643 19.67 15.60 2.05
C SER C 643 18.85 16.55 2.91
N GLY C 644 17.68 16.11 3.32
CA GLY C 644 16.81 16.92 4.14
C GLY C 644 15.42 16.34 4.21
N SER C 645 14.54 17.09 4.88
CA SER C 645 13.15 16.66 5.02
C SER C 645 12.37 16.88 3.73
N THR C 646 12.89 17.72 2.82
CA THR C 646 12.23 17.96 1.55
C THR C 646 12.31 16.73 0.65
N LYS C 647 13.50 16.13 0.57
CA LYS C 647 13.68 14.92 -0.24
C LYS C 647 12.94 13.73 0.36
N GLU C 648 12.93 13.63 1.70
CA GLU C 648 12.27 12.51 2.35
C GLU C 648 10.76 12.59 2.25
N PHE C 649 10.23 13.79 1.96
CA PHE C 649 8.79 13.93 1.76
C PHE C 649 8.33 13.23 0.49
N PHE C 650 9.06 13.40 -0.61
CA PHE C 650 8.66 12.79 -1.88
C PHE C 650 8.95 11.29 -1.90
N ARG C 651 9.89 10.84 -1.07
CA ARG C 651 10.26 9.43 -1.07
C ARG C 651 9.15 8.56 -0.47
N ARG C 652 8.70 8.89 0.74
CA ARG C 652 7.73 8.08 1.44
C ARG C 652 6.28 8.46 1.14
N SER C 653 6.05 9.34 0.18
CA SER C 653 4.69 9.78 -0.11
C SER C 653 3.90 8.71 -0.83
N LYS C 654 2.58 8.77 -0.70
CA LYS C 654 1.67 7.86 -1.39
C LYS C 654 0.62 8.59 -2.23
N ILE C 655 0.74 9.91 -2.36
CA ILE C 655 -0.16 10.66 -3.23
C ILE C 655 0.28 10.46 -4.67
N ALA C 656 -0.71 10.27 -5.56
CA ALA C 656 -0.43 9.87 -6.94
C ALA C 656 0.30 10.97 -7.71
N VAL C 657 0.01 12.24 -7.36
CA VAL C 657 0.76 13.35 -7.94
C VAL C 657 2.21 13.31 -7.50
N PHE C 658 2.44 13.01 -6.21
CA PHE C 658 3.80 13.08 -5.66
C PHE C 658 4.59 11.82 -5.96
N ASP C 659 3.89 10.70 -6.22
CA ASP C 659 4.57 9.47 -6.63
C ASP C 659 5.20 9.62 -8.00
N LYS C 660 4.53 10.33 -8.90
CA LYS C 660 5.05 10.51 -10.25
C LYS C 660 6.22 11.50 -10.27
N MET C 661 6.19 12.48 -9.36
CA MET C 661 7.28 13.45 -9.30
C MET C 661 8.55 12.83 -8.75
N TRP C 662 8.43 11.86 -7.82
CA TRP C 662 9.62 11.20 -7.29
C TRP C 662 10.18 10.20 -8.30
N THR C 663 9.32 9.64 -9.15
CA THR C 663 9.77 8.69 -10.17
C THR C 663 10.66 9.38 -11.19
N TYR C 664 10.32 10.61 -11.58
CA TYR C 664 11.14 11.36 -12.51
C TYR C 664 12.47 11.78 -11.89
N MET C 665 12.44 12.24 -10.64
CA MET C 665 13.66 12.72 -10.01
C MET C 665 14.59 11.58 -9.64
N ARG C 666 14.05 10.37 -9.46
CA ARG C 666 14.90 9.21 -9.24
C ARG C 666 15.69 8.85 -10.50
N SER C 667 15.00 8.65 -11.61
CA SER C 667 15.62 8.25 -12.87
C SER C 667 15.78 9.47 -13.78
N ALA C 668 16.81 10.25 -13.49
CA ALA C 668 17.11 11.43 -14.30
C ALA C 668 18.62 11.59 -14.42
N GLU C 669 19.08 11.84 -15.64
CA GLU C 669 20.49 12.09 -15.91
C GLU C 669 20.59 13.33 -16.78
N PRO C 670 21.36 14.37 -16.37
CA PRO C 670 22.18 14.50 -15.16
C PRO C 670 21.38 14.72 -13.88
N SER C 671 22.08 14.78 -12.74
CA SER C 671 21.42 14.85 -11.44
C SER C 671 20.73 16.18 -11.24
N VAL C 672 19.44 16.13 -10.89
CA VAL C 672 18.68 17.34 -10.61
C VAL C 672 18.91 17.78 -9.17
N PHE C 673 19.42 16.89 -8.33
CA PHE C 673 19.65 17.22 -6.94
C PHE C 673 20.89 18.08 -6.79
N VAL C 674 20.85 19.03 -5.84
CA VAL C 674 21.94 19.95 -5.61
C VAL C 674 22.50 19.75 -4.21
N ARG C 675 23.70 20.27 -3.98
CA ARG C 675 24.39 20.07 -2.71
C ARG C 675 23.87 21.02 -1.64
N THR C 676 23.68 22.30 -1.98
CA THR C 676 23.29 23.30 -1.01
C THR C 676 22.23 24.21 -1.61
N THR C 677 21.67 25.08 -0.76
CA THR C 677 20.62 25.99 -1.19
C THR C 677 21.15 27.06 -2.13
N ALA C 678 22.36 27.57 -1.85
CA ALA C 678 22.95 28.61 -2.70
C ALA C 678 23.28 28.10 -4.09
N GLU C 679 23.63 26.80 -4.20
CA GLU C 679 23.80 26.19 -5.51
C GLU C 679 22.47 26.03 -6.22
N GLY C 680 21.40 25.76 -5.47
CA GLY C 680 20.10 25.57 -6.08
C GLY C 680 19.51 26.85 -6.66
N VAL C 681 19.70 27.97 -5.95
CA VAL C 681 19.25 29.26 -6.47
C VAL C 681 20.13 29.68 -7.65
N ALA C 682 21.40 29.25 -7.65
CA ALA C 682 22.32 29.59 -8.72
C ALA C 682 21.95 28.89 -10.03
N ARG C 683 21.41 27.67 -9.95
CA ARG C 683 21.03 26.96 -11.16
C ARG C 683 19.79 27.57 -11.79
N VAL C 684 18.88 28.10 -10.96
CA VAL C 684 17.64 28.69 -11.47
C VAL C 684 17.92 29.94 -12.28
N ARG C 685 18.88 30.75 -11.84
CA ARG C 685 19.12 32.03 -12.49
C ARG C 685 19.83 31.87 -13.83
N LYS C 686 20.62 30.81 -14.00
CA LYS C 686 21.46 30.66 -15.17
C LYS C 686 20.96 29.64 -16.18
N SER C 687 19.90 28.89 -15.88
CA SER C 687 19.42 27.87 -16.80
C SER C 687 18.35 28.37 -17.77
N LYS C 688 18.10 29.69 -17.78
CA LYS C 688 17.22 30.36 -18.76
C LYS C 688 15.79 29.81 -18.72
N GLY C 689 15.29 29.56 -17.51
CA GLY C 689 13.92 29.11 -17.35
C GLY C 689 13.69 27.64 -17.55
N LYS C 690 14.72 26.80 -17.45
CA LYS C 690 14.60 25.37 -17.63
C LYS C 690 14.67 24.58 -16.34
N TYR C 691 14.93 25.25 -15.21
CA TYR C 691 15.08 24.56 -13.93
C TYR C 691 14.21 25.21 -12.87
N ALA C 692 13.53 24.37 -12.09
CA ALA C 692 12.68 24.82 -10.99
C ALA C 692 13.14 24.14 -9.71
N TYR C 693 13.23 24.91 -8.63
CA TYR C 693 13.78 24.43 -7.37
C TYR C 693 12.70 24.37 -6.31
N LEU C 694 12.66 23.25 -5.59
CA LEU C 694 11.65 23.00 -4.57
C LEU C 694 12.24 23.21 -3.19
N LEU C 695 11.75 24.22 -2.47
CA LEU C 695 12.30 24.56 -1.17
C LEU C 695 11.16 24.96 -0.24
N GLU C 696 11.54 25.40 0.97
CA GLU C 696 10.57 25.80 1.98
C GLU C 696 9.88 27.09 1.58
N SER C 697 8.74 27.38 2.22
CA SER C 697 7.92 28.52 1.83
C SER C 697 8.55 29.84 2.27
N THR C 698 9.14 29.87 3.48
CA THR C 698 9.62 31.13 4.03
C THR C 698 10.93 31.57 3.39
N MET C 699 11.79 30.60 3.02
CA MET C 699 13.00 30.95 2.28
C MET C 699 12.68 31.40 0.86
N ASN C 700 11.59 30.89 0.29
CA ASN C 700 11.22 31.28 -1.07
C ASN C 700 10.76 32.73 -1.12
N GLU C 701 10.14 33.21 -0.04
CA GLU C 701 9.67 34.59 -0.01
C GLU C 701 10.81 35.56 0.28
N TYR C 702 11.86 35.10 0.98
CA TYR C 702 12.96 35.99 1.34
C TYR C 702 13.92 36.19 0.17
N ILE C 703 14.21 35.10 -0.57
CA ILE C 703 15.13 35.19 -1.71
C ILE C 703 14.48 35.99 -2.85
N GLU C 704 13.15 35.93 -2.94
CA GLU C 704 12.42 36.68 -3.96
C GLU C 704 12.54 38.19 -3.74
N GLN C 705 12.68 38.62 -2.48
CA GLN C 705 12.75 40.03 -2.13
C GLN C 705 14.17 40.57 -2.05
N ARG C 706 15.12 39.98 -2.77
CA ARG C 706 16.50 40.44 -2.77
C ARG C 706 16.98 40.63 -4.20
N LYS C 707 17.99 41.49 -4.35
CA LYS C 707 18.57 41.73 -5.66
C LYS C 707 19.35 40.49 -6.12
N PRO C 708 19.39 40.20 -7.44
CA PRO C 708 18.93 40.95 -8.61
C PRO C 708 17.45 40.89 -8.96
N CYS C 709 16.59 40.41 -8.05
CA CYS C 709 15.12 40.42 -8.20
C CYS C 709 14.66 39.65 -9.44
N ASP C 710 15.14 38.41 -9.59
CA ASP C 710 14.90 37.65 -10.80
C ASP C 710 14.30 36.26 -10.54
N THR C 711 13.72 36.04 -9.36
CA THR C 711 13.04 34.80 -9.05
C THR C 711 11.62 35.10 -8.60
N MET C 712 10.74 34.09 -8.74
CA MET C 712 9.32 34.28 -8.46
C MET C 712 8.76 33.00 -7.86
N LYS C 713 7.81 33.16 -6.93
CA LYS C 713 7.14 32.07 -6.26
C LYS C 713 5.78 31.82 -6.93
N VAL C 714 5.54 30.56 -7.31
CA VAL C 714 4.31 30.17 -8.00
C VAL C 714 3.62 29.08 -7.18
N GLY C 715 2.30 29.02 -7.27
CA GLY C 715 1.55 27.93 -6.70
C GLY C 715 1.19 28.14 -5.25
N GLY C 716 0.89 27.01 -4.60
CA GLY C 716 0.55 26.99 -3.20
C GLY C 716 1.40 26.02 -2.43
N ASN C 717 1.22 25.97 -1.10
CA ASN C 717 2.00 25.07 -0.27
C ASN C 717 1.56 23.64 -0.50
N LEU C 718 2.53 22.73 -0.59
CA LEU C 718 2.22 21.32 -0.83
C LEU C 718 1.81 20.62 0.46
N ASP C 719 2.50 20.90 1.57
CA ASP C 719 2.17 20.33 2.86
C ASP C 719 2.07 21.44 3.90
N SER C 720 1.76 21.05 5.13
CA SER C 720 1.59 21.99 6.23
C SER C 720 2.52 21.61 7.37
N LYS C 721 3.31 22.58 7.83
CA LYS C 721 4.22 22.40 8.96
C LYS C 721 4.11 23.62 9.86
N GLY C 722 4.88 23.62 10.94
CA GLY C 722 4.85 24.72 11.88
C GLY C 722 6.20 24.91 12.55
N TYR C 723 6.38 26.11 13.10
CA TYR C 723 7.53 26.45 13.92
C TYR C 723 7.06 26.74 15.34
N GLY C 724 7.78 26.23 16.33
CA GLY C 724 7.33 26.34 17.71
C GLY C 724 8.46 26.72 18.64
N ILE C 725 8.07 27.35 19.76
CA ILE C 725 9.01 27.64 20.83
C ILE C 725 9.15 26.40 21.70
N ALA C 726 10.39 26.02 22.00
CA ALA C 726 10.67 24.75 22.66
C ALA C 726 11.30 24.97 24.01
N THR C 727 10.77 24.28 25.02
CA THR C 727 11.27 24.25 26.38
C THR C 727 11.48 22.79 26.79
N PRO C 728 12.39 22.54 27.73
CA PRO C 728 12.56 21.16 28.22
C PRO C 728 11.34 20.67 28.98
N LYS C 729 11.23 19.34 29.08
CA LYS C 729 10.05 18.72 29.67
C LYS C 729 10.02 18.93 31.17
N GLY C 730 8.85 19.26 31.69
CA GLY C 730 8.69 19.52 33.11
C GLY C 730 9.35 20.80 33.58
N SER C 731 9.11 21.90 32.88
CA SER C 731 9.66 23.19 33.24
C SER C 731 8.53 24.17 33.57
N SER C 732 8.82 25.14 34.44
CA SER C 732 7.82 26.12 34.83
C SER C 732 7.53 27.11 33.70
N LEU C 733 8.45 27.23 32.74
CA LEU C 733 8.27 28.17 31.64
C LEU C 733 7.30 27.64 30.58
N GLY C 734 6.79 26.43 30.73
CA GLY C 734 6.01 25.81 29.68
C GLY C 734 4.66 26.48 29.45
N THR C 735 3.91 26.70 30.52
CA THR C 735 2.59 27.31 30.38
C THR C 735 2.56 28.84 30.15
N PRO C 736 3.44 29.69 30.73
CA PRO C 736 3.36 31.12 30.37
C PRO C 736 3.79 31.43 28.94
N VAL C 737 4.73 30.68 28.37
CA VAL C 737 5.15 30.91 26.99
C VAL C 737 4.02 30.52 26.03
N ASN C 738 3.27 29.48 26.36
CA ASN C 738 2.16 29.04 25.50
C ASN C 738 1.04 30.08 25.47
N LEU C 739 0.76 30.72 26.60
CA LEU C 739 -0.25 31.77 26.61
C LEU C 739 0.30 33.06 25.99
N ALA C 740 1.62 33.22 25.97
CA ALA C 740 2.21 34.42 25.39
C ALA C 740 2.12 34.39 23.87
N VAL C 741 2.33 33.22 23.26
CA VAL C 741 2.29 33.12 21.80
C VAL C 741 0.87 33.29 21.28
N LEU C 742 -0.11 32.75 22.01
CA LEU C 742 -1.51 32.91 21.61
C LEU C 742 -1.98 34.35 21.79
N LYS C 743 -1.36 35.09 22.70
CA LYS C 743 -1.71 36.51 22.84
C LYS C 743 -1.05 37.34 21.74
N LEU C 744 0.20 37.03 21.39
CA LEU C 744 0.87 37.77 20.34
C LEU C 744 0.29 37.46 18.96
N SER C 745 -0.32 36.28 18.81
CA SER C 745 -0.92 35.92 17.53
C SER C 745 -2.22 36.68 17.29
N GLU C 746 -3.03 36.85 18.33
CA GLU C 746 -4.35 37.47 18.16
C GLU C 746 -4.30 38.99 18.11
N GLN C 747 -3.21 39.61 18.58
CA GLN C 747 -3.05 41.05 18.48
C GLN C 747 -2.32 41.47 17.21
N GLY C 748 -1.99 40.53 16.33
CA GLY C 748 -1.32 40.83 15.10
C GLY C 748 0.13 41.25 15.23
N VAL C 749 0.75 41.02 16.39
CA VAL C 749 2.14 41.42 16.56
C VAL C 749 3.08 40.49 15.79
N LEU C 750 2.67 39.23 15.62
CA LEU C 750 3.42 38.32 14.75
C LEU C 750 3.27 38.71 13.30
N ASP C 751 2.09 39.18 12.91
CA ASP C 751 1.89 39.68 11.56
C ASP C 751 2.63 41.00 11.33
N LYS C 752 2.79 41.79 12.40
CA LYS C 752 3.49 43.07 12.28
C LYS C 752 4.98 42.87 12.08
N LEU C 753 5.56 41.90 12.80
CA LEU C 753 7.00 41.62 12.67
C LEU C 753 7.31 40.98 11.32
N LYS C 754 6.39 40.16 10.80
CA LYS C 754 6.64 39.47 9.53
C LYS C 754 6.64 40.44 8.36
N ASN C 755 5.78 41.47 8.41
CA ASN C 755 5.73 42.46 7.34
C ASN C 755 6.98 43.33 7.34
N LYS C 756 7.58 43.55 8.51
CA LYS C 756 8.68 44.50 8.61
C LYS C 756 9.99 43.86 8.15
N TRP C 757 10.24 42.61 8.54
CA TRP C 757 11.53 41.97 8.25
C TRP C 757 11.60 41.43 6.82
N TRP C 758 10.48 40.90 6.31
CA TRP C 758 10.48 40.35 4.95
C TRP C 758 10.34 41.44 3.90
N TYR C 759 9.44 42.41 4.10
CA TYR C 759 9.11 43.34 3.03
C TYR C 759 9.78 44.70 3.19
N ASP C 760 9.79 45.26 4.42
CA ASP C 760 10.29 46.62 4.58
C ASP C 760 11.81 46.70 4.46
N LYS C 761 12.51 45.62 4.79
CA LYS C 761 13.93 45.52 4.45
C LYS C 761 14.16 44.89 3.08
N GLY C 762 13.16 44.91 2.22
CA GLY C 762 13.27 44.28 0.92
C GLY C 762 13.91 45.20 -0.09
N GLU C 763 14.81 44.64 -0.90
CA GLU C 763 15.46 45.43 -1.95
C GLU C 763 14.58 45.53 -3.19
N CYS C 764 13.79 44.51 -3.48
CA CYS C 764 12.85 44.52 -4.61
C CYS C 764 11.64 45.35 -4.19
N GLY C 765 11.77 46.67 -4.29
CA GLY C 765 10.77 47.57 -3.74
C GLY C 765 9.48 47.64 -4.52
N ALA C 766 8.37 47.22 -3.87
CA ALA C 766 7.02 47.18 -4.45
C ALA C 766 6.98 46.39 -5.75
N LYS C 767 7.64 45.23 -5.75
CA LYS C 767 7.75 44.41 -6.94
C LYS C 767 6.42 43.75 -7.29
N ASP C 768 5.53 43.60 -6.30
CA ASP C 768 4.26 42.93 -6.53
C ASP C 768 3.33 43.71 -7.47
N SER C 769 3.54 45.03 -7.58
CA SER C 769 2.72 45.84 -8.46
C SER C 769 3.02 45.55 -9.93
N GLY C 770 4.26 45.20 -10.25
CA GLY C 770 4.62 44.97 -11.64
C GLY C 770 4.07 43.67 -12.20
N SER C 771 3.68 42.75 -11.32
CA SER C 771 3.21 41.43 -11.78
C SER C 771 1.77 41.49 -12.28
N LYS C 772 1.08 42.62 -12.07
CA LYS C 772 -0.35 42.68 -12.37
C LYS C 772 -0.61 42.78 -13.87
N GLU C 773 0.17 43.62 -14.58
CA GLU C 773 -0.19 44.03 -15.93
C GLU C 773 0.05 42.91 -16.94
N LYS C 774 -0.94 42.69 -17.80
CA LYS C 774 -0.87 41.65 -18.83
C LYS C 774 -1.91 41.97 -19.90
N THR C 775 -1.46 42.07 -21.15
CA THR C 775 -2.37 42.27 -22.27
C THR C 775 -1.75 41.65 -23.51
N SER C 776 -2.59 41.37 -24.50
CA SER C 776 -2.16 40.69 -25.72
C SER C 776 -2.76 41.40 -26.92
N ALA C 777 -1.92 42.17 -27.63
CA ALA C 777 -2.29 42.84 -28.86
C ALA C 777 -1.00 43.22 -29.58
N LEU C 778 -1.13 43.58 -30.85
CA LEU C 778 0.02 44.12 -31.57
C LEU C 778 0.36 45.51 -31.06
N SER C 779 1.65 45.77 -30.93
CA SER C 779 2.17 47.05 -30.49
C SER C 779 3.04 47.66 -31.58
N LEU C 780 3.65 48.81 -31.24
CA LEU C 780 4.55 49.45 -32.20
C LEU C 780 5.84 48.67 -32.39
N SER C 781 6.26 47.89 -31.39
CA SER C 781 7.52 47.16 -31.49
C SER C 781 7.44 46.03 -32.52
N ASN C 782 6.24 45.49 -32.73
CA ASN C 782 6.09 44.40 -33.70
C ASN C 782 6.16 44.93 -35.13
N VAL C 783 5.56 46.08 -35.38
CA VAL C 783 5.41 46.62 -36.73
C VAL C 783 6.24 47.89 -36.94
N ALA C 784 7.37 48.01 -36.25
CA ALA C 784 8.17 49.24 -36.34
C ALA C 784 8.89 49.37 -37.67
N GLY C 785 9.28 48.25 -38.28
CA GLY C 785 10.06 48.33 -39.50
C GLY C 785 9.27 48.76 -40.71
N VAL C 786 7.94 48.60 -40.65
CA VAL C 786 7.10 49.04 -41.76
C VAL C 786 7.04 50.56 -41.82
N PHE C 787 7.02 51.21 -40.65
CA PHE C 787 7.07 52.67 -40.60
C PHE C 787 8.44 53.19 -41.05
N TYR C 788 9.50 52.44 -40.79
CA TYR C 788 10.84 52.89 -41.18
C TYR C 788 11.02 52.82 -42.69
N ILE C 789 10.35 51.88 -43.36
CA ILE C 789 10.34 51.85 -44.81
C ILE C 789 9.50 52.99 -45.35
N LEU C 790 8.43 53.36 -44.64
CA LEU C 790 7.54 54.43 -45.07
C LEU C 790 8.23 55.79 -45.05
N VAL C 791 9.00 56.06 -43.99
CA VAL C 791 9.75 57.30 -43.91
C VAL C 791 10.89 57.31 -44.90
N GLY C 792 11.58 56.17 -45.05
CA GLY C 792 12.65 56.06 -46.02
C GLY C 792 12.16 56.12 -47.45
N GLY C 793 10.90 55.71 -47.68
CA GLY C 793 10.32 55.84 -49.00
C GLY C 793 10.01 57.28 -49.36
N LEU C 794 9.51 58.05 -48.38
CA LEU C 794 9.18 59.45 -48.64
C LEU C 794 10.44 60.29 -48.78
N GLY C 795 11.51 59.94 -48.06
CA GLY C 795 12.74 60.70 -48.14
C GLY C 795 13.43 60.53 -49.49
N LEU C 796 13.37 59.33 -50.07
CA LEU C 796 13.96 59.10 -51.38
C LEU C 796 13.17 59.81 -52.47
N ALA C 797 11.84 59.92 -52.28
CA ALA C 797 11.01 60.62 -53.26
C ALA C 797 11.28 62.12 -53.26
N MET C 798 11.63 62.67 -52.10
CA MET C 798 12.06 64.07 -52.03
C MET C 798 13.36 64.29 -52.80
N LEU C 799 14.30 63.37 -52.65
CA LEU C 799 15.62 63.54 -53.28
C LEU C 799 15.55 63.39 -54.79
N VAL C 800 14.68 62.50 -55.28
CA VAL C 800 14.56 62.31 -56.73
C VAL C 800 13.86 63.51 -57.37
N ALA C 801 12.86 64.06 -56.69
CA ALA C 801 12.11 65.20 -57.22
C ALA C 801 12.97 66.45 -57.33
N LEU C 802 13.99 66.57 -56.45
CA LEU C 802 14.85 67.74 -56.49
C LEU C 802 15.87 67.64 -57.62
N ILE C 803 16.47 66.46 -57.80
CA ILE C 803 17.56 66.33 -58.77
C ILE C 803 17.02 66.31 -60.20
N GLU C 804 15.81 65.78 -60.39
CA GLU C 804 15.19 65.81 -61.71
C GLU C 804 14.75 67.22 -62.08
N PHE C 805 14.36 68.02 -61.09
CA PHE C 805 13.96 69.40 -61.34
C PHE C 805 15.15 70.26 -61.79
N CYS C 806 16.31 70.03 -61.17
CA CYS C 806 17.52 70.72 -61.59
C CYS C 806 18.00 70.22 -62.94
N TYR C 807 17.70 68.96 -63.26
CA TYR C 807 18.11 68.39 -64.54
C TYR C 807 17.25 68.93 -65.68
N LYS C 808 15.95 69.11 -65.44
CA LYS C 808 15.08 69.62 -66.50
C LYS C 808 15.30 71.11 -66.74
N SER C 809 15.67 71.85 -65.69
CA SER C 809 15.93 73.28 -65.84
C SER C 809 17.18 73.53 -66.65
N ARG C 810 18.19 72.67 -66.52
CA ARG C 810 19.41 72.81 -67.30
C ARG C 810 19.18 72.39 -68.75
N ALA C 811 18.33 71.37 -68.96
CA ALA C 811 18.08 70.87 -70.30
C ALA C 811 17.28 71.87 -71.14
N GLU C 812 16.37 72.60 -70.49
CA GLU C 812 15.65 73.66 -71.19
C GLU C 812 16.58 74.82 -71.53
N ALA C 813 17.46 75.19 -70.61
CA ALA C 813 18.42 76.26 -70.83
C ALA C 813 19.65 75.73 -71.56
N ALA C 822 23.79 61.74 -82.49
CA ALA C 822 23.71 60.38 -82.00
C ALA C 822 24.49 60.21 -80.70
N CYS C 823 24.39 61.21 -79.83
CA CYS C 823 25.02 61.13 -78.51
C CYS C 823 24.34 60.08 -77.63
N GLY C 824 23.01 59.99 -77.73
CA GLY C 824 22.31 58.95 -77.00
C GLY C 824 22.55 57.57 -77.58
N ARG C 825 22.70 57.48 -78.90
CA ARG C 825 22.97 56.20 -79.55
C ARG C 825 24.38 55.71 -79.24
N LYS C 826 25.32 56.65 -79.07
CA LYS C 826 26.69 56.27 -78.72
C LYS C 826 26.77 55.77 -77.28
N ALA C 827 26.12 56.46 -76.35
CA ALA C 827 26.18 56.09 -74.95
C ALA C 827 25.44 54.79 -74.68
N LEU C 828 24.36 54.53 -75.43
CA LEU C 828 23.62 53.28 -75.27
C LEU C 828 24.44 52.10 -75.80
N THR C 829 25.29 52.35 -76.80
CA THR C 829 26.15 51.30 -77.33
C THR C 829 27.24 50.93 -76.32
N LEU C 830 27.85 51.94 -75.69
CA LEU C 830 28.96 51.68 -74.78
C LEU C 830 28.48 51.09 -73.46
N LEU C 831 27.34 51.55 -72.95
CA LEU C 831 26.82 51.03 -71.68
C LEU C 831 26.34 49.59 -71.82
N SER C 832 25.83 49.23 -72.99
CA SER C 832 25.44 47.84 -73.23
C SER C 832 26.65 46.92 -73.29
N SER C 833 27.79 47.45 -73.79
CA SER C 833 28.99 46.63 -73.92
C SER C 833 29.65 46.37 -72.57
N VAL C 834 29.71 47.38 -71.71
CA VAL C 834 30.39 47.25 -70.42
C VAL C 834 29.63 46.29 -69.51
N PHE C 835 28.29 46.34 -69.57
CA PHE C 835 27.47 45.43 -68.76
C PHE C 835 27.61 44.00 -69.24
N ALA C 836 27.77 43.79 -70.55
CA ALA C 836 27.89 42.44 -71.09
C ALA C 836 29.23 41.81 -70.76
N VAL C 837 30.32 42.59 -70.87
CA VAL C 837 31.65 42.10 -70.49
C VAL C 837 31.71 41.80 -69.00
N CYS C 838 31.11 42.67 -68.18
CA CYS C 838 30.99 42.39 -66.75
C CYS C 838 30.06 41.21 -66.51
N GLY C 839 29.05 41.03 -67.37
CA GLY C 839 28.11 39.93 -67.18
C GLY C 839 28.71 38.57 -67.48
N LEU C 840 29.53 38.49 -68.53
CA LEU C 840 30.18 37.22 -68.87
C LEU C 840 31.27 36.87 -67.88
N GLY C 841 32.00 37.88 -67.39
CA GLY C 841 33.12 37.60 -66.50
C GLY C 841 32.70 37.18 -65.11
N LEU C 842 31.56 37.70 -64.63
CA LEU C 842 31.10 37.43 -63.27
C LEU C 842 30.60 35.99 -63.12
N LEU C 843 29.94 35.45 -64.16
CA LEU C 843 29.49 34.07 -64.08
C LEU C 843 30.66 33.09 -64.27
N GLY C 844 31.63 33.47 -65.10
CA GLY C 844 32.76 32.58 -65.37
C GLY C 844 33.65 32.37 -64.17
N ILE C 845 33.79 33.41 -63.33
CA ILE C 845 34.46 33.24 -62.04
C ILE C 845 33.64 32.34 -61.13
N ALA C 846 32.30 32.46 -61.21
CA ALA C 846 31.43 31.75 -60.28
C ALA C 846 31.39 30.25 -60.56
N VAL C 847 31.28 29.88 -61.84
CA VAL C 847 31.19 28.47 -62.21
C VAL C 847 32.52 27.77 -62.00
N SER C 848 33.63 28.47 -62.22
CA SER C 848 34.96 27.87 -62.07
C SER C 848 35.30 27.66 -60.60
N THR C 849 35.08 28.68 -59.76
CA THR C 849 35.40 28.55 -58.34
C THR C 849 34.39 27.65 -57.62
N ASP C 850 34.74 27.31 -56.39
CA ASP C 850 33.96 26.35 -55.60
C ASP C 850 33.54 26.87 -54.23
N TYR C 851 33.37 28.19 -54.09
CA TYR C 851 32.89 28.76 -52.83
C TYR C 851 31.41 29.10 -52.93
N TRP C 852 30.58 28.05 -52.86
CA TRP C 852 29.14 28.16 -53.00
C TRP C 852 28.39 27.97 -51.69
N LEU C 853 28.67 26.89 -50.97
CA LEU C 853 27.92 26.52 -49.78
C LEU C 853 28.87 26.24 -48.62
N TYR C 854 28.54 26.78 -47.45
CA TYR C 854 29.28 26.54 -46.22
C TYR C 854 28.41 25.71 -45.28
N LEU C 855 28.85 24.52 -44.94
CA LEU C 855 28.11 23.63 -44.05
C LEU C 855 28.93 23.36 -42.80
N GLU C 856 28.29 23.48 -41.64
CA GLU C 856 28.93 23.21 -40.36
C GLU C 856 28.05 22.28 -39.53
N GLU C 857 28.68 21.27 -38.94
CA GLU C 857 28.01 20.33 -38.05
C GLU C 857 28.81 20.22 -36.76
N GLY C 858 28.11 20.21 -35.62
CA GLY C 858 28.79 20.17 -34.35
C GLY C 858 27.88 19.66 -33.25
N ILE C 859 28.50 19.36 -32.11
CA ILE C 859 27.81 18.86 -30.93
C ILE C 859 28.06 19.82 -29.77
N ILE C 860 27.00 20.10 -28.99
CA ILE C 860 27.12 21.07 -27.91
C ILE C 860 27.70 20.39 -26.67
N LEU C 861 28.13 21.21 -25.71
CA LEU C 861 28.49 20.75 -24.39
C LEU C 861 27.48 21.29 -23.39
N PRO C 862 26.67 20.44 -22.75
CA PRO C 862 25.62 20.95 -21.87
C PRO C 862 26.18 21.47 -20.56
N GLN C 863 25.44 22.40 -19.95
CA GLN C 863 25.65 23.05 -18.66
C GLN C 863 26.89 23.95 -18.64
N ASN C 864 27.53 24.20 -19.78
CA ASN C 864 28.70 25.07 -19.83
C ASN C 864 28.53 26.24 -20.80
N GLN C 865 27.47 26.22 -21.62
CA GLN C 865 27.20 27.20 -22.68
C GLN C 865 28.39 27.29 -23.64
N SER C 866 28.77 26.15 -24.22
CA SER C 866 29.87 26.07 -25.15
C SER C 866 29.53 25.06 -26.24
N THR C 867 30.02 25.32 -27.45
CA THR C 867 29.81 24.45 -28.59
C THR C 867 31.16 24.05 -29.18
N GLU C 868 31.25 22.81 -29.62
CA GLU C 868 32.45 22.26 -30.24
C GLU C 868 32.09 21.64 -31.58
N VAL C 869 32.73 22.12 -32.65
CA VAL C 869 32.45 21.59 -33.99
C VAL C 869 33.06 20.21 -34.14
N LYS C 870 32.50 19.43 -35.06
CA LYS C 870 33.09 18.15 -35.43
C LYS C 870 33.59 18.13 -36.88
N MET C 871 32.98 18.94 -37.75
CA MET C 871 33.31 18.94 -39.16
C MET C 871 32.90 20.29 -39.75
N SER C 872 33.65 20.73 -40.76
CA SER C 872 33.34 21.94 -41.52
C SER C 872 33.93 21.81 -42.91
N LEU C 873 33.23 22.36 -43.90
CA LEU C 873 33.66 22.26 -45.29
C LEU C 873 32.99 23.35 -46.11
N HIS C 874 33.57 23.61 -47.27
CA HIS C 874 32.95 24.43 -48.31
C HIS C 874 32.89 23.61 -49.60
N SER C 875 31.84 23.81 -50.38
CA SER C 875 31.62 23.01 -51.58
C SER C 875 31.25 23.88 -52.78
N GLY C 876 31.46 23.30 -53.96
CA GLY C 876 31.09 23.92 -55.22
C GLY C 876 30.33 22.94 -56.09
N LEU C 877 30.23 23.25 -57.39
CA LEU C 877 29.47 22.37 -58.30
C LEU C 877 30.23 21.08 -58.59
N TRP C 878 31.56 21.11 -58.50
CA TRP C 878 32.35 19.91 -58.77
C TRP C 878 33.44 19.61 -57.75
N ARG C 879 33.84 20.57 -56.93
CA ARG C 879 35.00 20.41 -56.07
C ARG C 879 34.65 20.74 -54.62
N VAL C 880 35.10 19.88 -53.72
CA VAL C 880 34.86 20.02 -52.28
C VAL C 880 36.21 20.08 -51.59
N CYS C 881 36.41 21.09 -50.76
CA CYS C 881 37.62 21.20 -49.94
C CYS C 881 37.22 21.41 -48.49
N PHE C 882 37.80 20.62 -47.59
CA PHE C 882 37.43 20.62 -46.18
C PHE C 882 38.18 21.76 -45.49
N LEU C 883 37.43 22.67 -44.85
CA LEU C 883 38.06 23.70 -44.05
C LEU C 883 38.54 23.16 -42.72
N ALA C 884 37.75 22.28 -42.10
CA ALA C 884 38.11 21.66 -40.83
C ALA C 884 37.88 20.15 -40.81
N GLY C 885 37.63 19.54 -41.98
CA GLY C 885 37.52 18.10 -42.05
C GLY C 885 38.90 17.48 -41.90
N GLU C 886 39.08 16.64 -40.87
CA GLU C 886 40.35 16.07 -40.43
C GLU C 886 41.37 17.16 -40.08
N GLU C 887 40.87 18.33 -39.66
CA GLU C 887 41.59 19.61 -39.48
C GLU C 887 42.63 19.87 -40.56
N ARG C 888 42.25 19.63 -41.81
CA ARG C 888 43.17 19.57 -42.92
C ARG C 888 42.47 20.11 -44.17
N GLY C 889 43.24 20.82 -45.00
CA GLY C 889 42.79 21.38 -46.26
C GLY C 889 42.70 20.42 -47.42
N ARG C 890 42.31 19.18 -47.16
CA ARG C 890 42.23 18.14 -48.19
C ARG C 890 41.05 18.43 -49.13
N CYS C 891 41.22 18.08 -50.40
CA CYS C 891 40.25 18.38 -51.44
C CYS C 891 39.91 17.11 -52.22
N PHE C 892 38.62 16.75 -52.24
CA PHE C 892 38.10 15.66 -53.05
C PHE C 892 37.03 16.18 -54.00
N THR C 893 36.90 15.55 -55.16
CA THR C 893 35.75 15.82 -56.01
C THR C 893 34.52 15.13 -55.44
N ILE C 894 33.35 15.53 -55.95
CA ILE C 894 32.07 14.96 -55.50
C ILE C 894 31.98 13.49 -55.88
N GLU C 895 32.61 13.12 -57.02
CA GLU C 895 32.62 11.72 -57.44
C GLU C 895 33.41 10.84 -56.48
N TYR C 896 34.45 11.38 -55.85
CA TYR C 896 35.22 10.65 -54.84
C TYR C 896 34.53 10.82 -53.50
N VAL C 897 33.50 10.00 -53.28
CA VAL C 897 32.75 10.04 -52.03
C VAL C 897 33.56 9.41 -50.90
N MET C 898 33.32 9.91 -49.68
CA MET C 898 33.97 9.53 -48.40
C MET C 898 35.46 9.19 -48.46
N GLU C 907 26.72 10.23 -45.08
CA GLU C 907 25.46 10.58 -44.43
C GLU C 907 24.75 11.75 -45.14
N SER C 908 24.15 12.66 -44.35
CA SER C 908 23.38 13.76 -44.92
C SER C 908 24.27 14.73 -45.69
N THR C 909 25.53 14.87 -45.27
CA THR C 909 26.46 15.74 -45.98
C THR C 909 26.78 15.20 -47.37
N VAL C 910 26.77 13.88 -47.53
CA VAL C 910 26.89 13.28 -48.86
C VAL C 910 25.65 13.57 -49.68
N ASN C 911 24.48 13.51 -49.06
CA ASN C 911 23.22 13.66 -49.77
C ASN C 911 23.01 15.09 -50.23
N VAL C 912 23.54 16.05 -49.49
CA VAL C 912 23.56 17.45 -49.95
C VAL C 912 24.46 17.58 -51.19
N LEU C 913 25.59 16.87 -51.19
CA LEU C 913 26.56 17.00 -52.27
C LEU C 913 26.03 16.41 -53.58
N LYS C 914 25.18 15.39 -53.48
CA LYS C 914 24.58 14.81 -54.69
C LYS C 914 23.57 15.76 -55.31
N MET C 915 22.89 16.55 -54.49
CA MET C 915 21.89 17.49 -55.01
C MET C 915 22.55 18.70 -55.67
N ILE C 916 23.74 19.08 -55.20
CA ILE C 916 24.49 20.16 -55.84
C ILE C 916 24.95 19.73 -57.23
N ARG C 917 25.34 18.45 -57.36
CA ARG C 917 25.67 17.89 -58.67
C ARG C 917 24.42 17.77 -59.55
N SER C 918 23.25 17.62 -58.92
CA SER C 918 22.01 17.47 -59.67
C SER C 918 21.61 18.79 -60.34
N ALA C 919 21.85 19.92 -59.69
CA ALA C 919 21.45 21.23 -60.18
C ALA C 919 22.48 21.87 -61.13
N THR C 920 23.44 21.08 -61.61
CA THR C 920 24.52 21.50 -62.49
C THR C 920 24.13 22.19 -63.82
N PRO C 921 23.20 21.63 -64.69
CA PRO C 921 23.15 22.09 -66.10
C PRO C 921 22.73 23.53 -66.35
N PHE C 922 21.80 24.05 -65.56
CA PHE C 922 21.18 25.35 -65.85
C PHE C 922 22.10 26.56 -65.81
N PRO C 923 23.11 26.67 -64.92
CA PRO C 923 24.12 27.74 -65.15
C PRO C 923 24.96 27.55 -66.40
N LEU C 924 25.19 26.31 -66.84
CA LEU C 924 25.95 26.09 -68.06
C LEU C 924 25.16 26.50 -69.30
N VAL C 925 23.83 26.36 -69.24
CA VAL C 925 22.98 26.80 -70.34
C VAL C 925 22.98 28.33 -70.44
N SER C 926 23.02 29.00 -69.28
CA SER C 926 22.97 30.46 -69.24
C SER C 926 24.25 31.08 -69.79
N LEU C 927 25.40 30.46 -69.52
CA LEU C 927 26.67 30.96 -70.04
C LEU C 927 26.77 30.75 -71.55
N PHE C 928 26.15 29.68 -72.05
CA PHE C 928 26.20 29.38 -73.48
C PHE C 928 25.37 30.39 -74.28
N PHE C 929 24.27 30.88 -73.70
CA PHE C 929 23.40 31.79 -74.44
C PHE C 929 23.91 33.23 -74.40
N MET C 930 24.63 33.60 -73.33
CA MET C 930 25.26 34.92 -73.32
C MET C 930 26.42 35.00 -74.31
N PHE C 931 27.14 33.89 -74.50
CA PHE C 931 28.28 33.88 -75.39
C PHE C 931 27.86 34.04 -76.85
N ILE C 932 26.69 33.49 -77.21
CA ILE C 932 26.13 33.76 -78.53
C ILE C 932 25.64 35.20 -78.61
N GLY C 933 25.03 35.70 -77.53
CA GLY C 933 24.55 37.06 -77.52
C GLY C 933 25.66 38.09 -77.51
N PHE C 934 26.83 37.71 -76.96
CA PHE C 934 27.97 38.62 -76.95
C PHE C 934 28.59 38.76 -78.35
N ILE C 935 28.63 37.67 -79.11
CA ILE C 935 29.24 37.71 -80.44
C ILE C 935 28.39 38.52 -81.41
N LEU C 936 27.07 38.30 -81.39
CA LEU C 936 26.19 39.02 -82.30
C LEU C 936 26.06 40.49 -81.91
N SER C 937 26.35 40.83 -80.65
CA SER C 937 26.34 42.22 -80.23
C SER C 937 27.53 42.99 -80.80
N ASN C 938 28.72 42.38 -80.79
CA ASN C 938 29.92 43.07 -81.23
C ASN C 938 29.98 43.19 -82.76
N ILE C 939 29.52 42.16 -83.48
CA ILE C 939 29.55 42.24 -84.94
C ILE C 939 28.48 43.19 -85.45
N GLY C 940 27.44 43.42 -84.64
CA GLY C 940 26.51 44.50 -84.95
C GLY C 940 27.12 45.86 -84.74
N HIS C 941 28.09 45.95 -83.83
CA HIS C 941 28.79 47.22 -83.63
C HIS C 941 29.81 47.47 -84.74
N ILE C 942 30.36 46.39 -85.31
CA ILE C 942 31.27 46.53 -86.44
C ILE C 942 30.51 47.01 -87.68
N ARG C 943 29.37 46.39 -87.97
CA ARG C 943 28.56 46.73 -89.14
C ARG C 943 27.23 47.31 -88.69
N PRO C 944 27.06 48.64 -88.70
CA PRO C 944 25.77 49.24 -88.30
C PRO C 944 24.61 48.90 -89.22
N HIS C 945 24.89 48.54 -90.48
CA HIS C 945 23.83 48.07 -91.37
C HIS C 945 23.38 46.67 -90.96
N ARG C 946 22.26 46.22 -91.56
CA ARG C 946 21.57 44.98 -91.23
C ARG C 946 21.18 44.96 -89.75
N THR C 947 20.20 45.79 -89.39
CA THR C 947 19.91 46.15 -88.00
C THR C 947 19.35 45.00 -87.14
N ILE C 948 19.24 43.78 -87.67
CA ILE C 948 18.59 42.70 -86.94
C ILE C 948 19.52 42.08 -85.88
N LEU C 949 20.80 42.47 -85.86
CA LEU C 949 21.75 41.80 -84.98
C LEU C 949 21.56 42.20 -83.52
N ALA C 950 21.13 43.44 -83.27
CA ALA C 950 20.93 43.89 -81.91
C ALA C 950 19.69 43.27 -81.28
N PHE C 951 18.64 43.04 -82.08
CA PHE C 951 17.39 42.53 -81.53
C PHE C 951 17.50 41.06 -81.16
N VAL C 952 18.18 40.26 -81.98
CA VAL C 952 18.33 38.84 -81.70
C VAL C 952 19.24 38.63 -80.49
N SER C 953 20.26 39.49 -80.35
CA SER C 953 21.18 39.41 -79.21
C SER C 953 20.48 39.77 -77.91
N GLY C 954 19.44 40.61 -77.99
CA GLY C 954 18.65 40.92 -76.80
C GLY C 954 17.86 39.73 -76.30
N ILE C 955 17.43 38.86 -77.21
CA ILE C 955 16.65 37.69 -76.82
C ILE C 955 17.54 36.67 -76.10
N PHE C 956 18.80 36.52 -76.55
CA PHE C 956 19.72 35.59 -75.90
C PHE C 956 20.09 36.05 -74.50
N PHE C 957 20.08 37.37 -74.25
CA PHE C 957 20.37 37.86 -72.91
C PHE C 957 19.20 37.60 -71.97
N ILE C 958 17.97 37.75 -72.46
CA ILE C 958 16.79 37.55 -71.61
C ILE C 958 16.59 36.07 -71.30
N LEU C 959 16.82 35.21 -72.30
CA LEU C 959 16.71 33.77 -72.08
C LEU C 959 17.85 33.25 -71.20
N SER C 960 18.94 34.01 -71.11
CA SER C 960 20.03 33.64 -70.21
C SER C 960 19.63 33.82 -68.75
N GLY C 961 19.01 34.96 -68.43
CA GLY C 961 18.64 35.23 -67.06
C GLY C 961 17.52 34.35 -66.56
N LEU C 962 16.56 34.04 -67.43
CA LEU C 962 15.46 33.14 -67.05
C LEU C 962 15.96 31.73 -66.81
N SER C 963 16.98 31.31 -67.55
CA SER C 963 17.61 30.01 -67.28
C SER C 963 18.38 30.05 -65.98
N LEU C 964 18.87 31.22 -65.58
CA LEU C 964 19.65 31.32 -64.35
C LEU C 964 18.74 31.31 -63.12
N VAL C 965 17.50 31.80 -63.27
CA VAL C 965 16.56 31.82 -62.15
C VAL C 965 16.13 30.41 -61.78
N VAL C 966 15.69 29.62 -62.77
CA VAL C 966 15.27 28.25 -62.53
C VAL C 966 16.46 27.37 -62.12
N GLY C 967 17.68 27.82 -62.44
CA GLY C 967 18.85 27.20 -61.84
C GLY C 967 18.95 27.47 -60.35
N LEU C 968 18.71 28.72 -59.93
CA LEU C 968 18.84 29.06 -58.52
C LEU C 968 17.67 28.53 -57.70
N VAL C 969 16.46 28.53 -58.29
CA VAL C 969 15.28 28.04 -57.58
C VAL C 969 15.39 26.54 -57.32
N LEU C 970 15.86 25.79 -58.32
CA LEU C 970 16.05 24.35 -58.14
C LEU C 970 17.20 24.06 -57.21
N TYR C 971 18.20 24.96 -57.18
CA TYR C 971 19.34 24.78 -56.29
C TYR C 971 18.95 24.97 -54.83
N ILE C 972 18.23 26.05 -54.53
CA ILE C 972 17.90 26.38 -53.14
C ILE C 972 16.86 25.40 -52.58
N SER C 973 15.94 24.95 -53.44
CA SER C 973 14.96 23.94 -53.04
C SER C 973 15.63 22.61 -52.73
N SER C 974 16.63 22.23 -53.53
CA SER C 974 17.32 20.96 -53.32
C SER C 974 18.20 21.00 -52.07
N ILE C 975 18.60 22.20 -51.64
CA ILE C 975 19.37 22.30 -50.40
C ILE C 975 18.44 22.25 -49.19
N ASN C 976 17.28 22.91 -49.27
CA ASN C 976 16.42 23.11 -48.09
C ASN C 976 15.80 21.80 -47.61
N ASP C 977 15.37 20.93 -48.52
CA ASP C 977 14.72 19.69 -48.11
C ASP C 977 15.73 18.70 -47.55
N GLU C 978 17.02 18.86 -47.85
CA GLU C 978 18.02 17.94 -47.32
C GLU C 978 18.34 18.26 -45.86
N MET C 979 18.12 19.50 -45.42
CA MET C 979 18.15 19.77 -44.00
C MET C 979 16.90 19.25 -43.30
N LEU C 980 15.84 18.98 -44.06
CA LEU C 980 14.54 18.73 -43.46
C LEU C 980 14.39 17.27 -43.03
N ASN C 981 15.00 16.33 -43.78
CA ASN C 981 14.74 14.92 -43.56
C ASN C 981 15.49 14.38 -42.34
N ARG C 982 16.57 15.07 -41.93
CA ARG C 982 17.41 14.55 -40.86
C ARG C 982 16.69 14.59 -39.51
N THR C 983 16.99 13.61 -38.67
CA THR C 983 16.34 13.51 -37.37
C THR C 983 16.96 14.51 -36.39
N LYS C 984 16.09 15.19 -35.65
CA LYS C 984 16.50 16.25 -34.73
C LYS C 984 17.00 15.65 -33.43
N ASP C 985 18.02 16.28 -32.85
CA ASP C 985 18.62 15.87 -31.58
C ASP C 985 18.84 17.10 -30.73
N ALA C 986 18.75 16.91 -29.41
CA ALA C 986 18.92 18.03 -28.49
C ALA C 986 20.37 18.48 -28.40
N GLU C 987 21.30 17.58 -28.67
CA GLU C 987 22.72 17.85 -28.45
C GLU C 987 23.46 18.21 -29.75
N THR C 988 22.78 18.16 -30.89
CA THR C 988 23.42 18.39 -32.18
C THR C 988 22.86 19.66 -32.81
N TYR C 989 23.74 20.50 -33.35
CA TYR C 989 23.35 21.67 -34.12
C TYR C 989 23.91 21.55 -35.53
N PHE C 990 23.11 21.97 -36.51
CA PHE C 990 23.50 21.93 -37.92
C PHE C 990 23.22 23.30 -38.53
N ASN C 991 24.16 23.80 -39.32
CA ASN C 991 24.06 25.14 -39.88
C ASN C 991 24.43 25.11 -41.37
N TYR C 992 24.06 26.18 -42.07
CA TYR C 992 24.38 26.34 -43.48
C TYR C 992 24.53 27.82 -43.80
N LYS C 993 25.24 28.10 -44.88
CA LYS C 993 25.57 29.47 -45.27
C LYS C 993 26.00 29.47 -46.73
N TYR C 994 25.70 30.57 -47.43
CA TYR C 994 26.05 30.72 -48.83
C TYR C 994 27.44 31.31 -48.99
N GLY C 995 27.90 31.37 -50.25
CA GLY C 995 29.24 31.83 -50.55
C GLY C 995 29.21 32.99 -51.54
N TRP C 996 30.40 33.53 -51.80
CA TRP C 996 30.52 34.69 -52.67
C TRP C 996 30.32 34.34 -54.14
N SER C 997 30.44 33.06 -54.53
CA SER C 997 30.14 32.66 -55.90
C SER C 997 28.64 32.72 -56.16
N PHE C 998 27.83 32.45 -55.13
CA PHE C 998 26.39 32.61 -55.24
C PHE C 998 26.00 34.08 -55.38
N ALA C 999 26.76 34.97 -54.75
CA ALA C 999 26.50 36.40 -54.87
C ALA C 999 26.84 36.91 -56.27
N PHE C 1000 27.88 36.35 -56.89
CA PHE C 1000 28.27 36.79 -58.23
C PHE C 1000 27.27 36.35 -59.28
N ALA C 1001 26.66 35.18 -59.10
CA ALA C 1001 25.64 34.71 -60.05
C ALA C 1001 24.38 35.55 -59.97
N ALA C 1002 24.05 36.05 -58.77
CA ALA C 1002 22.89 36.93 -58.63
C ALA C 1002 23.13 38.28 -59.29
N ILE C 1003 24.36 38.80 -59.15
CA ILE C 1003 24.73 40.04 -59.84
C ILE C 1003 24.76 39.82 -61.34
N SER C 1004 25.18 38.63 -61.78
CA SER C 1004 25.22 38.29 -63.20
C SER C 1004 23.83 38.26 -63.82
N PHE C 1005 22.81 38.00 -63.00
CA PHE C 1005 21.43 38.06 -63.49
C PHE C 1005 21.03 39.49 -63.83
N LEU C 1006 21.36 40.45 -62.96
CA LEU C 1006 20.83 41.80 -63.09
C LEU C 1006 21.46 42.54 -64.27
N LEU C 1007 22.76 42.33 -64.51
CA LEU C 1007 23.43 42.99 -65.62
C LEU C 1007 23.04 42.38 -66.96
N THR C 1008 22.77 41.08 -66.98
CA THR C 1008 22.37 40.42 -68.22
C THR C 1008 20.97 40.85 -68.65
N GLU C 1009 20.06 40.98 -67.68
CA GLU C 1009 18.71 41.46 -67.98
C GLU C 1009 18.72 42.92 -68.42
N SER C 1010 19.62 43.72 -67.84
CA SER C 1010 19.69 45.14 -68.19
C SER C 1010 20.26 45.35 -69.59
N ALA C 1011 21.28 44.56 -69.96
CA ALA C 1011 21.84 44.66 -71.30
C ALA C 1011 20.87 44.14 -72.35
N GLY C 1012 20.04 43.17 -71.97
CA GLY C 1012 19.01 42.68 -72.88
C GLY C 1012 17.92 43.71 -73.13
N VAL C 1013 17.65 44.56 -72.14
CA VAL C 1013 16.68 45.63 -72.33
C VAL C 1013 17.27 46.73 -73.20
N MET C 1014 18.53 47.10 -72.95
CA MET C 1014 19.16 48.21 -73.66
C MET C 1014 19.43 47.87 -75.12
N SER C 1015 19.57 46.57 -75.43
CA SER C 1015 19.78 46.16 -76.82
C SER C 1015 18.53 46.36 -77.65
N VAL C 1016 17.35 46.29 -77.03
CA VAL C 1016 16.10 46.52 -77.75
C VAL C 1016 15.95 48.00 -78.12
N TYR C 1017 16.38 48.88 -77.21
CA TYR C 1017 16.32 50.32 -77.50
C TYR C 1017 17.32 50.72 -78.58
N LEU C 1018 18.47 50.05 -78.62
CA LEU C 1018 19.44 50.32 -79.69
C LEU C 1018 18.91 49.80 -81.02
N PHE C 1019 18.08 48.76 -80.98
CA PHE C 1019 17.41 48.29 -82.20
C PHE C 1019 16.39 49.30 -82.69
N MET C 1020 15.57 49.85 -81.78
CA MET C 1020 14.48 50.72 -82.19
C MET C 1020 14.99 52.08 -82.64
N LYS C 1021 16.02 52.61 -81.98
CA LYS C 1021 16.56 53.92 -82.35
C LYS C 1021 17.30 53.85 -83.68
N ARG C 1022 17.95 52.73 -83.97
CA ARG C 1022 18.65 52.59 -85.24
C ARG C 1022 17.67 52.36 -86.39
N TYR C 1023 16.63 51.56 -86.15
CA TYR C 1023 15.62 51.30 -87.18
C TYR C 1023 14.80 52.54 -87.50
N THR C 1024 14.62 53.42 -86.51
CA THR C 1024 13.94 54.70 -86.77
C THR C 1024 14.83 55.61 -87.60
N ALA C 1025 16.14 55.60 -87.34
CA ALA C 1025 17.07 56.45 -88.09
C ALA C 1025 17.23 55.97 -89.53
N GLU C 1026 17.09 54.67 -89.76
CA GLU C 1026 17.18 54.13 -91.12
C GLU C 1026 15.89 54.40 -91.89
N ASN D 1 57.51 -41.40 59.88
CA ASN D 1 57.18 -40.00 60.15
C ASN D 1 55.65 -39.87 60.19
N SER D 2 55.15 -39.03 61.11
CA SER D 2 53.72 -38.75 61.21
C SER D 2 53.53 -37.24 61.28
N ILE D 3 52.78 -36.69 60.34
CA ILE D 3 52.51 -35.26 60.25
C ILE D 3 51.08 -35.03 60.74
N GLN D 4 50.92 -34.12 61.69
CA GLN D 4 49.65 -33.91 62.37
C GLN D 4 49.01 -32.61 61.88
N ILE D 5 47.83 -32.73 61.27
CA ILE D 5 47.11 -31.59 60.72
C ILE D 5 45.74 -31.49 61.38
N GLY D 6 44.99 -30.48 61.00
CA GLY D 6 43.68 -30.21 61.59
C GLY D 6 42.58 -30.16 60.55
N GLY D 7 41.34 -30.39 60.99
CA GLY D 7 40.20 -30.34 60.12
C GLY D 7 39.00 -29.62 60.71
N LEU D 8 38.38 -28.76 59.93
CA LEU D 8 37.18 -28.02 60.34
C LEU D 8 36.07 -28.28 59.33
N PHE D 9 35.03 -29.00 59.77
CA PHE D 9 33.96 -29.40 58.87
C PHE D 9 32.62 -28.87 59.36
N PRO D 10 31.73 -28.45 58.44
CA PRO D 10 30.42 -27.97 58.86
C PRO D 10 29.50 -29.11 59.27
N ARG D 11 28.36 -28.72 59.83
CA ARG D 11 27.31 -29.68 60.14
C ARG D 11 26.62 -30.12 58.86
N GLY D 12 26.62 -31.43 58.62
CA GLY D 12 25.94 -31.98 57.46
C GLY D 12 26.77 -32.04 56.19
N ALA D 13 28.09 -32.02 56.29
CA ALA D 13 28.97 -32.17 55.14
C ALA D 13 29.31 -33.65 54.91
N ASP D 14 28.28 -34.45 54.61
CA ASP D 14 28.42 -35.90 54.60
C ASP D 14 29.24 -36.39 53.42
N GLN D 15 28.98 -35.85 52.23
CA GLN D 15 29.70 -36.33 51.04
C GLN D 15 31.14 -35.82 51.03
N GLU D 16 31.37 -34.62 51.55
CA GLU D 16 32.72 -34.09 51.60
C GLU D 16 33.56 -34.81 52.65
N TYR D 17 32.93 -35.25 53.74
CA TYR D 17 33.64 -36.02 54.75
C TYR D 17 34.01 -37.41 54.23
N SER D 18 33.15 -37.99 53.39
CA SER D 18 33.44 -39.30 52.83
C SER D 18 34.58 -39.23 51.82
N ALA D 19 34.59 -38.20 50.97
CA ALA D 19 35.65 -38.06 49.97
C ALA D 19 36.98 -37.68 50.63
N PHE D 20 36.92 -37.12 51.83
CA PHE D 20 38.14 -36.86 52.60
C PHE D 20 38.78 -38.16 53.05
N ARG D 21 37.97 -39.11 53.54
CA ARG D 21 38.51 -40.38 54.03
C ARG D 21 39.01 -41.26 52.89
N VAL D 22 38.34 -41.21 51.73
CA VAL D 22 38.79 -41.98 50.57
C VAL D 22 40.12 -41.46 50.06
N GLY D 23 40.31 -40.14 50.11
CA GLY D 23 41.58 -39.57 49.68
C GLY D 23 42.72 -39.88 50.64
N MET D 24 42.39 -40.16 51.91
CA MET D 24 43.41 -40.56 52.88
C MET D 24 43.96 -41.95 52.56
N VAL D 25 43.07 -42.89 52.20
CA VAL D 25 43.48 -44.27 51.98
C VAL D 25 44.28 -44.41 50.69
N GLN D 26 43.81 -43.78 49.60
CA GLN D 26 44.46 -43.95 48.31
C GLN D 26 45.80 -43.22 48.23
N PHE D 27 45.86 -41.99 48.76
CA PHE D 27 47.10 -41.22 48.72
C PHE D 27 48.00 -41.49 49.92
N SER D 28 47.72 -42.56 50.68
CA SER D 28 48.62 -42.95 51.76
C SER D 28 49.89 -43.56 51.17
N THR D 29 51.03 -43.20 51.76
CA THR D 29 52.31 -43.76 51.39
C THR D 29 52.97 -44.36 52.63
N SER D 30 53.89 -45.30 52.40
CA SER D 30 54.53 -45.99 53.52
C SER D 30 55.55 -45.10 54.22
N GLU D 31 55.98 -44.03 53.55
CA GLU D 31 57.02 -43.16 54.11
C GLU D 31 56.46 -42.31 55.27
N PHE D 32 55.26 -41.76 55.11
CA PHE D 32 54.69 -40.88 56.13
C PHE D 32 53.16 -40.94 56.06
N ARG D 33 52.53 -40.48 57.14
CA ARG D 33 51.08 -40.50 57.28
C ARG D 33 50.59 -39.14 57.78
N LEU D 34 49.27 -38.95 57.71
CA LEU D 34 48.62 -37.71 58.13
C LEU D 34 47.58 -38.02 59.21
N THR D 35 47.58 -37.21 60.28
CA THR D 35 46.61 -37.37 61.36
C THR D 35 45.52 -36.33 61.22
N PRO D 36 44.25 -36.73 61.08
CA PRO D 36 43.19 -35.75 60.72
C PRO D 36 42.82 -34.76 61.82
N HIS D 37 42.48 -35.23 63.02
CA HIS D 37 41.97 -34.40 64.14
C HIS D 37 40.78 -33.54 63.72
N ILE D 38 39.67 -34.20 63.37
CA ILE D 38 38.54 -33.54 62.74
C ILE D 38 37.58 -32.99 63.79
N ASP D 39 37.13 -31.75 63.57
CA ASP D 39 36.15 -31.08 64.43
C ASP D 39 34.96 -30.67 63.58
N ASN D 40 33.81 -30.50 64.24
CA ASN D 40 32.57 -30.09 63.60
C ASN D 40 32.03 -28.84 64.26
N LEU D 41 31.51 -27.91 63.44
CA LEU D 41 31.13 -26.60 63.93
C LEU D 41 30.05 -25.99 63.04
N GLU D 42 29.46 -24.91 63.54
CA GLU D 42 28.56 -24.06 62.75
C GLU D 42 29.40 -22.99 62.06
N VAL D 43 29.33 -22.94 60.73
CA VAL D 43 30.28 -22.14 59.97
C VAL D 43 29.89 -20.65 60.00
N ALA D 44 28.61 -20.37 60.25
CA ALA D 44 28.15 -18.98 60.22
C ALA D 44 28.48 -18.23 61.50
N ASN D 45 28.77 -18.94 62.58
CA ASN D 45 29.01 -18.32 63.89
C ASN D 45 30.50 -18.01 64.01
N SER D 46 30.82 -16.72 64.22
CA SER D 46 32.23 -16.34 64.33
C SER D 46 32.80 -16.71 65.70
N PHE D 47 31.93 -16.88 66.70
CA PHE D 47 32.40 -17.32 68.01
C PHE D 47 32.87 -18.77 67.97
N ALA D 48 32.15 -19.63 67.25
CA ALA D 48 32.48 -21.05 67.21
C ALA D 48 33.75 -21.30 66.40
N VAL D 49 33.95 -20.51 65.33
CA VAL D 49 35.17 -20.64 64.52
C VAL D 49 36.39 -20.19 65.33
N THR D 50 36.21 -19.19 66.18
CA THR D 50 37.31 -18.66 66.98
C THR D 50 37.77 -19.68 68.03
N ASN D 51 36.82 -20.39 68.65
CA ASN D 51 37.16 -21.45 69.59
C ASN D 51 37.82 -22.63 68.89
N ALA D 52 37.37 -22.94 67.67
CA ALA D 52 37.92 -24.08 66.95
C ALA D 52 39.35 -23.82 66.49
N PHE D 53 39.67 -22.57 66.14
CA PHE D 53 41.01 -22.26 65.69
C PHE D 53 42.00 -22.26 66.85
N CYS D 54 41.62 -21.65 67.99
CA CYS D 54 42.54 -21.54 69.11
C CYS D 54 42.71 -22.87 69.84
N SER D 55 41.75 -23.78 69.69
CA SER D 55 41.92 -25.12 70.25
C SER D 55 43.01 -25.88 69.51
N GLN D 56 42.95 -25.90 68.17
CA GLN D 56 43.90 -26.68 67.40
C GLN D 56 45.27 -26.02 67.36
N PHE D 57 45.33 -24.71 67.63
CA PHE D 57 46.62 -24.05 67.77
C PHE D 57 47.31 -24.47 69.06
N SER D 58 46.55 -24.83 70.08
CA SER D 58 47.13 -25.26 71.34
C SER D 58 47.76 -26.65 71.23
N ARG D 59 47.12 -27.56 70.48
CA ARG D 59 47.71 -28.88 70.26
C ARG D 59 48.94 -28.81 69.37
N GLY D 60 48.97 -27.88 68.42
CA GLY D 60 50.10 -27.75 67.54
C GLY D 60 49.88 -28.48 66.23
N VAL D 61 49.56 -27.75 65.18
CA VAL D 61 49.25 -28.33 63.87
C VAL D 61 50.14 -27.66 62.83
N TYR D 62 50.42 -28.40 61.74
CA TYR D 62 51.23 -27.86 60.67
C TYR D 62 50.39 -27.15 59.62
N ALA D 63 49.18 -27.66 59.39
CA ALA D 63 48.26 -27.03 58.44
C ALA D 63 46.83 -27.34 58.89
N ILE D 64 45.89 -26.55 58.38
CA ILE D 64 44.47 -26.66 58.72
C ILE D 64 43.66 -26.70 57.45
N PHE D 65 42.77 -27.68 57.33
CA PHE D 65 41.83 -27.79 56.23
C PHE D 65 40.44 -27.44 56.74
N GLY D 66 39.69 -26.64 55.98
CA GLY D 66 38.40 -26.24 56.46
C GLY D 66 37.56 -25.55 55.40
N PHE D 67 36.32 -25.25 55.78
CA PHE D 67 35.41 -24.45 54.98
C PHE D 67 35.13 -23.14 55.72
N TYR D 68 34.79 -22.10 54.96
CA TYR D 68 34.32 -20.86 55.56
C TYR D 68 33.10 -20.34 54.81
N ASP D 69 32.52 -19.28 55.35
CA ASP D 69 31.35 -18.62 54.80
C ASP D 69 31.65 -17.13 54.69
N LYS D 70 30.68 -16.35 54.19
CA LYS D 70 30.85 -14.90 54.12
C LYS D 70 30.90 -14.28 55.51
N LYS D 71 30.15 -14.85 56.45
CA LYS D 71 30.07 -14.31 57.81
C LYS D 71 31.33 -14.58 58.64
N SER D 72 32.26 -15.40 58.16
CA SER D 72 33.45 -15.75 58.92
C SER D 72 34.72 -15.78 58.07
N VAL D 73 34.71 -15.20 56.88
CA VAL D 73 35.91 -15.16 56.04
C VAL D 73 36.96 -14.24 56.66
N ASN D 74 36.52 -13.19 57.36
CA ASN D 74 37.45 -12.22 57.91
C ASN D 74 38.12 -12.75 59.17
N THR D 75 37.46 -13.66 59.88
CA THR D 75 38.06 -14.28 61.06
C THR D 75 39.19 -15.22 60.67
N ILE D 76 39.04 -15.92 59.54
CA ILE D 76 40.04 -16.88 59.09
C ILE D 76 41.29 -16.17 58.60
N THR D 77 41.14 -15.21 57.69
CA THR D 77 42.30 -14.60 57.04
C THR D 77 43.08 -13.70 57.99
N SER D 78 42.44 -13.23 59.05
CA SER D 78 43.15 -12.40 60.03
C SER D 78 43.98 -13.27 60.98
N PHE D 79 43.42 -14.40 61.41
CA PHE D 79 44.16 -15.30 62.29
C PHE D 79 45.32 -15.97 61.56
N CYS D 80 45.08 -16.43 60.33
CA CYS D 80 46.11 -17.13 59.58
C CYS D 80 47.22 -16.19 59.13
N GLY D 81 46.87 -14.94 58.82
CA GLY D 81 47.88 -13.98 58.43
C GLY D 81 48.76 -13.55 59.58
N THR D 82 48.19 -13.47 60.79
CA THR D 82 48.95 -13.05 61.95
C THR D 82 49.78 -14.18 62.54
N LEU D 83 49.14 -15.32 62.82
CA LEU D 83 49.79 -16.42 63.52
C LEU D 83 50.51 -17.38 62.61
N HIS D 84 50.58 -17.08 61.30
CA HIS D 84 51.46 -17.75 60.33
C HIS D 84 51.14 -19.24 60.17
N VAL D 85 49.85 -19.56 60.20
CA VAL D 85 49.37 -20.94 60.00
C VAL D 85 48.67 -21.00 58.65
N SER D 86 49.11 -21.93 57.80
CA SER D 86 48.54 -22.05 56.47
C SER D 86 47.14 -22.65 56.53
N PHE D 87 46.35 -22.38 55.49
CA PHE D 87 44.94 -22.76 55.44
C PHE D 87 44.56 -23.11 54.02
N ILE D 88 44.10 -24.35 53.81
CA ILE D 88 43.70 -24.85 52.50
C ILE D 88 42.20 -25.05 52.51
N THR D 89 41.51 -24.52 51.50
CA THR D 89 40.05 -24.52 51.50
C THR D 89 39.48 -24.69 50.10
N PRO D 90 38.36 -25.39 49.96
CA PRO D 90 37.61 -25.43 48.71
C PRO D 90 36.50 -24.38 48.57
N SER D 91 36.43 -23.39 49.46
CA SER D 91 35.33 -22.43 49.44
C SER D 91 35.55 -21.37 48.36
N PHE D 92 34.76 -20.31 48.42
CA PHE D 92 34.82 -19.27 47.40
C PHE D 92 36.11 -18.46 47.54
N PRO D 93 36.69 -17.98 46.44
CA PRO D 93 37.94 -17.21 46.54
C PRO D 93 37.72 -15.86 47.18
N THR D 94 38.68 -15.46 48.02
CA THR D 94 38.62 -14.17 48.68
C THR D 94 38.94 -13.05 47.69
N ASP D 95 38.56 -11.83 48.07
CA ASP D 95 38.80 -10.65 47.26
C ASP D 95 40.01 -9.90 47.82
N GLY D 96 41.10 -9.91 47.07
CA GLY D 96 42.33 -9.28 47.47
C GLY D 96 43.47 -10.26 47.43
N THR D 97 44.54 -9.95 48.17
CA THR D 97 45.72 -10.78 48.26
C THR D 97 45.97 -11.11 49.74
N HIS D 98 45.31 -12.15 50.21
CA HIS D 98 45.50 -12.57 51.60
C HIS D 98 46.61 -13.62 51.67
N PRO D 99 47.59 -13.46 52.54
CA PRO D 99 48.61 -14.49 52.70
C PRO D 99 48.07 -15.69 53.47
N PHE D 100 48.82 -16.80 53.38
CA PHE D 100 48.63 -18.02 54.17
C PHE D 100 47.29 -18.72 53.91
N VAL D 101 46.62 -18.40 52.81
CA VAL D 101 45.34 -19.01 52.44
C VAL D 101 45.46 -19.58 51.04
N ILE D 102 45.12 -20.85 50.88
CA ILE D 102 45.17 -21.55 49.61
C ILE D 102 43.74 -21.77 49.13
N GLN D 103 43.39 -21.24 47.97
CA GLN D 103 42.08 -21.42 47.38
C GLN D 103 42.13 -22.56 46.39
N MET D 104 41.29 -23.57 46.59
CA MET D 104 41.22 -24.71 45.69
C MET D 104 40.10 -24.60 44.67
N ARG D 105 39.28 -23.55 44.73
CA ARG D 105 38.19 -23.37 43.79
C ARG D 105 38.61 -22.42 42.68
N PRO D 106 38.43 -22.77 41.41
CA PRO D 106 38.79 -21.84 40.33
C PRO D 106 37.83 -20.66 40.27
N ASP D 107 38.30 -19.56 39.68
CA ASP D 107 37.47 -18.37 39.56
C ASP D 107 36.45 -18.58 38.44
N LEU D 108 35.37 -17.80 38.48
CA LEU D 108 34.26 -17.97 37.57
C LEU D 108 33.90 -16.72 36.78
N LYS D 109 34.33 -15.54 37.23
CA LYS D 109 33.82 -14.28 36.69
C LYS D 109 34.29 -14.03 35.27
N GLY D 110 35.45 -14.57 34.91
CA GLY D 110 35.93 -14.42 33.53
C GLY D 110 35.19 -15.32 32.57
N ALA D 111 34.83 -16.53 33.02
CA ALA D 111 34.11 -17.46 32.16
C ALA D 111 32.67 -17.01 31.96
N LEU D 112 32.06 -16.40 32.98
CA LEU D 112 30.66 -16.01 32.89
C LEU D 112 30.48 -14.82 31.95
N LEU D 113 31.45 -13.88 31.95
CA LEU D 113 31.34 -12.73 31.07
C LEU D 113 31.53 -13.12 29.62
N SER D 114 32.47 -14.03 29.34
CA SER D 114 32.79 -14.39 27.96
C SER D 114 31.66 -15.17 27.30
N LEU D 115 30.88 -15.91 28.10
CA LEU D 115 29.74 -16.65 27.56
C LEU D 115 28.65 -15.70 27.09
N ILE D 116 28.53 -14.54 27.73
CA ILE D 116 27.44 -13.62 27.42
C ILE D 116 27.68 -12.95 26.06
N GLU D 117 28.94 -12.58 25.76
CA GLU D 117 29.22 -11.99 24.44
C GLU D 117 29.15 -13.03 23.34
N TYR D 118 29.26 -14.31 23.69
CA TYR D 118 29.12 -15.36 22.68
C TYR D 118 27.68 -15.47 22.21
N TYR D 119 26.72 -15.48 23.15
CA TYR D 119 25.30 -15.46 22.78
C TYR D 119 24.83 -14.09 22.36
N GLN D 120 25.66 -13.04 22.54
CA GLN D 120 25.41 -11.66 22.13
C GLN D 120 24.15 -11.09 22.76
N TRP D 121 24.13 -10.97 24.08
CA TRP D 121 23.00 -10.43 24.81
C TRP D 121 23.21 -8.95 25.06
N ASP D 122 22.15 -8.17 24.94
CA ASP D 122 22.17 -6.75 25.31
C ASP D 122 21.30 -6.45 26.53
N LYS D 123 20.24 -7.22 26.74
CA LYS D 123 19.34 -7.02 27.87
C LYS D 123 18.99 -8.37 28.48
N PHE D 124 19.12 -8.48 29.80
CA PHE D 124 18.83 -9.72 30.51
C PHE D 124 18.52 -9.40 31.97
N ALA D 125 18.21 -10.45 32.72
CA ALA D 125 17.97 -10.37 34.16
C ALA D 125 19.02 -11.18 34.89
N TYR D 126 19.23 -10.85 36.16
CA TYR D 126 20.24 -11.50 36.98
C TYR D 126 19.70 -11.74 38.38
N LEU D 127 19.51 -13.01 38.74
CA LEU D 127 19.02 -13.39 40.05
C LEU D 127 20.19 -13.90 40.89
N TYR D 128 20.42 -13.27 42.04
CA TYR D 128 21.60 -13.57 42.84
C TYR D 128 21.22 -13.93 44.27
N ASP D 129 22.15 -14.59 44.95
CA ASP D 129 22.08 -14.87 46.37
C ASP D 129 23.32 -14.29 47.04
N SER D 130 23.17 -13.85 48.28
CA SER D 130 24.20 -13.11 48.99
C SER D 130 25.21 -13.99 49.72
N ASP D 131 25.15 -15.31 49.56
CA ASP D 131 25.92 -16.19 50.41
C ASP D 131 27.40 -16.22 50.04
N ARG D 132 27.72 -16.25 48.75
CA ARG D 132 29.09 -16.38 48.30
C ARG D 132 29.76 -15.04 48.05
N GLY D 133 29.25 -13.97 48.65
CA GLY D 133 29.73 -12.64 48.37
C GLY D 133 29.11 -12.07 47.10
N LEU D 134 29.24 -10.75 46.94
CA LEU D 134 28.67 -10.06 45.80
C LEU D 134 29.71 -9.76 44.74
N SER D 135 30.76 -10.58 44.64
CA SER D 135 31.84 -10.31 43.69
C SER D 135 31.40 -10.55 42.26
N THR D 136 30.46 -11.47 42.06
CA THR D 136 29.99 -11.75 40.70
C THR D 136 29.02 -10.68 40.22
N LEU D 137 28.20 -10.14 41.14
CA LEU D 137 27.30 -9.05 40.77
C LEU D 137 28.08 -7.77 40.47
N GLN D 138 29.14 -7.50 41.23
CA GLN D 138 29.93 -6.30 40.97
C GLN D 138 30.73 -6.41 39.69
N ALA D 139 31.00 -7.64 39.24
CA ALA D 139 31.70 -7.82 37.98
C ALA D 139 30.82 -7.47 36.80
N VAL D 140 29.56 -7.93 36.82
CA VAL D 140 28.70 -7.73 35.66
C VAL D 140 28.13 -6.32 35.63
N LEU D 141 28.04 -5.65 36.79
CA LEU D 141 27.54 -4.28 36.81
C LEU D 141 28.59 -3.30 36.28
N ASP D 142 29.86 -3.53 36.65
CA ASP D 142 30.94 -2.68 36.13
C ASP D 142 31.16 -2.91 34.66
N SER D 143 30.98 -4.15 34.19
CA SER D 143 31.22 -4.45 32.79
C SER D 143 30.04 -4.01 31.91
N ALA D 144 28.87 -3.81 32.51
CA ALA D 144 27.70 -3.41 31.74
C ALA D 144 27.80 -1.97 31.25
N ALA D 145 28.53 -1.13 31.99
CA ALA D 145 28.66 0.26 31.58
C ALA D 145 29.53 0.41 30.34
N GLU D 146 30.65 -0.31 30.28
CA GLU D 146 31.59 -0.10 29.19
C GLU D 146 31.18 -0.84 27.92
N LYS D 147 30.37 -1.90 28.03
CA LYS D 147 29.98 -2.70 26.88
C LYS D 147 28.48 -2.68 26.62
N LYS D 148 27.78 -1.68 27.17
CA LYS D 148 26.42 -1.28 26.77
C LYS D 148 25.40 -2.39 26.99
N TRP D 149 25.20 -2.77 28.25
CA TRP D 149 24.21 -3.76 28.64
C TRP D 149 23.13 -3.09 29.49
N GLN D 150 22.03 -3.82 29.69
CA GLN D 150 20.95 -3.40 30.57
C GLN D 150 20.61 -4.55 31.50
N VAL D 151 21.05 -4.45 32.76
CA VAL D 151 21.00 -5.56 33.71
C VAL D 151 19.97 -5.24 34.78
N THR D 152 19.07 -6.19 35.02
CA THR D 152 18.11 -6.12 36.11
C THR D 152 18.53 -7.11 37.19
N ALA D 153 18.97 -6.60 38.32
CA ALA D 153 19.49 -7.41 39.41
C ALA D 153 18.48 -7.48 40.54
N ILE D 154 18.08 -8.70 40.92
CA ILE D 154 17.09 -8.93 41.95
C ILE D 154 17.66 -9.87 43.00
N ASN D 155 17.53 -9.49 44.27
CA ASN D 155 17.97 -10.31 45.39
C ASN D 155 16.87 -11.31 45.73
N VAL D 156 17.21 -12.60 45.68
CA VAL D 156 16.26 -13.67 45.92
C VAL D 156 16.56 -14.44 47.21
N GLY D 157 17.65 -14.07 47.90
CA GLY D 157 18.17 -14.94 48.96
C GLY D 157 17.38 -14.89 50.25
N ASN D 158 16.88 -13.72 50.63
CA ASN D 158 16.25 -13.52 51.93
C ASN D 158 14.77 -13.92 51.96
N ILE D 159 14.34 -14.79 51.05
CA ILE D 159 12.95 -15.26 51.06
C ILE D 159 12.74 -16.25 52.20
N ASN D 160 11.70 -16.02 53.00
CA ASN D 160 11.35 -16.92 54.09
C ASN D 160 10.85 -18.26 53.55
N ASN D 161 10.95 -19.29 54.39
CA ASN D 161 10.63 -20.64 53.95
C ASN D 161 9.12 -20.85 53.86
N ASP D 162 8.34 -20.17 54.69
CA ASP D 162 6.91 -20.43 54.73
C ASP D 162 6.17 -19.82 53.53
N LYS D 163 6.67 -18.71 53.00
CA LYS D 163 5.99 -17.98 51.94
C LYS D 163 6.79 -17.99 50.64
N LYS D 164 7.31 -19.16 50.25
CA LYS D 164 8.12 -19.26 49.05
C LYS D 164 7.29 -19.05 47.79
N ASP D 165 6.16 -19.76 47.70
CA ASP D 165 5.42 -19.87 46.44
C ASP D 165 4.77 -18.53 46.05
N GLU D 166 4.38 -17.73 47.03
CA GLU D 166 3.81 -16.42 46.72
C GLU D 166 4.88 -15.44 46.24
N THR D 167 6.10 -15.56 46.79
CA THR D 167 7.15 -14.60 46.46
C THR D 167 7.82 -14.92 45.12
N TYR D 168 8.00 -16.22 44.80
CA TYR D 168 8.60 -16.56 43.51
C TYR D 168 7.66 -16.24 42.36
N ARG D 169 6.36 -16.47 42.55
CA ARG D 169 5.39 -16.21 41.47
C ARG D 169 5.17 -14.72 41.27
N SER D 170 5.25 -13.93 42.35
CA SER D 170 5.20 -12.48 42.19
C SER D 170 6.46 -11.96 41.50
N LEU D 171 7.58 -12.68 41.64
CA LEU D 171 8.82 -12.25 41.04
C LEU D 171 8.81 -12.42 39.51
N PHE D 172 8.35 -13.57 39.02
CA PHE D 172 8.41 -13.81 37.58
C PHE D 172 7.33 -13.02 36.83
N GLN D 173 6.25 -12.65 37.50
CA GLN D 173 5.25 -11.81 36.87
C GLN D 173 5.77 -10.39 36.66
N ASP D 174 6.65 -9.92 37.55
CA ASP D 174 7.30 -8.63 37.36
C ASP D 174 8.29 -8.69 36.19
N LEU D 175 8.97 -9.83 36.03
CA LEU D 175 9.86 -10.02 34.88
C LEU D 175 9.07 -10.13 33.58
N GLU D 176 7.83 -10.64 33.67
CA GLU D 176 7.00 -10.80 32.48
C GLU D 176 6.53 -9.45 31.94
N LEU D 177 6.28 -8.50 32.84
CA LEU D 177 5.85 -7.16 32.41
C LEU D 177 6.95 -6.44 31.65
N LYS D 178 8.21 -6.72 31.98
CA LYS D 178 9.35 -6.16 31.27
C LYS D 178 9.72 -6.95 30.03
N LYS D 179 9.06 -8.10 29.81
CA LYS D 179 9.35 -9.05 28.73
C LYS D 179 10.81 -9.51 28.76
N GLU D 180 11.25 -9.95 29.93
CA GLU D 180 12.61 -10.46 30.10
C GLU D 180 12.63 -11.93 29.71
N ARG D 181 13.30 -12.23 28.61
CA ARG D 181 13.39 -13.58 28.07
C ARG D 181 14.65 -14.31 28.50
N ARG D 182 15.62 -13.61 29.08
CA ARG D 182 16.94 -14.13 29.36
C ARG D 182 17.25 -13.95 30.84
N VAL D 183 17.50 -15.06 31.54
CA VAL D 183 17.67 -15.07 32.98
C VAL D 183 18.99 -15.77 33.32
N ILE D 184 19.77 -15.17 34.22
CA ILE D 184 20.98 -15.78 34.75
C ILE D 184 20.73 -16.12 36.22
N LEU D 185 21.03 -17.36 36.60
CA LEU D 185 20.82 -17.86 37.96
C LEU D 185 22.18 -18.02 38.64
N ASP D 186 22.40 -17.27 39.70
CA ASP D 186 23.63 -17.35 40.49
C ASP D 186 23.24 -17.80 41.89
N CYS D 187 23.08 -19.11 42.07
CA CYS D 187 22.65 -19.67 43.33
C CYS D 187 23.33 -21.02 43.52
N GLU D 188 23.21 -21.55 44.75
CA GLU D 188 23.70 -22.88 45.05
C GLU D 188 22.73 -23.95 44.53
N ARG D 189 23.08 -25.21 44.76
CA ARG D 189 22.35 -26.32 44.15
C ARG D 189 20.95 -26.46 44.71
N ASP D 190 20.77 -26.18 46.00
CA ASP D 190 19.45 -26.30 46.60
C ASP D 190 18.54 -25.15 46.18
N LYS D 191 19.10 -23.96 46.01
CA LYS D 191 18.28 -22.80 45.66
C LYS D 191 17.90 -22.84 44.18
N VAL D 192 18.75 -23.41 43.33
CA VAL D 192 18.43 -23.54 41.91
C VAL D 192 17.29 -24.53 41.71
N ASN D 193 17.29 -25.63 42.47
CA ASN D 193 16.24 -26.64 42.35
C ASN D 193 14.87 -26.09 42.76
N ASP D 194 14.86 -25.12 43.68
CA ASP D 194 13.58 -24.52 44.09
C ASP D 194 13.08 -23.54 43.05
N ILE D 195 13.98 -22.80 42.40
CA ILE D 195 13.57 -21.82 41.39
C ILE D 195 13.09 -22.55 40.13
N VAL D 196 13.78 -23.63 39.75
CA VAL D 196 13.43 -24.40 38.56
C VAL D 196 12.05 -25.04 38.70
N ASP D 197 11.71 -25.49 39.91
CA ASP D 197 10.38 -26.05 40.14
C ASP D 197 9.29 -25.00 40.05
N GLN D 198 9.59 -23.76 40.46
CA GLN D 198 8.61 -22.69 40.34
C GLN D 198 8.51 -22.18 38.91
N VAL D 199 9.56 -22.40 38.11
CA VAL D 199 9.52 -22.02 36.70
C VAL D 199 8.54 -22.91 35.93
N ILE D 200 8.53 -24.20 36.25
CA ILE D 200 7.72 -25.16 35.50
C ILE D 200 6.23 -25.01 35.82
N THR D 201 5.92 -24.74 37.09
CA THR D 201 4.52 -24.71 37.55
C THR D 201 3.75 -23.56 36.91
N ILE D 202 4.38 -22.38 36.79
CA ILE D 202 3.72 -21.27 36.11
C ILE D 202 3.95 -21.27 34.61
N GLY D 203 4.67 -22.25 34.08
CA GLY D 203 4.80 -22.42 32.64
C GLY D 203 5.82 -21.51 31.99
N LYS D 204 7.07 -21.56 32.47
CA LYS D 204 8.14 -20.74 31.94
C LYS D 204 9.33 -21.55 31.45
N HIS D 205 9.10 -22.79 31.01
CA HIS D 205 10.16 -23.60 30.40
C HIS D 205 9.90 -23.86 28.92
N VAL D 206 8.96 -23.14 28.32
CA VAL D 206 8.59 -23.31 26.92
C VAL D 206 9.62 -22.67 26.01
N LYS D 207 9.49 -22.92 24.70
CA LYS D 207 10.39 -22.37 23.71
C LYS D 207 10.32 -20.85 23.67
N GLY D 208 11.50 -20.22 23.60
CA GLY D 208 11.61 -18.77 23.62
C GLY D 208 12.36 -18.24 24.82
N TYR D 209 12.74 -19.10 25.77
CA TYR D 209 13.38 -18.70 27.01
C TYR D 209 14.78 -19.27 27.04
N HIS D 210 15.69 -18.61 27.76
CA HIS D 210 17.05 -19.07 27.91
C HIS D 210 17.46 -18.91 29.36
N TYR D 211 18.28 -19.84 29.86
CA TYR D 211 18.73 -19.83 31.24
C TYR D 211 20.22 -20.15 31.29
N ILE D 212 20.95 -19.44 32.14
CA ILE D 212 22.34 -19.76 32.44
C ILE D 212 22.46 -19.99 33.94
N ILE D 213 22.92 -21.18 34.32
CA ILE D 213 23.12 -21.55 35.71
C ILE D 213 24.58 -21.32 36.06
N ALA D 214 24.85 -20.30 36.87
CA ALA D 214 26.21 -19.82 37.08
C ALA D 214 26.82 -20.46 38.33
N ASN D 215 27.17 -21.74 38.19
CA ASN D 215 27.96 -22.44 39.19
C ASN D 215 28.84 -23.49 38.51
N LEU D 216 29.82 -24.00 39.24
CA LEU D 216 30.74 -24.96 38.67
C LEU D 216 30.11 -26.34 38.54
N GLY D 217 29.02 -26.61 39.25
CA GLY D 217 28.33 -27.87 39.09
C GLY D 217 27.05 -27.76 38.28
N PHE D 218 27.09 -28.21 37.02
CA PHE D 218 25.91 -28.10 36.17
C PHE D 218 25.02 -29.33 36.29
N THR D 219 25.60 -30.52 36.18
CA THR D 219 24.84 -31.76 36.21
C THR D 219 24.61 -32.30 37.62
N ASP D 220 25.04 -31.58 38.65
CA ASP D 220 24.82 -32.04 40.02
C ASP D 220 23.37 -31.88 40.43
N GLY D 221 22.67 -30.89 39.86
CA GLY D 221 21.28 -30.68 40.16
C GLY D 221 20.36 -31.53 39.29
N ASP D 222 19.06 -31.41 39.56
CA ASP D 222 18.08 -32.15 38.78
C ASP D 222 17.85 -31.44 37.45
N LEU D 223 17.89 -32.21 36.36
CA LEU D 223 17.91 -31.64 35.03
C LEU D 223 16.97 -32.32 34.06
N LEU D 224 16.28 -33.39 34.47
CA LEU D 224 15.42 -34.13 33.55
C LEU D 224 14.13 -33.39 33.24
N LYS D 225 13.67 -32.55 34.17
CA LYS D 225 12.35 -31.96 34.06
C LYS D 225 12.33 -30.79 33.09
N ILE D 226 13.43 -30.04 32.97
CA ILE D 226 13.49 -28.96 32.00
C ILE D 226 14.06 -29.45 30.67
N GLN D 227 14.39 -30.73 30.58
CA GLN D 227 15.06 -31.27 29.40
C GLN D 227 14.11 -31.33 28.20
N PHE D 228 12.88 -31.79 28.42
CA PHE D 228 11.98 -32.03 27.30
C PHE D 228 11.09 -30.82 27.03
N GLY D 229 11.16 -29.80 27.89
CA GLY D 229 10.35 -28.60 27.78
C GLY D 229 10.46 -27.81 26.49
N GLY D 230 11.64 -27.27 26.21
CA GLY D 230 11.83 -26.52 24.98
C GLY D 230 12.68 -25.28 25.13
N ALA D 231 13.18 -25.01 26.33
CA ALA D 231 13.99 -23.84 26.62
C ALA D 231 15.44 -24.24 26.72
N GLU D 232 16.33 -23.40 26.19
CA GLU D 232 17.75 -23.70 26.20
C GLU D 232 18.35 -23.39 27.57
N VAL D 233 19.26 -24.25 28.02
CA VAL D 233 19.93 -24.11 29.30
C VAL D 233 21.43 -24.30 29.08
N SER D 234 22.23 -23.35 29.54
CA SER D 234 23.68 -23.44 29.43
C SER D 234 24.29 -23.49 30.82
N GLY D 235 25.53 -23.95 30.89
CA GLY D 235 26.17 -24.08 32.18
C GLY D 235 27.64 -24.42 32.07
N PHE D 236 28.26 -24.63 33.23
CA PHE D 236 29.70 -24.77 33.39
C PHE D 236 30.01 -26.01 34.20
N GLN D 237 31.11 -26.69 33.88
CA GLN D 237 31.57 -27.80 34.70
C GLN D 237 33.09 -27.93 34.60
N ILE D 238 33.70 -28.26 35.74
CA ILE D 238 35.14 -28.47 35.81
C ILE D 238 35.52 -29.94 35.86
N VAL D 239 34.60 -30.84 36.17
CA VAL D 239 34.87 -32.28 36.27
C VAL D 239 34.44 -32.93 34.97
N ASP D 240 35.38 -33.62 34.31
CA ASP D 240 35.15 -34.27 33.04
C ASP D 240 35.05 -35.77 33.28
N TYR D 241 33.85 -36.33 33.09
CA TYR D 241 33.66 -37.75 33.33
C TYR D 241 34.26 -38.60 32.21
N ASP D 242 34.49 -38.00 31.03
CA ASP D 242 35.08 -38.75 29.93
C ASP D 242 36.57 -39.01 30.15
N ASP D 243 37.22 -38.26 31.05
CA ASP D 243 38.61 -38.47 31.36
C ASP D 243 38.82 -39.80 32.09
N SER D 244 39.93 -40.46 31.80
CA SER D 244 40.18 -41.79 32.34
C SER D 244 40.47 -41.76 33.84
N LEU D 245 41.13 -40.71 34.31
CA LEU D 245 41.45 -40.60 35.74
C LEU D 245 40.19 -40.38 36.56
N VAL D 246 39.23 -39.63 36.03
CA VAL D 246 37.96 -39.45 36.72
C VAL D 246 37.12 -40.71 36.64
N SER D 247 37.10 -41.36 35.46
CA SER D 247 36.26 -42.55 35.26
C SER D 247 36.75 -43.72 36.09
N LYS D 248 38.06 -43.78 36.36
CA LYS D 248 38.58 -44.79 37.27
C LYS D 248 38.13 -44.53 38.71
N PHE D 249 38.02 -43.25 39.08
CA PHE D 249 37.60 -42.90 40.43
C PHE D 249 36.13 -43.18 40.66
N ILE D 250 35.28 -42.92 39.65
CA ILE D 250 33.84 -43.14 39.76
C ILE D 250 33.53 -44.62 39.91
N GLU D 251 34.34 -45.49 39.28
CA GLU D 251 34.16 -46.92 39.42
C GLU D 251 34.44 -47.39 40.85
N ARG D 252 35.46 -46.83 41.48
CA ARG D 252 35.70 -47.13 42.89
C ARG D 252 34.67 -46.45 43.78
N TRP D 253 34.18 -45.27 43.38
CA TRP D 253 33.26 -44.50 44.21
C TRP D 253 31.89 -45.17 44.31
N SER D 254 31.42 -45.76 43.22
CA SER D 254 30.09 -46.37 43.21
C SER D 254 30.05 -47.65 44.03
N THR D 255 31.16 -48.40 44.06
CA THR D 255 31.18 -49.70 44.72
C THR D 255 31.43 -49.60 46.23
N LEU D 256 31.53 -48.40 46.79
CA LEU D 256 31.75 -48.26 48.22
C LEU D 256 30.48 -48.53 49.01
N GLU D 257 30.65 -48.72 50.33
CA GLU D 257 29.55 -49.09 51.20
C GLU D 257 28.84 -47.85 51.74
N GLU D 258 27.50 -47.89 51.75
CA GLU D 258 26.72 -46.77 52.26
C GLU D 258 26.82 -46.64 53.77
N LYS D 259 26.85 -47.77 54.49
CA LYS D 259 26.82 -47.73 55.95
C LYS D 259 28.13 -47.23 56.52
N GLU D 260 29.23 -47.43 55.79
CA GLU D 260 30.51 -46.87 56.21
C GLU D 260 30.72 -45.48 55.61
N TYR D 261 30.48 -45.35 54.31
CA TYR D 261 30.72 -44.10 53.58
C TYR D 261 29.38 -43.57 53.08
N PRO D 262 28.76 -42.61 53.78
CA PRO D 262 27.44 -42.12 53.35
C PRO D 262 27.55 -41.23 52.13
N GLY D 263 26.61 -41.41 51.20
CA GLY D 263 26.62 -40.68 49.95
C GLY D 263 27.51 -41.26 48.87
N ALA D 264 28.09 -42.45 49.10
CA ALA D 264 29.10 -42.97 48.18
C ALA D 264 28.48 -43.63 46.96
N HIS D 265 27.43 -44.43 47.13
CA HIS D 265 26.88 -45.23 46.05
C HIS D 265 26.02 -44.35 45.15
N THR D 266 26.70 -43.56 44.32
CA THR D 266 26.08 -42.74 43.29
C THR D 266 26.91 -42.86 42.02
N ALA D 267 26.42 -42.23 40.96
CA ALA D 267 27.16 -42.20 39.70
C ALA D 267 27.94 -40.91 39.51
N THR D 268 27.64 -39.87 40.29
CA THR D 268 28.26 -38.56 40.14
C THR D 268 28.85 -38.12 41.47
N ILE D 269 29.72 -37.11 41.38
CA ILE D 269 30.33 -36.48 42.55
C ILE D 269 30.17 -34.97 42.40
N LYS D 270 29.98 -34.28 43.53
CA LYS D 270 29.87 -32.83 43.52
C LYS D 270 31.24 -32.20 43.26
N TYR D 271 31.22 -30.96 42.81
CA TYR D 271 32.47 -30.24 42.59
C TYR D 271 33.13 -29.86 43.92
N THR D 272 32.33 -29.75 44.98
CA THR D 272 32.89 -29.48 46.30
C THR D 272 33.65 -30.68 46.84
N SER D 273 33.07 -31.88 46.68
CA SER D 273 33.73 -33.08 47.17
C SER D 273 34.93 -33.46 46.31
N ALA D 274 34.91 -33.08 45.03
CA ALA D 274 36.06 -33.33 44.16
C ALA D 274 37.27 -32.51 44.59
N LEU D 275 37.04 -31.26 45.01
CA LEU D 275 38.15 -30.42 45.47
C LEU D 275 38.61 -30.84 46.85
N THR D 276 37.74 -31.51 47.61
CA THR D 276 38.16 -32.07 48.89
C THR D 276 39.10 -33.26 48.67
N TYR D 277 38.79 -34.08 47.67
CA TYR D 277 39.66 -35.20 47.29
C TYR D 277 41.00 -34.71 46.76
N ASP D 278 40.99 -33.61 46.00
CA ASP D 278 42.23 -33.09 45.43
C ASP D 278 43.11 -32.44 46.49
N ALA D 279 42.49 -31.91 47.55
CA ALA D 279 43.26 -31.19 48.57
C ALA D 279 44.11 -32.14 49.40
N VAL D 280 43.67 -33.39 49.56
CA VAL D 280 44.46 -34.39 50.26
C VAL D 280 45.71 -34.74 49.45
N GLN D 281 45.58 -34.73 48.12
CA GLN D 281 46.73 -34.97 47.25
C GLN D 281 47.75 -33.83 47.34
N VAL D 282 47.27 -32.58 47.44
CA VAL D 282 48.16 -31.43 47.48
C VAL D 282 48.92 -31.39 48.81
N MET D 283 48.23 -31.70 49.91
CA MET D 283 48.88 -31.70 51.21
C MET D 283 49.90 -32.83 51.34
N THR D 284 49.59 -33.99 50.76
CA THR D 284 50.53 -35.12 50.81
C THR D 284 51.75 -34.86 49.94
N GLU D 285 51.55 -34.23 48.78
CA GLU D 285 52.65 -33.93 47.86
C GLU D 285 53.62 -32.91 48.46
N ALA D 286 53.11 -32.01 49.31
CA ALA D 286 53.95 -30.96 49.89
C ALA D 286 54.91 -31.53 50.91
N PHE D 287 54.41 -32.33 51.86
CA PHE D 287 55.29 -32.89 52.89
C PHE D 287 56.21 -33.97 52.33
N ARG D 288 55.78 -34.62 51.25
CA ARG D 288 56.68 -35.54 50.53
C ARG D 288 57.81 -34.78 49.88
N ASN D 289 57.52 -33.60 49.32
CA ASN D 289 58.57 -32.78 48.73
C ASN D 289 59.42 -32.13 49.81
N LEU D 290 58.80 -31.80 50.94
CA LEU D 290 59.50 -31.08 52.01
C LEU D 290 60.55 -31.97 52.69
N ARG D 291 60.23 -33.25 52.85
CA ARG D 291 61.22 -34.19 53.38
C ARG D 291 62.32 -34.47 52.36
N LYS D 292 62.00 -34.32 51.07
CA LYS D 292 62.96 -34.67 50.03
C LYS D 292 64.09 -33.65 49.91
N GLN D 293 63.81 -32.37 50.18
CA GLN D 293 64.89 -31.39 50.25
C GLN D 293 65.45 -31.22 51.67
N ARG D 294 65.17 -32.18 52.56
CA ARG D 294 65.83 -32.32 53.88
C ARG D 294 65.59 -31.11 54.78
N ILE D 295 64.36 -30.61 54.81
CA ILE D 295 63.99 -29.46 55.63
C ILE D 295 63.22 -29.96 56.85
N GLU D 296 63.72 -29.63 58.03
CA GLU D 296 63.12 -30.06 59.29
C GLU D 296 62.14 -29.00 59.79
N ILE D 297 60.91 -29.42 60.08
CA ILE D 297 59.87 -28.55 60.60
C ILE D 297 59.43 -28.96 62.00
N SER D 298 60.26 -29.71 62.71
CA SER D 298 59.92 -30.15 64.06
C SER D 298 59.89 -28.99 65.03
N ARG D 299 58.85 -28.95 65.87
CA ARG D 299 58.65 -27.86 66.83
C ARG D 299 58.42 -28.46 68.23
N ARG D 300 59.51 -28.61 68.97
CA ARG D 300 59.43 -29.18 70.31
C ARG D 300 58.88 -28.16 71.31
N GLY D 301 59.01 -26.88 71.01
CA GLY D 301 58.52 -25.86 71.92
C GLY D 301 57.00 -25.77 71.91
N ASN D 302 56.44 -25.45 73.07
CA ASN D 302 54.99 -25.34 73.19
C ASN D 302 54.48 -24.06 72.55
N ALA D 303 53.30 -24.15 71.92
CA ALA D 303 52.70 -22.98 71.29
C ALA D 303 52.16 -22.00 72.33
N GLY D 304 51.51 -22.51 73.37
CA GLY D 304 50.77 -21.67 74.28
C GLY D 304 49.39 -21.35 73.74
N ASP D 305 48.73 -20.40 74.39
CA ASP D 305 47.42 -19.96 73.92
C ASP D 305 47.57 -19.10 72.66
N CYS D 306 46.47 -19.00 71.90
CA CYS D 306 46.47 -18.16 70.71
C CYS D 306 46.51 -16.69 71.08
N LEU D 307 45.83 -16.30 72.16
CA LEU D 307 45.77 -14.91 72.59
C LEU D 307 47.05 -14.56 73.36
N ALA D 308 48.12 -14.36 72.61
CA ALA D 308 49.43 -14.05 73.17
C ALA D 308 49.73 -12.57 72.94
N ASN D 309 50.13 -11.87 74.01
CA ASN D 309 50.48 -10.47 73.93
C ASN D 309 51.95 -10.29 74.28
N PRO D 310 52.82 -9.92 73.33
CA PRO D 310 52.57 -9.74 71.89
C PRO D 310 52.49 -11.07 71.12
N ALA D 311 51.75 -11.07 70.01
CA ALA D 311 51.70 -12.26 69.17
C ALA D 311 53.03 -12.48 68.47
N VAL D 312 53.49 -13.73 68.47
CA VAL D 312 54.79 -14.10 67.96
C VAL D 312 54.60 -15.08 66.82
N PRO D 313 55.30 -14.91 65.70
CA PRO D 313 55.29 -15.93 64.65
C PRO D 313 56.27 -17.06 64.95
N TRP D 314 56.13 -18.14 64.19
CA TRP D 314 57.07 -19.26 64.22
C TRP D 314 57.58 -19.47 62.80
N GLY D 315 58.91 -19.44 62.64
CA GLY D 315 59.50 -19.28 61.33
C GLY D 315 59.43 -20.52 60.46
N GLN D 316 59.05 -21.67 61.03
CA GLN D 316 58.87 -22.86 60.21
C GLN D 316 57.60 -22.73 59.36
N GLY D 317 56.66 -21.89 59.79
CA GLY D 317 55.43 -21.70 59.04
C GLY D 317 55.63 -20.97 57.72
N VAL D 318 56.69 -20.16 57.64
CA VAL D 318 57.04 -19.52 56.37
C VAL D 318 57.54 -20.56 55.38
N GLU D 319 58.27 -21.56 55.89
CA GLU D 319 58.78 -22.65 55.04
C GLU D 319 57.63 -23.51 54.50
N ILE D 320 56.58 -23.68 55.29
CA ILE D 320 55.49 -24.58 54.91
C ILE D 320 54.65 -23.99 53.78
N GLU D 321 54.36 -22.68 53.85
CA GLU D 321 53.49 -22.07 52.85
C GLU D 321 54.18 -21.98 51.49
N ARG D 322 55.51 -21.91 51.48
CA ARG D 322 56.23 -21.94 50.22
C ARG D 322 56.21 -23.34 49.62
N ALA D 323 56.17 -24.35 50.48
CA ALA D 323 56.11 -25.74 50.01
C ALA D 323 54.72 -26.05 49.45
N LEU D 324 53.67 -25.48 50.04
CA LEU D 324 52.31 -25.75 49.56
C LEU D 324 52.04 -25.09 48.21
N LYS D 325 52.59 -23.90 47.99
CA LYS D 325 52.33 -23.20 46.73
C LYS D 325 53.12 -23.83 45.59
N GLN D 326 54.24 -24.47 45.89
CA GLN D 326 55.06 -25.12 44.87
C GLN D 326 54.67 -26.59 44.72
N VAL D 327 53.39 -26.81 44.43
CA VAL D 327 52.84 -28.15 44.22
C VAL D 327 52.10 -28.15 42.88
N GLN D 328 52.53 -29.03 41.98
CA GLN D 328 51.87 -29.21 40.69
C GLN D 328 51.60 -30.70 40.49
N VAL D 329 50.32 -31.08 40.51
CA VAL D 329 49.89 -32.46 40.37
C VAL D 329 48.76 -32.52 39.35
N GLU D 330 48.21 -33.72 39.17
CA GLU D 330 47.04 -33.94 38.33
C GLU D 330 45.93 -34.53 39.18
N GLY D 331 44.72 -33.99 39.05
CA GLY D 331 43.61 -34.41 39.87
C GLY D 331 42.31 -34.54 39.13
N LEU D 332 41.20 -34.62 39.87
CA LEU D 332 39.88 -34.69 39.24
C LEU D 332 39.53 -33.38 38.55
N SER D 333 39.91 -32.25 39.17
CA SER D 333 39.63 -30.94 38.58
C SER D 333 40.46 -30.71 37.32
N GLY D 334 41.72 -31.11 37.35
CA GLY D 334 42.63 -30.92 36.24
C GLY D 334 44.00 -30.58 36.76
N ASN D 335 44.72 -29.75 35.99
CA ASN D 335 46.05 -29.33 36.41
C ASN D 335 45.93 -28.32 37.53
N ILE D 336 46.67 -28.56 38.61
CA ILE D 336 46.62 -27.72 39.81
C ILE D 336 47.93 -26.97 39.91
N LYS D 337 47.90 -25.67 39.58
CA LYS D 337 49.07 -24.82 39.64
C LYS D 337 48.68 -23.50 40.29
N PHE D 338 49.55 -23.01 41.16
CA PHE D 338 49.24 -21.86 42.01
C PHE D 338 50.13 -20.68 41.63
N ASP D 339 49.62 -19.48 41.88
CA ASP D 339 50.42 -18.27 41.76
C ASP D 339 51.03 -17.92 43.12
N GLN D 340 51.53 -16.69 43.23
CA GLN D 340 52.12 -16.23 44.48
C GLN D 340 51.08 -16.07 45.58
N ASN D 341 49.89 -15.57 45.22
CA ASN D 341 48.87 -15.29 46.22
C ASN D 341 48.21 -16.55 46.75
N GLY D 342 48.13 -17.59 45.93
CA GLY D 342 47.48 -18.82 46.29
C GLY D 342 46.20 -19.13 45.55
N LYS D 343 45.96 -18.48 44.42
CA LYS D 343 44.77 -18.71 43.61
C LYS D 343 45.15 -19.56 42.40
N ARG D 344 44.23 -20.42 41.97
CA ARG D 344 44.55 -21.38 40.91
C ARG D 344 44.69 -20.69 39.57
N ILE D 345 45.77 -21.01 38.87
CA ILE D 345 46.05 -20.56 37.52
C ILE D 345 46.27 -21.80 36.68
N ASN D 346 46.21 -21.61 35.35
CA ASN D 346 46.30 -22.70 34.35
C ASN D 346 45.24 -23.77 34.61
N TYR D 347 43.98 -23.39 34.39
CA TYR D 347 42.85 -24.29 34.55
C TYR D 347 41.90 -24.16 33.37
N THR D 348 41.02 -25.13 33.22
CA THR D 348 40.06 -25.18 32.12
C THR D 348 38.67 -25.41 32.68
N ILE D 349 37.69 -24.68 32.14
CA ILE D 349 36.28 -24.83 32.50
C ILE D 349 35.51 -25.20 31.23
N ASN D 350 34.69 -26.24 31.32
CA ASN D 350 33.99 -26.78 30.16
C ASN D 350 32.61 -26.15 30.03
N ILE D 351 32.37 -25.46 28.91
CA ILE D 351 31.07 -24.86 28.65
C ILE D 351 30.14 -25.93 28.07
N MET D 352 28.95 -26.05 28.66
CA MET D 352 28.03 -27.13 28.32
C MET D 352 26.67 -26.58 27.94
N GLU D 353 25.88 -27.39 27.24
CA GLU D 353 24.51 -27.06 26.84
C GLU D 353 23.61 -28.24 27.12
N LEU D 354 22.35 -27.96 27.42
CA LEU D 354 21.37 -29.03 27.61
C LEU D 354 20.63 -29.32 26.32
N LYS D 355 20.57 -30.60 25.95
CA LYS D 355 19.83 -31.07 24.79
C LYS D 355 18.83 -32.13 25.24
N THR D 356 17.97 -32.53 24.30
CA THR D 356 16.97 -33.55 24.61
C THR D 356 17.61 -34.91 24.85
N ASN D 357 18.76 -35.16 24.24
CA ASN D 357 19.52 -36.36 24.57
C ASN D 357 20.14 -36.27 25.95
N GLY D 358 20.65 -35.10 26.31
CA GLY D 358 21.30 -34.87 27.58
C GLY D 358 22.25 -33.71 27.49
N PRO D 359 23.04 -33.50 28.54
CA PRO D 359 24.05 -32.43 28.48
C PRO D 359 25.21 -32.81 27.56
N ARG D 360 25.67 -31.83 26.80
CA ARG D 360 26.76 -32.01 25.85
C ARG D 360 27.90 -31.07 26.21
N LYS D 361 28.90 -31.00 25.32
CA LYS D 361 30.05 -30.13 25.48
C LYS D 361 30.28 -29.38 24.18
N ILE D 362 30.46 -28.05 24.28
CA ILE D 362 30.61 -27.22 23.10
C ILE D 362 31.91 -26.44 23.09
N GLY D 363 32.75 -26.60 24.11
CA GLY D 363 34.01 -25.89 24.13
C GLY D 363 34.59 -25.84 25.53
N TYR D 364 35.59 -24.97 25.68
CA TYR D 364 36.25 -24.79 26.96
C TYR D 364 36.75 -23.35 27.10
N TRP D 365 37.12 -22.99 28.32
CA TRP D 365 37.53 -21.65 28.68
C TRP D 365 38.89 -21.71 29.36
N SER D 366 39.83 -20.86 28.92
CA SER D 366 41.13 -20.75 29.56
C SER D 366 41.57 -19.29 29.55
N GLU D 367 42.45 -18.94 30.49
CA GLU D 367 42.79 -17.53 30.69
C GLU D 367 43.81 -17.05 29.66
N VAL D 368 44.41 -17.96 28.90
CA VAL D 368 45.36 -17.55 27.86
C VAL D 368 44.70 -17.55 26.49
N ASP D 369 43.70 -18.41 26.28
CA ASP D 369 43.12 -18.68 24.97
C ASP D 369 41.60 -18.54 24.95
N LYS D 370 41.08 -17.33 25.21
CA LYS D 370 39.85 -16.99 25.97
C LYS D 370 38.73 -18.01 25.78
N MET D 371 38.21 -18.21 24.57
CA MET D 371 37.15 -19.18 24.34
C MET D 371 37.45 -19.94 23.07
N VAL D 372 37.56 -21.27 23.19
CA VAL D 372 37.86 -22.15 22.07
C VAL D 372 36.69 -23.09 21.89
N LEU D 373 36.06 -23.04 20.72
CA LEU D 373 34.99 -23.98 20.42
C LEU D 373 35.58 -25.33 20.04
N THR D 374 34.77 -26.37 20.24
CA THR D 374 35.12 -27.73 19.84
C THR D 374 34.35 -28.06 18.57
N GLU D 375 35.06 -28.29 17.48
CA GLU D 375 34.44 -28.50 16.16
C GLU D 375 34.02 -29.97 16.06
N ASP D 376 32.85 -30.25 16.62
CA ASP D 376 32.23 -31.56 16.53
C ASP D 376 30.87 -31.53 15.84
N ASP D 377 30.50 -30.40 15.24
CA ASP D 377 29.20 -30.22 14.63
C ASP D 377 29.35 -30.01 13.13
N THR D 378 28.62 -30.80 12.34
CA THR D 378 28.56 -30.63 10.89
C THR D 378 27.12 -30.28 10.52
N SER D 379 26.91 -29.06 10.04
CA SER D 379 25.58 -28.58 9.71
C SER D 379 25.71 -27.60 8.55
N GLY D 380 24.57 -27.27 7.95
CA GLY D 380 24.52 -26.45 6.77
C GLY D 380 24.29 -27.23 5.49
N LEU D 381 24.51 -28.55 5.52
CA LEU D 381 24.26 -29.37 4.35
C LEU D 381 22.77 -29.57 4.11
N GLU D 382 21.95 -29.39 5.16
CA GLU D 382 20.51 -29.53 5.04
C GLU D 382 19.91 -28.43 4.16
N GLN D 383 20.44 -27.21 4.28
CA GLN D 383 19.98 -26.12 3.44
C GLN D 383 20.59 -26.26 2.04
N LYS D 384 19.75 -26.06 1.02
CA LYS D 384 20.17 -26.20 -0.37
C LYS D 384 20.25 -24.82 -1.01
N THR D 385 21.28 -24.60 -1.82
CA THR D 385 21.39 -23.41 -2.66
C THR D 385 20.96 -23.79 -4.08
N VAL D 386 19.78 -23.31 -4.49
CA VAL D 386 19.23 -23.68 -5.78
C VAL D 386 20.00 -22.96 -6.89
N VAL D 387 20.38 -23.70 -7.92
CA VAL D 387 21.14 -23.16 -9.03
C VAL D 387 20.15 -22.64 -10.08
N VAL D 388 20.18 -21.34 -10.32
CA VAL D 388 19.31 -20.68 -11.29
C VAL D 388 20.15 -20.33 -12.52
N THR D 389 19.77 -20.87 -13.67
CA THR D 389 20.44 -20.56 -14.92
C THR D 389 19.64 -19.52 -15.69
N THR D 390 20.34 -18.68 -16.45
CA THR D 390 19.73 -17.60 -17.20
C THR D 390 20.64 -17.21 -18.36
N ILE D 391 20.16 -16.29 -19.18
CA ILE D 391 20.91 -15.78 -20.31
C ILE D 391 20.91 -14.25 -20.21
N LEU D 392 21.94 -13.63 -20.79
CA LEU D 392 22.13 -12.18 -20.69
C LEU D 392 21.47 -11.53 -21.91
N GLU D 393 20.29 -10.97 -21.71
CA GLU D 393 19.56 -10.25 -22.74
C GLU D 393 18.84 -9.08 -22.10
N SER D 394 18.95 -7.90 -22.70
CA SER D 394 18.30 -6.73 -22.16
C SER D 394 16.83 -6.69 -22.56
N PRO D 395 15.94 -6.19 -21.69
CA PRO D 395 16.14 -5.71 -20.32
C PRO D 395 15.89 -6.80 -19.28
N TYR D 396 16.03 -8.06 -19.69
CA TYR D 396 15.71 -9.18 -18.82
C TYR D 396 16.79 -9.42 -17.78
N VAL D 397 18.04 -9.60 -18.22
CA VAL D 397 19.19 -9.71 -17.33
C VAL D 397 20.29 -8.81 -17.88
N MET D 398 20.75 -7.87 -17.05
CA MET D 398 21.79 -6.94 -17.45
C MET D 398 22.85 -6.87 -16.37
N MET D 399 24.07 -6.52 -16.78
CA MET D 399 25.16 -6.30 -15.84
C MET D 399 25.17 -4.85 -15.38
N LYS D 400 25.31 -4.64 -14.08
CA LYS D 400 25.41 -3.30 -13.53
C LYS D 400 26.77 -2.68 -13.88
N LYS D 401 26.86 -1.36 -13.71
CA LYS D 401 28.06 -0.64 -14.14
C LYS D 401 29.25 -0.92 -13.22
N ASN D 402 29.01 -1.12 -11.92
CA ASN D 402 30.06 -1.52 -11.00
C ASN D 402 29.99 -3.03 -10.71
N HIS D 403 30.18 -3.82 -11.77
CA HIS D 403 30.12 -5.27 -11.59
C HIS D 403 31.45 -5.80 -11.08
N GLU D 404 32.53 -5.04 -11.26
CA GLU D 404 33.83 -5.47 -10.72
C GLU D 404 33.84 -5.39 -9.20
N MET D 405 33.21 -4.36 -8.63
CA MET D 405 33.20 -4.19 -7.19
C MET D 405 32.29 -5.19 -6.50
N LEU D 406 31.09 -5.38 -7.05
CA LEU D 406 30.13 -6.31 -6.46
C LEU D 406 30.45 -7.75 -6.88
N GLU D 407 29.82 -8.69 -6.19
CA GLU D 407 30.09 -10.11 -6.40
C GLU D 407 28.80 -10.90 -6.28
N GLY D 408 28.62 -11.87 -7.19
CA GLY D 408 27.51 -12.80 -7.06
C GLY D 408 26.20 -12.22 -7.58
N ASN D 409 25.17 -12.30 -6.73
CA ASN D 409 23.83 -11.90 -7.16
C ASN D 409 23.72 -10.38 -7.27
N GLU D 410 24.60 -9.64 -6.60
CA GLU D 410 24.53 -8.20 -6.63
C GLU D 410 25.00 -7.61 -7.95
N ARG D 411 25.72 -8.40 -8.76
CA ARG D 411 26.26 -7.89 -10.01
C ARG D 411 25.17 -7.65 -11.05
N TYR D 412 24.13 -8.48 -11.04
CA TYR D 412 23.16 -8.46 -12.13
C TYR D 412 21.90 -7.67 -11.75
N GLU D 413 21.22 -7.18 -12.79
CA GLU D 413 19.96 -6.47 -12.63
C GLU D 413 19.09 -6.76 -13.85
N GLY D 414 17.80 -6.52 -13.71
CA GLY D 414 16.90 -6.65 -14.85
C GLY D 414 15.54 -7.15 -14.43
N TYR D 415 14.75 -7.54 -15.44
CA TYR D 415 13.39 -8.01 -15.21
C TYR D 415 13.38 -9.39 -14.55
N CYS D 416 14.17 -10.33 -15.08
CA CYS D 416 14.17 -11.69 -14.55
C CYS D 416 14.84 -11.76 -13.20
N VAL D 417 15.74 -10.81 -12.90
CA VAL D 417 16.39 -10.76 -11.59
C VAL D 417 15.38 -10.40 -10.51
N ASP D 418 14.49 -9.45 -10.80
CA ASP D 418 13.43 -9.12 -9.87
C ASP D 418 12.39 -10.24 -9.79
N LEU D 419 12.17 -10.94 -10.90
CA LEU D 419 11.23 -12.06 -10.89
C LEU D 419 11.77 -13.22 -10.06
N ALA D 420 13.08 -13.46 -10.11
CA ALA D 420 13.69 -14.52 -9.32
C ALA D 420 13.62 -14.22 -7.83
N ALA D 421 13.69 -12.93 -7.47
CA ALA D 421 13.58 -12.54 -6.07
C ALA D 421 12.16 -12.75 -5.54
N GLU D 422 11.16 -12.56 -6.40
CA GLU D 422 9.78 -12.69 -5.96
C GLU D 422 9.38 -14.15 -5.77
N ILE D 423 9.84 -15.03 -6.66
CA ILE D 423 9.46 -16.44 -6.59
C ILE D 423 10.13 -17.11 -5.39
N ALA D 424 11.37 -16.72 -5.08
CA ALA D 424 12.10 -17.29 -3.95
C ALA D 424 11.46 -16.89 -2.62
N LYS D 425 10.79 -15.72 -2.59
CA LYS D 425 10.09 -15.31 -1.38
C LYS D 425 8.82 -16.12 -1.17
N HIS D 426 8.08 -16.39 -2.25
CA HIS D 426 6.84 -17.14 -2.12
C HIS D 426 7.09 -18.63 -1.91
N CYS D 427 8.18 -19.15 -2.47
CA CYS D 427 8.47 -20.58 -2.35
C CYS D 427 9.34 -20.91 -1.15
N GLY D 428 10.21 -19.99 -0.74
CA GLY D 428 11.02 -20.19 0.45
C GLY D 428 12.31 -20.94 0.21
N PHE D 429 13.19 -20.41 -0.65
CA PHE D 429 14.50 -21.01 -0.87
C PHE D 429 15.51 -19.90 -1.13
N LYS D 430 16.78 -20.29 -1.18
CA LYS D 430 17.87 -19.39 -1.52
C LYS D 430 18.49 -19.84 -2.84
N TYR D 431 19.09 -18.90 -3.56
CA TYR D 431 19.48 -19.14 -4.94
C TYR D 431 20.84 -18.51 -5.23
N LYS D 432 21.43 -18.96 -6.33
CA LYS D 432 22.67 -18.40 -6.86
C LYS D 432 22.56 -18.32 -8.38
N LEU D 433 22.68 -17.11 -8.92
CA LEU D 433 22.47 -16.88 -10.34
C LEU D 433 23.73 -17.24 -11.13
N THR D 434 23.54 -18.03 -12.19
CA THR D 434 24.63 -18.44 -13.08
C THR D 434 24.23 -18.20 -14.52
N ILE D 435 25.13 -17.57 -15.29
CA ILE D 435 24.92 -17.41 -16.73
C ILE D 435 25.20 -18.75 -17.41
N VAL D 436 24.41 -19.08 -18.43
CA VAL D 436 24.65 -20.29 -19.21
C VAL D 436 25.94 -20.13 -20.00
N GLY D 437 26.72 -21.20 -20.09
CA GLY D 437 28.03 -21.11 -20.72
C GLY D 437 27.97 -21.03 -22.23
N ASP D 438 27.03 -21.75 -22.84
CA ASP D 438 26.98 -21.82 -24.30
C ASP D 438 26.44 -20.53 -24.90
N GLY D 439 25.54 -19.85 -24.19
CA GLY D 439 24.96 -18.63 -24.70
C GLY D 439 23.77 -18.81 -25.62
N LYS D 440 23.19 -20.01 -25.66
CA LYS D 440 22.05 -20.30 -26.53
C LYS D 440 20.84 -20.65 -25.67
N TYR D 441 19.65 -20.41 -26.21
CA TYR D 441 18.43 -20.72 -25.48
C TYR D 441 18.21 -22.23 -25.38
N GLY D 442 18.35 -22.94 -26.49
CA GLY D 442 18.20 -24.38 -26.46
C GLY D 442 17.71 -24.97 -27.77
N ALA D 443 18.38 -26.04 -28.21
CA ALA D 443 18.04 -26.75 -29.43
C ALA D 443 18.64 -28.15 -29.32
N ARG D 444 18.27 -29.00 -30.26
CA ARG D 444 18.73 -30.39 -30.28
C ARG D 444 19.44 -30.68 -31.58
N ASP D 445 20.71 -31.06 -31.50
CA ASP D 445 21.47 -31.45 -32.68
C ASP D 445 20.93 -32.78 -33.21
N ALA D 446 20.68 -32.82 -34.53
CA ALA D 446 20.08 -34.01 -35.13
C ALA D 446 21.06 -35.18 -35.16
N ASP D 447 22.36 -34.89 -35.29
CA ASP D 447 23.35 -35.94 -35.41
C ASP D 447 23.67 -36.56 -34.05
N THR D 448 24.00 -35.73 -33.06
CA THR D 448 24.49 -36.22 -31.78
C THR D 448 23.41 -36.43 -30.74
N LYS D 449 22.19 -35.90 -30.99
CA LYS D 449 21.04 -35.99 -30.06
C LYS D 449 21.36 -35.40 -28.69
N ILE D 450 22.11 -34.29 -28.68
CA ILE D 450 22.56 -33.65 -27.45
C ILE D 450 21.95 -32.26 -27.39
N TRP D 451 21.30 -31.95 -26.26
CA TRP D 451 20.76 -30.61 -26.02
C TRP D 451 21.87 -29.68 -25.55
N ASN D 452 21.84 -28.44 -26.04
CA ASN D 452 22.78 -27.41 -25.62
C ASN D 452 22.05 -26.20 -25.07
N GLY D 453 22.63 -25.54 -24.08
CA GLY D 453 22.04 -24.33 -23.56
C GLY D 453 21.35 -24.52 -22.22
N MET D 454 20.37 -23.64 -21.95
CA MET D 454 19.62 -23.73 -20.71
C MET D 454 18.71 -24.96 -20.70
N VAL D 455 18.27 -25.40 -21.87
CA VAL D 455 17.49 -26.64 -21.96
C VAL D 455 18.38 -27.83 -21.66
N GLY D 456 19.65 -27.78 -22.10
CA GLY D 456 20.58 -28.86 -21.83
C GLY D 456 20.97 -28.98 -20.37
N GLU D 457 21.11 -27.84 -19.68
CA GLU D 457 21.55 -27.86 -18.29
C GLU D 457 20.46 -28.40 -17.37
N LEU D 458 19.19 -28.30 -17.78
CA LEU D 458 18.10 -28.84 -16.97
C LEU D 458 17.97 -30.35 -17.14
N VAL D 459 18.24 -30.85 -18.36
CA VAL D 459 18.06 -32.27 -18.62
C VAL D 459 19.19 -33.08 -18.00
N TYR D 460 20.44 -32.68 -18.23
CA TYR D 460 21.58 -33.47 -17.79
C TYR D 460 21.93 -33.26 -16.32
N GLY D 461 21.29 -32.31 -15.64
CA GLY D 461 21.39 -32.20 -14.20
C GLY D 461 22.22 -31.04 -13.68
N LYS D 462 22.75 -30.16 -14.54
CA LYS D 462 23.67 -29.13 -14.08
C LYS D 462 22.93 -27.96 -13.42
N ALA D 463 21.69 -27.71 -13.83
CA ALA D 463 20.92 -26.57 -13.35
C ALA D 463 19.63 -27.03 -12.70
N ASP D 464 19.20 -26.29 -11.67
CA ASP D 464 18.02 -26.70 -10.91
C ASP D 464 16.74 -26.04 -11.43
N ILE D 465 16.81 -24.80 -11.90
CA ILE D 465 15.65 -24.10 -12.43
C ILE D 465 16.15 -23.06 -13.43
N ALA D 466 15.30 -22.71 -14.40
CA ALA D 466 15.62 -21.73 -15.43
C ALA D 466 14.57 -20.63 -15.41
N ILE D 467 14.97 -19.44 -14.99
CA ILE D 467 14.12 -18.25 -15.04
C ILE D 467 14.68 -17.39 -16.17
N ALA D 468 14.02 -17.42 -17.32
CA ALA D 468 14.56 -16.88 -18.56
C ALA D 468 13.42 -16.75 -19.56
N PRO D 469 13.58 -15.92 -20.61
CA PRO D 469 12.57 -15.93 -21.68
C PRO D 469 12.67 -17.18 -22.57
N LEU D 470 12.11 -18.28 -22.07
CA LEU D 470 12.19 -19.56 -22.77
C LEU D 470 10.82 -19.85 -23.37
N THR D 471 10.76 -19.94 -24.69
CA THR D 471 9.51 -20.06 -25.41
C THR D 471 8.90 -21.44 -25.22
N ILE D 472 7.62 -21.49 -24.89
CA ILE D 472 6.90 -22.74 -24.68
C ILE D 472 6.63 -23.34 -26.05
N THR D 473 7.36 -24.41 -26.39
CA THR D 473 7.20 -25.10 -27.66
C THR D 473 6.85 -26.55 -27.42
N LEU D 474 6.56 -27.27 -28.51
CA LEU D 474 6.17 -28.67 -28.39
C LEU D 474 7.37 -29.56 -28.10
N VAL D 475 8.51 -29.28 -28.75
CA VAL D 475 9.70 -30.12 -28.61
C VAL D 475 10.28 -29.99 -27.21
N ARG D 476 10.28 -28.78 -26.66
CA ARG D 476 10.82 -28.56 -25.32
C ARG D 476 9.87 -29.07 -24.24
N GLU D 477 8.59 -29.31 -24.59
CA GLU D 477 7.62 -29.78 -23.62
C GLU D 477 7.87 -31.24 -23.25
N GLU D 478 8.41 -32.03 -24.19
CA GLU D 478 8.60 -33.45 -23.95
C GLU D 478 9.75 -33.71 -22.98
N VAL D 479 10.80 -32.89 -23.02
CA VAL D 479 11.99 -33.13 -22.21
C VAL D 479 11.90 -32.46 -20.84
N ILE D 480 11.47 -31.20 -20.77
CA ILE D 480 11.35 -30.50 -19.50
C ILE D 480 9.92 -30.00 -19.31
N ASP D 481 9.62 -29.49 -18.12
CA ASP D 481 8.27 -29.03 -17.79
C ASP D 481 8.24 -27.51 -17.78
N PHE D 482 7.12 -26.94 -18.23
CA PHE D 482 6.91 -25.51 -18.22
C PHE D 482 5.77 -25.15 -17.26
N SER D 483 5.82 -23.92 -16.77
CA SER D 483 4.72 -23.37 -16.00
C SER D 483 3.74 -22.65 -16.92
N LYS D 484 2.75 -22.02 -16.32
CA LYS D 484 1.83 -21.16 -17.07
C LYS D 484 2.58 -19.93 -17.56
N PRO D 485 2.18 -19.36 -18.71
CA PRO D 485 2.92 -18.22 -19.26
C PRO D 485 2.80 -16.97 -18.40
N PHE D 486 3.96 -16.35 -18.13
CA PHE D 486 3.95 -15.08 -17.39
C PHE D 486 3.96 -13.89 -18.34
N MET D 487 4.31 -14.11 -19.61
CA MET D 487 4.31 -13.06 -20.60
C MET D 487 3.81 -13.63 -21.93
N SER D 488 3.02 -12.82 -22.64
CA SER D 488 2.45 -13.21 -23.92
C SER D 488 2.98 -12.26 -25.00
N LEU D 489 3.36 -12.82 -26.15
CA LEU D 489 3.95 -12.03 -27.21
C LEU D 489 3.60 -12.63 -28.57
N GLY D 490 4.06 -11.97 -29.63
CA GLY D 490 3.82 -12.41 -30.99
C GLY D 490 4.69 -11.62 -31.95
N ILE D 491 4.45 -11.85 -33.24
CA ILE D 491 5.21 -11.18 -34.28
C ILE D 491 4.55 -9.85 -34.62
N SER D 492 5.35 -8.78 -34.67
CA SER D 492 4.85 -7.44 -34.89
C SER D 492 5.66 -6.74 -35.98
N ILE D 493 5.28 -5.50 -36.28
CA ILE D 493 5.87 -4.72 -37.37
C ILE D 493 6.59 -3.53 -36.78
N MET D 494 7.83 -3.30 -37.20
CA MET D 494 8.60 -2.11 -36.86
C MET D 494 8.81 -1.26 -38.10
N ILE D 495 8.45 0.03 -38.02
CA ILE D 495 8.70 0.98 -39.10
C ILE D 495 9.31 2.24 -38.53
N LYS D 496 9.83 3.07 -39.43
CA LYS D 496 10.32 4.39 -39.04
C LYS D 496 9.14 5.30 -38.73
N LYS D 497 9.33 6.17 -37.74
CA LYS D 497 8.27 7.10 -37.32
C LYS D 497 7.97 8.09 -38.45
N PRO D 498 6.69 8.36 -38.72
CA PRO D 498 6.35 9.39 -39.71
C PRO D 498 6.77 10.77 -39.23
N GLN D 499 7.47 11.49 -40.10
CA GLN D 499 8.02 12.80 -39.78
C GLN D 499 7.54 13.78 -40.82
N LYS D 500 8.03 15.01 -40.73
CA LYS D 500 7.77 15.98 -41.78
C LYS D 500 8.51 15.58 -43.05
N SER D 501 7.79 15.57 -44.16
CA SER D 501 8.31 15.04 -45.42
C SER D 501 8.61 16.16 -46.38
N LYS D 502 9.20 15.81 -47.51
CA LYS D 502 9.43 16.75 -48.58
C LYS D 502 8.09 17.18 -49.19
N PRO D 503 7.79 18.47 -49.24
CA PRO D 503 6.54 18.91 -49.87
C PRO D 503 6.60 18.74 -51.38
N GLY D 504 5.45 18.39 -51.96
CA GLY D 504 5.37 18.25 -53.40
C GLY D 504 5.43 19.59 -54.09
N VAL D 505 5.61 19.54 -55.42
CA VAL D 505 5.70 20.76 -56.21
C VAL D 505 4.34 21.43 -56.31
N PHE D 506 3.27 20.64 -56.29
CA PHE D 506 1.91 21.18 -56.39
C PHE D 506 1.16 21.10 -55.07
N SER D 507 1.86 21.33 -53.95
CA SER D 507 1.25 21.27 -52.63
C SER D 507 0.51 22.55 -52.27
N PHE D 508 0.58 23.59 -53.09
CA PHE D 508 -0.10 24.85 -52.75
C PHE D 508 -1.60 24.73 -52.94
N LEU D 509 -2.05 23.79 -53.78
CA LEU D 509 -3.48 23.58 -54.02
C LEU D 509 -4.06 22.46 -53.15
N ASP D 510 -3.43 22.14 -52.02
CA ASP D 510 -3.92 21.18 -51.04
C ASP D 510 -5.16 21.56 -50.21
N PRO D 511 -5.41 22.83 -49.79
CA PRO D 511 -6.60 23.06 -48.95
C PRO D 511 -7.93 22.86 -49.65
N LEU D 512 -7.98 22.91 -50.97
CA LEU D 512 -9.22 22.65 -51.68
C LEU D 512 -9.08 21.38 -52.50
N ALA D 513 -10.19 20.64 -52.60
CA ALA D 513 -10.16 19.33 -53.24
C ALA D 513 -10.21 19.49 -54.76
N TYR D 514 -9.85 18.40 -55.45
CA TYR D 514 -9.68 18.45 -56.89
C TYR D 514 -11.01 18.63 -57.62
N GLU D 515 -12.11 18.17 -57.01
CA GLU D 515 -13.40 18.36 -57.62
C GLU D 515 -13.86 19.81 -57.53
N ILE D 516 -13.34 20.56 -56.56
CA ILE D 516 -13.67 21.98 -56.47
C ILE D 516 -12.91 22.77 -57.54
N TRP D 517 -11.63 22.42 -57.76
CA TRP D 517 -10.82 23.17 -58.71
C TRP D 517 -11.29 22.98 -60.15
N MET D 518 -11.87 21.82 -60.46
CA MET D 518 -12.40 21.63 -61.81
C MET D 518 -13.74 22.32 -61.98
N CYS D 519 -14.51 22.45 -60.89
CA CYS D 519 -15.79 23.17 -60.98
C CYS D 519 -15.57 24.68 -61.06
N ILE D 520 -14.46 25.18 -60.52
CA ILE D 520 -14.13 26.60 -60.67
C ILE D 520 -13.81 26.92 -62.12
N VAL D 521 -13.06 26.05 -62.79
CA VAL D 521 -12.75 26.22 -64.21
C VAL D 521 -14.01 26.13 -65.06
N PHE D 522 -14.89 25.18 -64.73
CA PHE D 522 -16.12 24.99 -65.51
C PHE D 522 -17.09 26.14 -65.29
N ALA D 523 -17.10 26.72 -64.09
CA ALA D 523 -17.96 27.88 -63.84
C ALA D 523 -17.36 29.14 -64.44
N TYR D 524 -16.03 29.17 -64.58
CA TYR D 524 -15.37 30.30 -65.22
C TYR D 524 -15.75 30.43 -66.69
N ILE D 525 -15.78 29.29 -67.40
CA ILE D 525 -16.15 29.30 -68.81
C ILE D 525 -17.63 29.56 -68.97
N GLY D 526 -18.44 29.07 -68.03
CA GLY D 526 -19.88 29.21 -68.14
C GLY D 526 -20.37 30.64 -67.99
N VAL D 527 -19.76 31.40 -67.08
CA VAL D 527 -20.15 32.79 -66.88
C VAL D 527 -19.71 33.65 -68.07
N SER D 528 -18.51 33.37 -68.61
CA SER D 528 -17.97 34.17 -69.71
C SER D 528 -18.76 33.97 -71.01
N VAL D 529 -19.29 32.76 -71.22
CA VAL D 529 -20.14 32.52 -72.37
C VAL D 529 -21.47 33.25 -72.21
N VAL D 530 -22.05 33.22 -71.00
CA VAL D 530 -23.32 33.89 -70.74
C VAL D 530 -23.18 35.41 -70.87
N LEU D 531 -22.07 35.96 -70.40
CA LEU D 531 -21.87 37.40 -70.45
C LEU D 531 -21.66 37.88 -71.88
N PHE D 532 -21.06 37.05 -72.73
CA PHE D 532 -20.89 37.42 -74.13
C PHE D 532 -22.21 37.37 -74.90
N LEU D 533 -23.02 36.34 -74.64
CA LEU D 533 -24.26 36.15 -75.40
C LEU D 533 -25.27 37.24 -75.09
N VAL D 534 -25.53 37.48 -73.80
CA VAL D 534 -26.60 38.39 -73.39
C VAL D 534 -26.25 39.84 -73.74
N SER D 535 -24.95 40.16 -73.76
CA SER D 535 -24.53 41.49 -74.20
C SER D 535 -24.68 41.65 -75.71
N ARG D 536 -24.69 40.55 -76.45
CA ARG D 536 -24.73 40.65 -77.92
C ARG D 536 -26.13 41.02 -78.42
N PHE D 537 -27.12 40.15 -78.18
CA PHE D 537 -28.44 40.38 -78.78
C PHE D 537 -29.19 41.50 -78.06
N SER D 538 -28.85 41.76 -76.81
CA SER D 538 -29.35 42.93 -76.11
C SER D 538 -28.26 43.97 -76.04
N PRO D 539 -28.29 45.02 -76.88
CA PRO D 539 -27.21 46.01 -76.85
C PRO D 539 -27.19 46.86 -75.60
N TYR D 540 -28.34 47.38 -75.17
CA TYR D 540 -28.41 48.23 -74.00
C TYR D 540 -29.80 48.15 -73.35
N SER D 558 -23.55 51.04 -78.36
CA SER D 558 -22.92 51.32 -79.65
C SER D 558 -21.90 50.26 -79.99
N THR D 559 -20.65 50.49 -79.61
CA THR D 559 -19.58 49.53 -79.87
C THR D 559 -19.70 48.34 -78.92
N ASN D 560 -19.46 47.14 -79.46
CA ASN D 560 -19.53 45.91 -78.69
C ASN D 560 -18.22 45.75 -77.93
N GLU D 561 -18.19 46.35 -76.73
CA GLU D 561 -17.00 46.26 -75.89
C GLU D 561 -16.79 44.84 -75.37
N PHE D 562 -17.85 44.16 -75.00
CA PHE D 562 -17.76 42.81 -74.43
C PHE D 562 -17.81 41.79 -75.56
N GLY D 563 -16.63 41.46 -76.10
CA GLY D 563 -16.50 40.35 -77.01
C GLY D 563 -16.19 39.07 -76.25
N ILE D 564 -16.02 37.98 -77.00
CA ILE D 564 -15.72 36.70 -76.37
C ILE D 564 -14.29 36.70 -75.81
N PHE D 565 -13.42 37.52 -76.40
CA PHE D 565 -12.06 37.64 -75.88
C PHE D 565 -12.01 38.61 -74.71
N ASN D 566 -12.91 39.61 -74.70
CA ASN D 566 -12.97 40.55 -73.59
C ASN D 566 -13.67 39.94 -72.38
N SER D 567 -14.65 39.05 -72.61
CA SER D 567 -15.40 38.49 -71.50
C SER D 567 -14.57 37.51 -70.69
N LEU D 568 -13.62 36.82 -71.34
CA LEU D 568 -12.69 35.96 -70.62
C LEU D 568 -11.76 36.79 -69.73
N TRP D 569 -11.38 37.98 -70.20
CA TRP D 569 -10.49 38.83 -69.41
C TRP D 569 -11.23 39.48 -68.25
N PHE D 570 -12.52 39.74 -68.42
CA PHE D 570 -13.30 40.35 -67.34
C PHE D 570 -13.49 39.38 -66.19
N SER D 571 -13.83 38.13 -66.49
CA SER D 571 -14.07 37.14 -65.44
C SER D 571 -12.77 36.69 -64.80
N LEU D 572 -11.67 36.72 -65.54
CA LEU D 572 -10.37 36.38 -64.96
C LEU D 572 -9.91 37.45 -63.98
N GLY D 573 -10.25 38.71 -64.25
CA GLY D 573 -9.89 39.78 -63.33
C GLY D 573 -10.69 39.75 -62.05
N ALA D 574 -11.95 39.32 -62.13
CA ALA D 574 -12.80 39.29 -60.94
C ALA D 574 -12.39 38.17 -59.99
N PHE D 575 -11.91 37.04 -60.53
CA PHE D 575 -11.49 35.95 -59.67
C PHE D 575 -10.15 36.25 -59.00
N MET D 576 -9.24 36.89 -59.72
CA MET D 576 -7.91 37.16 -59.18
C MET D 576 -7.84 38.42 -58.34
N GLN D 577 -8.98 38.99 -57.94
CA GLN D 577 -9.18 40.13 -57.05
C GLN D 577 -8.72 41.45 -57.66
N GLN D 578 -8.23 41.48 -58.89
CA GLN D 578 -7.80 42.72 -59.50
C GLN D 578 -9.00 43.47 -60.09
N GLY D 579 -8.78 44.74 -60.38
CA GLY D 579 -9.79 45.51 -61.09
C GLY D 579 -9.74 45.28 -62.59
N CYS D 580 -10.86 45.58 -63.24
CA CYS D 580 -10.96 45.48 -64.69
C CYS D 580 -11.29 46.86 -65.27
N ASP D 581 -10.86 47.07 -66.52
CA ASP D 581 -10.99 48.39 -67.13
C ASP D 581 -12.43 48.69 -67.55
N ILE D 582 -13.15 47.68 -68.04
CA ILE D 582 -14.50 47.86 -68.57
C ILE D 582 -15.51 47.27 -67.60
N SER D 583 -16.70 47.86 -67.58
CA SER D 583 -17.79 47.44 -66.70
C SER D 583 -19.09 47.29 -67.49
N PRO D 584 -19.96 46.35 -67.10
CA PRO D 584 -21.23 46.19 -67.80
C PRO D 584 -22.16 47.36 -67.58
N ARG D 585 -22.89 47.74 -68.63
CA ARG D 585 -23.74 48.92 -68.62
C ARG D 585 -25.23 48.59 -68.71
N SER D 586 -25.59 47.32 -68.81
CA SER D 586 -26.97 46.90 -68.91
C SER D 586 -27.38 46.15 -67.65
N LEU D 587 -28.69 46.05 -67.43
CA LEU D 587 -29.23 45.42 -66.22
C LEU D 587 -28.92 43.93 -66.19
N SER D 588 -29.08 43.25 -67.31
CA SER D 588 -28.82 41.82 -67.37
C SER D 588 -27.33 41.52 -67.26
N GLY D 589 -26.49 42.44 -67.73
CA GLY D 589 -25.05 42.25 -67.57
C GLY D 589 -24.58 42.44 -66.15
N ARG D 590 -25.18 43.40 -65.43
CA ARG D 590 -24.71 43.73 -64.09
C ARG D 590 -25.15 42.70 -63.07
N ILE D 591 -26.21 41.95 -63.36
CA ILE D 591 -26.59 40.82 -62.51
C ILE D 591 -25.54 39.72 -62.61
N VAL D 592 -25.06 39.46 -63.83
CA VAL D 592 -23.99 38.48 -64.04
C VAL D 592 -22.69 38.96 -63.40
N GLY D 593 -22.42 40.26 -63.49
CA GLY D 593 -21.25 40.80 -62.83
C GLY D 593 -21.38 40.84 -61.31
N GLY D 594 -22.62 40.95 -60.83
CA GLY D 594 -22.82 41.04 -59.38
C GLY D 594 -22.65 39.70 -58.68
N VAL D 595 -23.25 38.65 -59.24
CA VAL D 595 -23.22 37.33 -58.60
C VAL D 595 -21.82 36.74 -58.65
N TRP D 596 -21.09 36.96 -59.75
CA TRP D 596 -19.75 36.42 -59.89
C TRP D 596 -18.77 37.07 -58.93
N TRP D 597 -19.05 38.31 -58.51
CA TRP D 597 -18.26 38.94 -57.45
C TRP D 597 -18.48 38.26 -56.11
N PHE D 598 -19.73 37.85 -55.83
CA PHE D 598 -20.04 37.20 -54.57
C PHE D 598 -19.46 35.79 -54.51
N PHE D 599 -19.30 35.14 -55.67
CA PHE D 599 -18.71 33.81 -55.72
C PHE D 599 -17.25 33.85 -55.30
N THR D 600 -16.49 34.81 -55.80
CA THR D 600 -15.05 34.84 -55.55
C THR D 600 -14.74 35.31 -54.14
N LEU D 601 -15.68 35.99 -53.48
CA LEU D 601 -15.43 36.46 -52.12
C LEU D 601 -15.45 35.30 -51.14
N ILE D 602 -16.26 34.28 -51.40
CA ILE D 602 -16.38 33.15 -50.49
C ILE D 602 -15.22 32.18 -50.68
N ILE D 603 -14.82 31.95 -51.94
CA ILE D 603 -13.82 30.93 -52.25
C ILE D 603 -12.44 31.35 -51.77
N ILE D 604 -12.07 32.62 -52.00
CA ILE D 604 -10.78 33.12 -51.55
C ILE D 604 -10.72 33.18 -50.03
N SER D 605 -11.84 33.48 -49.38
CA SER D 605 -11.89 33.44 -47.92
C SER D 605 -11.80 32.00 -47.40
N SER D 606 -12.32 31.04 -48.16
CA SER D 606 -12.23 29.65 -47.74
C SER D 606 -10.82 29.10 -47.93
N TYR D 607 -10.07 29.62 -48.90
CA TYR D 607 -8.70 29.18 -49.11
C TYR D 607 -7.78 29.70 -48.00
N THR D 608 -8.02 30.94 -47.56
CA THR D 608 -7.18 31.52 -46.53
C THR D 608 -7.43 30.86 -45.17
N ALA D 609 -8.69 30.54 -44.87
CA ALA D 609 -9.04 29.98 -43.57
C ALA D 609 -8.55 28.55 -43.42
N ASN D 610 -8.47 27.79 -44.52
CA ASN D 610 -8.09 26.39 -44.40
C ASN D 610 -6.58 26.25 -44.22
N LEU D 611 -5.79 27.13 -44.85
CA LEU D 611 -4.34 27.14 -44.63
C LEU D 611 -3.99 27.49 -43.19
N ALA D 612 -4.81 28.32 -42.55
CA ALA D 612 -4.58 28.63 -41.13
C ALA D 612 -4.83 27.41 -40.26
N ALA D 613 -5.72 26.52 -40.70
CA ALA D 613 -5.95 25.28 -39.97
C ALA D 613 -4.79 24.31 -40.13
N PHE D 614 -4.21 24.22 -41.34
CA PHE D 614 -3.15 23.26 -41.59
C PHE D 614 -1.86 23.63 -40.88
N LEU D 615 -1.49 24.91 -40.93
CA LEU D 615 -0.20 25.32 -40.40
C LEU D 615 -0.20 25.36 -38.87
N THR D 616 -1.38 25.50 -38.27
CA THR D 616 -1.47 25.55 -36.81
C THR D 616 -1.37 24.15 -36.21
N VAL D 617 -2.18 23.22 -36.70
CA VAL D 617 -2.31 21.89 -36.12
C VAL D 617 -1.71 20.88 -37.07
N GLU D 618 -0.64 20.21 -36.63
CA GLU D 618 0.09 19.25 -37.44
C GLU D 618 -0.34 17.84 -37.06
N ARG D 619 -0.93 17.12 -38.01
CA ARG D 619 -1.28 15.72 -37.83
C ARG D 619 -0.54 14.89 -38.89
N MET D 620 0.12 13.83 -38.43
CA MET D 620 0.88 12.95 -39.30
C MET D 620 0.25 11.55 -39.29
N VAL D 621 0.22 10.92 -40.45
CA VAL D 621 -0.43 9.61 -40.61
C VAL D 621 0.61 8.60 -41.11
N SER D 622 0.51 7.38 -40.60
CA SER D 622 1.39 6.31 -41.05
C SER D 622 0.81 5.68 -42.32
N PRO D 623 1.67 5.21 -43.23
CA PRO D 623 1.14 4.56 -44.45
C PRO D 623 0.46 3.23 -44.17
N ILE D 624 1.09 2.36 -43.40
CA ILE D 624 0.57 1.03 -43.11
C ILE D 624 0.08 0.97 -41.68
N GLU D 625 -0.88 0.08 -41.42
CA GLU D 625 -1.36 -0.19 -40.08
C GLU D 625 -1.70 -1.64 -39.84
N SER D 626 -1.47 -2.52 -40.80
CA SER D 626 -1.82 -3.94 -40.67
C SER D 626 -0.97 -4.74 -41.64
N ALA D 627 -0.96 -6.06 -41.45
CA ALA D 627 -0.15 -6.92 -42.30
C ALA D 627 -0.78 -7.08 -43.68
N GLU D 628 -2.10 -6.95 -43.77
CA GLU D 628 -2.76 -7.11 -45.07
C GLU D 628 -2.51 -5.91 -45.98
N ASP D 629 -2.11 -4.78 -45.40
CA ASP D 629 -1.72 -3.63 -46.21
C ASP D 629 -0.35 -3.83 -46.85
N LEU D 630 0.56 -4.50 -46.13
CA LEU D 630 1.88 -4.78 -46.67
C LEU D 630 1.84 -5.76 -47.83
N SER D 631 0.88 -6.70 -47.80
CA SER D 631 0.77 -7.67 -48.88
C SER D 631 0.26 -7.04 -50.15
N LYS D 632 -0.57 -5.99 -50.03
CA LYS D 632 -1.21 -5.36 -51.18
C LYS D 632 -0.41 -4.17 -51.72
N GLN D 633 0.86 -4.01 -51.35
CA GLN D 633 1.68 -2.92 -51.84
C GLN D 633 3.04 -3.44 -52.27
N THR D 634 3.70 -2.69 -53.13
CA THR D 634 5.07 -2.98 -53.55
C THR D 634 6.02 -1.81 -53.34
N GLU D 635 5.57 -0.73 -52.71
CA GLU D 635 6.42 0.42 -52.47
C GLU D 635 7.47 0.13 -51.40
N ILE D 636 7.05 -0.50 -50.30
CA ILE D 636 7.89 -0.70 -49.13
C ILE D 636 8.28 -2.17 -49.04
N ALA D 637 9.59 -2.43 -48.98
CA ALA D 637 10.09 -3.79 -48.80
C ALA D 637 10.03 -4.19 -47.34
N TYR D 638 9.94 -5.50 -47.09
CA TYR D 638 9.87 -6.04 -45.74
C TYR D 638 10.60 -7.36 -45.66
N GLY D 639 11.33 -7.58 -44.57
CA GLY D 639 12.11 -8.80 -44.41
C GLY D 639 12.28 -9.19 -42.96
N THR D 640 12.80 -10.39 -42.75
CA THR D 640 13.01 -10.96 -41.42
C THR D 640 14.47 -11.38 -41.27
N LEU D 641 14.81 -11.85 -40.08
CA LEU D 641 16.13 -12.39 -39.83
C LEU D 641 16.26 -13.78 -40.45
N ASP D 642 17.49 -14.16 -40.79
CA ASP D 642 17.70 -15.33 -41.64
C ASP D 642 17.52 -16.64 -40.87
N SER D 643 17.91 -16.68 -39.60
CA SER D 643 17.86 -17.91 -38.83
C SER D 643 17.07 -17.70 -37.55
N GLY D 644 15.97 -18.40 -37.42
CA GLY D 644 15.11 -18.25 -36.24
C GLY D 644 13.69 -18.68 -36.57
N SER D 645 12.85 -18.64 -35.53
CA SER D 645 11.48 -19.12 -35.66
C SER D 645 10.60 -18.14 -36.42
N THR D 646 11.08 -16.91 -36.62
CA THR D 646 10.30 -15.91 -37.35
C THR D 646 10.20 -16.26 -38.83
N LYS D 647 11.35 -16.60 -39.45
CA LYS D 647 11.34 -17.04 -40.85
C LYS D 647 10.63 -18.38 -41.01
N GLU D 648 10.77 -19.26 -40.02
CA GLU D 648 10.14 -20.58 -40.08
C GLU D 648 8.62 -20.48 -39.98
N PHE D 649 8.11 -19.39 -39.39
CA PHE D 649 6.67 -19.18 -39.31
C PHE D 649 6.08 -18.89 -40.68
N PHE D 650 6.74 -18.02 -41.46
CA PHE D 650 6.22 -17.68 -42.78
C PHE D 650 6.45 -18.80 -43.78
N ARG D 651 7.38 -19.71 -43.49
CA ARG D 651 7.72 -20.77 -44.44
C ARG D 651 6.60 -21.81 -44.54
N ARG D 652 6.10 -22.28 -43.40
CA ARG D 652 5.14 -23.37 -43.36
C ARG D 652 3.72 -22.90 -43.04
N SER D 653 3.38 -21.67 -43.43
CA SER D 653 2.09 -21.08 -43.12
C SER D 653 1.13 -21.28 -44.27
N LYS D 654 -0.04 -21.86 -43.98
CA LYS D 654 -1.07 -22.07 -44.97
C LYS D 654 -2.10 -20.95 -45.00
N ILE D 655 -1.92 -19.90 -44.18
CA ILE D 655 -2.79 -18.73 -44.24
C ILE D 655 -2.53 -18.00 -45.56
N ALA D 656 -3.60 -17.55 -46.21
CA ALA D 656 -3.50 -16.99 -47.56
C ALA D 656 -2.73 -15.68 -47.59
N VAL D 657 -2.86 -14.88 -46.53
CA VAL D 657 -2.11 -13.62 -46.46
C VAL D 657 -0.64 -13.90 -46.23
N PHE D 658 -0.33 -14.83 -45.32
CA PHE D 658 1.06 -15.12 -44.99
C PHE D 658 1.76 -15.90 -46.10
N ASP D 659 0.99 -16.65 -46.90
CA ASP D 659 1.57 -17.35 -48.04
C ASP D 659 1.97 -16.36 -49.13
N LYS D 660 1.20 -15.28 -49.29
CA LYS D 660 1.55 -14.24 -50.26
C LYS D 660 2.81 -13.50 -49.83
N MET D 661 3.01 -13.32 -48.53
CA MET D 661 4.18 -12.60 -48.04
C MET D 661 5.45 -13.42 -48.19
N TRP D 662 5.33 -14.75 -48.22
CA TRP D 662 6.52 -15.58 -48.36
C TRP D 662 7.01 -15.63 -49.80
N THR D 663 6.08 -15.57 -50.77
CA THR D 663 6.47 -15.56 -52.17
C THR D 663 7.21 -14.28 -52.53
N TYR D 664 6.87 -13.17 -51.87
CA TYR D 664 7.57 -11.92 -52.12
C TYR D 664 8.96 -11.94 -51.49
N MET D 665 9.07 -12.39 -50.24
CA MET D 665 10.34 -12.32 -49.51
C MET D 665 11.36 -13.30 -50.07
N ARG D 666 10.89 -14.40 -50.66
CA ARG D 666 11.83 -15.38 -51.23
C ARG D 666 12.43 -14.86 -52.53
N SER D 667 11.58 -14.46 -53.47
CA SER D 667 12.03 -14.00 -54.78
C SER D 667 12.13 -12.47 -54.80
N ALA D 668 13.06 -11.94 -54.01
CA ALA D 668 13.30 -10.50 -53.94
C ALA D 668 14.78 -10.23 -54.13
N GLU D 669 15.10 -9.34 -55.06
CA GLU D 669 16.47 -8.89 -55.28
C GLU D 669 16.53 -7.38 -55.12
N PRO D 670 17.37 -6.84 -54.21
CA PRO D 670 18.32 -7.49 -53.29
C PRO D 670 17.66 -8.22 -52.11
N SER D 671 18.46 -8.94 -51.34
CA SER D 671 17.93 -9.79 -50.28
C SER D 671 17.37 -8.96 -49.13
N VAL D 672 16.11 -9.24 -48.76
CA VAL D 672 15.48 -8.54 -47.64
C VAL D 672 15.97 -9.08 -46.31
N PHE D 673 16.54 -10.29 -46.30
CA PHE D 673 16.97 -10.91 -45.05
C PHE D 673 18.25 -10.26 -44.55
N VAL D 674 18.39 -10.22 -43.22
CA VAL D 674 19.55 -9.63 -42.55
C VAL D 674 20.24 -10.70 -41.72
N ARG D 675 21.42 -10.35 -41.20
CA ARG D 675 22.17 -11.29 -40.37
C ARG D 675 21.72 -11.22 -38.92
N THR D 676 21.70 -10.03 -38.33
CA THR D 676 21.45 -9.87 -36.90
C THR D 676 20.30 -8.89 -36.69
N THR D 677 19.93 -8.71 -35.43
CA THR D 677 18.87 -7.77 -35.08
C THR D 677 19.31 -6.33 -35.29
N ALA D 678 20.55 -6.00 -34.91
CA ALA D 678 21.04 -4.63 -35.00
C ALA D 678 21.21 -4.19 -36.45
N GLU D 679 21.55 -5.12 -37.34
CA GLU D 679 21.61 -4.79 -38.76
C GLU D 679 20.21 -4.54 -39.32
N GLY D 680 19.21 -5.26 -38.83
CA GLY D 680 17.85 -5.04 -39.29
C GLY D 680 17.29 -3.70 -38.86
N VAL D 681 17.60 -3.28 -37.62
CA VAL D 681 17.16 -1.97 -37.14
C VAL D 681 17.85 -0.85 -37.90
N ALA D 682 19.12 -1.07 -38.26
CA ALA D 682 19.91 -0.04 -38.95
C ALA D 682 19.38 0.21 -40.36
N ARG D 683 18.85 -0.82 -41.02
CA ARG D 683 18.28 -0.62 -42.34
C ARG D 683 16.96 0.15 -42.27
N VAL D 684 16.22 0.01 -41.16
CA VAL D 684 14.97 0.74 -40.98
C VAL D 684 15.24 2.24 -40.85
N ARG D 685 16.26 2.61 -40.08
CA ARG D 685 16.54 4.01 -39.81
C ARG D 685 17.11 4.72 -41.04
N LYS D 686 17.75 3.98 -41.94
CA LYS D 686 18.47 4.59 -43.05
C LYS D 686 17.79 4.45 -44.40
N SER D 687 16.65 3.77 -44.49
CA SER D 687 15.97 3.61 -45.77
C SER D 687 14.87 4.65 -46.00
N LYS D 688 14.72 5.62 -45.10
CA LYS D 688 13.78 6.74 -45.21
C LYS D 688 12.33 6.24 -45.32
N GLY D 689 12.00 5.22 -44.54
CA GLY D 689 10.64 4.70 -44.53
C GLY D 689 10.29 3.75 -45.65
N LYS D 690 11.28 3.05 -46.20
CA LYS D 690 11.04 2.09 -47.28
C LYS D 690 11.30 0.65 -46.85
N TYR D 691 11.57 0.40 -45.58
CA TYR D 691 11.87 -0.93 -45.09
C TYR D 691 11.19 -1.15 -43.75
N ALA D 692 10.54 -2.30 -43.61
CA ALA D 692 9.83 -2.67 -42.38
C ALA D 692 10.37 -4.00 -41.88
N TYR D 693 10.69 -4.06 -40.59
CA TYR D 693 11.36 -5.21 -40.00
C TYR D 693 10.37 -5.97 -39.10
N LEU D 694 10.26 -7.27 -39.32
CA LEU D 694 9.31 -8.12 -38.60
C LEU D 694 10.04 -8.84 -37.49
N LEU D 695 9.63 -8.59 -36.25
CA LEU D 695 10.30 -9.18 -35.09
C LEU D 695 9.28 -9.40 -33.98
N GLU D 696 9.77 -9.94 -32.86
CA GLU D 696 8.93 -10.16 -31.69
C GLU D 696 8.50 -8.83 -31.08
N SER D 697 7.32 -8.84 -30.45
CA SER D 697 6.72 -7.60 -29.97
C SER D 697 7.43 -7.05 -28.75
N THR D 698 8.03 -7.92 -27.93
CA THR D 698 8.69 -7.45 -26.71
C THR D 698 9.97 -6.69 -27.02
N MET D 699 10.73 -7.15 -28.01
CA MET D 699 11.89 -6.38 -28.47
C MET D 699 11.46 -5.15 -29.24
N ASN D 700 10.30 -5.22 -29.91
CA ASN D 700 9.82 -4.10 -30.71
C ASN D 700 9.42 -2.92 -29.82
N GLU D 701 8.89 -3.21 -28.62
CA GLU D 701 8.53 -2.15 -27.71
C GLU D 701 9.76 -1.57 -27.00
N TYR D 702 10.83 -2.38 -26.89
CA TYR D 702 12.02 -1.93 -26.17
C TYR D 702 12.86 -0.99 -27.02
N ILE D 703 13.01 -1.30 -28.31
CA ILE D 703 13.79 -0.45 -29.22
C ILE D 703 13.08 0.88 -29.45
N GLU D 704 11.75 0.88 -29.38
CA GLU D 704 10.97 2.11 -29.50
C GLU D 704 11.27 3.09 -28.38
N GLN D 705 11.59 2.59 -27.19
CA GLN D 705 11.85 3.43 -26.03
C GLN D 705 13.33 3.77 -25.85
N ARG D 706 14.17 3.52 -26.84
CA ARG D 706 15.60 3.83 -26.76
C ARG D 706 16.00 4.86 -27.79
N LYS D 707 17.16 5.48 -27.57
CA LYS D 707 17.63 6.56 -28.41
C LYS D 707 18.07 6.03 -29.77
N PRO D 708 17.92 6.81 -30.86
CA PRO D 708 17.40 8.19 -30.97
C PRO D 708 15.89 8.30 -31.12
N CYS D 709 15.15 7.26 -30.71
CA CYS D 709 13.68 7.23 -30.69
C CYS D 709 13.08 7.46 -32.08
N ASP D 710 13.45 6.61 -33.03
CA ASP D 710 13.14 6.80 -34.44
C ASP D 710 12.15 5.76 -34.97
N THR D 711 11.83 4.73 -34.20
CA THR D 711 11.01 3.63 -34.68
C THR D 711 9.73 3.52 -33.85
N MET D 712 8.70 2.94 -34.46
CA MET D 712 7.43 2.70 -33.79
C MET D 712 6.87 1.36 -34.21
N LYS D 713 5.87 0.88 -33.46
CA LYS D 713 5.17 -0.36 -33.76
C LYS D 713 3.76 -0.05 -34.27
N VAL D 714 3.36 -0.72 -35.35
CA VAL D 714 2.03 -0.57 -35.92
C VAL D 714 1.32 -1.91 -35.87
N GLY D 715 -0.02 -1.87 -35.81
CA GLY D 715 -0.82 -3.07 -35.93
C GLY D 715 -0.87 -3.90 -34.66
N GLY D 716 -1.19 -5.18 -34.86
CA GLY D 716 -1.28 -6.12 -33.76
C GLY D 716 -0.41 -7.34 -34.03
N ASN D 717 -0.37 -8.23 -33.04
CA ASN D 717 0.45 -9.43 -33.14
C ASN D 717 -0.13 -10.39 -34.18
N LEU D 718 0.77 -11.04 -34.93
CA LEU D 718 0.32 -11.94 -35.99
C LEU D 718 0.01 -13.32 -35.43
N ASP D 719 0.81 -13.81 -34.48
CA ASP D 719 0.60 -15.09 -33.83
C ASP D 719 0.66 -14.92 -32.32
N SER D 720 0.50 -16.02 -31.61
CA SER D 720 0.50 -16.03 -30.15
C SER D 720 1.46 -17.08 -29.63
N LYS D 721 2.29 -16.68 -28.67
CA LYS D 721 3.18 -17.59 -27.97
C LYS D 721 3.42 -17.03 -26.58
N GLY D 722 4.17 -17.78 -25.76
CA GLY D 722 4.38 -17.39 -24.39
C GLY D 722 5.78 -17.73 -23.91
N TYR D 723 6.13 -17.12 -22.78
CA TYR D 723 7.37 -17.39 -22.08
C TYR D 723 7.04 -18.16 -20.80
N GLY D 724 7.81 -19.21 -20.52
CA GLY D 724 7.51 -20.06 -19.39
C GLY D 724 8.75 -20.36 -18.57
N ILE D 725 8.53 -20.51 -17.26
CA ILE D 725 9.59 -20.92 -16.36
C ILE D 725 9.75 -22.43 -16.43
N ALA D 726 10.99 -22.90 -16.51
CA ALA D 726 11.27 -24.30 -16.80
C ALA D 726 11.96 -24.97 -15.63
N THR D 727 11.50 -26.17 -15.30
CA THR D 727 12.07 -27.05 -14.29
C THR D 727 12.32 -28.43 -14.91
N PRO D 728 13.30 -29.18 -14.40
CA PRO D 728 13.47 -30.56 -14.87
C PRO D 728 12.31 -31.44 -14.45
N LYS D 729 12.12 -32.51 -15.21
CA LYS D 729 10.94 -33.36 -15.04
C LYS D 729 11.03 -34.16 -13.76
N GLY D 730 9.96 -34.13 -12.98
CA GLY D 730 9.90 -34.84 -11.71
C GLY D 730 10.45 -34.09 -10.52
N SER D 731 10.80 -32.81 -10.68
CA SER D 731 11.32 -32.04 -9.56
C SER D 731 10.19 -31.66 -8.61
N SER D 732 10.56 -31.36 -7.36
CA SER D 732 9.61 -30.98 -6.33
C SER D 732 9.23 -29.50 -6.39
N LEU D 733 9.90 -28.72 -7.23
CA LEU D 733 9.62 -27.30 -7.35
C LEU D 733 8.53 -26.98 -8.36
N GLY D 734 8.11 -27.95 -9.17
CA GLY D 734 7.22 -27.67 -10.28
C GLY D 734 5.83 -27.21 -9.85
N THR D 735 5.35 -27.74 -8.74
CA THR D 735 4.05 -27.31 -8.23
C THR D 735 4.09 -25.97 -7.49
N PRO D 736 5.06 -25.66 -6.60
CA PRO D 736 5.06 -24.30 -6.02
C PRO D 736 5.40 -23.18 -6.99
N VAL D 737 6.20 -23.45 -8.02
CA VAL D 737 6.50 -22.43 -9.02
C VAL D 737 5.25 -22.11 -9.85
N ASN D 738 4.46 -23.14 -10.17
CA ASN D 738 3.27 -22.97 -10.98
C ASN D 738 2.21 -22.14 -10.25
N LEU D 739 2.04 -22.37 -8.96
CA LEU D 739 1.07 -21.59 -8.20
C LEU D 739 1.60 -20.18 -7.90
N ALA D 740 2.91 -20.00 -7.92
CA ALA D 740 3.48 -18.68 -7.67
C ALA D 740 3.24 -17.74 -8.85
N VAL D 741 3.28 -18.28 -10.07
CA VAL D 741 3.10 -17.45 -11.27
C VAL D 741 1.68 -16.94 -11.36
N LEU D 742 0.70 -17.79 -11.06
CA LEU D 742 -0.70 -17.39 -11.15
C LEU D 742 -1.08 -16.44 -10.02
N LYS D 743 -0.36 -16.49 -8.90
CA LYS D 743 -0.63 -15.56 -7.81
C LYS D 743 -0.08 -14.17 -8.13
N LEU D 744 1.12 -14.11 -8.72
CA LEU D 744 1.71 -12.81 -9.06
C LEU D 744 0.95 -12.13 -10.19
N SER D 745 0.37 -12.92 -11.11
CA SER D 745 -0.34 -12.35 -12.24
C SER D 745 -1.66 -11.71 -11.81
N GLU D 746 -2.31 -12.28 -10.79
CA GLU D 746 -3.59 -11.74 -10.37
C GLU D 746 -3.43 -10.52 -9.46
N GLN D 747 -2.28 -10.39 -8.80
CA GLN D 747 -2.00 -9.24 -7.96
C GLN D 747 -1.47 -8.06 -8.76
N GLY D 748 -1.27 -8.21 -10.06
CA GLY D 748 -0.71 -7.14 -10.86
C GLY D 748 0.75 -6.88 -10.61
N VAL D 749 1.48 -7.85 -10.06
CA VAL D 749 2.91 -7.66 -9.82
C VAL D 749 3.71 -7.87 -11.10
N LEU D 750 3.22 -8.75 -11.98
CA LEU D 750 3.88 -8.95 -13.26
C LEU D 750 3.66 -7.77 -14.18
N ASP D 751 2.53 -7.07 -14.02
CA ASP D 751 2.27 -5.87 -14.80
C ASP D 751 3.02 -4.67 -14.24
N LYS D 752 3.26 -4.67 -12.92
CA LYS D 752 3.97 -3.55 -12.31
C LYS D 752 5.46 -3.60 -12.65
N LEU D 753 6.01 -4.81 -12.85
CA LEU D 753 7.41 -4.94 -13.21
C LEU D 753 7.65 -4.58 -14.68
N LYS D 754 6.72 -4.95 -15.57
CA LYS D 754 6.89 -4.62 -16.98
C LYS D 754 6.74 -3.11 -17.22
N ASN D 755 5.91 -2.45 -16.41
CA ASN D 755 5.75 -1.00 -16.52
C ASN D 755 7.01 -0.28 -16.05
N LYS D 756 7.79 -0.91 -15.17
CA LYS D 756 8.93 -0.23 -14.59
C LYS D 756 10.14 -0.31 -15.53
N TRP D 757 10.46 -1.50 -16.03
CA TRP D 757 11.69 -1.68 -16.79
C TRP D 757 11.55 -1.15 -18.23
N TRP D 758 10.38 -1.29 -18.82
CA TRP D 758 10.17 -0.83 -20.20
C TRP D 758 9.99 0.69 -20.26
N TYR D 759 9.07 1.24 -19.47
CA TYR D 759 8.66 2.63 -19.69
C TYR D 759 9.40 3.61 -18.78
N ASP D 760 9.59 3.28 -17.50
CA ASP D 760 10.25 4.20 -16.58
C ASP D 760 11.75 4.31 -16.89
N LYS D 761 12.36 3.21 -17.32
CA LYS D 761 13.75 3.27 -17.78
C LYS D 761 13.87 3.73 -19.24
N GLY D 762 12.76 4.12 -19.86
CA GLY D 762 12.81 4.59 -21.23
C GLY D 762 13.47 5.95 -21.33
N GLU D 763 14.26 6.15 -22.39
CA GLU D 763 14.99 7.40 -22.56
C GLU D 763 14.05 8.53 -22.97
N CYS D 764 13.14 8.27 -23.90
CA CYS D 764 12.13 9.24 -24.31
C CYS D 764 10.76 8.71 -23.90
N GLY D 765 10.02 9.54 -23.17
CA GLY D 765 8.66 9.18 -22.80
C GLY D 765 7.65 9.61 -23.82
N ALA D 766 6.39 9.25 -23.57
CA ALA D 766 5.30 9.69 -24.43
C ALA D 766 5.10 11.20 -24.32
N LYS D 767 5.20 11.74 -23.10
CA LYS D 767 5.04 13.17 -22.90
C LYS D 767 6.33 13.93 -23.24
N ASP D 768 7.44 13.22 -23.41
CA ASP D 768 8.70 13.89 -23.74
C ASP D 768 8.67 14.46 -25.16
N SER D 769 8.33 13.62 -26.14
CA SER D 769 8.24 14.10 -27.52
C SER D 769 6.99 14.93 -27.73
N GLY D 770 5.95 14.69 -26.92
CA GLY D 770 4.71 15.43 -27.07
C GLY D 770 4.83 16.87 -26.60
N SER D 771 5.73 17.14 -25.65
CA SER D 771 5.83 18.47 -25.07
C SER D 771 6.49 19.47 -26.02
N LYS D 772 7.38 18.99 -26.88
CA LYS D 772 8.13 19.89 -27.76
C LYS D 772 7.27 20.21 -28.99
N GLU D 773 6.82 21.47 -29.07
CA GLU D 773 6.26 22.00 -30.31
C GLU D 773 7.03 23.24 -30.73
N LYS D 774 7.04 23.49 -32.02
CA LYS D 774 7.56 24.74 -32.56
C LYS D 774 6.86 25.01 -33.89
N THR D 775 6.86 26.28 -34.28
CA THR D 775 6.28 26.71 -35.54
C THR D 775 7.39 27.26 -36.42
N SER D 776 7.31 26.97 -37.72
CA SER D 776 8.37 27.29 -38.65
C SER D 776 7.86 28.21 -39.75
N ALA D 777 8.77 29.05 -40.26
CA ALA D 777 8.45 29.87 -41.41
C ALA D 777 8.33 29.01 -42.66
N LEU D 778 7.58 29.51 -43.64
CA LEU D 778 7.48 28.81 -44.92
C LEU D 778 8.80 28.87 -45.66
N SER D 779 9.20 27.74 -46.22
CA SER D 779 10.42 27.64 -47.00
C SER D 779 10.09 27.77 -48.48
N LEU D 780 11.14 27.80 -49.30
CA LEU D 780 10.93 27.94 -50.74
C LEU D 780 10.35 26.67 -51.35
N SER D 781 10.59 25.51 -50.72
CA SER D 781 10.16 24.23 -51.28
C SER D 781 8.65 24.07 -51.23
N ASN D 782 7.98 24.77 -50.32
CA ASN D 782 6.52 24.75 -50.25
C ASN D 782 5.90 25.42 -51.47
N VAL D 783 6.30 26.66 -51.75
CA VAL D 783 5.69 27.46 -52.79
C VAL D 783 6.52 27.47 -54.07
N ALA D 784 7.36 26.44 -54.25
CA ALA D 784 8.23 26.38 -55.43
C ALA D 784 7.47 26.14 -56.73
N GLY D 785 6.28 25.55 -56.66
CA GLY D 785 5.55 25.23 -57.87
C GLY D 785 4.96 26.44 -58.55
N VAL D 786 4.67 27.49 -57.78
CA VAL D 786 4.09 28.70 -58.35
C VAL D 786 5.13 29.45 -59.17
N PHE D 787 6.41 29.36 -58.77
CA PHE D 787 7.50 29.91 -59.56
C PHE D 787 7.67 29.13 -60.86
N TYR D 788 7.43 27.82 -60.83
CA TYR D 788 7.60 27.01 -62.03
C TYR D 788 6.48 27.28 -63.04
N ILE D 789 5.28 27.58 -62.55
CA ILE D 789 4.19 28.00 -63.42
C ILE D 789 4.47 29.38 -64.00
N LEU D 790 5.13 30.24 -63.22
CA LEU D 790 5.35 31.62 -63.64
C LEU D 790 6.36 31.71 -64.78
N VAL D 791 7.48 30.98 -64.67
CA VAL D 791 8.49 31.01 -65.73
C VAL D 791 7.96 30.32 -66.99
N GLY D 792 7.23 29.22 -66.81
CA GLY D 792 6.59 28.57 -67.95
C GLY D 792 5.50 29.42 -68.58
N GLY D 793 4.87 30.28 -67.78
CA GLY D 793 3.94 31.25 -68.34
C GLY D 793 4.64 32.32 -69.15
N LEU D 794 5.89 32.64 -68.78
CA LEU D 794 6.66 33.62 -69.54
C LEU D 794 7.07 33.09 -70.90
N GLY D 795 7.50 31.82 -70.95
CA GLY D 795 7.99 31.26 -72.19
C GLY D 795 6.90 31.03 -73.22
N LEU D 796 5.69 30.73 -72.77
CA LEU D 796 4.58 30.54 -73.71
C LEU D 796 4.15 31.87 -74.31
N ALA D 797 4.33 32.97 -73.58
CA ALA D 797 3.98 34.28 -74.10
C ALA D 797 4.91 34.69 -75.25
N MET D 798 6.18 34.28 -75.18
CA MET D 798 7.12 34.60 -76.25
C MET D 798 6.85 33.77 -77.50
N LEU D 799 6.36 32.54 -77.32
CA LEU D 799 6.06 31.69 -78.47
C LEU D 799 4.82 32.17 -79.22
N VAL D 800 3.85 32.73 -78.48
CA VAL D 800 2.67 33.30 -79.12
C VAL D 800 3.04 34.55 -79.91
N ALA D 801 3.98 35.35 -79.37
CA ALA D 801 4.38 36.59 -80.03
C ALA D 801 5.09 36.33 -81.35
N LEU D 802 5.77 35.18 -81.47
CA LEU D 802 6.41 34.83 -82.73
C LEU D 802 5.36 34.47 -83.79
N ILE D 803 4.37 33.66 -83.43
CA ILE D 803 3.45 33.13 -84.43
C ILE D 803 2.39 34.18 -84.80
N GLU D 804 2.19 35.19 -83.97
CA GLU D 804 1.29 36.27 -84.33
C GLU D 804 1.90 37.20 -85.36
N PHE D 805 3.19 37.53 -85.20
CA PHE D 805 3.90 38.32 -86.20
C PHE D 805 3.99 37.59 -87.53
N CYS D 806 4.14 36.27 -87.49
CA CYS D 806 4.15 35.49 -88.72
C CYS D 806 2.79 35.51 -89.40
N TYR D 807 1.71 35.60 -88.62
CA TYR D 807 0.38 35.76 -89.21
C TYR D 807 0.18 37.19 -89.73
N LYS D 808 0.82 38.17 -89.08
CA LYS D 808 0.72 39.55 -89.55
C LYS D 808 1.51 39.76 -90.85
N SER D 809 2.64 39.06 -90.99
CA SER D 809 3.45 39.21 -92.20
C SER D 809 2.78 38.57 -93.40
N ARG D 810 2.08 37.45 -93.19
CA ARG D 810 1.34 36.81 -94.29
C ARG D 810 0.14 37.66 -94.71
N ALA D 811 -0.53 38.29 -93.75
CA ALA D 811 -1.67 39.14 -94.03
C ALA D 811 -1.22 40.46 -94.67
#